data_2Q4O
#
_entry.id   2Q4O
#
_cell.length_a   53.403
_cell.length_b   66.773
_cell.length_c   98.639
_cell.angle_alpha   90.000
_cell.angle_beta   90.000
_cell.angle_gamma   90.000
#
_symmetry.space_group_name_H-M   'P 21 21 21'
#
loop_
_entity.id
_entity.type
_entity.pdbx_description
1 polymer 'Uncharacterized protein At2g37210/T2N18.3'
2 non-polymer 'SULFATE ION'
3 non-polymer 'MAGNESIUM ION'
4 water water
#
_entity_poly.entity_id   1
_entity_poly.type   'polypeptide(L)'
_entity_poly.pdbx_seq_one_letter_code
;(MSE)EIKGES(MSE)QKSKFRRICVFCGSSQGKKSSYQDAAVDLGNELVSRNIDLVYGGGSIGL(MSE)GLVSQAVHDG
GRHVIGIIPKTL(MSE)PRELTGETVGEVRAVAD(MSE)HQRKAE(MSE)AKHSDAFIALPGGYGTLEELLEVITWAQLG
IHDKPVGLLNVDGYYNSLLSFIDKAVEEGFISPTAREIIVSAPTAKELVKKLEEYAPCHERVATKLCWE(MSE)ERIGYS
SEE
;
_entity_poly.pdbx_strand_id   A,B
#
loop_
_chem_comp.id
_chem_comp.type
_chem_comp.name
_chem_comp.formula
MG non-polymer 'MAGNESIUM ION' 'Mg 2'
SO4 non-polymer 'SULFATE ION' 'O4 S -2'
#
# COMPACT_ATOMS: atom_id res chain seq x y z
N MSE A 8 -18.49 24.23 -22.72
CA MSE A 8 -17.63 25.22 -22.00
C MSE A 8 -17.16 24.64 -20.67
O MSE A 8 -17.75 24.92 -19.63
CB MSE A 8 -18.41 26.52 -21.73
CG MSE A 8 -18.72 27.42 -22.94
SE MSE A 8 -19.69 29.05 -22.38
CE MSE A 8 -18.40 29.60 -21.06
N GLN A 9 -16.08 23.86 -20.69
CA GLN A 9 -15.58 23.27 -19.43
C GLN A 9 -14.24 22.55 -19.65
N LYS A 10 -13.20 22.97 -18.94
CA LYS A 10 -11.88 22.35 -19.09
C LYS A 10 -11.25 21.90 -17.77
N SER A 11 -10.88 20.63 -17.69
CA SER A 11 -10.28 20.11 -16.47
C SER A 11 -8.80 20.40 -16.38
N LYS A 12 -8.34 20.64 -15.17
CA LYS A 12 -6.93 20.91 -14.93
C LYS A 12 -6.14 19.60 -14.85
N PHE A 13 -6.44 18.63 -15.71
CA PHE A 13 -5.72 17.36 -15.69
C PHE A 13 -5.35 16.88 -17.10
N ARG A 14 -4.07 16.85 -17.40
CA ARG A 14 -3.64 16.37 -18.72
C ARG A 14 -3.88 14.89 -18.86
N ARG A 15 -3.74 14.19 -17.74
CA ARG A 15 -3.94 12.75 -17.72
C ARG A 15 -4.10 12.35 -16.25
N ILE A 16 -4.84 11.27 -16.01
CA ILE A 16 -4.99 10.76 -14.63
C ILE A 16 -4.61 9.28 -14.65
N CYS A 17 -4.04 8.77 -13.56
CA CYS A 17 -3.65 7.37 -13.55
C CYS A 17 -4.73 6.51 -12.89
N VAL A 18 -5.10 5.38 -13.50
CA VAL A 18 -6.14 4.51 -12.95
C VAL A 18 -5.64 3.10 -12.61
N PHE A 19 -5.82 2.72 -11.35
CA PHE A 19 -5.42 1.40 -10.82
C PHE A 19 -6.72 0.61 -10.52
N CYS A 20 -6.71 -0.73 -10.61
CA CYS A 20 -7.91 -1.48 -10.27
C CYS A 20 -7.87 -3.03 -10.26
N GLY A 21 -9.03 -3.62 -9.94
CA GLY A 21 -9.15 -5.06 -9.83
C GLY A 21 -8.91 -5.91 -11.06
N SER A 22 -8.00 -6.89 -10.93
CA SER A 22 -7.71 -7.79 -12.06
C SER A 22 -9.02 -8.49 -12.45
N SER A 23 -9.96 -8.53 -11.51
CA SER A 23 -11.29 -9.12 -11.76
C SER A 23 -12.23 -7.95 -12.03
N GLN A 24 -13.48 -8.27 -12.36
CA GLN A 24 -14.48 -7.25 -12.63
C GLN A 24 -15.47 -7.09 -11.49
N GLY A 25 -15.18 -7.71 -10.35
CA GLY A 25 -16.08 -7.61 -9.22
C GLY A 25 -17.34 -8.45 -9.41
N LYS A 26 -17.99 -8.82 -8.32
CA LYS A 26 -19.21 -9.62 -8.39
C LYS A 26 -20.43 -8.79 -8.75
N LYS A 27 -20.40 -7.50 -8.47
CA LYS A 27 -21.56 -6.64 -8.77
C LYS A 27 -21.35 -5.85 -10.05
N SER A 28 -22.37 -5.80 -10.90
CA SER A 28 -22.22 -5.04 -12.14
C SER A 28 -22.07 -3.56 -11.82
N SER A 29 -22.42 -3.16 -10.60
CA SER A 29 -22.30 -1.75 -10.20
C SER A 29 -20.83 -1.30 -10.28
N TYR A 30 -19.92 -2.25 -10.12
CA TYR A 30 -18.50 -1.95 -10.17
C TYR A 30 -18.05 -1.79 -11.61
N GLN A 31 -18.63 -2.59 -12.49
CA GLN A 31 -18.28 -2.54 -13.91
C GLN A 31 -18.80 -1.22 -14.51
N ASP A 32 -19.98 -0.79 -14.05
CA ASP A 32 -20.57 0.47 -14.53
C ASP A 32 -19.75 1.68 -14.08
N ALA A 33 -19.12 1.53 -12.92
CA ALA A 33 -18.30 2.61 -12.36
C ALA A 33 -17.01 2.75 -13.16
N ALA A 34 -16.49 1.64 -13.65
CA ALA A 34 -15.25 1.72 -14.45
C ALA A 34 -15.55 2.27 -15.84
N VAL A 35 -16.77 2.00 -16.35
CA VAL A 35 -17.18 2.52 -17.64
C VAL A 35 -17.46 4.02 -17.52
N ASP A 36 -18.19 4.40 -16.48
CA ASP A 36 -18.51 5.82 -16.29
C ASP A 36 -17.23 6.62 -16.02
N LEU A 37 -16.27 6.02 -15.32
CA LEU A 37 -15.05 6.79 -15.06
C LEU A 37 -14.35 7.13 -16.37
N GLY A 38 -14.23 6.16 -17.27
CA GLY A 38 -13.55 6.46 -18.53
C GLY A 38 -14.33 7.51 -19.31
N ASN A 39 -15.65 7.39 -19.30
CA ASN A 39 -16.46 8.33 -20.03
C ASN A 39 -16.37 9.72 -19.38
N GLU A 40 -16.00 9.77 -18.09
CA GLU A 40 -15.85 11.05 -17.41
C GLU A 40 -14.54 11.70 -17.91
N LEU A 41 -13.44 10.95 -17.91
CA LEU A 41 -12.17 11.47 -18.41
C LEU A 41 -12.35 11.99 -19.85
N VAL A 42 -12.95 11.18 -20.71
CA VAL A 42 -13.20 11.59 -22.09
C VAL A 42 -14.02 12.89 -22.09
N SER A 43 -15.13 12.91 -21.37
CA SER A 43 -15.99 14.07 -21.34
C SER A 43 -15.23 15.31 -20.85
N ARG A 44 -14.12 15.09 -20.15
CA ARG A 44 -13.32 16.17 -19.64
C ARG A 44 -12.02 16.36 -20.43
N ASN A 45 -11.88 15.60 -21.51
CA ASN A 45 -10.68 15.68 -22.36
C ASN A 45 -9.40 15.29 -21.63
N ILE A 46 -9.57 14.37 -20.68
CA ILE A 46 -8.47 13.83 -19.90
C ILE A 46 -8.15 12.46 -20.49
N ASP A 47 -6.86 12.23 -20.75
CA ASP A 47 -6.39 10.95 -21.26
C ASP A 47 -6.15 9.99 -20.07
N LEU A 48 -5.80 8.74 -20.35
CA LEU A 48 -5.58 7.74 -19.29
C LEU A 48 -4.13 7.28 -19.11
N VAL A 49 -3.78 7.01 -17.86
CA VAL A 49 -2.47 6.44 -17.52
C VAL A 49 -2.83 5.24 -16.62
N TYR A 50 -2.83 4.04 -17.21
CA TYR A 50 -3.16 2.84 -16.49
C TYR A 50 -2.15 1.73 -16.70
N GLY A 51 -2.47 0.55 -16.17
CA GLY A 51 -1.56 -0.58 -16.27
C GLY A 51 -1.24 -1.10 -17.67
N GLY A 52 -2.18 -1.86 -18.23
CA GLY A 52 -1.98 -2.41 -19.55
C GLY A 52 -2.57 -3.78 -19.86
N GLY A 53 -3.80 -4.05 -19.45
CA GLY A 53 -4.38 -5.34 -19.78
C GLY A 53 -5.77 -5.16 -20.35
N SER A 54 -6.45 -6.25 -20.66
CA SER A 54 -7.81 -6.18 -21.18
C SER A 54 -8.84 -6.88 -20.28
N ILE A 55 -8.38 -7.37 -19.13
CA ILE A 55 -9.27 -8.07 -18.19
C ILE A 55 -9.65 -7.20 -16.99
N GLY A 56 -10.66 -7.64 -16.25
CA GLY A 56 -11.11 -6.92 -15.08
C GLY A 56 -11.56 -5.50 -15.35
N LEU A 57 -11.59 -4.69 -14.31
CA LEU A 57 -12.02 -3.30 -14.44
C LEU A 57 -11.07 -2.49 -15.33
N MSE A 58 -9.76 -2.74 -15.21
CA MSE A 58 -8.76 -2.06 -16.02
C MSE A 58 -9.26 -2.00 -17.48
O MSE A 58 -9.32 -0.93 -18.08
CB MSE A 58 -7.40 -2.77 -15.97
CG MSE A 58 -6.64 -2.64 -14.64
SE MSE A 58 -4.70 -2.94 -14.70
CE MSE A 58 -4.32 -1.96 -16.24
N GLY A 59 -9.63 -3.15 -18.02
CA GLY A 59 -10.12 -3.21 -19.40
C GLY A 59 -11.31 -2.30 -19.68
N LEU A 60 -12.28 -2.30 -18.76
CA LEU A 60 -13.49 -1.48 -18.90
C LEU A 60 -13.17 0.03 -18.95
N VAL A 61 -12.28 0.49 -18.08
CA VAL A 61 -11.98 1.92 -18.07
C VAL A 61 -11.07 2.32 -19.23
N SER A 62 -10.09 1.49 -19.57
CA SER A 62 -9.18 1.87 -20.67
C SER A 62 -9.86 1.86 -22.04
N GLN A 63 -10.69 0.84 -22.28
CA GLN A 63 -11.40 0.74 -23.54
C GLN A 63 -12.46 1.85 -23.64
N ALA A 64 -13.07 2.19 -22.51
CA ALA A 64 -14.07 3.24 -22.50
C ALA A 64 -13.39 4.56 -22.92
N VAL A 65 -12.16 4.80 -22.45
CA VAL A 65 -11.44 6.01 -22.80
C VAL A 65 -10.99 5.95 -24.26
N HIS A 66 -10.61 4.76 -24.72
CA HIS A 66 -10.18 4.60 -26.11
C HIS A 66 -11.34 4.85 -27.08
N ASP A 67 -12.48 4.20 -26.81
CA ASP A 67 -13.65 4.39 -27.66
C ASP A 67 -14.00 5.87 -27.72
N GLY A 68 -13.93 6.53 -26.57
CA GLY A 68 -14.21 7.94 -26.51
C GLY A 68 -13.27 8.81 -27.33
N GLY A 69 -12.19 8.21 -27.83
CA GLY A 69 -11.24 8.96 -28.64
C GLY A 69 -10.10 9.66 -27.93
N ARG A 70 -9.85 9.32 -26.67
CA ARG A 70 -8.78 9.94 -25.89
C ARG A 70 -7.55 9.04 -25.87
N HIS A 71 -6.44 9.60 -25.43
CA HIS A 71 -5.20 8.85 -25.42
C HIS A 71 -5.17 7.98 -24.17
N VAL A 72 -4.60 6.78 -24.32
CA VAL A 72 -4.44 5.79 -23.25
C VAL A 72 -3.01 5.26 -23.30
N ILE A 73 -2.37 5.23 -22.14
CA ILE A 73 -1.00 4.72 -22.00
C ILE A 73 -1.03 3.70 -20.87
N GLY A 74 -0.55 2.49 -21.14
CA GLY A 74 -0.51 1.45 -20.13
C GLY A 74 0.94 1.00 -20.01
N ILE A 75 1.47 1.00 -18.79
CA ILE A 75 2.87 0.61 -18.56
C ILE A 75 2.89 -0.77 -17.97
N ILE A 76 3.60 -1.67 -18.63
CA ILE A 76 3.68 -3.04 -18.19
C ILE A 76 5.13 -3.47 -17.92
N PRO A 77 5.35 -4.31 -16.88
CA PRO A 77 6.72 -4.75 -16.59
C PRO A 77 7.09 -5.66 -17.75
N LYS A 78 8.28 -5.47 -18.32
CA LYS A 78 8.74 -6.26 -19.47
C LYS A 78 8.89 -7.76 -19.19
N THR A 79 8.76 -8.13 -17.92
CA THR A 79 8.87 -9.53 -17.54
C THR A 79 7.96 -10.39 -18.40
N LEU A 80 6.68 -10.05 -18.42
CA LEU A 80 5.72 -10.79 -19.20
C LEU A 80 5.50 -10.16 -20.56
N MSE A 81 5.33 -11.00 -21.57
CA MSE A 81 5.11 -10.53 -22.93
C MSE A 81 6.31 -9.75 -23.43
O MSE A 81 6.97 -10.16 -24.38
CB MSE A 81 3.86 -9.66 -22.97
CG MSE A 81 3.58 -9.10 -24.35
SE MSE A 81 3.60 -10.51 -25.63
CE MSE A 81 1.72 -10.97 -25.57
N VAL A 90 -5.53 -1.41 -27.02
CA VAL A 90 -5.91 -0.01 -27.19
C VAL A 90 -4.83 0.99 -26.73
N GLY A 91 -4.74 2.10 -27.45
CA GLY A 91 -3.77 3.12 -27.12
C GLY A 91 -2.34 2.59 -27.01
N GLU A 92 -1.41 3.44 -26.58
CA GLU A 92 0.00 3.07 -26.45
C GLU A 92 0.31 1.95 -25.44
N VAL A 93 1.50 1.37 -25.58
CA VAL A 93 1.90 0.28 -24.71
C VAL A 93 3.39 0.43 -24.37
N ARG A 94 3.73 0.53 -23.08
CA ARG A 94 5.15 0.65 -22.70
C ARG A 94 5.54 -0.50 -21.79
N ALA A 95 6.75 -1.01 -21.93
CA ALA A 95 7.25 -2.09 -21.09
C ALA A 95 8.54 -1.64 -20.40
N VAL A 96 8.53 -1.59 -19.07
CA VAL A 96 9.72 -1.18 -18.33
C VAL A 96 10.25 -2.38 -17.54
N ALA A 97 11.52 -2.28 -17.14
CA ALA A 97 12.21 -3.36 -16.42
C ALA A 97 11.44 -4.10 -15.34
N ASP A 98 11.17 -3.44 -14.22
CA ASP A 98 10.46 -4.11 -13.14
C ASP A 98 9.17 -3.39 -12.76
N MSE A 99 8.52 -3.87 -11.70
CA MSE A 99 7.27 -3.30 -11.21
C MSE A 99 7.49 -1.93 -10.58
O MSE A 99 6.60 -1.10 -10.58
CB MSE A 99 6.60 -4.25 -10.20
CG MSE A 99 6.10 -5.56 -10.82
SE MSE A 99 4.86 -6.60 -9.69
CE MSE A 99 3.33 -5.41 -9.65
N HIS A 100 8.68 -1.69 -10.03
CA HIS A 100 8.96 -0.39 -9.42
C HIS A 100 9.07 0.70 -10.50
N GLN A 101 9.76 0.39 -11.60
CA GLN A 101 9.91 1.35 -12.70
C GLN A 101 8.53 1.60 -13.34
N ARG A 102 7.65 0.62 -13.18
CA ARG A 102 6.30 0.73 -13.71
C ARG A 102 5.58 1.86 -12.99
N LYS A 103 5.49 1.74 -11.65
CA LYS A 103 4.82 2.78 -10.86
C LYS A 103 5.44 4.15 -11.08
N ALA A 104 6.77 4.22 -11.10
CA ALA A 104 7.45 5.51 -11.27
C ALA A 104 7.06 6.22 -12.57
N GLU A 105 7.02 5.48 -13.69
CA GLU A 105 6.65 6.06 -14.95
C GLU A 105 5.18 6.50 -14.85
N MSE A 106 4.30 5.56 -14.49
CA MSE A 106 2.89 5.87 -14.37
C MSE A 106 2.67 7.11 -13.49
O MSE A 106 1.86 7.95 -13.82
CB MSE A 106 2.12 4.66 -13.82
CG MSE A 106 2.06 3.46 -14.76
SE MSE A 106 1.05 1.98 -14.02
CE MSE A 106 -0.71 2.77 -14.13
N ALA A 107 3.42 7.23 -12.39
CA ALA A 107 3.26 8.39 -11.52
C ALA A 107 3.77 9.69 -12.20
N LYS A 108 4.95 9.60 -12.84
CA LYS A 108 5.57 10.75 -13.52
C LYS A 108 4.75 11.28 -14.71
N HIS A 109 4.12 10.38 -15.47
CA HIS A 109 3.35 10.80 -16.63
C HIS A 109 1.91 11.20 -16.35
N SER A 110 1.49 11.22 -15.09
CA SER A 110 0.11 11.61 -14.83
C SER A 110 0.02 12.80 -13.89
N ASP A 111 -1.13 13.47 -13.92
CA ASP A 111 -1.36 14.66 -13.11
C ASP A 111 -2.02 14.37 -11.77
N ALA A 112 -2.89 13.34 -11.71
CA ALA A 112 -3.60 12.94 -10.49
C ALA A 112 -3.69 11.39 -10.40
N PHE A 113 -4.31 10.89 -9.35
CA PHE A 113 -4.42 9.44 -9.14
C PHE A 113 -5.80 9.07 -8.64
N ILE A 114 -6.39 8.01 -9.18
CA ILE A 114 -7.72 7.59 -8.73
C ILE A 114 -7.74 6.06 -8.60
N ALA A 115 -8.48 5.52 -7.64
CA ALA A 115 -8.57 4.06 -7.55
C ALA A 115 -9.98 3.56 -7.62
N LEU A 116 -10.20 2.59 -8.50
CA LEU A 116 -11.49 1.89 -8.60
C LEU A 116 -11.28 0.69 -7.68
N PRO A 117 -12.34 -0.07 -7.41
CA PRO A 117 -12.16 -1.24 -6.56
C PRO A 117 -11.05 -2.14 -7.11
N GLY A 118 -10.33 -2.80 -6.20
CA GLY A 118 -9.27 -3.72 -6.60
C GLY A 118 -8.75 -4.46 -5.37
N GLY A 119 -7.77 -5.35 -5.60
CA GLY A 119 -7.19 -6.13 -4.51
C GLY A 119 -5.89 -5.54 -3.94
N TYR A 120 -4.98 -6.43 -3.51
CA TYR A 120 -3.70 -6.01 -2.92
C TYR A 120 -2.88 -5.07 -3.79
N GLY A 121 -2.74 -5.39 -5.08
CA GLY A 121 -1.93 -4.56 -5.97
C GLY A 121 -2.44 -3.12 -6.10
N THR A 122 -3.74 -2.99 -6.35
CA THR A 122 -4.43 -1.70 -6.47
C THR A 122 -4.25 -0.91 -5.19
N LEU A 123 -4.48 -1.57 -4.05
CA LEU A 123 -4.35 -0.93 -2.74
C LEU A 123 -2.89 -0.52 -2.45
N GLU A 124 -1.92 -1.26 -2.96
CA GLU A 124 -0.52 -0.94 -2.75
C GLU A 124 -0.10 0.24 -3.65
N GLU A 125 -0.64 0.26 -4.88
CA GLU A 125 -0.33 1.34 -5.82
C GLU A 125 -0.88 2.61 -5.26
N LEU A 126 -2.07 2.51 -4.67
CA LEU A 126 -2.74 3.64 -4.06
C LEU A 126 -1.99 4.19 -2.84
N LEU A 127 -1.72 3.32 -1.86
CA LEU A 127 -1.03 3.76 -0.65
C LEU A 127 0.36 4.34 -0.93
N GLU A 128 0.99 3.86 -1.99
CA GLU A 128 2.29 4.42 -2.33
C GLU A 128 2.15 5.90 -2.80
N VAL A 129 1.26 6.15 -3.76
CA VAL A 129 1.13 7.52 -4.23
C VAL A 129 0.55 8.40 -3.12
N ILE A 130 -0.37 7.86 -2.30
CA ILE A 130 -0.91 8.68 -1.21
C ILE A 130 0.22 8.98 -0.20
N THR A 131 1.08 8.00 0.07
CA THR A 131 2.14 8.23 1.05
C THR A 131 3.13 9.31 0.57
N TRP A 132 3.45 9.27 -0.72
CA TRP A 132 4.38 10.26 -1.26
C TRP A 132 3.80 11.68 -1.14
N ALA A 133 2.49 11.82 -1.29
CA ALA A 133 1.83 13.13 -1.16
C ALA A 133 1.97 13.60 0.27
N GLN A 134 1.95 12.64 1.21
CA GLN A 134 2.08 12.96 2.61
C GLN A 134 3.45 13.51 2.92
N LEU A 135 4.47 12.90 2.31
CA LEU A 135 5.85 13.33 2.53
C LEU A 135 6.15 14.61 1.73
N GLY A 136 5.22 14.99 0.86
CA GLY A 136 5.41 16.20 0.09
C GLY A 136 6.23 16.01 -1.16
N ILE A 137 6.46 14.76 -1.54
CA ILE A 137 7.22 14.51 -2.75
C ILE A 137 6.45 15.09 -3.94
N HIS A 138 5.16 14.75 -4.07
CA HIS A 138 4.37 15.27 -5.18
C HIS A 138 3.10 15.89 -4.63
N ASP A 139 2.40 16.63 -5.48
CA ASP A 139 1.20 17.33 -5.10
C ASP A 139 0.04 16.95 -5.98
N LYS A 140 0.11 15.75 -6.55
CA LYS A 140 -0.91 15.26 -7.45
C LYS A 140 -2.12 14.78 -6.64
N PRO A 141 -3.35 15.18 -7.04
CA PRO A 141 -4.53 14.75 -6.27
C PRO A 141 -4.74 13.23 -6.35
N VAL A 142 -5.24 12.65 -5.25
CA VAL A 142 -5.50 11.21 -5.17
C VAL A 142 -6.96 10.98 -4.79
N GLY A 143 -7.67 10.17 -5.56
CA GLY A 143 -9.08 9.95 -5.26
C GLY A 143 -9.53 8.50 -5.30
N LEU A 144 -10.58 8.20 -4.54
CA LEU A 144 -11.16 6.86 -4.52
C LEU A 144 -12.55 6.88 -5.14
N LEU A 145 -12.80 5.94 -6.04
CA LEU A 145 -14.10 5.81 -6.64
C LEU A 145 -14.77 4.76 -5.78
N ASN A 146 -15.45 5.23 -4.75
CA ASN A 146 -16.07 4.35 -3.80
C ASN A 146 -17.37 3.72 -4.35
N VAL A 147 -17.21 2.54 -4.96
CA VAL A 147 -18.35 1.81 -5.54
C VAL A 147 -19.04 1.02 -4.46
N ASP A 148 -20.30 1.39 -4.21
CA ASP A 148 -21.13 0.75 -3.20
C ASP A 148 -20.39 0.52 -1.88
N GLY A 149 -19.69 1.54 -1.38
CA GLY A 149 -19.00 1.39 -0.11
C GLY A 149 -17.78 0.47 -0.02
N TYR A 150 -17.28 -0.01 -1.16
CA TYR A 150 -16.12 -0.91 -1.19
C TYR A 150 -14.97 -0.52 -0.21
N TYR A 151 -14.55 0.75 -0.26
CA TYR A 151 -13.46 1.24 0.56
C TYR A 151 -13.88 1.81 1.92
N ASN A 152 -15.17 1.75 2.25
CA ASN A 152 -15.63 2.32 3.53
C ASN A 152 -14.78 1.90 4.72
N SER A 153 -14.48 0.60 4.84
CA SER A 153 -13.68 0.16 5.99
C SER A 153 -12.22 0.68 5.93
N LEU A 154 -11.71 0.89 4.72
CA LEU A 154 -10.36 1.42 4.57
C LEU A 154 -10.43 2.86 5.07
N LEU A 155 -11.45 3.60 4.66
CA LEU A 155 -11.60 4.99 5.13
C LEU A 155 -11.74 5.04 6.66
N SER A 156 -12.41 4.05 7.24
CA SER A 156 -12.57 3.97 8.72
C SER A 156 -11.27 3.56 9.42
N PHE A 157 -10.47 2.68 8.80
CA PHE A 157 -9.19 2.32 9.41
C PHE A 157 -8.32 3.60 9.49
N ILE A 158 -8.24 4.34 8.38
CA ILE A 158 -7.48 5.58 8.36
C ILE A 158 -8.01 6.52 9.46
N ASP A 159 -9.33 6.69 9.54
CA ASP A 159 -9.89 7.53 10.58
C ASP A 159 -9.27 7.12 11.92
N LYS A 160 -9.15 5.82 12.17
CA LYS A 160 -8.57 5.28 13.41
C LYS A 160 -7.08 5.63 13.51
N ALA A 161 -6.37 5.44 12.39
CA ALA A 161 -4.95 5.69 12.31
C ALA A 161 -4.71 7.20 12.45
N VAL A 162 -5.81 7.94 12.63
CA VAL A 162 -5.78 9.39 12.84
C VAL A 162 -6.04 9.62 14.33
N GLU A 163 -6.97 8.87 14.90
CA GLU A 163 -7.25 9.06 16.33
C GLU A 163 -6.09 8.55 17.22
N GLU A 164 -5.34 7.55 16.77
CA GLU A 164 -4.23 7.01 17.57
C GLU A 164 -2.90 7.73 17.36
N GLY A 165 -2.94 8.81 16.56
CA GLY A 165 -1.74 9.62 16.34
C GLY A 165 -0.68 9.09 15.40
N PHE A 166 -1.09 8.44 14.30
CA PHE A 166 -0.14 7.93 13.32
C PHE A 166 -0.33 8.59 11.95
N ILE A 167 -1.44 9.28 11.77
CA ILE A 167 -1.74 10.00 10.55
C ILE A 167 -2.30 11.38 10.92
N SER A 168 -1.54 12.43 10.61
CA SER A 168 -1.95 13.80 10.93
C SER A 168 -3.34 14.06 10.41
N PRO A 169 -4.14 14.88 11.12
CA PRO A 169 -5.49 15.20 10.69
C PRO A 169 -5.50 15.68 9.24
N THR A 170 -4.46 16.40 8.82
CA THR A 170 -4.41 16.90 7.44
C THR A 170 -3.96 15.83 6.43
N ALA A 171 -3.15 14.87 6.87
CA ALA A 171 -2.70 13.82 5.96
C ALA A 171 -3.88 12.90 5.62
N ARG A 172 -4.88 12.83 6.50
CA ARG A 172 -6.05 12.01 6.19
C ARG A 172 -6.82 12.65 5.01
N GLU A 173 -6.72 13.97 4.92
CA GLU A 173 -7.44 14.68 3.85
C GLU A 173 -6.80 14.48 2.47
N ILE A 174 -5.66 13.81 2.41
CA ILE A 174 -5.03 13.56 1.10
C ILE A 174 -6.01 12.75 0.27
N ILE A 175 -6.61 11.72 0.87
CA ILE A 175 -7.54 10.87 0.14
C ILE A 175 -8.88 11.52 -0.12
N VAL A 176 -9.14 11.74 -1.39
CA VAL A 176 -10.39 12.32 -1.85
C VAL A 176 -11.25 11.10 -2.25
N SER A 177 -12.58 11.19 -2.11
CA SER A 177 -13.41 10.04 -2.44
C SER A 177 -14.86 10.43 -2.74
N ALA A 178 -15.51 9.69 -3.63
CA ALA A 178 -16.90 9.96 -4.00
C ALA A 178 -17.48 8.66 -4.57
N PRO A 179 -18.81 8.54 -4.66
CA PRO A 179 -19.46 7.34 -5.19
C PRO A 179 -19.56 7.21 -6.72
N THR A 180 -19.31 8.30 -7.45
CA THR A 180 -19.37 8.26 -8.92
C THR A 180 -18.16 8.98 -9.51
N ALA A 181 -17.84 8.65 -10.75
CA ALA A 181 -16.69 9.27 -11.41
C ALA A 181 -16.80 10.80 -11.57
N LYS A 182 -18.00 11.29 -11.86
CA LYS A 182 -18.19 12.74 -12.00
C LYS A 182 -18.01 13.40 -10.61
N GLU A 183 -18.70 12.87 -9.60
CA GLU A 183 -18.54 13.42 -8.26
C GLU A 183 -17.09 13.35 -7.76
N LEU A 184 -16.34 12.35 -8.22
CA LEU A 184 -14.95 12.24 -7.77
C LEU A 184 -14.01 13.21 -8.49
N VAL A 185 -14.15 13.34 -9.80
CA VAL A 185 -13.23 14.24 -10.51
C VAL A 185 -13.46 15.71 -10.11
N LYS A 186 -14.69 16.08 -9.75
CA LYS A 186 -14.94 17.46 -9.34
C LYS A 186 -14.14 17.72 -8.06
N LYS A 187 -14.15 16.77 -7.14
CA LYS A 187 -13.43 16.96 -5.89
C LYS A 187 -11.92 17.07 -6.13
N LEU A 188 -11.39 16.26 -7.07
CA LEU A 188 -9.97 16.32 -7.38
C LEU A 188 -9.63 17.69 -7.96
N GLU A 189 -10.47 18.21 -8.85
CA GLU A 189 -10.26 19.55 -9.46
C GLU A 189 -10.08 20.60 -8.36
N GLU A 190 -10.72 20.29 -7.22
CA GLU A 190 -10.73 21.04 -5.98
C GLU A 190 -11.93 21.96 -5.79
N LYS B 10 16.13 -23.36 17.20
CA LYS B 10 16.56 -22.15 16.46
C LYS B 10 15.49 -21.73 15.45
N SER B 11 15.24 -20.42 15.36
CA SER B 11 14.25 -19.88 14.44
C SER B 11 14.61 -20.09 12.96
N LYS B 12 13.62 -20.36 12.14
CA LYS B 12 13.90 -20.53 10.72
C LYS B 12 14.26 -19.17 10.09
N PHE B 13 14.11 -18.08 10.84
CA PHE B 13 14.41 -16.75 10.30
C PHE B 13 15.75 -16.17 10.80
N ARG B 14 16.52 -15.54 9.90
CA ARG B 14 17.77 -14.91 10.33
C ARG B 14 17.49 -13.43 10.62
N ARG B 15 16.53 -12.89 9.89
CA ARG B 15 16.11 -11.51 10.04
C ARG B 15 14.64 -11.34 9.67
N ILE B 16 13.96 -10.46 10.39
CA ILE B 16 12.57 -10.13 10.15
C ILE B 16 12.55 -8.63 9.94
N CYS B 17 11.92 -8.22 8.84
CA CYS B 17 11.80 -6.83 8.49
C CYS B 17 10.55 -6.37 9.21
N VAL B 18 10.67 -5.36 10.06
CA VAL B 18 9.52 -4.85 10.79
C VAL B 18 9.18 -3.45 10.34
N PHE B 19 7.94 -3.28 9.88
CA PHE B 19 7.45 -1.98 9.45
C PHE B 19 6.61 -1.50 10.62
N CYS B 20 6.67 -0.21 10.92
CA CYS B 20 5.87 0.31 12.02
C CYS B 20 5.86 1.82 12.11
N GLY B 21 5.03 2.32 13.00
CA GLY B 21 4.87 3.75 13.19
C GLY B 21 6.10 4.55 13.57
N SER B 22 6.41 5.57 12.76
CA SER B 22 7.54 6.46 13.05
C SER B 22 7.02 7.37 14.16
N SER B 23 5.71 7.34 14.36
CA SER B 23 5.07 8.11 15.40
C SER B 23 4.90 7.14 16.55
N GLN B 24 4.85 7.65 17.78
CA GLN B 24 4.69 6.77 18.94
C GLN B 24 3.25 6.42 19.24
N GLY B 25 2.33 7.19 18.67
CA GLY B 25 0.93 6.92 18.89
C GLY B 25 0.51 7.52 20.21
N LYS B 26 -0.79 7.53 20.48
CA LYS B 26 -1.32 8.10 21.72
C LYS B 26 -1.53 7.06 22.81
N LYS B 27 -1.24 5.81 22.52
CA LYS B 27 -1.45 4.77 23.53
C LYS B 27 -0.18 4.04 23.90
N SER B 28 0.13 4.02 25.18
CA SER B 28 1.32 3.33 25.65
C SER B 28 1.20 1.84 25.32
N SER B 29 -0.02 1.36 25.13
CA SER B 29 -0.22 -0.04 24.78
C SER B 29 0.54 -0.43 23.50
N TYR B 30 0.52 0.45 22.50
CA TYR B 30 1.22 0.16 21.24
C TYR B 30 2.73 0.29 21.44
N GLN B 31 3.13 1.16 22.37
CA GLN B 31 4.54 1.35 22.64
C GLN B 31 5.09 0.11 23.36
N ASP B 32 4.31 -0.47 24.26
CA ASP B 32 4.79 -1.69 24.94
C ASP B 32 4.87 -2.87 23.96
N ALA B 33 3.97 -2.90 22.96
CA ALA B 33 4.01 -3.99 21.98
C ALA B 33 5.31 -3.95 21.20
N ALA B 34 5.70 -2.77 20.75
CA ALA B 34 6.94 -2.61 19.97
C ALA B 34 8.14 -3.14 20.78
N VAL B 35 8.19 -2.76 22.05
CA VAL B 35 9.27 -3.20 22.93
C VAL B 35 9.24 -4.71 23.08
N ASP B 36 8.06 -5.27 23.31
CA ASP B 36 7.93 -6.71 23.45
C ASP B 36 8.35 -7.43 22.15
N LEU B 37 7.94 -6.91 21.00
CA LEU B 37 8.33 -7.55 19.75
C LEU B 37 9.86 -7.59 19.63
N GLY B 38 10.49 -6.48 20.01
CA GLY B 38 11.93 -6.41 19.99
C GLY B 38 12.54 -7.49 20.88
N ASN B 39 12.01 -7.65 22.10
CA ASN B 39 12.52 -8.67 23.03
C ASN B 39 12.27 -10.08 22.54
N GLU B 40 11.22 -10.25 21.74
CA GLU B 40 10.85 -11.55 21.19
C GLU B 40 11.92 -11.92 20.14
N LEU B 41 12.34 -10.96 19.32
CA LEU B 41 13.37 -11.23 18.34
C LEU B 41 14.69 -11.57 19.06
N VAL B 42 15.02 -10.77 20.07
CA VAL B 42 16.25 -10.98 20.84
C VAL B 42 16.28 -12.38 21.45
N SER B 43 15.16 -12.79 22.04
CA SER B 43 15.10 -14.09 22.70
C SER B 43 15.19 -15.24 21.69
N ARG B 44 14.47 -15.09 20.59
CA ARG B 44 14.45 -16.11 19.56
C ARG B 44 15.69 -16.08 18.69
N ASN B 45 16.61 -15.19 19.03
CA ASN B 45 17.86 -15.07 18.29
C ASN B 45 17.69 -14.63 16.83
N ILE B 46 16.76 -13.71 16.60
CA ILE B 46 16.51 -13.22 15.26
C ILE B 46 16.97 -11.77 15.22
N ASP B 47 17.61 -11.34 14.12
CA ASP B 47 18.05 -9.95 14.01
C ASP B 47 16.90 -9.11 13.45
N LEU B 48 17.06 -7.78 13.47
CA LEU B 48 16.03 -6.86 13.00
C LEU B 48 16.35 -6.02 11.77
N VAL B 49 15.49 -6.11 10.75
CA VAL B 49 15.64 -5.22 9.60
C VAL B 49 14.55 -4.14 9.78
N TYR B 50 14.85 -2.88 9.50
CA TYR B 50 13.81 -1.86 9.66
C TYR B 50 14.07 -0.60 8.82
N GLY B 51 13.13 0.34 8.85
CA GLY B 51 13.25 1.55 8.05
C GLY B 51 14.18 2.63 8.57
N GLY B 52 14.82 2.39 9.72
CA GLY B 52 15.77 3.35 10.24
C GLY B 52 15.22 4.48 11.12
N GLY B 53 16.13 5.18 11.77
CA GLY B 53 15.71 6.28 12.62
C GLY B 53 15.50 5.92 14.08
N SER B 54 15.26 6.94 14.89
CA SER B 54 15.06 6.72 16.31
C SER B 54 13.72 7.19 16.80
N ILE B 55 12.86 7.65 15.89
CA ILE B 55 11.55 8.14 16.32
C ILE B 55 10.42 7.10 16.26
N GLY B 56 9.45 7.29 17.14
CA GLY B 56 8.27 6.42 17.19
C GLY B 56 8.47 4.98 17.63
N LEU B 57 7.43 4.17 17.42
CA LEU B 57 7.52 2.76 17.78
C LEU B 57 8.75 2.20 17.07
N MSE B 58 9.21 2.91 16.05
CA MSE B 58 10.38 2.50 15.29
C MSE B 58 11.59 2.47 16.23
O MSE B 58 12.30 1.47 16.31
CB MSE B 58 10.66 3.50 14.16
CG MSE B 58 11.37 2.94 12.98
SE MSE B 58 10.09 2.77 11.54
CE MSE B 58 10.93 3.85 10.18
N GLY B 59 11.83 3.58 16.92
CA GLY B 59 12.94 3.69 17.84
C GLY B 59 12.97 2.61 18.91
N LEU B 60 11.84 2.44 19.59
CA LEU B 60 11.66 1.44 20.64
C LEU B 60 12.13 0.05 20.20
N VAL B 61 11.42 -0.56 19.25
CA VAL B 61 11.81 -1.88 18.81
C VAL B 61 13.26 -1.94 18.31
N SER B 62 13.71 -0.95 17.55
CA SER B 62 15.09 -0.99 17.04
C SER B 62 16.06 -0.88 18.23
N GLN B 63 15.76 0.00 19.17
CA GLN B 63 16.61 0.15 20.36
C GLN B 63 16.49 -1.10 21.24
N ALA B 64 15.28 -1.64 21.37
CA ALA B 64 15.06 -2.85 22.17
C ALA B 64 15.90 -3.99 21.60
N VAL B 65 15.89 -4.15 20.27
CA VAL B 65 16.68 -5.22 19.66
C VAL B 65 18.19 -4.96 19.83
N HIS B 66 18.58 -3.71 19.66
CA HIS B 66 20.00 -3.38 19.81
C HIS B 66 20.48 -3.60 21.25
N ASP B 67 19.71 -3.05 22.19
CA ASP B 67 20.01 -3.14 23.61
C ASP B 67 20.14 -4.58 24.06
N GLY B 68 19.35 -5.45 23.44
CA GLY B 68 19.37 -6.85 23.78
C GLY B 68 20.58 -7.56 23.17
N GLY B 69 21.38 -6.84 22.38
CA GLY B 69 22.56 -7.46 21.81
C GLY B 69 22.40 -8.09 20.45
N ARG B 70 21.25 -7.87 19.80
CA ARG B 70 21.09 -8.45 18.47
C ARG B 70 21.47 -7.41 17.40
N HIS B 71 21.68 -7.89 16.19
CA HIS B 71 22.05 -7.02 15.09
C HIS B 71 20.82 -6.33 14.53
N VAL B 72 20.99 -5.05 14.20
CA VAL B 72 19.96 -4.22 13.65
C VAL B 72 20.46 -3.53 12.37
N ILE B 73 19.66 -3.63 11.31
CA ILE B 73 19.96 -2.99 10.04
C ILE B 73 18.80 -2.04 9.69
N GLY B 74 19.13 -0.77 9.48
CA GLY B 74 18.15 0.22 9.08
C GLY B 74 18.48 0.65 7.67
N ILE B 75 17.48 0.57 6.78
CA ILE B 75 17.68 0.93 5.37
C ILE B 75 16.88 2.18 5.10
N ILE B 76 17.59 3.25 4.77
CA ILE B 76 16.97 4.55 4.53
C ILE B 76 17.13 5.07 3.10
N PRO B 77 16.23 5.97 2.68
CA PRO B 77 16.26 6.55 1.34
C PRO B 77 17.20 7.76 1.28
N LYS B 78 17.56 8.16 0.05
CA LYS B 78 18.47 9.28 -0.25
C LYS B 78 19.92 8.93 0.03
N GLY B 87 15.97 11.49 13.00
CA GLY B 87 16.77 10.97 14.10
C GLY B 87 17.83 9.98 13.62
N GLU B 88 18.63 9.45 14.54
CA GLU B 88 19.69 8.50 14.19
C GLU B 88 19.25 7.03 14.15
N THR B 89 19.87 6.30 13.25
CA THR B 89 19.58 4.88 13.05
C THR B 89 20.58 4.07 13.86
N VAL B 90 20.09 3.17 14.71
CA VAL B 90 20.99 2.34 15.49
C VAL B 90 21.41 1.15 14.64
N GLY B 91 22.54 0.54 15.00
CA GLY B 91 23.04 -0.61 14.27
C GLY B 91 23.65 -0.26 12.92
N GLU B 92 23.59 -1.22 12.00
CA GLU B 92 24.13 -1.05 10.65
C GLU B 92 23.12 -0.23 9.85
N VAL B 93 23.58 0.88 9.28
CA VAL B 93 22.73 1.76 8.49
C VAL B 93 23.00 1.58 7.00
N ARG B 94 21.94 1.60 6.20
CA ARG B 94 22.11 1.46 4.76
C ARG B 94 21.31 2.55 4.06
N ALA B 95 22.01 3.41 3.33
CA ALA B 95 21.37 4.49 2.61
C ALA B 95 21.29 4.07 1.17
N VAL B 96 20.07 4.07 0.62
CA VAL B 96 19.87 3.66 -0.76
C VAL B 96 19.30 4.79 -1.63
N ALA B 97 19.29 4.56 -2.93
CA ALA B 97 18.84 5.56 -3.88
C ALA B 97 17.57 6.30 -3.51
N ASP B 98 16.45 5.59 -3.47
CA ASP B 98 15.19 6.24 -3.17
C ASP B 98 14.26 5.29 -2.40
N MSE B 99 13.01 5.70 -2.19
CA MSE B 99 12.10 4.84 -1.44
C MSE B 99 11.85 3.52 -2.13
O MSE B 99 11.57 2.53 -1.45
CB MSE B 99 10.78 5.57 -1.18
CG MSE B 99 10.96 6.78 -0.28
SE MSE B 99 9.33 7.69 0.10
CE MSE B 99 8.58 6.51 1.42
N HIS B 100 11.92 3.50 -3.46
CA HIS B 100 11.72 2.23 -4.16
C HIS B 100 12.89 1.31 -3.83
N GLN B 101 14.11 1.82 -3.94
CA GLN B 101 15.27 0.99 -3.61
C GLN B 101 15.21 0.60 -2.12
N ARG B 102 14.66 1.47 -1.29
CA ARG B 102 14.55 1.16 0.14
C ARG B 102 13.69 -0.06 0.38
N LYS B 103 12.52 -0.06 -0.24
CA LYS B 103 11.63 -1.19 -0.10
C LYS B 103 12.25 -2.36 -0.84
N ALA B 104 13.00 -2.09 -1.90
CA ALA B 104 13.62 -3.20 -2.61
C ALA B 104 14.61 -3.86 -1.64
N GLU B 105 15.57 -3.08 -1.15
CA GLU B 105 16.58 -3.60 -0.23
C GLU B 105 16.06 -4.27 1.05
N MSE B 106 15.15 -3.60 1.75
CA MSE B 106 14.63 -4.16 2.98
C MSE B 106 14.04 -5.54 2.71
O MSE B 106 14.27 -6.46 3.47
CB MSE B 106 13.55 -3.25 3.60
CG MSE B 106 14.09 -1.94 4.17
SE MSE B 106 12.68 -0.68 4.71
CE MSE B 106 12.08 -1.54 6.30
N ALA B 107 13.30 -5.63 1.62
CA ALA B 107 12.66 -6.88 1.27
C ALA B 107 13.65 -7.90 0.70
N LYS B 108 14.80 -7.44 0.22
CA LYS B 108 15.73 -8.41 -0.36
C LYS B 108 16.67 -9.01 0.68
N HIS B 109 16.54 -8.57 1.94
CA HIS B 109 17.43 -9.06 3.00
C HIS B 109 16.81 -9.57 4.26
N SER B 110 15.49 -9.78 4.21
CA SER B 110 14.73 -10.26 5.34
C SER B 110 14.09 -11.62 5.02
N ASP B 111 13.66 -12.34 6.06
CA ASP B 111 13.05 -13.66 5.87
C ASP B 111 11.61 -13.67 6.33
N ALA B 112 11.01 -12.50 6.42
CA ALA B 112 9.64 -12.38 6.85
C ALA B 112 9.44 -10.91 7.12
N PHE B 113 8.18 -10.51 7.06
CA PHE B 113 7.78 -9.15 7.25
C PHE B 113 6.62 -9.05 8.22
N ILE B 114 6.82 -8.24 9.26
CA ILE B 114 5.80 -8.02 10.25
C ILE B 114 5.51 -6.53 10.38
N ALA B 115 4.22 -6.17 10.42
CA ALA B 115 3.90 -4.76 10.62
C ALA B 115 3.28 -4.57 12.01
N LEU B 116 3.68 -3.51 12.70
CA LEU B 116 3.14 -3.10 13.98
C LEU B 116 2.17 -1.97 13.58
N PRO B 117 1.33 -1.50 14.53
CA PRO B 117 0.44 -0.39 14.18
C PRO B 117 1.29 0.76 13.63
N GLY B 118 0.87 1.33 12.51
CA GLY B 118 1.57 2.44 11.88
C GLY B 118 0.60 3.20 10.96
N GLY B 119 1.11 4.19 10.24
CA GLY B 119 0.29 4.99 9.37
C GLY B 119 0.47 4.64 7.90
N TYR B 120 0.22 5.59 7.00
CA TYR B 120 0.33 5.30 5.56
C TYR B 120 1.61 4.60 5.16
N GLY B 121 2.71 4.97 5.83
CA GLY B 121 4.02 4.38 5.49
C GLY B 121 4.02 2.86 5.57
N THR B 122 3.75 2.34 6.75
CA THR B 122 3.73 0.91 6.97
C THR B 122 2.68 0.22 6.08
N LEU B 123 1.51 0.83 5.95
CA LEU B 123 0.47 0.23 5.09
C LEU B 123 1.01 -0.13 3.70
N GLU B 124 1.40 0.88 2.93
CA GLU B 124 1.92 0.71 1.58
C GLU B 124 3.00 -0.39 1.48
N GLU B 125 4.04 -0.28 2.31
CA GLU B 125 5.15 -1.24 2.34
C GLU B 125 4.58 -2.61 2.65
N LEU B 126 3.74 -2.66 3.66
CA LEU B 126 3.14 -3.93 4.07
C LEU B 126 2.29 -4.49 2.93
N LEU B 127 1.71 -3.61 2.12
CA LEU B 127 0.86 -4.09 1.02
C LEU B 127 1.65 -4.52 -0.23
N GLU B 128 2.75 -3.83 -0.53
CA GLU B 128 3.53 -4.20 -1.73
C GLU B 128 4.12 -5.58 -1.51
N VAL B 129 4.62 -5.78 -0.30
CA VAL B 129 5.18 -7.06 0.05
C VAL B 129 4.11 -8.14 -0.03
N ILE B 130 2.89 -7.85 0.43
CA ILE B 130 1.81 -8.83 0.36
C ILE B 130 1.51 -9.12 -1.11
N THR B 131 1.46 -8.07 -1.91
CA THR B 131 1.20 -8.23 -3.34
C THR B 131 2.35 -9.06 -3.93
N TRP B 132 3.58 -8.81 -3.50
CA TRP B 132 4.71 -9.58 -4.03
C TRP B 132 4.59 -11.08 -3.64
N ALA B 133 4.17 -11.35 -2.40
CA ALA B 133 3.99 -12.74 -1.96
C ALA B 133 2.82 -13.39 -2.73
N GLN B 134 1.87 -12.56 -3.15
CA GLN B 134 0.70 -13.07 -3.88
C GLN B 134 1.07 -13.36 -5.33
N LEU B 135 1.97 -12.54 -5.85
CA LEU B 135 2.41 -12.66 -7.24
C LEU B 135 3.51 -13.71 -7.44
N GLY B 136 4.03 -14.25 -6.34
CA GLY B 136 5.05 -15.26 -6.49
C GLY B 136 6.46 -14.73 -6.27
N ILE B 137 6.64 -13.41 -6.35
CA ILE B 137 7.97 -12.81 -6.16
C ILE B 137 8.73 -13.36 -4.94
N HIS B 138 8.03 -13.63 -3.84
CA HIS B 138 8.70 -14.16 -2.65
C HIS B 138 7.64 -14.94 -1.92
N ASP B 139 8.04 -15.80 -0.96
CA ASP B 139 7.05 -16.53 -0.17
C ASP B 139 7.38 -16.39 1.29
N LYS B 140 7.88 -15.22 1.68
CA LYS B 140 8.18 -15.01 3.09
C LYS B 140 6.87 -14.74 3.85
N PRO B 141 6.74 -15.25 5.09
CA PRO B 141 5.51 -15.00 5.84
C PRO B 141 5.33 -13.52 6.15
N VAL B 142 4.07 -13.11 6.30
CA VAL B 142 3.73 -11.73 6.60
C VAL B 142 2.79 -11.70 7.80
N GLY B 143 3.07 -10.84 8.77
CA GLY B 143 2.23 -10.77 9.95
C GLY B 143 1.82 -9.39 10.46
N LEU B 144 0.65 -9.34 11.09
CA LEU B 144 0.11 -8.12 11.66
C LEU B 144 -0.02 -8.26 13.18
N LEU B 145 0.59 -7.33 13.91
CA LEU B 145 0.49 -7.33 15.37
C LEU B 145 -0.65 -6.34 15.65
N ASN B 146 -1.86 -6.90 15.67
CA ASN B 146 -3.08 -6.14 15.85
C ASN B 146 -3.44 -5.94 17.33
N VAL B 147 -2.76 -4.98 17.94
CA VAL B 147 -2.92 -4.67 19.37
C VAL B 147 -4.07 -3.68 19.62
N ASP B 148 -4.93 -4.01 20.58
CA ASP B 148 -6.07 -3.19 20.97
C ASP B 148 -7.07 -2.95 19.85
N GLY B 149 -6.97 -3.78 18.81
CA GLY B 149 -7.86 -3.71 17.65
C GLY B 149 -7.48 -2.65 16.63
N TYR B 150 -6.25 -2.12 16.72
CA TYR B 150 -5.79 -1.08 15.79
C TYR B 150 -6.07 -1.41 14.32
N TYR B 151 -5.67 -2.59 13.87
CA TYR B 151 -5.88 -2.97 12.48
C TYR B 151 -7.21 -3.61 12.16
N ASN B 152 -8.18 -3.52 13.07
CA ASN B 152 -9.45 -4.18 12.81
C ASN B 152 -10.12 -3.96 11.44
N SER B 153 -10.38 -2.71 11.10
CA SER B 153 -11.05 -2.35 9.82
C SER B 153 -10.27 -2.75 8.57
N LEU B 154 -9.02 -2.34 8.52
CA LEU B 154 -8.14 -2.69 7.41
C LEU B 154 -8.29 -4.19 7.29
N LEU B 155 -8.40 -4.85 8.42
CA LEU B 155 -8.54 -6.31 8.41
C LEU B 155 -9.90 -6.78 7.93
N SER B 156 -10.90 -5.92 8.04
CA SER B 156 -12.24 -6.25 7.53
C SER B 156 -12.33 -5.85 6.07
N PHE B 157 -11.64 -4.76 5.71
CA PHE B 157 -11.62 -4.32 4.31
C PHE B 157 -11.07 -5.46 3.44
N ILE B 158 -9.99 -6.12 3.89
CA ILE B 158 -9.41 -7.22 3.12
C ILE B 158 -10.52 -8.24 2.96
N ASP B 159 -11.30 -8.47 4.01
CA ASP B 159 -12.40 -9.43 3.89
C ASP B 159 -13.43 -8.89 2.86
N LYS B 160 -13.73 -7.60 2.92
CA LYS B 160 -14.65 -6.98 1.94
C LYS B 160 -14.05 -7.24 0.56
N ALA B 161 -12.73 -7.24 0.51
CA ALA B 161 -12.05 -7.53 -0.75
C ALA B 161 -12.09 -9.04 -1.06
N VAL B 162 -12.12 -9.92 -0.06
CA VAL B 162 -12.19 -11.36 -0.33
C VAL B 162 -13.64 -11.78 -0.68
N GLU B 163 -14.61 -10.96 -0.25
CA GLU B 163 -16.02 -11.25 -0.52
C GLU B 163 -16.44 -10.83 -1.92
N GLU B 164 -16.17 -9.58 -2.30
CA GLU B 164 -16.59 -9.02 -3.61
C GLU B 164 -15.95 -9.64 -4.86
N GLY B 165 -14.85 -10.37 -4.66
CA GLY B 165 -14.21 -11.02 -5.79
C GLY B 165 -12.88 -10.47 -6.28
N PHE B 166 -12.18 -9.66 -5.47
CA PHE B 166 -10.89 -9.12 -5.88
C PHE B 166 -9.68 -9.80 -5.23
N ILE B 167 -9.89 -10.48 -4.11
CA ILE B 167 -8.80 -11.21 -3.44
C ILE B 167 -9.28 -12.64 -3.18
N SER B 168 -8.47 -13.64 -3.56
CA SER B 168 -8.89 -15.03 -3.33
C SER B 168 -8.76 -15.45 -1.84
N PRO B 169 -9.59 -16.38 -1.39
CA PRO B 169 -9.52 -16.86 -0.01
C PRO B 169 -8.10 -17.35 0.30
N THR B 170 -7.42 -17.91 -0.69
CA THR B 170 -6.05 -18.39 -0.48
C THR B 170 -5.08 -17.20 -0.25
N ALA B 171 -5.15 -16.17 -1.11
CA ALA B 171 -4.27 -15.01 -0.95
C ALA B 171 -4.59 -14.25 0.38
N ARG B 172 -5.85 -14.26 0.81
CA ARG B 172 -6.21 -13.60 2.08
C ARG B 172 -5.35 -14.21 3.22
N GLU B 173 -5.10 -15.52 3.13
CA GLU B 173 -4.29 -16.19 4.16
C GLU B 173 -2.84 -15.66 4.24
N ILE B 174 -2.39 -14.97 3.21
CA ILE B 174 -1.03 -14.42 3.27
C ILE B 174 -0.92 -13.59 4.57
N ILE B 175 -2.02 -12.94 4.97
CA ILE B 175 -1.99 -12.10 6.17
C ILE B 175 -2.20 -12.82 7.49
N VAL B 176 -1.11 -13.02 8.22
CA VAL B 176 -1.17 -13.67 9.53
C VAL B 176 -1.38 -12.57 10.57
N SER B 177 -2.21 -12.84 11.56
CA SER B 177 -2.48 -11.84 12.57
C SER B 177 -2.55 -12.39 13.99
N ALA B 178 -2.23 -11.55 14.97
CA ALA B 178 -2.31 -11.94 16.37
C ALA B 178 -2.28 -10.68 17.22
N PRO B 179 -2.80 -10.77 18.45
CA PRO B 179 -2.83 -9.60 19.33
C PRO B 179 -1.57 -9.29 20.12
N THR B 180 -0.63 -10.22 20.18
CA THR B 180 0.59 -9.97 20.94
C THR B 180 1.78 -10.44 20.15
N ALA B 181 2.94 -9.84 20.42
CA ALA B 181 4.15 -10.21 19.72
C ALA B 181 4.53 -11.66 19.96
N LYS B 182 4.39 -12.15 21.19
CA LYS B 182 4.78 -13.53 21.45
C LYS B 182 3.99 -14.50 20.57
N GLU B 183 2.66 -14.41 20.65
CA GLU B 183 1.81 -15.29 19.86
C GLU B 183 1.99 -15.00 18.38
N LEU B 184 2.10 -13.71 18.04
CA LEU B 184 2.24 -13.35 16.63
C LEU B 184 3.39 -14.10 15.98
N VAL B 185 4.57 -14.10 16.59
CA VAL B 185 5.71 -14.80 16.00
C VAL B 185 5.49 -16.30 16.06
N LYS B 186 4.77 -16.76 17.07
CA LYS B 186 4.48 -18.18 17.17
C LYS B 186 3.76 -18.69 15.88
N LYS B 187 2.94 -17.84 15.25
CA LYS B 187 2.24 -18.28 14.03
C LYS B 187 3.14 -18.26 12.79
N LEU B 188 3.98 -17.23 12.64
CA LEU B 188 4.83 -17.12 11.46
C LEU B 188 5.79 -18.30 11.36
N GLU B 189 6.32 -18.72 12.51
CA GLU B 189 7.24 -19.85 12.55
C GLU B 189 6.50 -21.16 12.21
N GLU B 190 5.19 -21.16 12.43
CA GLU B 190 4.28 -22.28 12.16
C GLU B 190 4.17 -23.32 13.27
S SO4 C . -5.15 -6.31 -8.22
O1 SO4 C . -5.80 -5.11 -7.75
O2 SO4 C . -4.71 -7.16 -7.13
O3 SO4 C . -6.07 -7.07 -8.97
O4 SO4 C . -4.11 -5.84 -9.11
S SO4 D . 4.33 5.85 8.87
O1 SO4 D . 5.59 5.39 8.28
O2 SO4 D . 4.73 6.52 9.98
O3 SO4 D . 3.54 6.70 8.00
O4 SO4 D . 3.58 4.64 9.21
MG MG E . 5.96 -19.17 3.33
N MSE A 8 -17.03 24.90 -20.81
CA MSE A 8 -16.45 26.16 -20.24
C MSE A 8 -15.06 26.00 -19.64
O MSE A 8 -14.06 26.27 -20.30
CB MSE A 8 -17.39 26.76 -19.18
CG MSE A 8 -18.54 27.56 -19.79
SE MSE A 8 -17.91 28.88 -21.04
CE MSE A 8 -16.93 29.99 -19.79
N GLN A 9 -15.01 25.57 -18.38
CA GLN A 9 -13.73 25.37 -17.70
C GLN A 9 -12.99 24.19 -18.33
N LYS A 10 -11.68 24.32 -18.49
CA LYS A 10 -10.89 23.26 -19.09
C LYS A 10 -10.25 22.39 -17.99
N SER A 11 -10.46 21.08 -18.06
CA SER A 11 -9.86 20.19 -17.06
C SER A 11 -8.37 20.35 -17.18
N LYS A 12 -7.71 20.51 -16.05
CA LYS A 12 -6.26 20.64 -16.02
C LYS A 12 -5.62 19.24 -16.15
N PHE A 13 -6.42 18.22 -16.46
CA PHE A 13 -5.86 16.86 -16.61
C PHE A 13 -5.78 16.31 -18.04
N ARG A 14 -4.55 16.03 -18.46
CA ARG A 14 -4.26 15.45 -19.77
C ARG A 14 -4.30 13.92 -19.67
N ARG A 15 -3.64 13.39 -18.64
CA ARG A 15 -3.58 11.97 -18.43
C ARG A 15 -3.95 11.63 -17.00
N ILE A 16 -4.71 10.56 -16.84
CA ILE A 16 -5.10 10.07 -15.54
C ILE A 16 -4.84 8.57 -15.47
N CYS A 17 -4.04 8.20 -14.47
CA CYS A 17 -3.68 6.84 -14.20
C CYS A 17 -4.76 6.31 -13.29
N VAL A 18 -5.35 5.18 -13.66
CA VAL A 18 -6.42 4.61 -12.88
C VAL A 18 -5.95 3.25 -12.38
N PHE A 19 -5.80 3.13 -11.06
CA PHE A 19 -5.40 1.86 -10.44
C PHE A 19 -6.73 1.11 -10.25
N CYS A 20 -6.82 -0.14 -10.71
CA CYS A 20 -8.06 -0.87 -10.56
C CYS A 20 -7.90 -2.37 -10.69
N GLY A 21 -8.86 -3.12 -10.12
CA GLY A 21 -8.81 -4.56 -10.14
C GLY A 21 -8.66 -5.24 -11.48
N SER A 22 -7.86 -6.30 -11.50
CA SER A 22 -7.65 -7.12 -12.69
C SER A 22 -8.81 -8.12 -12.71
N SER A 23 -9.54 -8.19 -11.59
CA SER A 23 -10.72 -9.05 -11.46
C SER A 23 -11.92 -8.19 -11.86
N GLN A 24 -13.02 -8.83 -12.26
CA GLN A 24 -14.24 -8.11 -12.65
C GLN A 24 -15.08 -7.68 -11.44
N GLY A 25 -14.99 -8.44 -10.36
CA GLY A 25 -15.78 -8.13 -9.19
C GLY A 25 -17.08 -8.92 -9.28
N LYS A 26 -17.88 -8.94 -8.23
CA LYS A 26 -19.12 -9.71 -8.24
C LYS A 26 -20.40 -8.89 -8.38
N LYS A 27 -20.28 -7.59 -8.58
CA LYS A 27 -21.45 -6.73 -8.72
C LYS A 27 -21.42 -5.90 -9.99
N SER A 28 -22.58 -5.77 -10.63
CA SER A 28 -22.67 -4.99 -11.85
C SER A 28 -22.32 -3.53 -11.56
N SER A 29 -22.65 -3.05 -10.37
CA SER A 29 -22.33 -1.65 -10.03
C SER A 29 -20.82 -1.41 -10.25
N TYR A 30 -20.02 -2.45 -10.09
CA TYR A 30 -18.58 -2.32 -10.27
C TYR A 30 -18.20 -2.17 -11.73
N GLN A 31 -18.78 -2.98 -12.60
CA GLN A 31 -18.44 -2.88 -14.03
C GLN A 31 -18.88 -1.52 -14.55
N ASP A 32 -20.12 -1.12 -14.23
CA ASP A 32 -20.63 0.17 -14.67
C ASP A 32 -19.71 1.28 -14.18
N ALA A 33 -19.01 1.02 -13.08
CA ALA A 33 -18.11 2.01 -12.53
C ALA A 33 -16.92 2.25 -13.43
N ALA A 34 -16.25 1.18 -13.83
CA ALA A 34 -15.08 1.35 -14.70
C ALA A 34 -15.47 1.98 -16.05
N VAL A 35 -16.65 1.64 -16.58
CA VAL A 35 -17.12 2.21 -17.83
C VAL A 35 -17.41 3.69 -17.61
N ASP A 36 -18.12 4.00 -16.54
CA ASP A 36 -18.46 5.38 -16.24
C ASP A 36 -17.19 6.20 -16.14
N LEU A 37 -16.17 5.64 -15.50
CA LEU A 37 -14.92 6.37 -15.38
C LEU A 37 -14.33 6.56 -16.76
N GLY A 38 -14.35 5.50 -17.57
CA GLY A 38 -13.81 5.60 -18.91
C GLY A 38 -14.56 6.69 -19.68
N ASN A 39 -15.89 6.60 -19.69
CA ASN A 39 -16.71 7.60 -20.40
C ASN A 39 -16.45 8.99 -19.89
N GLU A 40 -16.42 9.14 -18.57
CA GLU A 40 -16.18 10.46 -17.97
C GLU A 40 -14.87 11.04 -18.46
N LEU A 41 -13.80 10.26 -18.38
CA LEU A 41 -12.51 10.75 -18.87
C LEU A 41 -12.68 11.22 -20.32
N VAL A 42 -13.52 10.51 -21.06
CA VAL A 42 -13.74 10.86 -22.46
C VAL A 42 -14.41 12.24 -22.61
N SER A 43 -15.42 12.51 -21.78
CA SER A 43 -16.12 13.78 -21.89
C SER A 43 -15.18 14.93 -21.56
N ARG A 44 -14.16 14.65 -20.75
CA ARG A 44 -13.24 15.70 -20.36
C ARG A 44 -11.98 15.70 -21.22
N ASN A 45 -11.98 14.81 -22.21
CA ASN A 45 -10.84 14.63 -23.11
C ASN A 45 -9.58 14.17 -22.36
N ILE A 46 -9.76 13.29 -21.38
CA ILE A 46 -8.62 12.78 -20.59
C ILE A 46 -8.17 11.42 -21.14
N ASP A 47 -6.87 11.26 -21.40
CA ASP A 47 -6.34 9.99 -21.90
C ASP A 47 -6.12 9.08 -20.70
N LEU A 48 -6.08 7.78 -20.98
CA LEU A 48 -5.91 6.79 -19.93
C LEU A 48 -4.52 6.22 -19.85
N VAL A 49 -4.08 6.04 -18.62
CA VAL A 49 -2.80 5.41 -18.39
C VAL A 49 -3.16 4.38 -17.32
N TYR A 50 -2.56 3.19 -17.40
CA TYR A 50 -2.82 2.17 -16.42
C TYR A 50 -1.75 1.10 -16.48
N GLY A 51 -2.01 0.03 -15.73
CA GLY A 51 -1.07 -1.06 -15.66
C GLY A 51 -1.30 -2.11 -16.72
N GLY A 52 -1.95 -1.75 -17.81
CA GLY A 52 -2.18 -2.67 -18.93
C GLY A 52 -3.18 -3.80 -18.79
N GLY A 53 -3.33 -4.56 -19.89
CA GLY A 53 -4.25 -5.69 -19.95
C GLY A 53 -5.65 -5.35 -20.41
N SER A 54 -6.48 -6.36 -20.61
CA SER A 54 -7.87 -6.16 -21.03
C SER A 54 -8.86 -6.95 -20.15
N ILE A 55 -8.42 -7.34 -18.95
CA ILE A 55 -9.25 -8.11 -18.04
C ILE A 55 -9.82 -7.28 -16.89
N GLY A 56 -10.73 -7.88 -16.12
CA GLY A 56 -11.35 -7.23 -14.98
C GLY A 56 -11.74 -5.77 -15.21
N LEU A 57 -11.68 -5.00 -14.14
CA LEU A 57 -12.05 -3.59 -14.26
C LEU A 57 -10.97 -2.82 -15.03
N MSE A 58 -9.77 -3.39 -15.15
CA MSE A 58 -8.69 -2.72 -15.88
C MSE A 58 -9.06 -2.71 -17.37
O MSE A 58 -8.83 -1.71 -18.05
CB MSE A 58 -7.37 -3.47 -15.71
CG MSE A 58 -6.75 -3.31 -14.33
SE MSE A 58 -5.23 -4.50 -14.08
CE MSE A 58 -3.75 -3.30 -14.50
N GLY A 59 -9.60 -3.83 -17.85
CA GLY A 59 -10.00 -3.92 -19.25
C GLY A 59 -11.18 -3.03 -19.60
N LEU A 60 -12.15 -2.91 -18.70
CA LEU A 60 -13.32 -2.08 -18.96
C LEU A 60 -12.95 -0.60 -19.03
N VAL A 61 -12.33 -0.10 -17.97
CA VAL A 61 -11.95 1.31 -17.95
C VAL A 61 -11.06 1.61 -19.15
N SER A 62 -10.32 0.62 -19.63
CA SER A 62 -9.44 0.87 -20.77
C SER A 62 -10.18 0.73 -22.09
N GLN A 63 -11.09 -0.24 -22.15
CA GLN A 63 -11.87 -0.45 -23.36
C GLN A 63 -12.81 0.72 -23.59
N ALA A 64 -13.37 1.27 -22.51
CA ALA A 64 -14.28 2.39 -22.65
C ALA A 64 -13.57 3.60 -23.22
N VAL A 65 -12.46 3.96 -22.59
CA VAL A 65 -11.67 5.11 -22.99
C VAL A 65 -11.37 5.01 -24.48
N HIS A 66 -10.78 3.88 -24.85
CA HIS A 66 -10.43 3.66 -26.25
C HIS A 66 -11.64 3.79 -27.19
N ASP A 67 -12.81 3.44 -26.69
CA ASP A 67 -14.03 3.52 -27.49
C ASP A 67 -14.42 4.97 -27.72
N GLY A 68 -14.29 5.77 -26.66
CA GLY A 68 -14.61 7.17 -26.73
C GLY A 68 -13.57 7.96 -27.50
N GLY A 69 -12.71 7.24 -28.21
CA GLY A 69 -11.68 7.88 -29.02
C GLY A 69 -10.53 8.59 -28.33
N ARG A 70 -10.29 8.25 -27.07
CA ARG A 70 -9.21 8.88 -26.30
C ARG A 70 -7.95 8.03 -26.35
N HIS A 71 -6.83 8.59 -25.89
CA HIS A 71 -5.58 7.86 -25.94
C HIS A 71 -5.39 7.02 -24.66
N VAL A 72 -4.93 5.79 -24.82
CA VAL A 72 -4.71 4.88 -23.69
C VAL A 72 -3.24 4.43 -23.70
N ILE A 73 -2.59 4.53 -22.55
CA ILE A 73 -1.19 4.13 -22.38
C ILE A 73 -1.14 3.12 -21.24
N GLY A 74 -0.92 1.85 -21.55
CA GLY A 74 -0.82 0.84 -20.51
C GLY A 74 0.66 0.64 -20.23
N ILE A 75 1.04 0.39 -18.98
CA ILE A 75 2.44 0.21 -18.62
C ILE A 75 2.54 -1.20 -18.07
N ILE A 76 3.39 -2.03 -18.67
CA ILE A 76 3.53 -3.42 -18.25
C ILE A 76 5.00 -3.85 -18.04
N PRO A 77 5.25 -4.86 -17.19
CA PRO A 77 6.62 -5.34 -16.94
C PRO A 77 7.06 -5.97 -18.27
N LYS A 78 8.34 -5.86 -18.62
CA LYS A 78 8.80 -6.43 -19.88
C LYS A 78 8.69 -7.96 -19.90
N THR A 79 8.72 -8.57 -18.72
CA THR A 79 8.62 -10.03 -18.65
C THR A 79 7.28 -10.50 -19.21
N LEU A 80 6.21 -10.30 -18.44
CA LEU A 80 4.88 -10.71 -18.89
C LEU A 80 4.34 -9.75 -19.94
N MSE A 81 4.66 -10.05 -21.20
CA MSE A 81 4.22 -9.26 -22.33
C MSE A 81 5.07 -8.01 -22.51
O MSE A 81 5.31 -7.56 -23.62
CB MSE A 81 2.75 -8.88 -22.17
CG MSE A 81 2.12 -8.31 -23.41
SE MSE A 81 2.19 -9.60 -24.83
CE MSE A 81 0.54 -10.53 -24.46
N VAL A 90 -7.69 -1.62 -26.81
CA VAL A 90 -6.27 -1.83 -27.10
C VAL A 90 -5.64 -0.54 -27.65
N GLY A 91 -4.89 0.14 -26.78
CA GLY A 91 -4.21 1.36 -27.15
C GLY A 91 -2.72 1.15 -27.25
N GLU A 92 -1.95 2.03 -26.62
CA GLU A 92 -0.50 1.93 -26.64
C GLU A 92 -0.04 0.99 -25.52
N VAL A 93 1.01 0.21 -25.73
CA VAL A 93 1.50 -0.65 -24.66
C VAL A 93 2.96 -0.33 -24.44
N ARG A 94 3.30 0.09 -23.22
CA ARG A 94 4.70 0.38 -22.90
C ARG A 94 5.26 -0.71 -21.99
N ALA A 95 6.06 -1.59 -22.56
CA ALA A 95 6.69 -2.69 -21.83
C ALA A 95 8.05 -2.18 -21.37
N VAL A 96 8.23 -2.14 -20.05
CA VAL A 96 9.44 -1.66 -19.40
C VAL A 96 10.22 -2.76 -18.66
N ALA A 97 11.53 -2.54 -18.49
CA ALA A 97 12.46 -3.48 -17.84
C ALA A 97 11.93 -4.37 -16.71
N ASP A 98 11.27 -3.76 -15.73
CA ASP A 98 10.76 -4.51 -14.57
C ASP A 98 9.57 -3.80 -13.95
N MSE A 99 9.10 -4.33 -12.82
CA MSE A 99 7.93 -3.79 -12.11
C MSE A 99 8.22 -2.46 -11.38
O MSE A 99 7.30 -1.67 -11.11
CB MSE A 99 7.40 -4.81 -11.10
CG MSE A 99 6.20 -4.36 -10.29
SE MSE A 99 4.52 -4.80 -11.17
CE MSE A 99 4.20 -6.57 -10.47
N HIS A 100 9.49 -2.25 -11.04
CA HIS A 100 9.90 -1.03 -10.34
C HIS A 100 9.69 0.17 -11.30
N GLN A 101 10.41 0.17 -12.42
CA GLN A 101 10.29 1.25 -13.40
C GLN A 101 8.83 1.41 -13.85
N ARG A 102 8.11 0.30 -13.89
CA ARG A 102 6.72 0.34 -14.27
C ARG A 102 5.99 1.39 -13.42
N LYS A 103 6.08 1.24 -12.10
CA LYS A 103 5.44 2.19 -11.18
C LYS A 103 6.04 3.58 -11.37
N ALA A 104 7.33 3.64 -11.69
CA ALA A 104 8.05 4.90 -11.91
C ALA A 104 7.61 5.60 -13.20
N GLU A 105 7.02 4.85 -14.12
CA GLU A 105 6.58 5.47 -15.35
C GLU A 105 5.11 5.83 -15.20
N MSE A 106 4.37 5.06 -14.40
CA MSE A 106 2.96 5.35 -14.17
C MSE A 106 2.87 6.79 -13.64
O MSE A 106 2.38 7.68 -14.33
CB MSE A 106 2.32 4.39 -13.14
CG MSE A 106 2.53 2.89 -13.40
SE MSE A 106 1.66 1.68 -12.09
CE MSE A 106 -0.19 1.85 -12.64
N ALA A 107 3.36 7.01 -12.42
CA ALA A 107 3.31 8.33 -11.80
C ALA A 107 3.97 9.38 -12.70
N LYS A 108 4.94 8.96 -13.49
CA LYS A 108 5.63 9.89 -14.37
C LYS A 108 4.74 10.50 -15.46
N HIS A 109 3.96 9.65 -16.14
CA HIS A 109 3.15 10.15 -17.25
C HIS A 109 1.65 10.38 -17.02
N SER A 110 1.26 10.67 -15.77
CA SER A 110 -0.16 10.92 -15.48
C SER A 110 -0.21 12.18 -14.66
N ASP A 111 -1.36 12.83 -14.69
CA ASP A 111 -1.56 14.08 -13.95
C ASP A 111 -2.54 13.88 -12.81
N ALA A 112 -3.21 12.74 -12.82
CA ALA A 112 -4.15 12.46 -11.76
C ALA A 112 -4.22 10.94 -11.54
N PHE A 113 -4.49 10.56 -10.29
CA PHE A 113 -4.56 9.17 -9.89
C PHE A 113 -5.93 8.79 -9.36
N ILE A 114 -6.52 7.73 -9.89
CA ILE A 114 -7.83 7.25 -9.43
C ILE A 114 -7.81 5.74 -9.19
N ALA A 115 -8.35 5.30 -8.05
CA ALA A 115 -8.42 3.88 -7.78
C ALA A 115 -9.86 3.43 -7.79
N LEU A 116 -10.15 2.43 -8.61
CA LEU A 116 -11.46 1.78 -8.65
C LEU A 116 -11.25 0.55 -7.73
N PRO A 117 -12.32 -0.18 -7.41
CA PRO A 117 -12.13 -1.35 -6.58
C PRO A 117 -11.04 -2.27 -7.18
N GLY A 118 -10.24 -2.89 -6.31
CA GLY A 118 -9.20 -3.79 -6.75
C GLY A 118 -8.54 -4.61 -5.63
N GLY A 119 -7.78 -5.63 -6.03
CA GLY A 119 -7.08 -6.51 -5.10
C GLY A 119 -5.75 -5.95 -4.61
N TYR A 120 -4.84 -6.80 -4.14
CA TYR A 120 -3.57 -6.28 -3.62
C TYR A 120 -2.79 -5.40 -4.61
N GLY A 121 -2.92 -5.66 -5.91
CA GLY A 121 -2.21 -4.84 -6.87
C GLY A 121 -2.67 -3.39 -6.80
N THR A 122 -3.97 -3.22 -6.98
CA THR A 122 -4.61 -1.92 -6.91
C THR A 122 -4.35 -1.23 -5.59
N LEU A 123 -4.42 -1.97 -4.49
CA LEU A 123 -4.21 -1.38 -3.17
C LEU A 123 -2.77 -0.91 -2.92
N GLU A 124 -1.80 -1.70 -3.35
CA GLU A 124 -0.39 -1.34 -3.17
C GLU A 124 -0.16 -0.03 -3.95
N GLU A 125 -0.87 0.14 -5.06
CA GLU A 125 -0.68 1.36 -5.86
C GLU A 125 -1.09 2.59 -5.11
N LEU A 126 -2.30 2.55 -4.57
CA LEU A 126 -2.87 3.65 -3.82
C LEU A 126 -1.99 4.14 -2.66
N LEU A 127 -1.72 3.27 -1.69
CA LEU A 127 -0.91 3.67 -0.54
C LEU A 127 0.42 4.27 -0.97
N GLU A 128 0.97 3.82 -2.09
CA GLU A 128 2.21 4.44 -2.55
C GLU A 128 2.01 5.92 -2.95
N VAL A 129 1.09 6.20 -3.87
CA VAL A 129 0.94 7.60 -4.24
C VAL A 129 0.54 8.43 -3.02
N ILE A 130 -0.20 7.85 -2.07
CA ILE A 130 -0.57 8.61 -0.88
C ILE A 130 0.70 8.95 -0.12
N THR A 131 1.50 7.93 0.17
CA THR A 131 2.74 8.12 0.89
C THR A 131 3.61 9.18 0.17
N TRP A 132 3.47 9.24 -1.15
CA TRP A 132 4.24 10.23 -1.91
C TRP A 132 3.59 11.63 -1.81
N ALA A 133 2.35 11.68 -1.34
CA ALA A 133 1.66 12.96 -1.16
C ALA A 133 2.11 13.51 0.18
N GLN A 134 2.12 12.63 1.19
CA GLN A 134 2.53 13.00 2.53
C GLN A 134 4.01 13.43 2.56
N LEU A 135 4.88 12.67 1.90
CA LEU A 135 6.29 13.05 1.91
C LEU A 135 6.54 14.34 1.12
N GLY A 136 5.49 14.92 0.57
CA GLY A 136 5.65 16.16 -0.18
C GLY A 136 6.37 15.95 -1.49
N ILE A 137 6.62 14.69 -1.83
CA ILE A 137 7.31 14.38 -3.08
C ILE A 137 6.51 14.92 -4.28
N HIS A 138 5.18 14.87 -4.19
CA HIS A 138 4.35 15.40 -5.27
C HIS A 138 3.03 15.83 -4.66
N ASP A 139 2.22 16.55 -5.43
CA ASP A 139 0.95 16.96 -4.94
C ASP A 139 -0.14 16.77 -5.99
N LYS A 140 -0.08 15.68 -6.74
CA LYS A 140 -1.08 15.40 -7.76
C LYS A 140 -2.33 14.83 -7.10
N PRO A 141 -3.50 14.94 -7.76
CA PRO A 141 -4.72 14.42 -7.15
C PRO A 141 -4.65 12.90 -6.97
N VAL A 142 -5.37 12.43 -5.96
CA VAL A 142 -5.46 11.02 -5.57
C VAL A 142 -6.87 10.84 -4.99
N GLY A 143 -7.72 10.07 -5.65
CA GLY A 143 -9.06 9.89 -5.14
C GLY A 143 -9.53 8.45 -5.22
N LEU A 144 -10.66 8.18 -4.57
CA LEU A 144 -11.27 6.85 -4.58
C LEU A 144 -12.66 6.91 -5.18
N LEU A 145 -12.94 6.02 -6.13
CA LEU A 145 -14.25 5.95 -6.71
C LEU A 145 -14.88 4.74 -6.00
N ASN A 146 -15.31 5.01 -4.77
CA ASN A 146 -15.88 4.03 -3.85
C ASN A 146 -17.36 3.76 -4.13
N VAL A 147 -17.60 2.83 -5.04
CA VAL A 147 -18.93 2.41 -5.43
C VAL A 147 -19.29 1.20 -4.57
N ASP A 148 -20.55 1.15 -4.12
CA ASP A 148 -21.07 0.07 -3.27
C ASP A 148 -20.31 -0.06 -1.93
N GLY A 149 -19.66 1.01 -1.49
CA GLY A 149 -18.93 0.99 -0.24
C GLY A 149 -17.76 -0.01 -0.15
N TYR A 150 -17.00 -0.15 -1.23
CA TYR A 150 -15.86 -1.06 -1.23
C TYR A 150 -14.80 -0.69 -0.15
N TYR A 151 -14.31 0.55 -0.24
CA TYR A 151 -13.29 1.10 0.63
C TYR A 151 -13.81 1.68 1.95
N ASN A 152 -15.13 1.66 2.15
CA ASN A 152 -15.68 2.24 3.39
C ASN A 152 -14.85 1.90 4.60
N SER A 153 -14.55 0.61 4.79
CA SER A 153 -13.77 0.23 5.98
C SER A 153 -12.34 0.79 5.98
N LEU A 154 -11.72 0.82 4.80
CA LEU A 154 -10.37 1.38 4.67
C LEU A 154 -10.44 2.83 5.16
N LEU A 155 -11.44 3.57 4.68
CA LEU A 155 -11.59 4.96 5.12
C LEU A 155 -11.74 5.02 6.65
N SER A 156 -12.41 4.04 7.25
CA SER A 156 -12.57 3.97 8.73
C SER A 156 -11.28 3.54 9.43
N PHE A 157 -10.49 2.67 8.80
CA PHE A 157 -9.20 2.27 9.42
C PHE A 157 -8.34 3.54 9.59
N ILE A 158 -8.31 4.39 8.55
CA ILE A 158 -7.53 5.62 8.60
C ILE A 158 -7.99 6.50 9.78
N ASP A 159 -9.29 6.52 10.06
CA ASP A 159 -9.77 7.30 11.19
C ASP A 159 -9.13 6.74 12.46
N LYS A 160 -9.01 5.42 12.53
CA LYS A 160 -8.40 4.75 13.68
C LYS A 160 -6.94 5.21 13.79
N ALA A 161 -6.24 5.18 12.66
CA ALA A 161 -4.87 5.64 12.61
C ALA A 161 -4.83 7.17 12.77
N VAL A 162 -5.94 7.84 12.43
CA VAL A 162 -6.01 9.30 12.54
C VAL A 162 -6.27 9.70 13.97
N GLU A 163 -6.97 8.85 14.71
CA GLU A 163 -7.26 9.13 16.12
C GLU A 163 -6.13 8.66 17.06
N GLU A 164 -5.44 7.59 16.67
CA GLU A 164 -4.35 7.04 17.50
C GLU A 164 -3.02 7.77 17.34
N GLY A 165 -3.04 8.83 16.52
CA GLY A 165 -1.85 9.66 16.32
C GLY A 165 -0.82 9.16 15.32
N PHE A 166 -1.18 8.18 14.49
CA PHE A 166 -0.21 7.69 13.50
C PHE A 166 -0.41 8.38 12.15
N ILE A 167 -1.56 9.04 12.01
CA ILE A 167 -1.89 9.81 10.81
C ILE A 167 -2.64 11.07 11.28
N SER A 168 -2.07 12.25 11.00
CA SER A 168 -2.72 13.49 11.40
C SER A 168 -3.87 13.76 10.46
N PRO A 169 -4.84 14.58 10.90
CA PRO A 169 -6.01 14.94 10.10
C PRO A 169 -5.61 15.48 8.72
N THR A 170 -4.53 16.24 8.66
CA THR A 170 -4.06 16.77 7.36
C THR A 170 -3.58 15.62 6.47
N ALA A 171 -3.00 14.61 7.10
CA ALA A 171 -2.52 13.45 6.37
C ALA A 171 -3.74 12.65 5.91
N ARG A 172 -4.82 12.71 6.69
CA ARG A 172 -6.04 11.98 6.28
C ARG A 172 -6.76 12.63 5.08
N GLU A 173 -6.67 13.96 5.01
CA GLU A 173 -7.35 14.67 3.92
C GLU A 173 -6.70 14.48 2.55
N ILE A 174 -5.57 13.79 2.51
CA ILE A 174 -4.90 13.55 1.20
C ILE A 174 -5.76 12.64 0.33
N ILE A 175 -6.61 11.84 0.96
CA ILE A 175 -7.47 10.93 0.20
C ILE A 175 -8.83 11.52 -0.08
N VAL A 176 -9.05 11.84 -1.33
CA VAL A 176 -10.30 12.38 -1.79
C VAL A 176 -11.20 11.15 -2.06
N SER A 177 -12.49 11.27 -1.77
CA SER A 177 -13.39 10.12 -1.96
C SER A 177 -14.74 10.53 -2.55
N ALA A 178 -15.35 9.62 -3.32
CA ALA A 178 -16.67 9.89 -3.91
C ALA A 178 -17.28 8.57 -4.40
N PRO A 179 -18.59 8.38 -4.20
CA PRO A 179 -19.26 7.14 -4.62
C PRO A 179 -19.54 6.99 -6.11
N THR A 180 -19.33 8.06 -6.87
CA THR A 180 -19.57 8.06 -8.30
C THR A 180 -18.43 8.74 -9.06
N ALA A 181 -18.28 8.39 -10.33
CA ALA A 181 -17.22 8.98 -11.15
C ALA A 181 -17.36 10.50 -11.29
N LYS A 182 -18.52 10.95 -11.75
CA LYS A 182 -18.76 12.38 -11.92
C LYS A 182 -18.33 13.19 -10.68
N GLU A 183 -18.84 12.82 -9.50
CA GLU A 183 -18.45 13.56 -8.31
C GLU A 183 -16.93 13.53 -8.06
N LEU A 184 -16.35 12.35 -7.95
CA LEU A 184 -14.90 12.25 -7.72
C LEU A 184 -14.09 13.04 -8.75
N VAL A 185 -14.42 12.88 -10.03
CA VAL A 185 -13.64 13.59 -11.06
C VAL A 185 -13.88 15.08 -10.90
N LYS A 186 -15.14 15.46 -10.69
CA LYS A 186 -15.40 16.87 -10.51
C LYS A 186 -14.62 17.33 -9.28
N LYS A 187 -14.70 16.57 -8.20
CA LYS A 187 -14.00 16.94 -6.99
C LYS A 187 -12.50 17.04 -7.21
N LEU A 188 -11.91 16.07 -7.91
CA LEU A 188 -10.47 16.15 -8.11
C LEU A 188 -10.01 17.50 -8.69
N GLU A 189 -10.82 18.11 -9.57
CA GLU A 189 -10.46 19.40 -10.15
C GLU A 189 -10.18 20.40 -9.02
N GLU A 190 -10.81 20.12 -7.88
CA GLU A 190 -10.67 20.88 -6.66
C GLU A 190 -11.06 22.33 -6.79
N LYS B 10 15.43 -23.12 18.37
CA LYS B 10 15.93 -22.07 17.43
C LYS B 10 14.81 -21.53 16.56
N SER B 11 14.98 -20.31 16.04
CA SER B 11 13.99 -19.70 15.18
C SER B 11 14.41 -19.83 13.73
N LYS B 12 13.54 -20.40 12.89
CA LYS B 12 13.89 -20.53 11.48
C LYS B 12 14.15 -19.14 10.87
N PHE B 13 13.90 -18.07 11.63
CA PHE B 13 14.14 -16.74 11.11
C PHE B 13 15.44 -16.14 11.64
N ARG B 14 16.32 -15.72 10.74
CA ARG B 14 17.58 -15.06 11.12
C ARG B 14 17.27 -13.57 11.37
N ARG B 15 16.43 -13.01 10.49
CA ARG B 15 16.05 -11.60 10.59
C ARG B 15 14.54 -11.42 10.45
N ILE B 16 14.01 -10.42 11.13
CA ILE B 16 12.60 -10.09 11.00
C ILE B 16 12.48 -8.60 10.73
N CYS B 17 11.67 -8.24 9.73
CA CYS B 17 11.45 -6.86 9.32
C CYS B 17 10.24 -6.37 10.11
N VAL B 18 10.44 -5.29 10.85
CA VAL B 18 9.36 -4.77 11.64
C VAL B 18 8.90 -3.43 11.11
N PHE B 19 7.94 -3.44 10.17
CA PHE B 19 7.40 -2.18 9.65
C PHE B 19 6.52 -1.60 10.77
N CYS B 20 6.66 -0.30 11.03
CA CYS B 20 5.85 0.30 12.09
C CYS B 20 5.88 1.82 12.02
N GLY B 21 5.02 2.44 12.83
CA GLY B 21 4.90 3.88 12.83
C GLY B 21 6.14 4.68 13.18
N SER B 22 6.38 5.75 12.42
CA SER B 22 7.50 6.66 12.70
C SER B 22 7.03 7.54 13.88
N SER B 23 5.76 7.37 14.25
CA SER B 23 5.15 8.09 15.36
C SER B 23 4.99 7.10 16.52
N GLN B 24 4.83 7.60 17.75
CA GLN B 24 4.69 6.71 18.90
C GLN B 24 3.24 6.34 19.19
N GLY B 25 2.31 7.13 18.69
CA GLY B 25 0.91 6.85 18.92
C GLY B 25 0.50 7.42 20.25
N LYS B 26 -0.80 7.39 20.54
CA LYS B 26 -1.32 7.94 21.81
C LYS B 26 -1.50 6.88 22.88
N LYS B 27 -1.46 5.61 22.50
CA LYS B 27 -1.68 4.56 23.47
C LYS B 27 -0.39 3.87 23.91
N SER B 28 -0.19 3.84 25.22
CA SER B 28 1.00 3.21 25.77
C SER B 28 1.03 1.73 25.38
N SER B 29 -0.14 1.15 25.12
CA SER B 29 -0.17 -0.26 24.74
C SER B 29 0.59 -0.50 23.41
N TYR B 30 0.57 0.48 22.51
CA TYR B 30 1.26 0.33 21.23
C TYR B 30 2.76 0.52 21.37
N GLN B 31 3.15 1.61 22.02
CA GLN B 31 4.56 1.89 22.21
C GLN B 31 5.24 0.73 22.91
N ASP B 32 4.62 0.22 23.98
CA ASP B 32 5.22 -0.91 24.68
C ASP B 32 5.21 -2.13 23.77
N ALA B 33 4.04 -2.45 23.19
CA ALA B 33 3.95 -3.60 22.30
C ALA B 33 5.15 -3.63 21.36
N ALA B 34 5.67 -2.46 21.00
CA ALA B 34 6.84 -2.41 20.10
C ALA B 34 8.06 -2.94 20.87
N VAL B 35 8.21 -2.48 22.11
CA VAL B 35 9.32 -2.94 22.96
C VAL B 35 9.22 -4.44 23.16
N ASP B 36 8.03 -4.94 23.49
CA ASP B 36 7.85 -6.36 23.69
C ASP B 36 8.21 -7.13 22.40
N LEU B 37 7.87 -6.59 21.23
CA LEU B 37 8.22 -7.29 19.99
C LEU B 37 9.74 -7.39 19.90
N GLY B 38 10.42 -6.26 20.07
CA GLY B 38 11.87 -6.24 20.03
C GLY B 38 12.46 -7.25 21.01
N ASN B 39 11.90 -7.33 22.21
CA ASN B 39 12.38 -8.26 23.22
C ASN B 39 12.13 -9.70 22.79
N GLU B 40 11.03 -9.93 22.09
CA GLU B 40 10.72 -11.27 21.61
C GLU B 40 11.75 -11.70 20.57
N LEU B 41 12.10 -10.81 19.65
CA LEU B 41 13.10 -11.15 18.63
C LEU B 41 14.39 -11.58 19.33
N VAL B 42 14.75 -10.84 20.37
CA VAL B 42 15.97 -11.15 21.11
C VAL B 42 15.90 -12.57 21.71
N SER B 43 14.86 -12.82 22.51
CA SER B 43 14.72 -14.10 23.15
C SER B 43 14.83 -15.23 22.13
N ARG B 44 14.25 -15.03 20.95
CA ARG B 44 14.29 -16.06 19.91
C ARG B 44 15.53 -15.98 19.03
N ASN B 45 16.45 -15.08 19.37
CA ASN B 45 17.69 -14.94 18.59
C ASN B 45 17.43 -14.49 17.15
N ILE B 46 16.70 -13.40 17.00
CA ILE B 46 16.39 -12.87 15.70
C ILE B 46 16.87 -11.43 15.56
N ASP B 47 17.39 -11.09 14.39
CA ASP B 47 17.90 -9.74 14.13
C ASP B 47 16.89 -8.91 13.33
N LEU B 48 17.10 -7.59 13.35
CA LEU B 48 16.22 -6.65 12.67
C LEU B 48 16.76 -6.00 11.42
N VAL B 49 15.81 -5.67 10.54
CA VAL B 49 16.10 -4.96 9.30
C VAL B 49 15.10 -3.79 9.24
N TYR B 50 14.71 -3.22 10.38
CA TYR B 50 13.74 -2.12 10.39
C TYR B 50 14.15 -0.96 9.49
N GLY B 51 13.29 0.06 9.42
CA GLY B 51 13.52 1.22 8.58
C GLY B 51 14.33 2.39 9.14
N GLY B 52 15.26 2.10 10.05
CA GLY B 52 16.10 3.15 10.60
C GLY B 52 15.46 4.23 11.43
N GLY B 53 16.29 5.03 12.07
CA GLY B 53 15.74 6.09 12.88
C GLY B 53 15.50 5.67 14.31
N SER B 54 15.41 6.67 15.17
CA SER B 54 15.25 6.41 16.58
C SER B 54 13.98 7.03 17.11
N ILE B 55 13.03 7.27 16.23
CA ILE B 55 11.78 7.87 16.65
C ILE B 55 10.59 6.91 16.54
N GLY B 56 9.52 7.23 17.26
CA GLY B 56 8.29 6.46 17.25
C GLY B 56 8.39 4.99 17.61
N LEU B 57 7.46 4.21 17.06
CA LEU B 57 7.46 2.77 17.32
C LEU B 57 8.68 2.16 16.62
N MSE B 58 9.21 2.85 15.61
CA MSE B 58 10.39 2.34 14.89
C MSE B 58 11.61 2.46 15.77
O MSE B 58 12.47 1.57 15.80
CB MSE B 58 10.63 3.14 13.61
CG MSE B 58 9.50 3.02 12.59
SE MSE B 58 9.71 4.27 11.13
CE MSE B 58 10.60 3.17 9.83
N GLY B 59 11.71 3.58 16.49
CA GLY B 59 12.82 3.82 17.38
C GLY B 59 12.72 2.90 18.60
N LEU B 60 11.50 2.65 19.05
CA LEU B 60 11.27 1.79 20.20
C LEU B 60 11.63 0.32 19.90
N VAL B 61 11.18 -0.21 18.75
CA VAL B 61 11.53 -1.59 18.46
C VAL B 61 13.03 -1.74 18.19
N SER B 62 13.64 -0.79 17.49
CA SER B 62 15.07 -0.94 17.19
C SER B 62 15.89 -0.78 18.49
N GLN B 63 15.48 0.13 19.37
CA GLN B 63 16.19 0.31 20.64
C GLN B 63 16.20 -0.99 21.46
N ALA B 64 15.07 -1.68 21.51
CA ALA B 64 15.00 -2.94 22.25
C ALA B 64 15.87 -4.01 21.58
N VAL B 65 15.87 -4.03 20.24
CA VAL B 65 16.68 -5.02 19.52
C VAL B 65 18.18 -4.72 19.70
N HIS B 66 18.52 -3.44 19.72
CA HIS B 66 19.92 -3.08 19.89
C HIS B 66 20.38 -3.31 21.35
N ASP B 67 19.52 -2.87 22.27
CA ASP B 67 19.79 -2.98 23.71
C ASP B 67 20.01 -4.40 24.12
N GLY B 68 19.19 -5.31 23.57
CA GLY B 68 19.32 -6.71 23.90
C GLY B 68 20.54 -7.35 23.26
N GLY B 69 21.34 -6.55 22.57
CA GLY B 69 22.55 -7.07 21.96
C GLY B 69 22.39 -7.63 20.57
N ARG B 70 21.24 -7.41 19.95
CA ARG B 70 21.05 -7.92 18.61
C ARG B 70 21.43 -6.87 17.56
N HIS B 71 21.73 -7.34 16.35
CA HIS B 71 22.11 -6.47 15.24
C HIS B 71 20.86 -5.82 14.66
N VAL B 72 21.10 -4.75 13.90
CA VAL B 72 20.08 -3.95 13.25
C VAL B 72 20.64 -3.36 11.92
N ILE B 73 19.73 -2.98 11.01
CA ILE B 73 20.10 -2.38 9.74
C ILE B 73 19.04 -1.34 9.32
N GLY B 74 19.11 -0.13 9.85
CA GLY B 74 18.15 0.87 9.46
C GLY B 74 18.38 1.25 8.00
N ILE B 75 17.52 0.77 7.10
CA ILE B 75 17.64 1.05 5.65
C ILE B 75 16.75 2.25 5.31
N ILE B 76 17.35 3.30 4.77
CA ILE B 76 16.60 4.50 4.45
C ILE B 76 17.02 5.17 3.15
N PRO B 77 16.12 5.96 2.56
CA PRO B 77 16.41 6.67 1.31
C PRO B 77 17.35 7.88 1.52
N LYS B 78 18.03 8.27 0.43
CA LYS B 78 18.97 9.39 0.42
C LYS B 78 20.26 9.06 1.17
N GLY B 87 15.90 11.53 13.00
CA GLY B 87 16.80 11.02 14.03
C GLY B 87 17.80 10.06 13.43
N GLU B 88 18.68 9.51 14.27
CA GLU B 88 19.70 8.58 13.79
C GLU B 88 19.29 7.10 13.91
N THR B 89 19.99 6.27 13.16
CA THR B 89 19.72 4.84 13.13
C THR B 89 20.73 4.10 14.01
N VAL B 90 20.26 3.11 14.77
CA VAL B 90 21.16 2.33 15.61
C VAL B 90 21.66 1.14 14.80
N GLY B 91 22.76 0.55 15.25
CA GLY B 91 23.32 -0.59 14.57
C GLY B 91 23.91 -0.23 13.22
N GLU B 92 23.70 -1.11 12.25
CA GLU B 92 24.18 -0.92 10.88
C GLU B 92 23.17 -0.07 10.14
N VAL B 93 23.66 0.86 9.31
CA VAL B 93 22.79 1.72 8.55
C VAL B 93 23.09 1.60 7.05
N ARG B 94 22.03 1.67 6.23
CA ARG B 94 22.22 1.60 4.79
C ARG B 94 21.42 2.73 4.15
N ALA B 95 22.06 3.44 3.24
CA ALA B 95 21.41 4.55 2.56
C ALA B 95 21.31 4.20 1.10
N VAL B 96 20.09 4.18 0.59
CA VAL B 96 19.86 3.84 -0.80
C VAL B 96 19.28 5.01 -1.59
N ALA B 97 19.20 4.86 -2.90
CA ALA B 97 18.72 5.94 -3.74
C ALA B 97 17.21 6.13 -3.74
N ASP B 98 16.45 5.08 -4.03
CA ASP B 98 15.00 5.25 -4.06
C ASP B 98 14.26 4.42 -3.00
N MSE B 99 12.98 4.69 -2.80
CA MSE B 99 12.26 3.95 -1.78
C MSE B 99 11.65 2.63 -2.23
O MSE B 99 11.18 1.82 -1.41
CB MSE B 99 11.21 4.83 -1.11
CG MSE B 99 11.83 5.78 -0.11
SE MSE B 99 10.56 6.99 0.69
CE MSE B 99 9.84 5.84 2.09
N HIS B 100 11.67 2.41 -3.55
CA HIS B 100 11.17 1.15 -4.10
C HIS B 100 12.19 0.07 -3.73
N GLN B 101 13.46 0.44 -3.77
CA GLN B 101 14.55 -0.47 -3.41
C GLN B 101 14.63 -0.65 -1.89
N ARG B 102 14.37 0.43 -1.14
CA ARG B 102 14.39 0.38 0.30
C ARG B 102 13.47 -0.74 0.73
N LYS B 103 12.28 -0.77 0.16
CA LYS B 103 11.33 -1.83 0.48
C LYS B 103 11.81 -3.19 -0.07
N ALA B 104 12.37 -3.19 -1.28
CA ALA B 104 12.87 -4.41 -1.91
C ALA B 104 13.96 -5.05 -1.09
N GLU B 105 14.87 -4.22 -0.61
CA GLU B 105 15.97 -4.72 0.17
C GLU B 105 15.46 -5.26 1.50
N MSE B 106 14.71 -4.42 2.23
CA MSE B 106 14.13 -4.83 3.50
C MSE B 106 13.52 -6.22 3.29
O MSE B 106 13.57 -7.09 4.18
CB MSE B 106 13.05 -3.84 3.98
CG MSE B 106 13.61 -2.53 4.55
SE MSE B 106 12.23 -1.41 5.46
CE MSE B 106 12.33 -2.07 7.28
N ALA B 107 12.95 -6.42 2.11
CA ALA B 107 12.36 -7.72 1.80
C ALA B 107 13.42 -8.76 1.43
N LYS B 108 14.54 -8.32 0.87
CA LYS B 108 15.58 -9.27 0.45
C LYS B 108 16.54 -9.69 1.58
N HIS B 109 16.22 -9.33 2.82
CA HIS B 109 17.09 -9.70 3.93
C HIS B 109 16.36 -10.19 5.20
N SER B 110 15.05 -10.24 5.19
CA SER B 110 14.33 -10.69 6.39
C SER B 110 13.67 -12.05 6.14
N ASP B 111 13.40 -12.78 7.21
CA ASP B 111 12.78 -14.09 7.05
C ASP B 111 11.28 -14.16 7.41
N ALA B 112 10.71 -12.99 7.70
CA ALA B 112 9.29 -12.88 8.04
C ALA B 112 8.97 -11.44 8.44
N PHE B 113 8.09 -10.80 7.69
CA PHE B 113 7.72 -9.41 7.94
C PHE B 113 6.67 -9.26 9.02
N ILE B 114 6.70 -8.14 9.73
CA ILE B 114 5.73 -7.84 10.76
C ILE B 114 5.41 -6.35 10.75
N ALA B 115 4.10 -6.04 10.74
CA ALA B 115 3.67 -4.66 10.81
C ALA B 115 3.07 -4.41 12.19
N LEU B 116 3.51 -3.37 12.86
CA LEU B 116 2.95 -2.93 14.15
C LEU B 116 2.01 -1.80 13.73
N PRO B 117 1.19 -1.31 14.67
CA PRO B 117 0.30 -0.20 14.33
C PRO B 117 1.19 0.95 13.80
N GLY B 118 0.83 1.44 12.62
CA GLY B 118 1.56 2.53 11.96
C GLY B 118 0.61 3.26 11.03
N GLY B 119 1.13 4.23 10.27
CA GLY B 119 0.30 5.00 9.38
C GLY B 119 0.46 4.62 7.92
N TYR B 120 0.42 5.61 7.01
CA TYR B 120 0.52 5.30 5.57
C TYR B 120 1.79 4.57 5.19
N GLY B 121 2.93 5.05 5.72
CA GLY B 121 4.21 4.43 5.41
C GLY B 121 4.20 2.94 5.73
N THR B 122 3.90 2.63 6.97
CA THR B 122 3.87 1.23 7.39
C THR B 122 2.92 0.43 6.50
N LEU B 123 1.76 1.02 6.19
CA LEU B 123 0.76 0.35 5.35
C LEU B 123 1.24 0.13 3.88
N GLU B 124 1.89 1.15 3.33
CA GLU B 124 2.40 1.11 1.94
C GLU B 124 3.44 0.01 1.79
N GLU B 125 4.22 -0.19 2.85
CA GLU B 125 5.28 -1.18 2.86
C GLU B 125 4.65 -2.57 2.90
N LEU B 126 3.68 -2.72 3.79
CA LEU B 126 2.99 -4.00 3.96
C LEU B 126 2.34 -4.47 2.66
N LEU B 127 1.41 -3.67 2.13
CA LEU B 127 0.70 -4.05 0.92
C LEU B 127 1.65 -4.47 -0.21
N GLU B 128 2.86 -3.93 -0.20
CA GLU B 128 3.79 -4.33 -1.25
C GLU B 128 4.37 -5.71 -0.95
N VAL B 129 4.80 -5.96 0.30
CA VAL B 129 5.32 -7.28 0.58
C VAL B 129 4.26 -8.36 0.41
N ILE B 130 2.98 -8.00 0.58
CA ILE B 130 1.86 -8.93 0.41
C ILE B 130 1.67 -9.25 -1.08
N THR B 131 1.70 -8.21 -1.89
CA THR B 131 1.54 -8.37 -3.32
C THR B 131 2.70 -9.19 -3.88
N TRP B 132 3.92 -8.94 -3.40
CA TRP B 132 5.06 -9.73 -3.88
C TRP B 132 4.83 -11.23 -3.60
N ALA B 133 4.26 -11.54 -2.45
CA ALA B 133 3.97 -12.95 -2.10
C ALA B 133 2.92 -13.48 -3.08
N GLN B 134 1.82 -12.74 -3.19
CA GLN B 134 0.72 -13.11 -4.09
C GLN B 134 1.26 -13.40 -5.48
N LEU B 135 2.23 -12.59 -5.88
CA LEU B 135 2.87 -12.74 -7.19
C LEU B 135 3.91 -13.87 -7.19
N GLY B 136 4.13 -14.48 -6.03
CA GLY B 136 5.08 -15.59 -5.98
C GLY B 136 6.54 -15.21 -5.87
N ILE B 137 6.81 -13.93 -5.61
CA ILE B 137 8.19 -13.45 -5.48
C ILE B 137 8.85 -13.96 -4.19
N HIS B 138 8.05 -14.25 -3.16
CA HIS B 138 8.61 -14.79 -1.92
C HIS B 138 7.46 -15.45 -1.18
N ASP B 139 7.76 -16.20 -0.13
CA ASP B 139 6.65 -16.77 0.61
C ASP B 139 6.87 -16.54 2.08
N LYS B 140 7.76 -15.61 2.42
CA LYS B 140 8.07 -15.32 3.81
C LYS B 140 6.82 -14.95 4.60
N PRO B 141 6.72 -15.39 5.85
CA PRO B 141 5.51 -15.03 6.62
C PRO B 141 5.31 -13.52 6.75
N VAL B 142 4.05 -13.10 6.77
CA VAL B 142 3.70 -11.69 6.90
C VAL B 142 2.68 -11.55 8.01
N GLY B 143 3.06 -10.92 9.12
CA GLY B 143 2.12 -10.79 10.23
C GLY B 143 1.76 -9.38 10.66
N LEU B 144 0.51 -9.24 11.08
CA LEU B 144 0.01 -7.95 11.58
C LEU B 144 -0.05 -8.05 13.08
N LEU B 145 0.52 -7.07 13.77
CA LEU B 145 0.46 -7.07 15.22
C LEU B 145 -0.74 -6.15 15.50
N ASN B 146 -1.87 -6.80 15.63
CA ASN B 146 -3.15 -6.15 15.81
C ASN B 146 -3.39 -5.77 17.29
N VAL B 147 -2.62 -4.80 17.77
CA VAL B 147 -2.70 -4.34 19.16
C VAL B 147 -4.05 -3.76 19.48
N ASP B 148 -4.74 -4.40 20.42
CA ASP B 148 -6.05 -3.94 20.83
C ASP B 148 -6.96 -3.66 19.63
N GLY B 149 -6.95 -4.54 18.63
CA GLY B 149 -7.78 -4.41 17.43
C GLY B 149 -7.44 -3.25 16.51
N TYR B 150 -6.21 -2.73 16.61
CA TYR B 150 -5.82 -1.61 15.75
C TYR B 150 -6.11 -1.84 14.26
N TYR B 151 -5.72 -3.00 13.74
CA TYR B 151 -5.97 -3.31 12.32
C TYR B 151 -7.33 -3.97 12.02
N ASN B 152 -8.26 -3.96 12.97
CA ASN B 152 -9.56 -4.60 12.70
C ASN B 152 -10.22 -4.09 11.41
N SER B 153 -10.20 -2.79 11.22
CA SER B 153 -10.83 -2.22 10.03
C SER B 153 -10.12 -2.58 8.73
N LEU B 154 -8.79 -2.65 8.76
CA LEU B 154 -8.03 -3.01 7.57
C LEU B 154 -8.45 -4.42 7.16
N LEU B 155 -8.45 -5.32 8.13
CA LEU B 155 -8.83 -6.69 7.86
C LEU B 155 -10.29 -6.71 7.36
N SER B 156 -11.11 -5.83 7.92
CA SER B 156 -12.51 -5.75 7.46
C SER B 156 -12.54 -5.47 6.00
N PHE B 157 -11.65 -4.58 5.55
CA PHE B 157 -11.58 -4.26 4.12
C PHE B 157 -10.99 -5.43 3.31
N ILE B 158 -9.91 -6.07 3.78
CA ILE B 158 -9.32 -7.19 3.05
C ILE B 158 -10.37 -8.27 2.95
N ASP B 159 -11.12 -8.50 4.03
CA ASP B 159 -12.16 -9.51 3.95
C ASP B 159 -13.24 -9.06 2.95
N LYS B 160 -13.22 -7.78 2.56
CA LYS B 160 -14.20 -7.25 1.61
C LYS B 160 -13.84 -7.47 0.12
N ALA B 161 -12.57 -7.29 -0.21
CA ALA B 161 -12.09 -7.55 -1.58
C ALA B 161 -12.38 -9.02 -1.95
N VAL B 162 -12.35 -9.88 -0.92
CA VAL B 162 -12.61 -11.31 -1.07
C VAL B 162 -14.10 -11.56 -1.38
N GLU B 163 -14.96 -10.98 -0.55
CA GLU B 163 -16.40 -11.14 -0.74
C GLU B 163 -16.87 -10.50 -2.06
N GLU B 164 -16.16 -9.46 -2.52
CA GLU B 164 -16.57 -8.79 -3.76
C GLU B 164 -15.81 -9.24 -5.02
N GLY B 165 -14.76 -10.06 -4.86
CA GLY B 165 -14.02 -10.53 -6.03
C GLY B 165 -12.76 -9.76 -6.47
N PHE B 166 -11.70 -9.79 -5.67
CA PHE B 166 -10.46 -9.10 -6.04
C PHE B 166 -9.25 -9.70 -5.35
N ILE B 167 -9.49 -10.69 -4.49
CA ILE B 167 -8.44 -11.42 -3.76
C ILE B 167 -9.19 -12.67 -3.29
N SER B 168 -8.90 -13.82 -3.89
CA SER B 168 -9.60 -15.03 -3.47
C SER B 168 -9.27 -15.32 -1.99
N PRO B 169 -9.81 -16.40 -1.43
CA PRO B 169 -9.55 -16.79 -0.04
C PRO B 169 -8.07 -17.12 0.17
N THR B 170 -7.50 -17.89 -0.75
CA THR B 170 -6.08 -18.27 -0.65
C THR B 170 -5.16 -17.05 -0.42
N ALA B 171 -5.27 -16.02 -1.28
CA ALA B 171 -4.41 -14.85 -1.11
C ALA B 171 -4.72 -14.03 0.18
N ARG B 172 -5.90 -14.25 0.78
CA ARG B 172 -6.25 -13.60 2.03
C ARG B 172 -5.37 -14.22 3.13
N GLU B 173 -5.11 -15.53 2.99
CA GLU B 173 -4.28 -16.22 3.99
C GLU B 173 -2.81 -15.77 4.03
N ILE B 174 -2.42 -14.90 3.12
CA ILE B 174 -1.04 -14.41 3.15
C ILE B 174 -0.88 -13.63 4.46
N ILE B 175 -1.93 -12.91 4.86
CA ILE B 175 -1.89 -12.11 6.08
C ILE B 175 -2.02 -12.89 7.36
N VAL B 176 -0.89 -13.10 8.03
CA VAL B 176 -0.86 -13.79 9.32
C VAL B 176 -1.23 -12.77 10.39
N SER B 177 -2.18 -13.13 11.23
CA SER B 177 -2.64 -12.22 12.26
C SER B 177 -2.60 -12.84 13.66
N ALA B 178 -2.22 -12.04 14.66
CA ALA B 178 -2.19 -12.46 16.06
C ALA B 178 -2.00 -11.23 16.89
N PRO B 179 -2.59 -11.21 18.08
CA PRO B 179 -2.53 -10.09 19.00
C PRO B 179 -1.25 -9.93 19.80
N THR B 180 -0.34 -10.89 19.77
CA THR B 180 0.88 -10.67 20.54
C THR B 180 2.14 -11.06 19.78
N ALA B 181 3.23 -10.38 20.12
CA ALA B 181 4.52 -10.60 19.52
C ALA B 181 4.87 -12.11 19.56
N LYS B 182 4.79 -12.72 20.74
CA LYS B 182 5.12 -14.15 20.88
C LYS B 182 4.25 -15.03 19.96
N GLU B 183 2.93 -14.89 20.09
CA GLU B 183 2.01 -15.63 19.26
C GLU B 183 2.32 -15.46 17.78
N LEU B 184 2.48 -14.22 17.33
CA LEU B 184 2.75 -14.01 15.92
C LEU B 184 4.01 -14.72 15.46
N VAL B 185 5.13 -14.42 16.10
CA VAL B 185 6.36 -15.06 15.66
C VAL B 185 6.13 -16.56 15.68
N LYS B 186 5.44 -17.04 16.69
CA LYS B 186 5.15 -18.46 16.77
C LYS B 186 4.33 -18.89 15.53
N LYS B 187 3.26 -18.17 15.18
CA LYS B 187 2.48 -18.53 14.01
C LYS B 187 3.32 -18.49 12.73
N LEU B 188 4.24 -17.51 12.64
CA LEU B 188 5.07 -17.41 11.42
C LEU B 188 6.04 -18.60 11.31
N GLU B 189 6.59 -19.04 12.45
CA GLU B 189 7.51 -20.20 12.46
C GLU B 189 6.91 -21.35 11.61
N GLU B 190 5.59 -21.56 11.70
CA GLU B 190 4.87 -22.58 10.91
C GLU B 190 5.52 -23.97 10.71
N MSE A 8 -16.69 24.50 -21.51
CA MSE A 8 -16.63 25.45 -20.36
C MSE A 8 -15.23 25.62 -19.79
O MSE A 8 -14.31 26.08 -20.47
CB MSE A 8 -17.59 25.01 -19.26
CG MSE A 8 -18.93 25.73 -19.26
SE MSE A 8 -18.68 27.65 -19.13
CE MSE A 8 -17.51 27.68 -17.61
N GLN A 9 -15.06 25.26 -18.51
CA GLN A 9 -13.78 25.35 -17.82
C GLN A 9 -12.85 24.23 -18.31
N LYS A 10 -11.54 24.45 -18.23
CA LYS A 10 -10.59 23.44 -18.66
C LYS A 10 -10.07 22.62 -17.47
N SER A 11 -10.04 21.29 -17.61
CA SER A 11 -9.54 20.41 -16.55
C SER A 11 -8.07 20.71 -16.30
N LYS A 12 -7.64 20.65 -15.03
CA LYS A 12 -6.24 20.90 -14.74
C LYS A 12 -5.41 19.62 -14.99
N PHE A 13 -6.06 18.57 -15.49
CA PHE A 13 -5.38 17.30 -15.73
C PHE A 13 -5.17 16.98 -17.22
N ARG A 14 -3.96 16.57 -17.58
CA ARG A 14 -3.68 16.19 -18.97
C ARG A 14 -3.79 14.69 -19.07
N ARG A 15 -3.60 14.03 -17.94
CA ARG A 15 -3.69 12.59 -17.85
C ARG A 15 -3.95 12.21 -16.39
N ILE A 16 -4.66 11.11 -16.20
CA ILE A 16 -4.92 10.59 -14.86
C ILE A 16 -4.61 9.09 -14.88
N CYS A 17 -3.93 8.63 -13.83
CA CYS A 17 -3.58 7.23 -13.76
C CYS A 17 -4.64 6.61 -12.86
N VAL A 18 -5.18 5.47 -13.26
CA VAL A 18 -6.19 4.83 -12.45
C VAL A 18 -5.60 3.52 -11.94
N PHE A 19 -5.93 3.17 -10.70
CA PHE A 19 -5.48 1.90 -10.12
C PHE A 19 -6.74 1.05 -9.92
N CYS A 20 -7.05 0.16 -10.85
CA CYS A 20 -8.24 -0.67 -10.70
C CYS A 20 -7.91 -2.15 -10.72
N GLY A 21 -8.83 -2.97 -10.21
CA GLY A 21 -8.60 -4.41 -10.17
C GLY A 21 -8.49 -5.12 -11.51
N SER A 22 -7.74 -6.22 -11.50
CA SER A 22 -7.57 -7.05 -12.69
C SER A 22 -8.76 -8.04 -12.71
N SER A 23 -9.45 -8.14 -11.57
CA SER A 23 -10.64 -8.98 -11.45
C SER A 23 -11.85 -8.12 -11.83
N GLN A 24 -12.96 -8.76 -12.20
CA GLN A 24 -14.18 -8.03 -12.55
C GLN A 24 -15.05 -7.68 -11.34
N GLY A 25 -15.15 -8.61 -10.40
CA GLY A 25 -15.98 -8.35 -9.23
C GLY A 25 -17.41 -8.84 -9.43
N LYS A 26 -17.91 -9.55 -8.44
CA LYS A 26 -19.24 -10.14 -8.50
C LYS A 26 -20.35 -9.27 -9.06
N LYS A 27 -20.67 -8.18 -8.37
CA LYS A 27 -21.74 -7.27 -8.78
C LYS A 27 -21.49 -6.67 -10.14
N SER A 28 -22.42 -5.84 -10.60
CA SER A 28 -22.24 -5.20 -11.89
C SER A 28 -22.05 -3.70 -11.71
N SER A 29 -22.40 -3.18 -10.53
CA SER A 29 -22.25 -1.75 -10.27
C SER A 29 -20.78 -1.32 -10.35
N TYR A 30 -19.88 -2.27 -10.18
CA TYR A 30 -18.44 -1.99 -10.24
C TYR A 30 -18.00 -1.83 -11.68
N GLN A 31 -18.58 -2.63 -12.57
CA GLN A 31 -18.23 -2.55 -13.99
C GLN A 31 -18.75 -1.24 -14.59
N ASP A 32 -19.93 -0.81 -14.12
CA ASP A 32 -20.53 0.44 -14.60
C ASP A 32 -19.74 1.66 -14.12
N ALA A 33 -19.11 1.51 -12.95
CA ALA A 33 -18.31 2.60 -12.39
C ALA A 33 -17.02 2.75 -13.17
N ALA A 34 -16.49 1.64 -13.67
CA ALA A 34 -15.24 1.73 -14.45
C ALA A 34 -15.53 2.30 -15.85
N VAL A 35 -16.73 2.00 -16.38
CA VAL A 35 -17.12 2.51 -17.68
C VAL A 35 -17.41 4.00 -17.57
N ASP A 36 -18.16 4.39 -16.55
CA ASP A 36 -18.48 5.81 -16.37
C ASP A 36 -17.21 6.62 -16.15
N LEU A 37 -16.29 6.13 -15.31
CA LEU A 37 -15.07 6.90 -15.10
C LEU A 37 -14.34 7.15 -16.41
N GLY A 38 -14.25 6.14 -17.26
CA GLY A 38 -13.53 6.35 -18.52
C GLY A 38 -14.25 7.39 -19.38
N ASN A 39 -15.57 7.36 -19.38
CA ASN A 39 -16.30 8.31 -20.19
C ASN A 39 -16.35 9.67 -19.49
N GLU A 40 -15.90 9.73 -18.24
CA GLU A 40 -15.85 11.00 -17.51
C GLU A 40 -14.53 11.68 -17.95
N LEU A 41 -13.43 10.94 -17.98
CA LEU A 41 -12.16 11.50 -18.43
C LEU A 41 -12.29 12.02 -19.88
N VAL A 42 -12.87 11.23 -20.75
CA VAL A 42 -13.05 11.63 -22.15
C VAL A 42 -13.90 12.92 -22.22
N SER A 43 -14.93 12.99 -21.39
CA SER A 43 -15.80 14.16 -21.41
C SER A 43 -15.05 15.42 -20.99
N ARG A 44 -13.84 15.24 -20.45
CA ARG A 44 -13.01 16.35 -20.00
C ARG A 44 -11.66 16.39 -20.71
N ASN A 45 -11.55 15.68 -21.82
CA ASN A 45 -10.31 15.60 -22.61
C ASN A 45 -9.07 15.25 -21.80
N ILE A 46 -9.26 14.24 -20.94
CA ILE A 46 -8.19 13.75 -20.09
C ILE A 46 -7.76 12.39 -20.65
N ASP A 47 -6.46 12.18 -20.84
CA ASP A 47 -5.98 10.90 -21.32
C ASP A 47 -5.65 9.99 -20.11
N LEU A 48 -5.95 8.71 -20.27
CA LEU A 48 -5.76 7.68 -19.23
C LEU A 48 -4.43 6.93 -19.24
N VAL A 49 -3.85 6.77 -18.06
CA VAL A 49 -2.65 5.96 -17.94
C VAL A 49 -3.10 4.81 -17.01
N TYR A 50 -2.70 3.59 -17.31
CA TYR A 50 -3.09 2.46 -16.49
C TYR A 50 -2.09 1.32 -16.57
N GLY A 51 -2.34 0.30 -15.75
CA GLY A 51 -1.46 -0.85 -15.67
C GLY A 51 -1.52 -1.82 -16.82
N GLY A 52 -2.26 -1.47 -17.88
CA GLY A 52 -2.30 -2.33 -19.06
C GLY A 52 -3.19 -3.57 -19.08
N GLY A 53 -3.54 -4.09 -17.91
CA GLY A 53 -4.37 -5.29 -17.87
C GLY A 53 -5.60 -5.16 -18.73
N SER A 54 -5.59 -5.85 -19.87
CA SER A 54 -6.70 -5.80 -20.81
C SER A 54 -7.96 -6.50 -20.28
N ILE A 55 -7.86 -7.07 -19.07
CA ILE A 55 -8.97 -7.79 -18.42
C ILE A 55 -9.50 -7.06 -17.19
N GLY A 56 -10.68 -7.47 -16.71
CA GLY A 56 -11.25 -6.86 -15.51
C GLY A 56 -11.61 -5.39 -15.63
N LEU A 57 -11.64 -4.72 -14.49
CA LEU A 57 -11.97 -3.29 -14.47
C LEU A 57 -10.87 -2.54 -15.22
N MSE A 58 -9.65 -3.08 -15.21
CA MSE A 58 -8.55 -2.44 -15.93
C MSE A 58 -8.91 -2.42 -17.42
O MSE A 58 -8.55 -1.49 -18.11
CB MSE A 58 -7.26 -3.23 -15.75
CG MSE A 58 -6.62 -3.11 -14.38
SE MSE A 58 -5.26 -4.47 -14.11
CE MSE A 58 -3.64 -3.45 -14.48
N GLY A 59 -9.63 -3.44 -17.88
CA GLY A 59 -10.01 -3.50 -19.30
C GLY A 59 -11.18 -2.60 -19.66
N LEU A 60 -12.16 -2.50 -18.77
CA LEU A 60 -13.33 -1.67 -19.04
C LEU A 60 -13.00 -0.17 -19.08
N VAL A 61 -12.25 0.32 -18.09
CA VAL A 61 -11.94 1.74 -18.10
C VAL A 61 -11.07 2.09 -19.30
N SER A 62 -10.15 1.21 -19.68
CA SER A 62 -9.27 1.55 -20.82
C SER A 62 -10.04 1.52 -22.13
N GLN A 63 -10.86 0.50 -22.32
CA GLN A 63 -11.65 0.38 -23.55
C GLN A 63 -12.62 1.58 -23.67
N ALA A 64 -13.17 2.03 -22.55
CA ALA A 64 -14.08 3.17 -22.59
C ALA A 64 -13.33 4.44 -23.03
N VAL A 65 -12.19 4.73 -22.42
CA VAL A 65 -11.42 5.91 -22.78
C VAL A 65 -10.99 5.83 -24.24
N HIS A 66 -10.65 4.63 -24.70
CA HIS A 66 -10.22 4.43 -26.08
C HIS A 66 -11.35 4.77 -27.05
N ASP A 67 -12.48 4.11 -26.89
CA ASP A 67 -13.63 4.36 -27.75
C ASP A 67 -13.99 5.86 -27.69
N GLY A 68 -14.04 6.38 -26.47
CA GLY A 68 -14.35 7.78 -26.28
C GLY A 68 -13.56 8.73 -27.16
N GLY A 69 -12.35 8.35 -27.55
CA GLY A 69 -11.54 9.22 -28.39
C GLY A 69 -10.23 9.73 -27.82
N ARG A 70 -9.95 9.40 -26.55
CA ARG A 70 -8.74 9.84 -25.89
C ARG A 70 -7.67 8.73 -25.96
N HIS A 71 -6.41 9.11 -25.75
CA HIS A 71 -5.34 8.15 -25.86
C HIS A 71 -4.94 7.60 -24.49
N VAL A 72 -4.78 6.28 -24.46
CA VAL A 72 -4.43 5.56 -23.23
C VAL A 72 -2.99 5.10 -23.35
N ILE A 73 -2.31 5.03 -22.21
CA ILE A 73 -0.92 4.58 -22.14
C ILE A 73 -0.83 3.50 -21.06
N GLY A 74 -0.94 2.24 -21.45
CA GLY A 74 -0.82 1.16 -20.48
C GLY A 74 0.66 0.85 -20.31
N ILE A 75 1.07 0.46 -19.11
CA ILE A 75 2.48 0.17 -18.87
C ILE A 75 2.57 -1.11 -18.05
N ILE A 76 3.34 -2.06 -18.58
CA ILE A 76 3.51 -3.36 -17.92
C ILE A 76 4.98 -3.79 -17.85
N PRO A 77 5.30 -4.74 -16.95
CA PRO A 77 6.68 -5.23 -16.82
C PRO A 77 6.98 -5.90 -18.17
N LYS A 78 8.21 -5.81 -18.64
CA LYS A 78 8.57 -6.41 -19.93
C LYS A 78 8.46 -7.94 -19.93
N THR A 79 8.39 -8.54 -18.76
CA THR A 79 8.28 -10.00 -18.67
C THR A 79 7.01 -10.48 -19.35
N LEU A 80 5.86 -10.28 -18.71
CA LEU A 80 4.58 -10.71 -19.27
C LEU A 80 4.15 -9.85 -20.45
N MSE A 81 4.73 -10.16 -21.62
CA MSE A 81 4.43 -9.46 -22.86
C MSE A 81 4.87 -8.00 -22.79
O MSE A 81 5.34 -7.44 -23.79
CB MSE A 81 2.93 -9.55 -23.17
CG MSE A 81 2.44 -10.93 -23.63
SE MSE A 81 2.40 -12.34 -22.28
CE MSE A 81 0.55 -12.18 -21.72
N VAL A 90 -5.78 -1.93 -26.66
CA VAL A 90 -6.02 -0.53 -27.00
C VAL A 90 -4.96 0.42 -26.43
N GLY A 91 -4.68 1.48 -27.16
CA GLY A 91 -3.72 2.45 -26.70
C GLY A 91 -2.26 2.07 -26.82
N GLU A 92 -1.39 2.95 -26.31
CA GLU A 92 0.06 2.73 -26.33
C GLU A 92 0.50 1.84 -25.15
N VAL A 93 1.16 0.72 -25.45
CA VAL A 93 1.67 -0.17 -24.40
C VAL A 93 3.17 0.13 -24.22
N ARG A 94 3.61 0.32 -22.97
CA ARG A 94 5.04 0.55 -22.67
C ARG A 94 5.54 -0.54 -21.73
N ALA A 95 6.43 -1.39 -22.23
CA ALA A 95 7.02 -2.46 -21.42
C ALA A 95 8.31 -1.91 -20.84
N VAL A 96 8.35 -1.75 -19.51
CA VAL A 96 9.52 -1.21 -18.85
C VAL A 96 10.34 -2.33 -18.19
N ALA A 97 11.11 -2.00 -17.17
CA ALA A 97 11.97 -2.98 -16.50
C ALA A 97 11.34 -3.85 -15.43
N ASP A 98 10.74 -3.24 -14.42
CA ASP A 98 10.14 -4.02 -13.34
C ASP A 98 8.95 -3.30 -12.72
N MSE A 99 8.35 -3.94 -11.73
CA MSE A 99 7.18 -3.38 -11.04
C MSE A 99 7.44 -1.97 -10.52
O MSE A 99 6.58 -1.12 -10.62
CB MSE A 99 6.81 -4.29 -9.87
CG MSE A 99 6.39 -5.68 -10.31
SE MSE A 99 4.74 -5.64 -11.28
CE MSE A 99 3.50 -5.53 -9.77
N HIS A 100 8.62 -1.75 -9.95
CA HIS A 100 8.91 -0.41 -9.45
C HIS A 100 9.01 0.58 -10.63
N GLN A 101 9.58 0.15 -11.76
CA GLN A 101 9.68 1.03 -12.93
C GLN A 101 8.29 1.29 -13.50
N ARG A 102 7.48 0.25 -13.53
CA ARG A 102 6.12 0.35 -14.02
C ARG A 102 5.35 1.39 -13.17
N LYS A 103 5.48 1.32 -11.84
CA LYS A 103 4.77 2.29 -10.99
C LYS A 103 5.38 3.67 -11.17
N ALA A 104 6.66 3.68 -11.48
CA ALA A 104 7.39 4.90 -11.71
C ALA A 104 6.95 5.55 -13.05
N GLU A 105 6.94 4.78 -14.14
CA GLU A 105 6.54 5.35 -15.42
C GLU A 105 5.05 5.67 -15.43
N MSE A 106 4.24 4.83 -14.79
CA MSE A 106 2.81 5.09 -14.72
C MSE A 106 2.55 6.37 -13.93
O MSE A 106 1.51 7.01 -14.09
CB MSE A 106 2.08 3.91 -14.05
CG MSE A 106 1.92 2.68 -14.97
SE MSE A 106 1.22 1.05 -14.05
CE MSE A 106 -0.55 1.71 -13.55
N ALA A 107 3.47 6.75 -13.04
CA ALA A 107 3.27 7.95 -12.26
C ALA A 107 3.82 9.16 -13.00
N LYS A 108 5.03 8.99 -13.52
CA LYS A 108 5.69 10.07 -14.24
C LYS A 108 4.83 10.69 -15.34
N HIS A 109 3.96 9.90 -15.95
CA HIS A 109 3.15 10.41 -17.05
C HIS A 109 1.68 10.72 -16.77
N SER A 110 1.33 10.93 -15.50
CA SER A 110 -0.07 11.22 -15.18
C SER A 110 -0.12 12.46 -14.33
N ASP A 111 -1.30 13.07 -14.24
CA ASP A 111 -1.50 14.29 -13.48
C ASP A 111 -2.39 14.12 -12.26
N ALA A 112 -3.14 13.01 -12.22
CA ALA A 112 -4.00 12.70 -11.09
C ALA A 112 -4.04 11.17 -11.02
N PHE A 113 -4.46 10.65 -9.87
CA PHE A 113 -4.52 9.21 -9.65
C PHE A 113 -5.90 8.83 -9.15
N ILE A 114 -6.50 7.82 -9.79
CA ILE A 114 -7.82 7.35 -9.35
C ILE A 114 -7.75 5.83 -9.12
N ALA A 115 -7.71 5.40 -7.86
CA ALA A 115 -7.69 3.97 -7.60
C ALA A 115 -9.13 3.51 -7.61
N LEU A 116 -9.48 2.58 -8.48
CA LEU A 116 -10.85 2.08 -8.46
C LEU A 116 -10.87 0.92 -7.44
N PRO A 117 -12.06 0.38 -7.11
CA PRO A 117 -12.00 -0.72 -6.15
C PRO A 117 -11.18 -1.84 -6.82
N GLY A 118 -10.23 -2.40 -6.07
CA GLY A 118 -9.40 -3.51 -6.57
C GLY A 118 -8.91 -4.32 -5.38
N GLY A 119 -7.79 -5.04 -5.51
CA GLY A 119 -7.28 -5.84 -4.39
C GLY A 119 -5.93 -5.34 -3.84
N TYR A 120 -5.10 -6.27 -3.34
CA TYR A 120 -3.78 -5.95 -2.78
C TYR A 120 -2.90 -4.99 -3.61
N GLY A 121 -2.67 -5.34 -4.87
CA GLY A 121 -1.82 -4.50 -5.72
C GLY A 121 -2.29 -3.04 -5.77
N THR A 122 -3.51 -2.85 -6.30
CA THR A 122 -4.18 -1.55 -6.40
C THR A 122 -4.06 -0.82 -5.07
N LEU A 123 -4.37 -1.53 -4.00
CA LEU A 123 -4.28 -0.95 -2.66
C LEU A 123 -2.82 -0.52 -2.37
N GLU A 124 -1.85 -1.30 -2.83
CA GLU A 124 -0.42 -1.00 -2.63
C GLU A 124 0.04 0.22 -3.47
N GLU A 125 -0.39 0.28 -4.73
CA GLU A 125 -0.02 1.38 -5.62
C GLU A 125 -0.68 2.64 -5.12
N LEU A 126 -1.94 2.52 -4.70
CA LEU A 126 -2.70 3.64 -4.17
C LEU A 126 -2.08 4.20 -2.88
N LEU A 127 -1.51 3.33 -2.05
CA LEU A 127 -0.92 3.79 -0.79
C LEU A 127 0.45 4.43 -0.98
N GLU A 128 1.15 4.01 -2.04
CA GLU A 128 2.44 4.61 -2.33
C GLU A 128 2.32 6.11 -2.73
N VAL A 129 1.32 6.44 -3.54
CA VAL A 129 1.18 7.83 -3.98
C VAL A 129 0.58 8.68 -2.85
N ILE A 130 0.02 8.02 -1.82
CA ILE A 130 -0.56 8.78 -0.71
C ILE A 130 0.59 9.16 0.20
N THR A 131 1.45 8.18 0.49
CA THR A 131 2.58 8.42 1.35
C THR A 131 3.53 9.38 0.60
N TRP A 132 3.66 9.20 -0.71
CA TRP A 132 4.54 10.10 -1.47
C TRP A 132 4.05 11.54 -1.37
N ALA A 133 2.74 11.74 -1.56
CA ALA A 133 2.19 13.08 -1.47
C ALA A 133 2.40 13.54 -0.03
N GLN A 134 2.28 12.60 0.91
CA GLN A 134 2.45 12.92 2.31
C GLN A 134 3.91 13.23 2.58
N LEU A 135 4.79 12.79 1.69
CA LEU A 135 6.22 13.06 1.88
C LEU A 135 6.72 14.26 1.06
N GLY A 136 5.91 14.78 0.15
CA GLY A 136 6.35 15.90 -0.64
C GLY A 136 6.93 15.47 -1.98
N ILE A 137 6.89 14.17 -2.26
CA ILE A 137 7.41 13.67 -3.51
C ILE A 137 6.60 14.20 -4.71
N HIS A 138 5.30 14.38 -4.53
CA HIS A 138 4.49 14.96 -5.59
C HIS A 138 3.31 15.62 -4.90
N ASP A 139 2.50 16.33 -5.67
CA ASP A 139 1.36 16.98 -5.08
C ASP A 139 0.13 16.83 -5.94
N LYS A 140 0.08 15.75 -6.71
CA LYS A 140 -1.07 15.51 -7.59
C LYS A 140 -2.24 14.94 -6.80
N PRO A 141 -3.49 15.26 -7.21
CA PRO A 141 -4.66 14.77 -6.49
C PRO A 141 -4.77 13.23 -6.53
N VAL A 142 -4.90 12.62 -5.34
CA VAL A 142 -5.03 11.17 -5.22
C VAL A 142 -6.46 10.89 -4.72
N GLY A 143 -7.16 9.98 -5.38
CA GLY A 143 -8.52 9.71 -4.95
C GLY A 143 -8.97 8.27 -5.19
N LEU A 144 -10.15 7.94 -4.66
CA LEU A 144 -10.67 6.59 -4.82
C LEU A 144 -12.15 6.64 -5.14
N LEU A 145 -12.54 5.96 -6.21
CA LEU A 145 -13.93 5.87 -6.61
C LEU A 145 -14.53 4.77 -5.74
N ASN A 146 -15.20 5.22 -4.70
CA ASN A 146 -15.77 4.36 -3.67
C ASN A 146 -17.15 3.81 -4.06
N VAL A 147 -17.18 2.95 -5.07
CA VAL A 147 -18.42 2.33 -5.56
C VAL A 147 -19.09 1.53 -4.46
N ASP A 148 -20.39 1.78 -4.28
CA ASP A 148 -21.19 1.11 -3.27
C ASP A 148 -20.43 0.91 -1.95
N GLY A 149 -19.71 1.94 -1.52
CA GLY A 149 -18.99 1.85 -0.27
C GLY A 149 -17.93 0.76 -0.17
N TYR A 150 -17.49 0.25 -1.33
CA TYR A 150 -16.46 -0.80 -1.37
C TYR A 150 -15.23 -0.42 -0.53
N TYR A 151 -14.94 0.87 -0.39
CA TYR A 151 -13.77 1.31 0.35
C TYR A 151 -14.05 1.81 1.74
N ASN A 152 -15.19 1.48 2.32
CA ASN A 152 -15.49 2.01 3.66
C ASN A 152 -14.63 1.48 4.81
N SER A 153 -14.36 0.19 4.87
CA SER A 153 -13.54 -0.30 5.99
C SER A 153 -12.07 0.12 5.85
N LEU A 154 -11.58 0.23 4.62
CA LEU A 154 -10.19 0.67 4.44
C LEU A 154 -10.14 2.08 4.99
N LEU A 155 -11.05 2.92 4.47
CA LEU A 155 -11.14 4.31 4.87
C LEU A 155 -11.46 4.29 6.35
N SER A 156 -12.47 3.53 6.72
CA SER A 156 -12.74 3.49 8.15
C SER A 156 -11.44 3.26 8.93
N PHE A 157 -10.45 2.58 8.32
CA PHE A 157 -9.16 2.35 9.03
C PHE A 157 -8.29 3.62 8.94
N ILE A 158 -8.53 4.45 7.93
CA ILE A 158 -7.76 5.66 7.88
C ILE A 158 -8.18 6.53 9.07
N ASP A 159 -9.38 6.28 9.63
CA ASP A 159 -9.83 7.06 10.78
C ASP A 159 -9.22 6.61 12.11
N LYS A 160 -9.04 5.31 12.28
CA LYS A 160 -8.46 4.73 13.50
C LYS A 160 -7.00 5.19 13.62
N ALA A 161 -6.35 5.38 12.47
CA ALA A 161 -4.97 5.84 12.45
C ALA A 161 -4.86 7.24 13.06
N VAL A 162 -5.67 8.18 12.59
CA VAL A 162 -5.62 9.55 13.12
C VAL A 162 -5.98 9.47 14.61
N GLU A 163 -7.08 8.78 14.90
CA GLU A 163 -7.54 8.63 16.29
C GLU A 163 -6.46 8.05 17.24
N GLU A 164 -5.64 7.12 16.77
CA GLU A 164 -4.62 6.55 17.68
C GLU A 164 -3.31 7.31 17.55
N GLY A 165 -3.33 8.37 16.74
CA GLY A 165 -2.17 9.23 16.56
C GLY A 165 -1.02 8.77 15.68
N PHE A 166 -1.33 8.09 14.57
CA PHE A 166 -0.27 7.66 13.66
C PHE A 166 -0.32 8.35 12.30
N ILE A 167 -1.43 9.01 12.01
CA ILE A 167 -1.63 9.78 10.78
C ILE A 167 -2.30 11.09 11.23
N SER A 168 -1.89 12.23 10.68
CA SER A 168 -2.50 13.52 11.06
C SER A 168 -3.71 13.77 10.21
N PRO A 169 -4.71 14.52 10.74
CA PRO A 169 -5.93 14.84 9.96
C PRO A 169 -5.60 15.44 8.60
N THR A 170 -4.47 16.17 8.53
CA THR A 170 -4.05 16.78 7.25
C THR A 170 -3.82 15.74 6.17
N ALA A 171 -3.01 14.72 6.44
CA ALA A 171 -2.75 13.68 5.44
C ALA A 171 -3.99 12.84 5.10
N ARG A 172 -4.96 12.79 6.02
CA ARG A 172 -6.19 12.03 5.72
C ARG A 172 -6.87 12.71 4.52
N GLU A 173 -6.75 14.03 4.48
CA GLU A 173 -7.33 14.85 3.41
C GLU A 173 -6.71 14.52 2.05
N ILE A 174 -5.53 13.89 2.05
CA ILE A 174 -4.90 13.52 0.76
C ILE A 174 -5.87 12.58 0.05
N ILE A 175 -6.72 11.92 0.84
CA ILE A 175 -7.69 11.00 0.29
C ILE A 175 -8.98 11.67 -0.13
N VAL A 176 -9.16 11.75 -1.44
CA VAL A 176 -10.36 12.33 -2.03
C VAL A 176 -11.28 11.15 -2.43
N SER A 177 -12.48 11.11 -1.87
CA SER A 177 -13.39 9.99 -2.16
C SER A 177 -14.76 10.44 -2.66
N ALA A 178 -15.38 9.61 -3.51
CA ALA A 178 -16.71 9.92 -4.04
C ALA A 178 -17.34 8.63 -4.53
N PRO A 179 -18.67 8.53 -4.50
CA PRO A 179 -19.36 7.31 -4.94
C PRO A 179 -19.55 7.11 -6.45
N THR A 180 -19.36 8.16 -7.25
CA THR A 180 -19.51 8.08 -8.70
C THR A 180 -18.33 8.72 -9.42
N ALA A 181 -18.16 8.38 -10.69
CA ALA A 181 -17.06 8.93 -11.49
C ALA A 181 -17.18 10.45 -11.70
N LYS A 182 -18.25 10.87 -12.36
CA LYS A 182 -18.45 12.29 -12.61
C LYS A 182 -18.15 13.12 -11.36
N GLU A 183 -18.75 12.75 -10.21
CA GLU A 183 -18.49 13.46 -8.96
C GLU A 183 -17.03 13.41 -8.52
N LEU A 184 -16.39 12.26 -8.66
CA LEU A 184 -14.99 12.15 -8.24
C LEU A 184 -14.09 13.08 -9.03
N VAL A 185 -14.24 13.03 -10.34
CA VAL A 185 -13.41 13.87 -11.18
C VAL A 185 -13.67 15.32 -10.84
N LYS A 186 -14.92 15.66 -10.50
CA LYS A 186 -15.17 17.04 -10.14
C LYS A 186 -14.38 17.40 -8.90
N LYS A 187 -14.54 16.62 -7.83
CA LYS A 187 -13.84 16.91 -6.58
C LYS A 187 -12.34 16.99 -6.78
N LEU A 188 -11.78 16.18 -7.68
CA LEU A 188 -10.34 16.24 -7.88
C LEU A 188 -9.89 17.58 -8.47
N GLU A 189 -10.68 18.17 -9.37
CA GLU A 189 -10.32 19.47 -9.96
C GLU A 189 -10.16 20.49 -8.81
N GLU A 190 -10.89 20.20 -7.73
CA GLU A 190 -10.95 20.93 -6.47
C GLU A 190 -11.83 22.18 -6.51
N LYS B 10 15.82 -23.21 17.70
CA LYS B 10 16.34 -22.11 16.83
C LYS B 10 15.28 -21.68 15.81
N SER B 11 15.00 -20.38 15.75
CA SER B 11 14.03 -19.84 14.80
C SER B 11 14.38 -20.19 13.36
N LYS B 12 13.42 -20.09 12.45
CA LYS B 12 13.72 -20.38 11.06
C LYS B 12 14.08 -19.07 10.34
N PHE B 13 14.05 -17.94 11.06
CA PHE B 13 14.35 -16.65 10.46
C PHE B 13 15.78 -16.12 10.72
N ARG B 14 16.44 -15.54 9.71
CA ARG B 14 17.78 -14.98 9.93
C ARG B 14 17.62 -13.49 10.26
N ARG B 15 16.46 -12.96 9.89
CA ARG B 15 16.11 -11.56 10.11
C ARG B 15 14.63 -11.34 9.86
N ILE B 16 13.99 -10.58 10.76
CA ILE B 16 12.59 -10.23 10.58
C ILE B 16 12.52 -8.73 10.37
N CYS B 17 11.73 -8.30 9.38
CA CYS B 17 11.58 -6.88 9.07
C CYS B 17 10.33 -6.37 9.79
N VAL B 18 10.45 -5.20 10.41
CA VAL B 18 9.31 -4.64 11.11
C VAL B 18 8.92 -3.30 10.54
N PHE B 19 7.64 -3.19 10.17
CA PHE B 19 7.04 -1.96 9.63
C PHE B 19 6.29 -1.33 10.80
N CYS B 20 6.53 -0.05 11.05
CA CYS B 20 5.88 0.63 12.16
C CYS B 20 5.86 2.14 11.98
N GLY B 21 4.92 2.77 12.69
CA GLY B 21 4.74 4.21 12.60
C GLY B 21 5.99 5.04 12.83
N SER B 22 5.93 6.27 12.30
CA SER B 22 6.97 7.28 12.43
C SER B 22 6.68 7.98 13.77
N SER B 23 5.46 7.77 14.26
CA SER B 23 5.01 8.32 15.54
C SER B 23 4.91 7.18 16.55
N GLN B 24 4.88 7.52 17.84
CA GLN B 24 4.79 6.51 18.89
C GLN B 24 3.34 6.15 19.23
N GLY B 25 2.42 6.97 18.76
CA GLY B 25 1.02 6.72 19.01
C GLY B 25 0.58 7.47 20.24
N LYS B 26 -0.73 7.63 20.41
CA LYS B 26 -1.28 8.36 21.57
C LYS B 26 -1.46 7.43 22.75
N LYS B 27 -0.98 6.20 22.63
CA LYS B 27 -1.14 5.27 23.74
C LYS B 27 0.08 4.39 23.99
N SER B 28 0.47 4.28 25.25
CA SER B 28 1.61 3.45 25.62
C SER B 28 1.32 1.99 25.25
N SER B 29 0.03 1.65 25.15
CA SER B 29 -0.36 0.29 24.78
C SER B 29 0.38 -0.19 23.51
N TYR B 30 0.50 0.69 22.52
CA TYR B 30 1.19 0.32 21.28
C TYR B 30 2.70 0.41 21.48
N GLN B 31 3.11 1.16 22.51
CA GLN B 31 4.53 1.29 22.77
C GLN B 31 5.04 0.03 23.47
N ASP B 32 4.25 -0.54 24.38
CA ASP B 32 4.71 -1.77 25.04
C ASP B 32 4.79 -2.92 24.02
N ALA B 33 3.86 -2.94 23.06
CA ALA B 33 3.89 -4.00 22.06
C ALA B 33 5.20 -3.97 21.29
N ALA B 34 5.59 -2.78 20.85
CA ALA B 34 6.84 -2.64 20.08
C ALA B 34 8.00 -3.16 20.94
N VAL B 35 8.07 -2.71 22.18
CA VAL B 35 9.13 -3.14 23.08
C VAL B 35 9.13 -4.66 23.16
N ASP B 36 7.98 -5.25 23.45
CA ASP B 36 7.88 -6.69 23.55
C ASP B 36 8.30 -7.38 22.24
N LEU B 37 7.88 -6.84 21.09
CA LEU B 37 8.28 -7.45 19.83
C LEU B 37 9.81 -7.47 19.73
N GLY B 38 10.43 -6.37 20.11
CA GLY B 38 11.88 -6.29 20.08
C GLY B 38 12.49 -7.36 20.98
N ASN B 39 11.97 -7.50 22.21
CA ASN B 39 12.48 -8.50 23.14
C ASN B 39 12.21 -9.92 22.67
N GLU B 40 11.12 -10.08 21.93
CA GLU B 40 10.74 -11.38 21.39
C GLU B 40 11.77 -11.80 20.33
N LEU B 41 12.21 -10.86 19.51
CA LEU B 41 13.21 -11.19 18.50
C LEU B 41 14.50 -11.60 19.20
N VAL B 42 14.87 -10.84 20.23
CA VAL B 42 16.08 -11.12 20.99
C VAL B 42 16.04 -12.53 21.61
N SER B 43 14.96 -12.82 22.33
CA SER B 43 14.86 -14.11 22.99
C SER B 43 15.05 -15.23 21.97
N ARG B 44 14.64 -14.99 20.73
CA ARG B 44 14.78 -16.00 19.70
C ARG B 44 16.01 -15.82 18.85
N ASN B 45 16.88 -14.88 19.21
CA ASN B 45 18.10 -14.66 18.43
C ASN B 45 17.81 -14.24 16.99
N ILE B 46 16.76 -13.45 16.83
CA ILE B 46 16.39 -12.99 15.51
C ILE B 46 16.87 -11.57 15.39
N ASP B 47 17.49 -11.23 14.26
CA ASP B 47 17.98 -9.86 14.06
C ASP B 47 16.88 -9.02 13.43
N LEU B 48 16.98 -7.70 13.60
CA LEU B 48 16.00 -6.77 13.08
C LEU B 48 16.43 -5.94 11.88
N VAL B 49 15.48 -5.73 10.97
CA VAL B 49 15.67 -4.88 9.79
C VAL B 49 14.48 -3.90 9.83
N TYR B 50 14.72 -2.59 9.80
CA TYR B 50 13.58 -1.64 9.77
C TYR B 50 13.89 -0.48 8.83
N GLY B 51 13.00 0.52 8.80
CA GLY B 51 13.17 1.65 7.90
C GLY B 51 14.05 2.82 8.32
N GLY B 52 14.76 2.68 9.44
CA GLY B 52 15.66 3.73 9.88
C GLY B 52 15.16 4.72 10.92
N GLY B 53 15.97 5.77 11.13
CA GLY B 53 15.62 6.81 12.08
C GLY B 53 15.54 6.36 13.52
N SER B 54 15.11 7.27 14.41
CA SER B 54 14.99 6.99 15.84
C SER B 54 13.63 7.36 16.40
N ILE B 55 12.74 7.90 15.57
CA ILE B 55 11.43 8.32 16.03
C ILE B 55 10.33 7.26 15.90
N GLY B 56 9.22 7.51 16.59
CA GLY B 56 8.06 6.63 16.55
C GLY B 56 8.32 5.24 17.11
N LEU B 57 7.56 4.27 16.61
CA LEU B 57 7.77 2.90 17.03
C LEU B 57 9.06 2.35 16.42
N MSE B 58 9.44 2.86 15.24
CA MSE B 58 10.67 2.39 14.58
C MSE B 58 11.85 2.46 15.55
O MSE B 58 12.65 1.53 15.62
CB MSE B 58 11.02 3.22 13.34
CG MSE B 58 10.69 2.53 12.00
SE MSE B 58 11.45 3.25 10.34
CE MSE B 58 10.21 4.63 9.89
N GLY B 59 11.91 3.56 16.30
CA GLY B 59 12.97 3.75 17.28
C GLY B 59 12.83 2.86 18.50
N LEU B 60 11.59 2.65 18.96
CA LEU B 60 11.32 1.82 20.12
C LEU B 60 11.68 0.34 19.89
N VAL B 61 11.38 -0.19 18.71
CA VAL B 61 11.72 -1.60 18.48
C VAL B 61 13.21 -1.79 18.14
N SER B 62 13.79 -0.95 17.28
CA SER B 62 15.20 -1.14 16.91
C SER B 62 16.14 -1.00 18.12
N GLN B 63 15.87 -0.01 18.98
CA GLN B 63 16.71 0.17 20.16
C GLN B 63 16.57 -1.02 21.13
N ALA B 64 15.34 -1.48 21.32
CA ALA B 64 15.12 -2.63 22.20
C ALA B 64 15.88 -3.85 21.67
N VAL B 65 15.96 -4.00 20.34
CA VAL B 65 16.70 -5.14 19.80
C VAL B 65 18.22 -4.94 19.86
N HIS B 66 18.71 -3.78 19.45
CA HIS B 66 20.16 -3.53 19.46
C HIS B 66 20.79 -3.69 20.86
N ASP B 67 20.15 -3.08 21.87
CA ASP B 67 20.64 -3.12 23.24
C ASP B 67 20.42 -4.48 23.87
N GLY B 68 19.71 -5.33 23.14
CA GLY B 68 19.44 -6.66 23.62
C GLY B 68 20.47 -7.68 23.17
N GLY B 69 21.35 -7.33 22.24
CA GLY B 69 22.35 -8.28 21.81
C GLY B 69 22.28 -8.75 20.38
N ARG B 70 21.12 -8.61 19.73
CA ARG B 70 21.02 -9.02 18.32
C ARG B 70 21.46 -7.88 17.39
N HIS B 71 21.56 -8.17 16.10
CA HIS B 71 21.95 -7.16 15.13
C HIS B 71 20.73 -6.41 14.62
N VAL B 72 20.98 -5.19 14.16
CA VAL B 72 19.96 -4.31 13.63
C VAL B 72 20.47 -3.61 12.35
N ILE B 73 19.64 -3.62 11.31
CA ILE B 73 19.94 -2.96 10.06
C ILE B 73 18.74 -2.08 9.68
N GLY B 74 18.98 -0.79 9.51
CA GLY B 74 17.95 0.15 9.11
C GLY B 74 18.29 0.67 7.74
N ILE B 75 17.42 0.40 6.76
CA ILE B 75 17.66 0.82 5.38
C ILE B 75 16.89 2.11 5.12
N ILE B 76 17.61 3.16 4.79
CA ILE B 76 17.00 4.47 4.58
C ILE B 76 17.25 5.06 3.19
N PRO B 77 16.49 6.11 2.85
CA PRO B 77 16.64 6.76 1.54
C PRO B 77 17.70 7.85 1.58
N LYS B 78 18.34 8.08 0.42
CA LYS B 78 19.37 9.09 0.23
C LYS B 78 20.74 8.68 0.73
N GLY B 87 15.79 11.58 13.00
CA GLY B 87 16.75 11.11 14.00
C GLY B 87 17.77 10.20 13.36
N GLU B 88 18.67 9.65 14.16
CA GLU B 88 19.71 8.76 13.65
C GLU B 88 19.30 7.29 13.71
N THR B 89 19.79 6.54 12.74
CA THR B 89 19.49 5.13 12.64
C THR B 89 20.40 4.36 13.58
N VAL B 90 19.86 3.30 14.17
CA VAL B 90 20.65 2.47 15.07
C VAL B 90 21.15 1.27 14.25
N GLY B 91 22.25 0.68 14.71
CA GLY B 91 22.81 -0.48 14.02
C GLY B 91 23.48 -0.13 12.69
N GLU B 92 23.23 -0.95 11.69
CA GLU B 92 23.80 -0.74 10.36
C GLU B 92 22.87 0.20 9.58
N VAL B 93 23.44 1.26 9.03
CA VAL B 93 22.70 2.21 8.25
C VAL B 93 22.98 2.00 6.77
N ARG B 94 22.03 1.38 6.07
CA ARG B 94 22.19 1.16 4.64
C ARG B 94 21.35 2.24 3.97
N ALA B 95 22.04 3.19 3.36
CA ALA B 95 21.41 4.32 2.67
C ALA B 95 21.41 4.02 1.19
N VAL B 96 20.24 4.09 0.56
CA VAL B 96 20.14 3.84 -0.87
C VAL B 96 20.04 5.17 -1.58
N ALA B 97 19.16 5.26 -2.58
CA ALA B 97 18.98 6.48 -3.35
C ALA B 97 17.52 6.94 -3.43
N ASP B 98 16.59 5.99 -3.52
CA ASP B 98 15.17 6.36 -3.63
C ASP B 98 14.30 5.54 -2.68
N MSE B 99 12.99 5.74 -2.77
CA MSE B 99 12.08 5.01 -1.91
C MSE B 99 11.81 3.59 -2.36
O MSE B 99 11.51 2.74 -1.53
CB MSE B 99 10.78 5.81 -1.76
CG MSE B 99 10.99 7.06 -0.91
SE MSE B 99 11.03 6.72 1.02
CE MSE B 99 12.60 5.59 1.23
N HIS B 100 11.90 3.32 -3.66
CA HIS B 100 11.69 1.96 -4.17
C HIS B 100 12.84 1.02 -3.77
N GLN B 101 14.08 1.46 -4.00
CA GLN B 101 15.25 0.64 -3.63
C GLN B 101 15.19 0.31 -2.12
N ARG B 102 14.98 1.33 -1.29
CA ARG B 102 14.92 1.11 0.17
C ARG B 102 13.84 0.11 0.54
N LYS B 103 12.86 -0.05 -0.34
CA LYS B 103 11.82 -1.02 -0.11
C LYS B 103 12.27 -2.37 -0.68
N ALA B 104 12.92 -2.36 -1.84
CA ALA B 104 13.39 -3.62 -2.38
C ALA B 104 14.46 -4.21 -1.46
N GLU B 105 15.40 -3.37 -1.03
CA GLU B 105 16.48 -3.86 -0.16
C GLU B 105 16.00 -4.41 1.17
N MSE B 106 14.99 -3.77 1.76
CA MSE B 106 14.48 -4.22 3.04
C MSE B 106 13.88 -5.60 2.89
O MSE B 106 14.05 -6.44 3.76
CB MSE B 106 13.40 -3.23 3.54
CG MSE B 106 13.17 -3.27 5.04
SE MSE B 106 13.06 -1.47 5.83
CE MSE B 106 11.18 -1.45 6.38
N ALA B 107 13.21 -5.83 1.76
CA ALA B 107 12.57 -7.11 1.53
C ALA B 107 13.55 -8.24 1.20
N LYS B 108 14.50 -7.99 0.31
CA LYS B 108 15.44 -9.03 -0.06
C LYS B 108 16.25 -9.53 1.14
N HIS B 109 16.75 -8.61 1.95
CA HIS B 109 17.59 -8.98 3.10
C HIS B 109 16.87 -9.50 4.31
N SER B 110 15.56 -9.72 4.16
CA SER B 110 14.73 -10.20 5.24
C SER B 110 14.10 -11.57 4.94
N ASP B 111 13.66 -12.27 5.99
CA ASP B 111 13.07 -13.59 5.83
C ASP B 111 11.59 -13.65 6.18
N ALA B 112 11.09 -12.62 6.86
CA ALA B 112 9.70 -12.52 7.26
C ALA B 112 9.46 -11.05 7.59
N PHE B 113 8.19 -10.68 7.74
CA PHE B 113 7.84 -9.29 8.01
C PHE B 113 6.83 -9.23 9.13
N ILE B 114 6.70 -8.05 9.75
CA ILE B 114 5.72 -7.78 10.79
C ILE B 114 5.37 -6.29 10.81
N ALA B 115 4.06 -6.01 10.85
CA ALA B 115 3.61 -4.63 10.93
C ALA B 115 3.00 -4.36 12.31
N LEU B 116 3.52 -3.34 12.99
CA LEU B 116 2.96 -2.87 14.26
C LEU B 116 2.01 -1.76 13.82
N PRO B 117 1.20 -1.22 14.74
CA PRO B 117 0.31 -0.13 14.39
C PRO B 117 1.18 1.01 13.84
N GLY B 118 0.82 1.47 12.64
CA GLY B 118 1.53 2.54 11.96
C GLY B 118 0.57 3.24 11.01
N GLY B 119 1.09 4.16 10.19
CA GLY B 119 0.26 4.91 9.26
C GLY B 119 0.48 4.57 7.80
N TYR B 120 -0.03 5.42 6.90
CA TYR B 120 0.05 5.16 5.44
C TYR B 120 1.34 4.51 4.96
N GLY B 121 2.49 4.99 5.44
CA GLY B 121 3.75 4.39 4.99
C GLY B 121 3.83 2.92 5.39
N THR B 122 3.73 2.64 6.69
CA THR B 122 3.78 1.26 7.16
C THR B 122 2.80 0.41 6.32
N LEU B 123 1.64 0.97 6.01
CA LEU B 123 0.64 0.22 5.21
C LEU B 123 1.09 0.03 3.74
N GLU B 124 1.73 1.05 3.17
CA GLU B 124 2.20 0.99 1.78
C GLU B 124 3.26 -0.10 1.60
N GLU B 125 4.19 -0.17 2.56
CA GLU B 125 5.27 -1.14 2.52
C GLU B 125 4.71 -2.54 2.67
N LEU B 126 3.89 -2.74 3.70
CA LEU B 126 3.31 -4.05 3.94
C LEU B 126 2.48 -4.50 2.74
N LEU B 127 1.60 -3.63 2.24
CA LEU B 127 0.75 -4.01 1.11
C LEU B 127 1.54 -4.30 -0.18
N GLU B 128 2.82 -3.96 -0.18
CA GLU B 128 3.64 -4.27 -1.37
C GLU B 128 4.22 -5.68 -1.18
N VAL B 129 4.68 -6.00 0.04
CA VAL B 129 5.21 -7.35 0.24
C VAL B 129 4.08 -8.37 0.07
N ILE B 130 2.88 -8.06 0.55
CA ILE B 130 1.74 -8.97 0.40
C ILE B 130 1.48 -9.21 -1.10
N THR B 131 1.45 -8.13 -1.87
CA THR B 131 1.21 -8.24 -3.31
C THR B 131 2.34 -9.03 -3.98
N TRP B 132 3.59 -8.78 -3.59
CA TRP B 132 4.71 -9.50 -4.21
C TRP B 132 4.62 -11.04 -4.10
N ALA B 133 4.36 -11.56 -2.90
CA ALA B 133 4.26 -13.01 -2.74
C ALA B 133 3.07 -13.51 -3.55
N GLN B 134 1.95 -12.77 -3.45
CA GLN B 134 0.74 -13.13 -4.18
C GLN B 134 1.10 -13.39 -5.63
N LEU B 135 2.01 -12.55 -6.13
CA LEU B 135 2.46 -12.66 -7.51
C LEU B 135 3.57 -13.71 -7.66
N GLY B 136 4.15 -14.14 -6.55
CA GLY B 136 5.19 -15.14 -6.65
C GLY B 136 6.56 -14.64 -6.28
N ILE B 137 6.76 -13.33 -6.28
CA ILE B 137 8.08 -12.78 -5.94
C ILE B 137 8.79 -13.49 -4.77
N HIS B 138 8.04 -14.01 -3.80
CA HIS B 138 8.66 -14.72 -2.68
C HIS B 138 7.55 -15.26 -1.81
N ASP B 139 7.86 -16.11 -0.85
CA ASP B 139 6.82 -16.64 0.02
C ASP B 139 7.24 -16.41 1.43
N LYS B 140 7.94 -15.30 1.66
CA LYS B 140 8.35 -14.99 3.01
C LYS B 140 7.08 -14.78 3.82
N PRO B 141 7.08 -15.21 5.08
CA PRO B 141 5.92 -15.04 5.95
C PRO B 141 5.58 -13.58 6.19
N VAL B 142 4.31 -13.23 6.04
CA VAL B 142 3.87 -11.86 6.30
C VAL B 142 3.07 -11.85 7.58
N GLY B 143 3.46 -10.98 8.52
CA GLY B 143 2.77 -10.92 9.80
C GLY B 143 2.12 -9.59 10.18
N LEU B 144 0.96 -9.69 10.82
CA LEU B 144 0.22 -8.52 11.26
C LEU B 144 0.03 -8.55 12.80
N LEU B 145 0.75 -7.68 13.53
CA LEU B 145 0.63 -7.63 15.01
C LEU B 145 -0.49 -6.66 15.35
N ASN B 146 -1.67 -7.22 15.59
CA ASN B 146 -2.86 -6.44 15.85
C ASN B 146 -3.17 -6.17 17.33
N VAL B 147 -2.40 -5.25 17.89
CA VAL B 147 -2.52 -4.84 19.28
C VAL B 147 -3.76 -4.00 19.52
N ASP B 148 -4.61 -4.51 20.39
CA ASP B 148 -5.86 -3.86 20.77
C ASP B 148 -6.79 -3.54 19.58
N GLY B 149 -6.85 -4.45 18.60
CA GLY B 149 -7.72 -4.30 17.43
C GLY B 149 -7.41 -3.11 16.54
N TYR B 150 -6.25 -2.48 16.73
CA TYR B 150 -5.87 -1.33 15.91
C TYR B 150 -6.06 -1.59 14.41
N TYR B 151 -5.79 -2.81 13.97
CA TYR B 151 -5.93 -3.17 12.54
C TYR B 151 -7.21 -3.88 12.14
N ASN B 152 -8.19 -4.00 13.04
CA ASN B 152 -9.40 -4.72 12.66
C ASN B 152 -10.13 -4.14 11.43
N SER B 153 -10.17 -2.81 11.30
CA SER B 153 -10.88 -2.24 10.15
C SER B 153 -10.16 -2.53 8.86
N LEU B 154 -8.85 -2.78 8.93
CA LEU B 154 -8.09 -3.08 7.71
C LEU B 154 -8.42 -4.49 7.31
N LEU B 155 -8.45 -5.38 8.30
CA LEU B 155 -8.75 -6.79 8.01
C LEU B 155 -10.16 -6.91 7.42
N SER B 156 -11.09 -6.09 7.91
CA SER B 156 -12.47 -6.14 7.37
C SER B 156 -12.47 -5.68 5.93
N PHE B 157 -11.69 -4.64 5.63
CA PHE B 157 -11.62 -4.20 4.25
C PHE B 157 -10.96 -5.29 3.39
N ILE B 158 -10.07 -6.10 3.97
CA ILE B 158 -9.42 -7.17 3.18
C ILE B 158 -10.45 -8.27 2.97
N ASP B 159 -11.54 -8.27 3.76
CA ASP B 159 -12.61 -9.27 3.60
C ASP B 159 -13.62 -8.79 2.53
N LYS B 160 -13.98 -7.52 2.62
CA LYS B 160 -14.89 -6.94 1.62
C LYS B 160 -14.22 -7.12 0.26
N ALA B 161 -12.90 -7.04 0.25
CA ALA B 161 -12.15 -7.25 -0.99
C ALA B 161 -12.42 -8.65 -1.55
N VAL B 162 -12.31 -9.67 -0.71
CA VAL B 162 -12.55 -11.03 -1.18
C VAL B 162 -14.04 -11.25 -1.54
N GLU B 163 -14.91 -10.49 -0.88
CA GLU B 163 -16.36 -10.62 -1.13
C GLU B 163 -16.72 -10.40 -2.60
N GLU B 164 -16.06 -9.44 -3.25
CA GLU B 164 -16.33 -9.15 -4.64
C GLU B 164 -15.38 -9.93 -5.58
N GLY B 165 -14.58 -10.81 -4.98
CA GLY B 165 -13.66 -11.64 -5.76
C GLY B 165 -12.48 -10.90 -6.36
N PHE B 166 -12.03 -9.82 -5.72
CA PHE B 166 -10.89 -9.06 -6.22
C PHE B 166 -9.59 -9.58 -5.66
N ILE B 167 -9.70 -10.59 -4.81
CA ILE B 167 -8.56 -11.25 -4.16
C ILE B 167 -9.13 -12.63 -3.84
N SER B 168 -8.45 -13.68 -4.27
CA SER B 168 -8.95 -15.03 -4.02
C SER B 168 -8.87 -15.34 -2.50
N PRO B 169 -9.81 -16.14 -1.99
CA PRO B 169 -9.76 -16.48 -0.58
C PRO B 169 -8.38 -16.97 -0.18
N THR B 170 -7.72 -17.69 -1.10
CA THR B 170 -6.37 -18.22 -0.85
C THR B 170 -5.42 -17.05 -0.53
N ALA B 171 -5.38 -16.06 -1.41
CA ALA B 171 -4.51 -14.92 -1.20
C ALA B 171 -4.99 -14.10 0.02
N ARG B 172 -6.19 -14.40 0.51
CA ARG B 172 -6.73 -13.71 1.68
C ARG B 172 -6.02 -14.20 2.95
N GLU B 173 -5.47 -15.42 2.92
CA GLU B 173 -4.77 -15.98 4.09
C GLU B 173 -3.36 -15.41 4.36
N ILE B 174 -2.66 -14.98 3.31
CA ILE B 174 -1.35 -14.38 3.49
C ILE B 174 -1.34 -13.54 4.80
N ILE B 175 -2.38 -12.76 5.04
CA ILE B 175 -2.39 -11.89 6.23
C ILE B 175 -2.58 -12.58 7.58
N VAL B 176 -1.49 -13.14 8.10
CA VAL B 176 -1.49 -13.83 9.40
C VAL B 176 -1.34 -12.81 10.51
N SER B 177 -2.27 -12.81 11.43
CA SER B 177 -2.21 -11.84 12.51
C SER B 177 -2.37 -12.45 13.89
N ALA B 178 -2.11 -11.63 14.91
CA ALA B 178 -2.25 -12.05 16.29
C ALA B 178 -2.28 -10.79 17.16
N PRO B 179 -2.70 -10.93 18.42
CA PRO B 179 -2.75 -9.77 19.30
C PRO B 179 -1.49 -9.41 20.06
N THR B 180 -0.53 -10.32 20.11
CA THR B 180 0.69 -10.02 20.86
C THR B 180 1.91 -10.52 20.12
N ALA B 181 3.05 -9.92 20.42
CA ALA B 181 4.29 -10.31 19.77
C ALA B 181 4.52 -11.81 19.89
N LYS B 182 4.30 -12.37 21.07
CA LYS B 182 4.51 -13.81 21.26
C LYS B 182 3.55 -14.67 20.42
N GLU B 183 2.26 -14.32 20.44
CA GLU B 183 1.31 -15.10 19.67
C GLU B 183 1.54 -14.96 18.17
N LEU B 184 2.30 -13.94 17.76
CA LEU B 184 2.54 -13.77 16.32
C LEU B 184 3.82 -14.45 15.85
N VAL B 185 4.91 -14.28 16.58
CA VAL B 185 6.12 -14.92 16.09
C VAL B 185 5.89 -16.41 16.02
N LYS B 186 5.24 -16.98 17.03
CA LYS B 186 4.98 -18.41 16.99
C LYS B 186 4.17 -18.76 15.72
N LYS B 187 3.14 -17.97 15.40
CA LYS B 187 2.35 -18.27 14.20
C LYS B 187 3.21 -18.24 12.94
N LEU B 188 4.13 -17.27 12.84
CA LEU B 188 4.96 -17.18 11.63
C LEU B 188 5.87 -18.40 11.51
N GLU B 189 6.45 -18.85 12.64
CA GLU B 189 7.32 -20.04 12.62
C GLU B 189 6.57 -21.18 11.90
N GLU B 190 5.24 -21.21 12.04
CA GLU B 190 4.34 -22.17 11.37
C GLU B 190 4.58 -23.67 11.56
N MSE A 8 -16.64 24.04 -21.58
CA MSE A 8 -16.61 25.32 -20.84
C MSE A 8 -15.29 25.53 -20.08
O MSE A 8 -14.34 26.09 -20.62
CB MSE A 8 -17.77 25.40 -19.84
CG MSE A 8 -18.33 26.82 -19.68
SE MSE A 8 -16.96 28.18 -19.65
CE MSE A 8 -16.36 27.99 -17.81
N GLN A 9 -15.25 25.10 -18.81
CA GLN A 9 -14.06 25.22 -17.98
C GLN A 9 -12.97 24.26 -18.46
N LYS A 10 -11.72 24.56 -18.15
CA LYS A 10 -10.60 23.72 -18.57
C LYS A 10 -10.08 22.83 -17.42
N SER A 11 -10.00 21.51 -17.65
CA SER A 11 -9.49 20.59 -16.62
C SER A 11 -7.99 20.76 -16.52
N LYS A 12 -7.46 20.73 -15.31
CA LYS A 12 -6.02 20.88 -15.12
C LYS A 12 -5.32 19.53 -15.36
N PHE A 13 -6.08 18.48 -15.69
CA PHE A 13 -5.48 17.17 -15.89
C PHE A 13 -5.33 16.71 -17.35
N ARG A 14 -4.10 16.49 -17.80
CA ARG A 14 -3.88 16.01 -19.16
C ARG A 14 -4.09 14.50 -19.12
N ARG A 15 -3.52 13.86 -18.09
CA ARG A 15 -3.65 12.43 -17.93
C ARG A 15 -3.93 12.07 -16.46
N ILE A 16 -4.79 11.09 -16.25
CA ILE A 16 -5.07 10.61 -14.89
C ILE A 16 -4.60 9.15 -14.80
N CYS A 17 -3.95 8.80 -13.70
CA CYS A 17 -3.48 7.43 -13.55
C CYS A 17 -4.56 6.69 -12.78
N VAL A 18 -5.07 5.58 -13.31
CA VAL A 18 -6.08 4.84 -12.60
C VAL A 18 -5.53 3.50 -12.12
N PHE A 19 -5.78 3.18 -10.85
CA PHE A 19 -5.35 1.90 -10.25
C PHE A 19 -6.57 0.98 -10.30
N CYS A 20 -6.59 -0.05 -11.12
CA CYS A 20 -7.77 -0.92 -11.11
C CYS A 20 -7.43 -2.38 -10.94
N GLY A 21 -8.39 -3.16 -10.44
CA GLY A 21 -8.14 -4.57 -10.25
C GLY A 21 -8.17 -5.30 -11.58
N SER A 22 -7.51 -6.46 -11.57
CA SER A 22 -7.45 -7.34 -12.74
C SER A 22 -8.75 -8.16 -12.75
N SER A 23 -9.47 -8.14 -11.62
CA SER A 23 -10.76 -8.81 -11.49
C SER A 23 -11.83 -7.77 -11.88
N GLN A 24 -13.03 -8.24 -12.22
CA GLN A 24 -14.11 -7.32 -12.58
C GLN A 24 -15.12 -7.14 -11.44
N GLY A 25 -14.97 -7.88 -10.36
CA GLY A 25 -15.89 -7.78 -9.24
C GLY A 25 -17.10 -8.68 -9.39
N LYS A 26 -17.85 -8.86 -8.30
CA LYS A 26 -19.03 -9.71 -8.31
C LYS A 26 -20.32 -8.89 -8.42
N LYS A 27 -20.19 -7.57 -8.50
CA LYS A 27 -21.35 -6.70 -8.61
C LYS A 27 -21.37 -5.93 -9.91
N SER A 28 -22.54 -5.84 -10.53
CA SER A 28 -22.65 -5.10 -11.78
C SER A 28 -22.28 -3.64 -11.55
N SER A 29 -22.59 -3.10 -10.38
CA SER A 29 -22.26 -1.70 -10.10
C SER A 29 -20.75 -1.43 -10.30
N TYR A 30 -19.94 -2.45 -10.12
CA TYR A 30 -18.49 -2.28 -10.29
C TYR A 30 -18.11 -2.12 -11.75
N GLN A 31 -18.65 -2.98 -12.61
CA GLN A 31 -18.31 -2.87 -14.04
C GLN A 31 -18.80 -1.55 -14.60
N ASP A 32 -20.05 -1.19 -14.28
CA ASP A 32 -20.61 0.08 -14.77
C ASP A 32 -19.77 1.23 -14.23
N ALA A 33 -19.15 1.00 -13.06
CA ALA A 33 -18.33 2.02 -12.45
C ALA A 33 -17.09 2.32 -13.30
N ALA A 34 -16.40 1.27 -13.72
CA ALA A 34 -15.21 1.48 -14.55
C ALA A 34 -15.53 2.23 -15.86
N VAL A 35 -16.51 1.74 -16.62
CA VAL A 35 -16.91 2.40 -17.86
C VAL A 35 -17.34 3.84 -17.55
N ASP A 36 -18.07 4.01 -16.46
CA ASP A 36 -18.53 5.34 -16.04
C ASP A 36 -17.32 6.25 -15.87
N LEU A 37 -16.17 5.66 -15.50
CA LEU A 37 -14.99 6.51 -15.36
C LEU A 37 -14.35 6.71 -16.71
N GLY A 38 -14.34 5.66 -17.54
CA GLY A 38 -13.74 5.81 -18.85
C GLY A 38 -14.47 6.90 -19.63
N ASN A 39 -15.79 6.84 -19.63
CA ASN A 39 -16.60 7.84 -20.35
C ASN A 39 -16.40 9.22 -19.78
N GLU A 40 -16.27 9.32 -18.45
CA GLU A 40 -16.07 10.61 -17.80
C GLU A 40 -14.76 11.27 -18.21
N LEU A 41 -13.67 10.49 -18.20
CA LEU A 41 -12.39 11.04 -18.63
C LEU A 41 -12.54 11.60 -20.05
N VAL A 42 -13.22 10.84 -20.90
CA VAL A 42 -13.44 11.28 -22.29
C VAL A 42 -14.21 12.61 -22.34
N SER A 43 -15.24 12.73 -21.52
CA SER A 43 -16.05 13.95 -21.53
C SER A 43 -15.24 15.16 -21.09
N ARG A 44 -14.28 14.94 -20.19
CA ARG A 44 -13.46 16.04 -19.71
C ARG A 44 -12.17 16.22 -20.49
N ASN A 45 -12.02 15.45 -21.56
CA ASN A 45 -10.83 15.51 -22.41
C ASN A 45 -9.53 15.17 -21.67
N ILE A 46 -9.65 14.21 -20.77
CA ILE A 46 -8.52 13.74 -19.98
C ILE A 46 -8.10 12.37 -20.55
N ASP A 47 -6.79 12.19 -20.76
CA ASP A 47 -6.24 10.94 -21.26
C ASP A 47 -5.94 9.99 -20.08
N LEU A 48 -5.82 8.69 -20.36
CA LEU A 48 -5.59 7.69 -19.32
C LEU A 48 -4.21 7.05 -19.23
N VAL A 49 -3.73 6.86 -17.99
CA VAL A 49 -2.49 6.14 -17.77
C VAL A 49 -2.92 5.00 -16.82
N TYR A 50 -2.80 3.76 -17.27
CA TYR A 50 -3.18 2.62 -16.47
C TYR A 50 -2.16 1.49 -16.55
N GLY A 51 -2.43 0.45 -15.77
CA GLY A 51 -1.54 -0.71 -15.67
C GLY A 51 -1.52 -1.70 -16.81
N GLY A 52 -2.20 -1.40 -17.91
CA GLY A 52 -2.18 -2.29 -19.07
C GLY A 52 -3.09 -3.50 -19.08
N GLY A 53 -3.68 -3.83 -17.94
CA GLY A 53 -4.57 -4.98 -17.90
C GLY A 53 -5.50 -5.09 -19.09
N SER A 54 -5.51 -6.28 -19.68
CA SER A 54 -6.34 -6.59 -20.82
C SER A 54 -7.79 -6.85 -20.35
N ILE A 55 -7.93 -7.46 -19.16
CA ILE A 55 -9.24 -7.80 -18.59
C ILE A 55 -9.54 -7.00 -17.33
N GLY A 56 -10.51 -7.46 -16.56
CA GLY A 56 -10.89 -6.79 -15.33
C GLY A 56 -11.39 -5.38 -15.53
N LEU A 57 -11.66 -4.70 -14.41
CA LEU A 57 -12.15 -3.33 -14.48
C LEU A 57 -11.13 -2.51 -15.28
N MSE A 58 -9.86 -2.94 -15.23
CA MSE A 58 -8.76 -2.30 -15.95
C MSE A 58 -9.23 -2.07 -17.40
O MSE A 58 -9.30 -0.93 -17.86
CB MSE A 58 -7.54 -3.22 -15.95
CG MSE A 58 -7.28 -3.92 -14.63
SE MSE A 58 -5.99 -5.41 -14.77
CE MSE A 58 -4.37 -4.31 -14.76
N GLY A 59 -9.56 -3.16 -18.08
CA GLY A 59 -10.00 -3.12 -19.46
C GLY A 59 -11.24 -2.25 -19.72
N LEU A 60 -12.23 -2.35 -18.82
CA LEU A 60 -13.46 -1.60 -18.97
C LEU A 60 -13.20 -0.07 -18.95
N VAL A 61 -12.24 0.38 -18.15
CA VAL A 61 -11.98 1.82 -18.13
C VAL A 61 -11.09 2.23 -19.30
N SER A 62 -10.11 1.42 -19.65
CA SER A 62 -9.23 1.81 -20.77
C SER A 62 -9.95 1.74 -22.12
N GLN A 63 -10.76 0.71 -22.32
CA GLN A 63 -11.51 0.57 -23.56
C GLN A 63 -12.52 1.72 -23.71
N ALA A 64 -13.13 2.14 -22.61
CA ALA A 64 -14.08 3.24 -22.68
C ALA A 64 -13.33 4.55 -23.05
N VAL A 65 -12.14 4.77 -22.49
CA VAL A 65 -11.38 5.97 -22.79
C VAL A 65 -11.00 6.01 -24.27
N HIS A 66 -10.56 4.88 -24.82
CA HIS A 66 -10.19 4.84 -26.23
C HIS A 66 -11.48 5.02 -27.07
N ASP A 67 -12.50 4.23 -26.80
CA ASP A 67 -13.76 4.33 -27.52
C ASP A 67 -14.28 5.77 -27.56
N GLY A 68 -13.92 6.52 -26.53
CA GLY A 68 -14.34 7.90 -26.45
C GLY A 68 -13.47 8.84 -27.26
N GLY A 69 -12.37 8.34 -27.81
CA GLY A 69 -11.49 9.17 -28.61
C GLY A 69 -10.20 9.64 -27.97
N ARG A 70 -9.99 9.26 -26.71
CA ARG A 70 -8.78 9.68 -26.00
C ARG A 70 -7.75 8.54 -26.06
N HIS A 71 -6.49 8.90 -25.86
CA HIS A 71 -5.43 7.93 -25.94
C HIS A 71 -5.26 7.18 -24.61
N VAL A 72 -4.86 5.93 -24.71
CA VAL A 72 -4.67 5.04 -23.56
C VAL A 72 -3.22 4.56 -23.56
N ILE A 73 -2.55 4.70 -22.41
CA ILE A 73 -1.17 4.25 -22.25
C ILE A 73 -1.20 3.17 -21.17
N GLY A 74 -0.93 1.92 -21.54
CA GLY A 74 -0.90 0.83 -20.57
C GLY A 74 0.58 0.53 -20.33
N ILE A 75 1.03 0.53 -19.08
CA ILE A 75 2.43 0.27 -18.79
C ILE A 75 2.55 -1.05 -18.05
N ILE A 76 3.37 -1.94 -18.60
CA ILE A 76 3.55 -3.27 -18.02
C ILE A 76 5.04 -3.57 -17.78
N PRO A 77 5.34 -4.59 -16.95
CA PRO A 77 6.73 -4.96 -16.67
C PRO A 77 7.14 -5.73 -17.92
N LYS A 78 8.41 -5.63 -18.33
CA LYS A 78 8.88 -6.29 -19.54
C LYS A 78 8.90 -7.83 -19.46
N THR A 79 8.65 -8.37 -18.27
CA THR A 79 8.65 -9.81 -18.09
C THR A 79 7.65 -10.47 -19.03
N LEU A 80 6.74 -9.67 -19.57
CA LEU A 80 5.74 -10.18 -20.50
C LEU A 80 5.56 -9.23 -21.67
N MSE A 81 5.85 -9.73 -22.86
CA MSE A 81 5.70 -8.94 -24.08
C MSE A 81 6.18 -7.50 -23.89
O MSE A 81 6.75 -6.90 -24.81
CB MSE A 81 4.23 -8.95 -24.49
CG MSE A 81 3.98 -9.21 -25.97
SE MSE A 81 4.45 -11.01 -26.55
CE MSE A 81 2.78 -11.89 -26.17
N VAL A 90 -6.81 -2.48 -26.19
CA VAL A 90 -6.34 -1.47 -27.14
C VAL A 90 -5.41 -0.51 -26.41
N GLY A 91 -5.00 0.55 -27.09
CA GLY A 91 -4.11 1.53 -26.51
C GLY A 91 -2.63 1.29 -26.73
N GLU A 92 -1.82 2.28 -26.37
CA GLU A 92 -0.37 2.15 -26.49
C GLU A 92 0.11 1.21 -25.38
N VAL A 93 0.92 0.21 -25.73
CA VAL A 93 1.43 -0.72 -24.73
C VAL A 93 2.91 -0.46 -24.50
N ARG A 94 3.29 -0.21 -23.24
CA ARG A 94 4.69 0.03 -22.92
C ARG A 94 5.22 -1.02 -21.93
N ALA A 95 6.42 -1.56 -22.19
CA ALA A 95 7.04 -2.56 -21.33
C ALA A 95 8.30 -1.94 -20.70
N VAL A 96 8.36 -1.93 -19.37
CA VAL A 96 9.50 -1.36 -18.68
C VAL A 96 10.13 -2.43 -17.73
N ALA A 97 11.39 -2.21 -17.39
CA ALA A 97 12.18 -3.11 -16.56
C ALA A 97 11.46 -3.95 -15.50
N ASP A 98 10.91 -3.31 -14.48
CA ASP A 98 10.24 -4.06 -13.42
C ASP A 98 9.02 -3.32 -12.89
N MSE A 99 8.37 -3.91 -11.90
CA MSE A 99 7.17 -3.33 -11.27
C MSE A 99 7.42 -1.93 -10.72
O MSE A 99 6.62 -1.03 -10.92
CB MSE A 99 6.69 -4.21 -10.13
CG MSE A 99 6.49 -5.66 -10.52
SE MSE A 99 5.72 -6.64 -9.06
CE MSE A 99 3.92 -5.94 -9.14
N HIS A 100 8.53 -1.75 -10.00
CA HIS A 100 8.86 -0.45 -9.45
C HIS A 100 9.02 0.56 -10.59
N GLN A 101 9.67 0.15 -11.67
CA GLN A 101 9.88 1.03 -12.84
C GLN A 101 8.51 1.32 -13.48
N ARG A 102 7.66 0.30 -13.48
CA ARG A 102 6.31 0.44 -14.00
C ARG A 102 5.53 1.47 -13.18
N LYS A 103 5.53 1.34 -11.85
CA LYS A 103 4.81 2.30 -11.00
C LYS A 103 5.37 3.71 -11.14
N ALA A 104 6.67 3.78 -11.40
CA ALA A 104 7.33 5.07 -11.58
C ALA A 104 6.94 5.71 -12.93
N GLU A 105 6.93 4.91 -14.00
CA GLU A 105 6.58 5.45 -15.30
C GLU A 105 5.08 5.71 -15.42
N MSE A 106 4.29 4.86 -14.77
CA MSE A 106 2.85 5.07 -14.79
C MSE A 106 2.52 6.34 -14.01
O MSE A 106 1.44 6.91 -14.17
CB MSE A 106 2.13 3.89 -14.14
CG MSE A 106 0.80 3.54 -14.75
SE MSE A 106 0.24 1.84 -14.02
CE MSE A 106 -1.12 2.45 -12.78
N ALA A 107 3.43 6.76 -13.15
CA ALA A 107 3.18 7.94 -12.35
C ALA A 107 3.74 9.17 -13.05
N LYS A 108 5.01 9.08 -13.42
CA LYS A 108 5.69 10.18 -14.09
C LYS A 108 4.85 10.84 -15.19
N HIS A 109 4.02 10.04 -15.85
CA HIS A 109 3.23 10.58 -16.93
C HIS A 109 1.79 10.91 -16.56
N SER A 110 1.51 11.03 -15.27
CA SER A 110 0.14 11.34 -14.86
C SER A 110 0.07 12.59 -14.01
N ASP A 111 -1.11 13.23 -14.02
CA ASP A 111 -1.34 14.45 -13.27
C ASP A 111 -2.15 14.25 -12.01
N ALA A 112 -2.81 13.08 -11.91
CA ALA A 112 -3.61 12.73 -10.75
C ALA A 112 -3.80 11.20 -10.80
N PHE A 113 -4.32 10.63 -9.72
CA PHE A 113 -4.51 9.18 -9.61
C PHE A 113 -5.92 8.87 -9.16
N ILE A 114 -6.48 7.77 -9.67
CA ILE A 114 -7.83 7.34 -9.27
C ILE A 114 -7.87 5.83 -9.03
N ALA A 115 -8.37 5.41 -7.86
CA ALA A 115 -8.50 3.99 -7.58
C ALA A 115 -9.96 3.62 -7.39
N LEU A 116 -10.45 2.77 -8.27
CA LEU A 116 -11.80 2.25 -8.12
C LEU A 116 -11.46 1.00 -7.30
N PRO A 117 -12.44 0.11 -7.07
CA PRO A 117 -12.22 -1.12 -6.32
C PRO A 117 -11.04 -1.88 -6.97
N GLY A 118 -10.44 -2.81 -6.22
CA GLY A 118 -9.34 -3.60 -6.75
C GLY A 118 -8.73 -4.47 -5.66
N GLY A 119 -7.75 -5.29 -6.03
CA GLY A 119 -7.09 -6.20 -5.09
C GLY A 119 -5.84 -5.61 -4.41
N TYR A 120 -4.95 -6.51 -3.95
CA TYR A 120 -3.74 -6.03 -3.26
C TYR A 120 -2.87 -5.16 -4.15
N GLY A 121 -2.93 -5.40 -5.46
CA GLY A 121 -2.13 -4.59 -6.38
C GLY A 121 -2.60 -3.13 -6.44
N THR A 122 -3.90 -2.95 -6.35
CA THR A 122 -4.54 -1.63 -6.37
C THR A 122 -4.23 -0.85 -5.10
N LEU A 123 -4.44 -1.50 -3.95
CA LEU A 123 -4.19 -0.87 -2.66
C LEU A 123 -2.72 -0.44 -2.46
N GLU A 124 -1.79 -1.32 -2.81
CA GLU A 124 -0.35 -1.03 -2.67
C GLU A 124 0.07 0.18 -3.55
N GLU A 125 -0.41 0.20 -4.79
CA GLU A 125 -0.09 1.29 -5.73
C GLU A 125 -0.69 2.55 -5.18
N LEU A 126 -1.94 2.46 -4.73
CA LEU A 126 -2.66 3.59 -4.17
C LEU A 126 -2.01 4.11 -2.86
N LEU A 127 -1.56 3.19 -2.00
CA LEU A 127 -0.97 3.61 -0.72
C LEU A 127 0.38 4.30 -0.93
N GLU A 128 1.09 3.90 -1.97
CA GLU A 128 2.36 4.55 -2.25
C GLU A 128 2.20 6.02 -2.71
N VAL A 129 1.27 6.27 -3.62
CA VAL A 129 1.10 7.64 -4.11
C VAL A 129 0.42 8.56 -3.09
N ILE A 130 0.08 8.03 -1.90
CA ILE A 130 -0.56 8.80 -0.83
C ILE A 130 0.51 9.16 0.20
N THR A 131 1.32 8.16 0.56
CA THR A 131 2.36 8.43 1.54
C THR A 131 3.32 9.44 0.93
N TRP A 132 3.52 9.36 -0.39
CA TRP A 132 4.41 10.29 -1.09
C TRP A 132 3.79 11.70 -1.14
N ALA A 133 2.45 11.77 -1.19
CA ALA A 133 1.75 13.06 -1.19
C ALA A 133 1.79 13.58 0.23
N GLN A 134 1.92 12.65 1.18
CA GLN A 134 1.98 12.99 2.59
C GLN A 134 3.33 13.55 2.94
N LEU A 135 4.37 12.97 2.33
CA LEU A 135 5.73 13.38 2.59
C LEU A 135 6.16 14.61 1.79
N GLY A 136 5.93 14.59 0.48
CA GLY A 136 6.33 15.71 -0.36
C GLY A 136 6.98 15.31 -1.66
N ILE A 137 6.87 14.04 -2.03
CA ILE A 137 7.48 13.59 -3.28
C ILE A 137 6.72 14.10 -4.49
N HIS A 138 5.40 14.30 -4.35
CA HIS A 138 4.63 14.87 -5.43
C HIS A 138 3.46 15.59 -4.77
N ASP A 139 2.72 16.36 -5.54
CA ASP A 139 1.63 17.09 -4.97
C ASP A 139 0.33 16.85 -5.70
N LYS A 140 0.32 15.80 -6.50
CA LYS A 140 -0.83 15.41 -7.30
C LYS A 140 -1.99 14.92 -6.40
N PRO A 141 -3.25 15.25 -6.75
CA PRO A 141 -4.38 14.81 -5.92
C PRO A 141 -4.51 13.27 -5.84
N VAL A 142 -5.59 12.77 -5.22
CA VAL A 142 -5.80 11.30 -5.14
C VAL A 142 -7.30 10.96 -5.29
N GLY A 143 -7.62 10.02 -6.15
CA GLY A 143 -9.03 9.71 -6.33
C GLY A 143 -9.47 8.29 -5.99
N LEU A 144 -10.34 8.21 -4.99
CA LEU A 144 -10.90 6.93 -4.56
C LEU A 144 -12.34 6.83 -5.08
N LEU A 145 -12.54 5.99 -6.08
CA LEU A 145 -13.85 5.76 -6.63
C LEU A 145 -14.46 4.69 -5.74
N ASN A 146 -15.22 5.14 -4.76
CA ASN A 146 -15.79 4.27 -3.75
C ASN A 146 -17.24 3.84 -4.03
N VAL A 147 -17.43 3.08 -5.10
CA VAL A 147 -18.75 2.59 -5.48
C VAL A 147 -19.29 1.63 -4.44
N ASP A 148 -20.52 1.88 -4.01
CA ASP A 148 -21.19 1.07 -2.99
C ASP A 148 -20.35 0.82 -1.74
N GLY A 149 -19.68 1.86 -1.27
CA GLY A 149 -18.87 1.74 -0.07
C GLY A 149 -17.81 0.67 -0.02
N TYR A 150 -17.40 0.15 -1.18
CA TYR A 150 -16.39 -0.90 -1.27
C TYR A 150 -15.15 -0.63 -0.38
N TYR A 151 -14.78 0.65 -0.22
CA TYR A 151 -13.60 1.07 0.55
C TYR A 151 -13.90 1.72 1.91
N ASN A 152 -15.12 1.58 2.44
CA ASN A 152 -15.45 2.23 3.73
C ASN A 152 -14.60 1.78 4.92
N SER A 153 -14.33 0.46 5.00
CA SER A 153 -13.50 -0.05 6.11
C SER A 153 -12.06 0.48 6.01
N LEU A 154 -11.60 0.73 4.79
CA LEU A 154 -10.25 1.28 4.60
C LEU A 154 -10.35 2.73 5.08
N LEU A 155 -11.38 3.46 4.63
CA LEU A 155 -11.54 4.85 5.06
C LEU A 155 -11.69 4.92 6.58
N SER A 156 -12.43 3.98 7.17
CA SER A 156 -12.60 3.92 8.63
C SER A 156 -11.30 3.51 9.31
N PHE A 157 -10.45 2.74 8.62
CA PHE A 157 -9.17 2.38 9.23
C PHE A 157 -8.28 3.65 9.27
N ILE A 158 -8.39 4.50 8.24
CA ILE A 158 -7.60 5.72 8.25
C ILE A 158 -8.06 6.59 9.41
N ASP A 159 -9.37 6.78 9.56
CA ASP A 159 -9.89 7.56 10.67
C ASP A 159 -9.29 7.02 11.98
N LYS A 160 -9.22 5.70 12.13
CA LYS A 160 -8.67 5.08 13.33
C LYS A 160 -7.23 5.52 13.54
N ALA A 161 -6.47 5.52 12.44
CA ALA A 161 -5.07 5.90 12.46
C ALA A 161 -4.91 7.26 13.13
N VAL A 162 -5.61 8.25 12.62
CA VAL A 162 -5.52 9.60 13.20
C VAL A 162 -6.00 9.47 14.64
N GLU A 163 -7.15 8.82 14.80
CA GLU A 163 -7.73 8.62 16.13
C GLU A 163 -6.71 7.98 17.09
N GLU A 164 -5.61 7.41 16.59
CA GLU A 164 -4.65 6.81 17.53
C GLU A 164 -3.27 7.48 17.42
N GLY A 165 -3.19 8.55 16.62
CA GLY A 165 -1.96 9.31 16.50
C GLY A 165 -0.87 8.89 15.50
N PHE A 166 -1.27 8.31 14.37
CA PHE A 166 -0.30 7.90 13.34
C PHE A 166 -0.46 8.59 11.97
N ILE A 167 -1.57 9.30 11.78
CA ILE A 167 -1.83 10.04 10.54
C ILE A 167 -2.43 11.40 10.95
N SER A 168 -2.08 12.46 10.21
CA SER A 168 -2.61 13.79 10.56
C SER A 168 -3.91 14.08 9.83
N PRO A 169 -4.76 14.99 10.37
CA PRO A 169 -6.02 15.30 9.68
C PRO A 169 -5.76 15.71 8.23
N THR A 170 -4.80 16.62 8.03
CA THR A 170 -4.42 17.08 6.70
C THR A 170 -3.97 15.88 5.85
N ALA A 171 -3.06 15.05 6.35
CA ALA A 171 -2.63 13.89 5.57
C ALA A 171 -3.81 12.94 5.43
N ARG A 172 -4.57 12.78 6.52
CA ARG A 172 -5.73 11.91 6.42
C ARG A 172 -6.64 12.44 5.32
N GLU A 173 -6.68 13.77 5.14
CA GLU A 173 -7.57 14.30 4.10
C GLU A 173 -7.02 14.38 2.71
N ILE A 174 -5.91 13.68 2.45
CA ILE A 174 -5.33 13.65 1.09
C ILE A 174 -6.27 12.86 0.17
N ILE A 175 -6.97 11.86 0.72
CA ILE A 175 -7.85 11.05 -0.13
C ILE A 175 -9.12 11.77 -0.50
N VAL A 176 -9.40 11.82 -1.78
CA VAL A 176 -10.62 12.44 -2.27
C VAL A 176 -11.51 11.32 -2.86
N SER A 177 -12.67 11.07 -2.26
CA SER A 177 -13.53 10.00 -2.74
C SER A 177 -14.99 10.39 -2.94
N ALA A 178 -15.65 9.68 -3.84
CA ALA A 178 -17.06 9.93 -4.14
C ALA A 178 -17.61 8.62 -4.71
N PRO A 179 -18.94 8.49 -4.84
CA PRO A 179 -19.58 7.27 -5.38
C PRO A 179 -19.63 7.15 -6.92
N THR A 180 -19.38 8.22 -7.64
CA THR A 180 -19.40 8.15 -9.10
C THR A 180 -18.18 8.81 -9.72
N ALA A 181 -17.85 8.38 -10.92
CA ALA A 181 -16.69 8.93 -11.60
C ALA A 181 -16.89 10.40 -12.00
N LYS A 182 -18.03 10.71 -12.62
CA LYS A 182 -18.29 12.08 -13.02
C LYS A 182 -18.01 13.02 -11.86
N GLU A 183 -18.58 12.71 -10.69
CA GLU A 183 -18.38 13.52 -9.50
C GLU A 183 -16.91 13.50 -9.02
N LEU A 184 -16.27 12.33 -9.12
CA LEU A 184 -14.89 12.21 -8.64
C LEU A 184 -13.92 13.27 -9.12
N VAL A 185 -13.86 13.42 -10.44
CA VAL A 185 -12.96 14.39 -11.01
C VAL A 185 -13.30 15.80 -10.48
N LYS A 186 -14.59 16.07 -10.27
CA LYS A 186 -14.96 17.39 -9.75
C LYS A 186 -14.26 17.63 -8.43
N LYS A 187 -14.04 16.57 -7.65
CA LYS A 187 -13.35 16.77 -6.38
C LYS A 187 -11.81 16.64 -6.51
N LEU A 188 -11.31 16.03 -7.60
CA LEU A 188 -9.86 15.90 -7.79
C LEU A 188 -9.18 17.26 -7.97
N GLU A 189 -9.76 18.13 -8.80
CA GLU A 189 -9.16 19.45 -9.02
C GLU A 189 -8.79 20.02 -7.63
N GLU A 190 -9.55 19.58 -6.63
CA GLU A 190 -9.46 19.95 -5.23
C GLU A 190 -9.62 21.44 -4.92
N LYS B 10 16.60 -23.41 16.45
CA LYS B 10 15.67 -22.53 17.20
C LYS B 10 14.68 -21.87 16.22
N SER B 11 15.11 -20.79 15.57
CA SER B 11 14.26 -20.08 14.60
C SER B 11 14.73 -20.35 13.17
N LYS B 12 13.84 -20.16 12.21
CA LYS B 12 14.22 -20.35 10.82
C LYS B 12 14.57 -19.00 10.19
N PHE B 13 14.22 -17.92 10.88
CA PHE B 13 14.49 -16.59 10.35
C PHE B 13 15.83 -16.02 10.85
N ARG B 14 16.63 -15.45 9.95
CA ARG B 14 17.87 -14.81 10.41
C ARG B 14 17.56 -13.34 10.65
N ARG B 15 16.60 -12.82 9.88
CA ARG B 15 16.19 -11.44 9.97
C ARG B 15 14.72 -11.26 9.60
N ILE B 16 14.00 -10.48 10.42
CA ILE B 16 12.61 -10.15 10.16
C ILE B 16 12.56 -8.65 10.00
N CYS B 17 11.87 -8.21 8.96
CA CYS B 17 11.73 -6.80 8.66
C CYS B 17 10.48 -6.33 9.36
N VAL B 18 10.59 -5.28 10.17
CA VAL B 18 9.43 -4.76 10.88
C VAL B 18 9.08 -3.39 10.33
N PHE B 19 7.78 -3.22 10.02
CA PHE B 19 7.25 -1.96 9.52
C PHE B 19 6.49 -1.31 10.67
N CYS B 20 6.65 0.00 10.82
CA CYS B 20 5.96 0.70 11.90
C CYS B 20 6.01 2.21 11.71
N GLY B 21 4.97 2.87 12.23
CA GLY B 21 4.86 4.31 12.12
C GLY B 21 5.99 5.06 12.82
N SER B 22 6.24 6.26 12.30
CA SER B 22 7.25 7.19 12.81
C SER B 22 6.77 7.72 14.18
N SER B 23 5.45 7.71 14.36
CA SER B 23 4.83 8.18 15.58
C SER B 23 4.83 7.09 16.64
N GLN B 24 4.69 7.49 17.91
CA GLN B 24 4.67 6.53 19.00
C GLN B 24 3.27 6.01 19.33
N GLY B 25 2.25 6.78 18.96
CA GLY B 25 0.90 6.36 19.23
C GLY B 25 0.40 6.80 20.58
N LYS B 26 -0.84 7.29 20.65
CA LYS B 26 -1.39 7.79 21.91
C LYS B 26 -1.74 6.68 22.89
N LYS B 27 -1.23 5.49 22.66
CA LYS B 27 -1.55 4.41 23.56
C LYS B 27 -0.31 3.76 24.12
N SER B 28 -0.42 3.31 25.36
CA SER B 28 0.68 2.65 26.03
C SER B 28 0.86 1.21 25.59
N SER B 29 -0.20 0.60 25.06
CA SER B 29 -0.10 -0.79 24.61
C SER B 29 0.74 -0.93 23.34
N TYR B 30 0.50 -0.06 22.35
CA TYR B 30 1.25 -0.13 21.09
C TYR B 30 2.76 0.06 21.32
N GLN B 31 3.11 0.94 22.24
CA GLN B 31 4.51 1.21 22.55
C GLN B 31 5.10 -0.01 23.26
N ASP B 32 4.33 -0.64 24.15
CA ASP B 32 4.84 -1.84 24.83
C ASP B 32 4.97 -3.01 23.84
N ALA B 33 4.16 -3.01 22.77
CA ALA B 33 4.22 -4.07 21.78
C ALA B 33 5.55 -4.05 21.03
N ALA B 34 5.90 -2.87 20.51
CA ALA B 34 7.15 -2.68 19.75
C ALA B 34 8.33 -3.25 20.54
N VAL B 35 8.25 -3.10 21.86
CA VAL B 35 9.30 -3.57 22.77
C VAL B 35 9.19 -5.08 22.94
N ASP B 36 7.99 -5.56 23.22
CA ASP B 36 7.78 -6.99 23.39
C ASP B 36 8.12 -7.75 22.10
N LEU B 37 8.09 -7.04 20.96
CA LEU B 37 8.42 -7.68 19.70
C LEU B 37 9.94 -7.72 19.55
N GLY B 38 10.59 -6.61 19.91
CA GLY B 38 12.03 -6.54 19.86
C GLY B 38 12.65 -7.58 20.81
N ASN B 39 11.97 -7.91 21.91
CA ASN B 39 12.51 -8.90 22.86
C ASN B 39 12.30 -10.31 22.33
N GLU B 40 11.36 -10.47 21.40
CA GLU B 40 11.09 -11.79 20.84
C GLU B 40 12.18 -12.12 19.83
N LEU B 41 12.54 -11.15 19.00
CA LEU B 41 13.60 -11.34 18.01
C LEU B 41 14.92 -11.71 18.71
N VAL B 42 15.36 -10.86 19.63
CA VAL B 42 16.59 -11.07 20.39
C VAL B 42 16.63 -12.45 21.04
N SER B 43 15.49 -12.85 21.60
CA SER B 43 15.41 -14.14 22.27
C SER B 43 15.54 -15.29 21.30
N ARG B 44 14.93 -15.12 20.14
CA ARG B 44 14.94 -16.15 19.12
C ARG B 44 16.16 -16.00 18.26
N ASN B 45 17.07 -15.12 18.67
CA ASN B 45 18.30 -14.89 17.93
C ASN B 45 18.09 -14.56 16.44
N ILE B 46 17.18 -13.65 16.15
CA ILE B 46 16.90 -13.26 14.77
C ILE B 46 17.30 -11.80 14.72
N ASP B 47 17.92 -11.32 13.63
CA ASP B 47 18.30 -9.90 13.57
C ASP B 47 17.11 -9.06 13.09
N LEU B 48 17.19 -7.73 13.28
CA LEU B 48 16.12 -6.82 12.89
C LEU B 48 16.39 -5.91 11.71
N VAL B 49 15.50 -5.97 10.71
CA VAL B 49 15.61 -5.04 9.59
C VAL B 49 14.46 -4.04 9.76
N TYR B 50 14.68 -2.76 9.47
CA TYR B 50 13.57 -1.79 9.56
C TYR B 50 13.86 -0.54 8.73
N GLY B 51 12.96 0.43 8.77
CA GLY B 51 13.11 1.64 7.98
C GLY B 51 14.08 2.68 8.50
N GLY B 52 14.70 2.40 9.63
CA GLY B 52 15.70 3.33 10.17
C GLY B 52 15.19 4.39 11.13
N GLY B 53 16.14 4.98 11.85
CA GLY B 53 15.78 6.01 12.80
C GLY B 53 15.56 5.52 14.21
N SER B 54 15.35 6.46 15.12
CA SER B 54 15.19 6.11 16.50
C SER B 54 13.97 6.76 17.11
N ILE B 55 13.05 7.21 16.27
CA ILE B 55 11.83 7.83 16.75
C ILE B 55 10.59 6.97 16.53
N GLY B 56 9.61 7.16 17.40
CA GLY B 56 8.34 6.46 17.29
C GLY B 56 8.31 5.01 17.72
N LEU B 57 7.41 4.24 17.12
CA LEU B 57 7.34 2.84 17.45
C LEU B 57 8.62 2.18 16.94
N MSE B 58 9.18 2.71 15.86
CA MSE B 58 10.41 2.14 15.28
C MSE B 58 11.56 2.20 16.31
O MSE B 58 12.25 1.21 16.55
CB MSE B 58 10.85 2.92 14.03
CG MSE B 58 9.71 3.30 13.10
SE MSE B 58 10.14 4.74 11.87
CE MSE B 58 10.71 3.69 10.32
N GLY B 59 11.77 3.38 16.86
CA GLY B 59 12.82 3.58 17.84
C GLY B 59 12.75 2.55 18.96
N LEU B 60 11.53 2.19 19.35
CA LEU B 60 11.31 1.20 20.39
C LEU B 60 11.66 -0.23 19.90
N VAL B 61 11.26 -0.60 18.69
CA VAL B 61 11.63 -1.95 18.25
C VAL B 61 13.11 -2.03 17.84
N SER B 62 13.74 -0.89 17.55
CA SER B 62 15.13 -0.96 17.13
C SER B 62 16.05 -0.86 18.35
N GLN B 63 15.68 -0.01 19.32
CA GLN B 63 16.46 0.13 20.55
C GLN B 63 16.39 -1.18 21.36
N ALA B 64 15.21 -1.77 21.45
CA ALA B 64 15.04 -3.02 22.20
C ALA B 64 15.90 -4.13 21.59
N VAL B 65 15.89 -4.26 20.27
CA VAL B 65 16.70 -5.29 19.62
C VAL B 65 18.20 -4.98 19.78
N HIS B 66 18.55 -3.71 19.73
CA HIS B 66 19.96 -3.35 19.88
C HIS B 66 20.43 -3.64 21.31
N ASP B 67 19.66 -3.11 22.28
CA ASP B 67 19.97 -3.28 23.70
C ASP B 67 20.15 -4.74 24.05
N GLY B 68 19.29 -5.58 23.47
CA GLY B 68 19.38 -6.99 23.73
C GLY B 68 20.61 -7.64 23.12
N GLY B 69 21.40 -6.88 22.36
CA GLY B 69 22.60 -7.42 21.79
C GLY B 69 22.46 -8.02 20.41
N ARG B 70 21.40 -7.68 19.69
CA ARG B 70 21.27 -8.22 18.35
C ARG B 70 21.63 -7.15 17.31
N HIS B 71 21.91 -7.59 16.10
CA HIS B 71 22.27 -6.67 15.02
C HIS B 71 21.03 -6.11 14.36
N VAL B 72 20.86 -4.80 14.47
CA VAL B 72 19.76 -4.08 13.87
C VAL B 72 20.23 -3.35 12.61
N ILE B 73 19.68 -3.72 11.45
CA ILE B 73 20.01 -3.05 10.21
C ILE B 73 18.88 -2.07 9.88
N GLY B 74 19.22 -0.81 9.71
CA GLY B 74 18.23 0.20 9.36
C GLY B 74 18.45 0.61 7.92
N ILE B 75 17.39 0.52 7.10
CA ILE B 75 17.48 0.88 5.69
C ILE B 75 16.75 2.21 5.49
N ILE B 76 17.46 3.19 4.96
CA ILE B 76 16.91 4.54 4.77
C ILE B 76 17.18 5.12 3.39
N PRO B 77 16.26 5.98 2.91
CA PRO B 77 16.43 6.59 1.59
C PRO B 77 17.41 7.78 1.63
N LYS B 78 18.11 7.99 0.52
CA LYS B 78 19.09 9.07 0.35
C LYS B 78 20.45 8.77 0.97
N GLY B 87 16.02 11.46 13.01
CA GLY B 87 16.83 10.91 14.11
C GLY B 87 17.87 9.93 13.59
N GLU B 88 18.66 9.37 14.50
CA GLU B 88 19.72 8.43 14.14
C GLU B 88 19.29 6.95 14.14
N THR B 89 19.96 6.17 13.32
CA THR B 89 19.70 4.75 13.18
C THR B 89 20.72 3.97 14.01
N VAL B 90 20.25 3.04 14.83
CA VAL B 90 21.17 2.24 15.63
C VAL B 90 21.68 1.08 14.79
N GLY B 91 22.72 0.41 15.27
CA GLY B 91 23.30 -0.71 14.55
C GLY B 91 23.89 -0.31 13.21
N GLU B 92 23.64 -1.15 12.21
CA GLU B 92 24.12 -0.94 10.85
C GLU B 92 23.10 -0.15 10.06
N VAL B 93 23.58 0.76 9.20
CA VAL B 93 22.71 1.58 8.38
C VAL B 93 23.03 1.34 6.89
N ARG B 94 21.99 1.11 6.08
CA ARG B 94 22.17 0.90 4.64
C ARG B 94 21.27 1.86 3.90
N ALA B 95 21.84 2.67 3.02
CA ALA B 95 21.05 3.60 2.25
C ALA B 95 20.59 2.97 0.95
N VAL B 96 19.50 3.50 0.40
CA VAL B 96 18.92 2.98 -0.84
C VAL B 96 18.64 4.12 -1.79
N ALA B 97 18.91 3.87 -3.05
CA ALA B 97 18.74 4.86 -4.11
C ALA B 97 17.40 5.59 -4.03
N ASP B 98 16.35 4.89 -3.63
CA ASP B 98 15.05 5.54 -3.53
C ASP B 98 14.06 4.76 -2.68
N MSE B 99 12.85 5.29 -2.54
CA MSE B 99 11.86 4.62 -1.73
C MSE B 99 11.58 3.21 -2.26
O MSE B 99 11.23 2.31 -1.47
CB MSE B 99 10.58 5.46 -1.68
CG MSE B 99 10.79 6.84 -1.06
SE MSE B 99 11.46 6.78 0.80
CE MSE B 99 9.84 6.20 1.72
N HIS B 100 11.73 3.02 -3.57
CA HIS B 100 11.52 1.67 -4.13
C HIS B 100 12.69 0.78 -3.72
N GLN B 101 13.90 1.28 -3.95
CA GLN B 101 15.12 0.57 -3.56
C GLN B 101 15.05 0.23 -2.06
N ARG B 102 14.47 1.12 -1.26
CA ARG B 102 14.35 0.87 0.17
C ARG B 102 13.55 -0.41 0.45
N LYS B 103 12.29 -0.40 0.03
CA LYS B 103 11.45 -1.57 0.25
C LYS B 103 12.08 -2.81 -0.41
N ALA B 104 12.67 -2.63 -1.59
CA ALA B 104 13.31 -3.75 -2.28
C ALA B 104 14.38 -4.33 -1.36
N GLU B 105 15.23 -3.46 -0.83
CA GLU B 105 16.30 -3.93 0.05
C GLU B 105 15.74 -4.40 1.39
N MSE B 106 14.56 -3.92 1.76
CA MSE B 106 14.01 -4.37 3.04
C MSE B 106 13.64 -5.84 2.91
O MSE B 106 14.11 -6.66 3.70
CB MSE B 106 12.78 -3.54 3.44
CG MSE B 106 13.09 -2.06 3.66
SE MSE B 106 11.50 -0.97 4.11
CE MSE B 106 11.46 -1.30 6.02
N ALA B 107 12.84 -6.17 1.91
CA ALA B 107 12.39 -7.55 1.70
C ALA B 107 13.52 -8.54 1.39
N LYS B 108 14.42 -8.16 0.49
CA LYS B 108 15.51 -9.05 0.11
C LYS B 108 16.26 -9.61 1.33
N HIS B 109 16.83 -8.71 2.13
CA HIS B 109 17.62 -9.10 3.29
C HIS B 109 16.83 -9.61 4.47
N SER B 110 15.53 -9.78 4.26
CA SER B 110 14.65 -10.24 5.32
C SER B 110 14.02 -11.60 5.00
N ASP B 111 13.57 -12.29 6.06
CA ASP B 111 12.96 -13.61 5.90
C ASP B 111 11.53 -13.66 6.45
N ALA B 112 10.92 -12.51 6.70
CA ALA B 112 9.56 -12.44 7.23
C ALA B 112 9.29 -10.98 7.63
N PHE B 113 8.02 -10.66 7.83
CA PHE B 113 7.60 -9.30 8.18
C PHE B 113 6.54 -9.29 9.25
N ILE B 114 6.71 -8.43 10.27
CA ILE B 114 5.74 -8.30 11.35
C ILE B 114 5.38 -6.85 11.39
N ALA B 115 4.41 -6.42 10.59
CA ALA B 115 4.07 -4.99 10.66
C ALA B 115 3.40 -4.69 12.00
N LEU B 116 3.89 -3.67 12.67
CA LEU B 116 3.30 -3.17 13.91
C LEU B 116 2.35 -2.05 13.43
N PRO B 117 1.55 -1.48 14.37
CA PRO B 117 0.67 -0.39 13.99
C PRO B 117 1.49 0.71 13.26
N GLY B 118 0.84 1.46 12.38
CA GLY B 118 1.51 2.52 11.64
C GLY B 118 0.49 3.32 10.83
N GLY B 119 0.97 4.23 9.98
CA GLY B 119 0.07 5.04 9.20
C GLY B 119 0.12 4.69 7.73
N TYR B 120 0.43 5.67 6.89
CA TYR B 120 0.44 5.36 5.45
C TYR B 120 1.67 4.57 5.02
N GLY B 121 2.84 5.00 5.47
CA GLY B 121 4.07 4.33 5.10
C GLY B 121 4.09 2.88 5.59
N THR B 122 3.69 2.68 6.83
CA THR B 122 3.64 1.33 7.38
C THR B 122 2.68 0.49 6.55
N LEU B 123 1.51 1.05 6.23
CA LEU B 123 0.52 0.32 5.43
C LEU B 123 1.08 -0.07 4.05
N GLU B 124 1.69 0.90 3.35
CA GLU B 124 2.26 0.66 2.02
C GLU B 124 3.25 -0.52 2.08
N GLU B 125 4.35 -0.33 2.80
CA GLU B 125 5.39 -1.33 2.95
C GLU B 125 4.77 -2.70 3.21
N LEU B 126 3.92 -2.74 4.23
CA LEU B 126 3.25 -3.98 4.59
C LEU B 126 2.52 -4.53 3.37
N LEU B 127 1.78 -3.67 2.66
CA LEU B 127 1.02 -4.17 1.52
C LEU B 127 1.85 -4.52 0.31
N GLU B 128 3.02 -3.89 0.19
CA GLU B 128 3.87 -4.24 -0.96
C GLU B 128 4.39 -5.68 -0.79
N VAL B 129 4.81 -6.07 0.43
CA VAL B 129 5.27 -7.44 0.59
C VAL B 129 4.12 -8.42 0.32
N ILE B 130 2.92 -8.14 0.83
CA ILE B 130 1.77 -9.02 0.58
C ILE B 130 1.59 -9.16 -0.95
N THR B 131 1.67 -8.05 -1.65
CA THR B 131 1.52 -8.07 -3.12
C THR B 131 2.60 -8.96 -3.74
N TRP B 132 3.85 -8.82 -3.31
CA TRP B 132 4.92 -9.65 -3.85
C TRP B 132 4.64 -11.15 -3.62
N ALA B 133 4.25 -11.51 -2.40
CA ALA B 133 3.93 -12.91 -2.10
C ALA B 133 2.91 -13.44 -3.11
N GLN B 134 1.85 -12.65 -3.34
CA GLN B 134 0.79 -13.03 -4.27
C GLN B 134 1.38 -13.41 -5.62
N LEU B 135 2.42 -12.68 -6.00
CA LEU B 135 3.11 -12.92 -7.27
C LEU B 135 4.12 -14.07 -7.14
N GLY B 136 4.16 -14.70 -5.97
CA GLY B 136 5.07 -15.82 -5.80
C GLY B 136 6.53 -15.43 -5.79
N ILE B 137 6.80 -14.14 -5.60
CA ILE B 137 8.16 -13.61 -5.55
C ILE B 137 8.85 -14.02 -4.24
N HIS B 138 8.07 -14.30 -3.21
CA HIS B 138 8.65 -14.75 -1.95
C HIS B 138 7.52 -15.40 -1.18
N ASP B 139 7.84 -16.18 -0.16
CA ASP B 139 6.76 -16.75 0.62
C ASP B 139 7.09 -16.53 2.08
N LYS B 140 7.74 -15.39 2.37
CA LYS B 140 8.11 -15.08 3.73
C LYS B 140 6.87 -14.79 4.61
N PRO B 141 6.82 -15.35 5.82
CA PRO B 141 5.65 -15.06 6.65
C PRO B 141 5.40 -13.55 6.80
N VAL B 142 4.14 -13.15 6.63
CA VAL B 142 3.75 -11.75 6.79
C VAL B 142 2.73 -11.66 7.91
N GLY B 143 3.05 -10.88 8.94
CA GLY B 143 2.13 -10.77 10.07
C GLY B 143 1.77 -9.37 10.54
N LEU B 144 0.58 -9.28 11.15
CA LEU B 144 0.09 -8.02 11.71
C LEU B 144 0.00 -8.17 13.21
N LEU B 145 0.81 -7.42 13.95
CA LEU B 145 0.74 -7.45 15.39
C LEU B 145 -0.43 -6.52 15.69
N ASN B 146 -1.59 -7.14 15.72
CA ASN B 146 -2.84 -6.44 15.90
C ASN B 146 -3.18 -6.07 17.35
N VAL B 147 -2.28 -5.33 17.97
CA VAL B 147 -2.41 -4.86 19.35
C VAL B 147 -3.70 -4.11 19.53
N ASP B 148 -4.57 -4.66 20.38
CA ASP B 148 -5.86 -4.06 20.66
C ASP B 148 -6.67 -3.83 19.37
N GLY B 149 -6.84 -4.86 18.56
CA GLY B 149 -7.62 -4.75 17.31
C GLY B 149 -7.33 -3.56 16.42
N TYR B 150 -6.17 -2.91 16.59
CA TYR B 150 -5.84 -1.73 15.76
C TYR B 150 -6.10 -1.93 14.26
N TYR B 151 -5.76 -3.10 13.72
CA TYR B 151 -5.98 -3.38 12.30
C TYR B 151 -7.32 -4.05 11.98
N ASN B 152 -8.27 -4.05 12.92
CA ASN B 152 -9.56 -4.71 12.64
C ASN B 152 -10.23 -4.12 11.38
N SER B 153 -10.15 -2.81 11.21
CA SER B 153 -10.78 -2.20 10.04
C SER B 153 -10.09 -2.52 8.74
N LEU B 154 -8.77 -2.68 8.78
CA LEU B 154 -8.03 -3.01 7.56
C LEU B 154 -8.45 -4.42 7.15
N LEU B 155 -8.46 -5.32 8.11
CA LEU B 155 -8.86 -6.70 7.82
C LEU B 155 -10.32 -6.69 7.35
N SER B 156 -11.13 -5.79 7.92
CA SER B 156 -12.53 -5.68 7.48
C SER B 156 -12.57 -5.48 5.99
N PHE B 157 -11.77 -4.53 5.51
CA PHE B 157 -11.69 -4.25 4.08
C PHE B 157 -11.17 -5.47 3.28
N ILE B 158 -10.04 -6.06 3.69
CA ILE B 158 -9.50 -7.23 3.00
C ILE B 158 -10.58 -8.28 2.88
N ASP B 159 -11.40 -8.44 3.93
CA ASP B 159 -12.47 -9.43 3.84
C ASP B 159 -13.50 -8.97 2.78
N LYS B 160 -13.82 -7.68 2.77
CA LYS B 160 -14.76 -7.13 1.77
C LYS B 160 -14.19 -7.41 0.36
N ALA B 161 -12.90 -7.13 0.21
CA ALA B 161 -12.23 -7.38 -1.06
C ALA B 161 -12.36 -8.86 -1.47
N VAL B 162 -12.26 -9.77 -0.50
CA VAL B 162 -12.39 -11.20 -0.78
C VAL B 162 -13.84 -11.53 -1.17
N GLU B 163 -14.77 -11.03 -0.37
CA GLU B 163 -16.18 -11.28 -0.63
C GLU B 163 -16.60 -10.76 -2.00
N GLU B 164 -16.06 -9.60 -2.40
CA GLU B 164 -16.44 -8.99 -3.69
C GLU B 164 -15.67 -9.49 -4.93
N GLY B 165 -14.85 -10.53 -4.74
CA GLY B 165 -14.15 -11.11 -5.88
C GLY B 165 -12.83 -10.50 -6.30
N PHE B 166 -12.19 -9.71 -5.43
CA PHE B 166 -10.92 -9.11 -5.78
C PHE B 166 -9.71 -9.82 -5.15
N ILE B 167 -9.91 -10.41 -3.97
CA ILE B 167 -8.84 -11.15 -3.29
C ILE B 167 -9.31 -12.61 -3.12
N SER B 168 -8.50 -13.58 -3.56
CA SER B 168 -8.90 -14.98 -3.40
C SER B 168 -8.78 -15.43 -1.93
N PRO B 169 -9.64 -16.34 -1.48
CA PRO B 169 -9.57 -16.84 -0.11
C PRO B 169 -8.14 -17.32 0.19
N THR B 170 -7.46 -17.86 -0.82
CA THR B 170 -6.08 -18.32 -0.61
C THR B 170 -5.12 -17.13 -0.35
N ALA B 171 -5.20 -16.08 -1.17
CA ALA B 171 -4.33 -14.92 -0.98
C ALA B 171 -4.66 -14.10 0.31
N ARG B 172 -5.86 -14.31 0.86
CA ARG B 172 -6.23 -13.64 2.11
C ARG B 172 -5.35 -14.23 3.23
N GLU B 173 -5.08 -15.54 3.12
CA GLU B 173 -4.26 -16.19 4.15
C GLU B 173 -2.78 -15.74 4.13
N ILE B 174 -2.39 -14.93 3.15
CA ILE B 174 -1.01 -14.45 3.13
C ILE B 174 -0.77 -13.68 4.44
N ILE B 175 -1.84 -13.10 4.99
CA ILE B 175 -1.72 -12.34 6.22
C ILE B 175 -2.06 -13.11 7.49
N VAL B 176 -1.16 -12.99 8.48
CA VAL B 176 -1.32 -13.61 9.80
C VAL B 176 -1.60 -12.47 10.79
N SER B 177 -2.37 -12.77 11.82
CA SER B 177 -2.75 -11.76 12.81
C SER B 177 -2.79 -12.23 14.26
N ALA B 178 -2.16 -11.48 15.15
CA ALA B 178 -2.20 -11.84 16.56
C ALA B 178 -2.12 -10.56 17.38
N PRO B 179 -2.83 -10.53 18.51
CA PRO B 179 -2.84 -9.36 19.39
C PRO B 179 -1.61 -9.11 20.25
N THR B 180 -0.67 -10.05 20.25
CA THR B 180 0.54 -9.88 21.05
C THR B 180 1.73 -10.37 20.25
N ALA B 181 2.92 -9.89 20.59
CA ALA B 181 4.12 -10.28 19.89
C ALA B 181 4.48 -11.76 20.03
N LYS B 182 4.34 -12.32 21.22
CA LYS B 182 4.69 -13.73 21.40
C LYS B 182 3.95 -14.65 20.43
N GLU B 183 2.62 -14.56 20.43
CA GLU B 183 1.81 -15.38 19.54
C GLU B 183 2.16 -15.18 18.08
N LEU B 184 2.19 -13.93 17.63
CA LEU B 184 2.47 -13.67 16.22
C LEU B 184 3.74 -14.37 15.75
N VAL B 185 4.84 -14.20 16.48
CA VAL B 185 6.05 -14.86 16.01
C VAL B 185 5.80 -16.35 16.05
N LYS B 186 5.11 -16.80 17.08
CA LYS B 186 4.80 -18.22 17.16
C LYS B 186 4.07 -18.66 15.86
N LYS B 187 3.01 -17.95 15.47
CA LYS B 187 2.29 -18.32 14.24
C LYS B 187 3.17 -18.24 13.01
N LEU B 188 4.01 -17.19 12.94
CA LEU B 188 4.86 -17.01 11.78
C LEU B 188 5.88 -18.14 11.66
N GLU B 189 6.44 -18.57 12.80
CA GLU B 189 7.41 -19.66 12.82
C GLU B 189 6.79 -20.89 12.14
N GLU B 190 5.46 -20.97 12.19
CA GLU B 190 4.67 -22.01 11.58
C GLU B 190 4.82 -23.35 12.29
N MSE A 8 -16.92 25.13 -20.77
CA MSE A 8 -16.50 26.45 -20.19
C MSE A 8 -15.31 26.34 -19.25
O MSE A 8 -14.48 27.24 -19.19
CB MSE A 8 -17.67 27.10 -19.44
CG MSE A 8 -18.81 27.60 -20.32
SE MSE A 8 -18.24 29.01 -21.52
CE MSE A 8 -17.49 30.20 -20.15
N GLN A 9 -15.24 25.24 -18.52
CA GLN A 9 -14.15 25.00 -17.59
C GLN A 9 -13.10 24.12 -18.25
N LYS A 10 -11.83 24.37 -17.96
CA LYS A 10 -10.76 23.56 -18.54
C LYS A 10 -10.14 22.67 -17.46
N SER A 11 -10.23 21.34 -17.63
CA SER A 11 -9.65 20.40 -16.64
C SER A 11 -8.18 20.69 -16.48
N LYS A 12 -7.72 20.72 -15.23
CA LYS A 12 -6.31 20.97 -14.97
C LYS A 12 -5.49 19.67 -15.12
N PHE A 13 -6.11 18.61 -15.62
CA PHE A 13 -5.42 17.34 -15.78
C PHE A 13 -5.26 16.90 -17.25
N ARG A 14 -4.07 16.51 -17.65
CA ARG A 14 -3.86 16.04 -19.02
C ARG A 14 -4.03 14.53 -19.04
N ARG A 15 -3.35 13.87 -18.09
CA ARG A 15 -3.42 12.43 -17.97
C ARG A 15 -3.79 12.02 -16.55
N ILE A 16 -4.48 10.88 -16.45
CA ILE A 16 -4.86 10.29 -15.17
C ILE A 16 -4.69 8.77 -15.23
N CYS A 17 -3.97 8.25 -14.25
CA CYS A 17 -3.71 6.84 -14.14
C CYS A 17 -4.79 6.19 -13.30
N VAL A 18 -5.34 5.09 -13.78
CA VAL A 18 -6.40 4.43 -13.06
C VAL A 18 -5.87 3.10 -12.56
N PHE A 19 -5.80 2.98 -11.23
CA PHE A 19 -5.35 1.73 -10.58
C PHE A 19 -6.66 0.94 -10.40
N CYS A 20 -6.68 -0.35 -10.70
CA CYS A 20 -7.92 -1.08 -10.51
C CYS A 20 -7.78 -2.59 -10.66
N GLY A 21 -8.79 -3.31 -10.15
CA GLY A 21 -8.77 -4.75 -10.19
C GLY A 21 -8.74 -5.39 -11.57
N SER A 22 -8.00 -6.50 -11.63
CA SER A 22 -7.87 -7.33 -12.84
C SER A 22 -9.10 -8.24 -12.88
N SER A 23 -9.75 -8.41 -11.73
CA SER A 23 -11.00 -9.20 -11.64
C SER A 23 -12.11 -8.21 -11.96
N GLN A 24 -13.26 -8.71 -12.40
CA GLN A 24 -14.39 -7.85 -12.73
C GLN A 24 -15.22 -7.48 -11.51
N GLY A 25 -15.11 -8.26 -10.44
CA GLY A 25 -15.90 -7.98 -9.26
C GLY A 25 -17.24 -8.69 -9.38
N LYS A 26 -17.85 -9.03 -8.25
CA LYS A 26 -19.12 -9.74 -8.28
C LYS A 26 -20.34 -8.84 -8.39
N LYS A 27 -20.11 -7.52 -8.42
CA LYS A 27 -21.21 -6.58 -8.53
C LYS A 27 -21.27 -5.86 -9.86
N SER A 28 -22.43 -5.89 -10.49
CA SER A 28 -22.57 -5.21 -11.76
C SER A 28 -22.18 -3.74 -11.62
N SER A 29 -22.53 -3.13 -10.49
CA SER A 29 -22.19 -1.72 -10.27
C SER A 29 -20.70 -1.47 -10.44
N TYR A 30 -19.89 -2.48 -10.15
CA TYR A 30 -18.45 -2.33 -10.29
C TYR A 30 -18.04 -2.17 -11.74
N GLN A 31 -18.49 -3.08 -12.58
CA GLN A 31 -18.15 -3.00 -14.01
C GLN A 31 -18.73 -1.69 -14.54
N ASP A 32 -19.97 -1.38 -14.13
CA ASP A 32 -20.63 -0.12 -14.51
C ASP A 32 -19.72 1.07 -14.25
N ALA A 33 -19.23 1.16 -13.01
CA ALA A 33 -18.37 2.27 -12.61
C ALA A 33 -17.14 2.34 -13.50
N ALA A 34 -16.56 1.18 -13.80
CA ALA A 34 -15.37 1.18 -14.65
C ALA A 34 -15.62 1.87 -16.02
N VAL A 35 -16.78 1.60 -16.63
CA VAL A 35 -17.15 2.22 -17.89
C VAL A 35 -17.44 3.70 -17.67
N ASP A 36 -18.19 3.99 -16.61
CA ASP A 36 -18.54 5.37 -16.29
C ASP A 36 -17.25 6.16 -16.10
N LEU A 37 -16.23 5.48 -15.60
CA LEU A 37 -14.97 6.17 -15.41
C LEU A 37 -14.36 6.48 -16.77
N GLY A 38 -14.29 5.48 -17.64
CA GLY A 38 -13.72 5.72 -18.96
C GLY A 38 -14.47 6.84 -19.68
N ASN A 39 -15.80 6.78 -19.66
CA ASN A 39 -16.62 7.81 -20.32
C ASN A 39 -16.46 9.17 -19.69
N GLU A 40 -16.37 9.21 -18.36
CA GLU A 40 -16.23 10.47 -17.63
C GLU A 40 -14.90 11.15 -17.99
N LEU A 41 -13.86 10.34 -18.20
CA LEU A 41 -12.58 10.92 -18.59
C LEU A 41 -12.71 11.49 -20.02
N VAL A 42 -13.35 10.72 -20.90
CA VAL A 42 -13.55 11.17 -22.28
C VAL A 42 -14.29 12.51 -22.34
N SER A 43 -15.42 12.59 -21.66
CA SER A 43 -16.23 13.80 -21.70
C SER A 43 -15.46 15.01 -21.15
N ARG A 44 -14.48 14.76 -20.28
CA ARG A 44 -13.71 15.86 -19.73
C ARG A 44 -12.40 16.09 -20.48
N ASN A 45 -12.17 15.30 -21.51
CA ASN A 45 -10.96 15.41 -22.30
C ASN A 45 -9.70 15.13 -21.47
N ILE A 46 -9.53 13.86 -21.09
CA ILE A 46 -8.37 13.41 -20.31
C ILE A 46 -7.90 12.04 -20.86
N ASP A 47 -6.60 11.85 -21.05
CA ASP A 47 -6.10 10.57 -21.52
C ASP A 47 -5.83 9.69 -20.30
N LEU A 48 -5.86 8.37 -20.55
CA LEU A 48 -5.69 7.34 -19.54
C LEU A 48 -4.32 6.68 -19.44
N VAL A 49 -3.83 6.58 -18.22
CA VAL A 49 -2.60 5.84 -18.01
C VAL A 49 -3.09 4.68 -17.11
N TYR A 50 -2.57 3.49 -17.31
CA TYR A 50 -2.98 2.39 -16.49
C TYR A 50 -2.01 1.23 -16.57
N GLY A 51 -2.28 0.24 -15.72
CA GLY A 51 -1.42 -0.92 -15.60
C GLY A 51 -1.43 -1.90 -16.76
N GLY A 52 -2.15 -1.59 -17.83
CA GLY A 52 -2.15 -2.48 -18.99
C GLY A 52 -3.10 -3.65 -19.08
N GLY A 53 -3.79 -4.00 -18.01
CA GLY A 53 -4.70 -5.13 -18.10
C GLY A 53 -5.64 -5.13 -19.32
N SER A 54 -6.22 -6.28 -19.58
CA SER A 54 -7.17 -6.39 -20.68
C SER A 54 -8.50 -6.96 -20.15
N ILE A 55 -8.51 -7.45 -18.90
CA ILE A 55 -9.71 -8.05 -18.29
C ILE A 55 -10.16 -7.31 -17.03
N GLY A 56 -11.39 -7.57 -16.57
CA GLY A 56 -11.89 -6.94 -15.37
C GLY A 56 -12.09 -5.43 -15.50
N LEU A 57 -11.92 -4.71 -14.41
CA LEU A 57 -12.10 -3.27 -14.44
C LEU A 57 -10.99 -2.58 -15.25
N MSE A 58 -9.75 -3.07 -15.14
CA MSE A 58 -8.64 -2.50 -15.89
C MSE A 58 -9.01 -2.55 -17.37
O MSE A 58 -8.76 -1.60 -18.11
CB MSE A 58 -7.36 -3.28 -15.65
CG MSE A 58 -6.78 -3.10 -14.25
SE MSE A 58 -5.46 -4.47 -13.81
CE MSE A 58 -3.83 -3.52 -14.37
N GLY A 59 -9.58 -3.67 -17.80
CA GLY A 59 -9.97 -3.82 -19.20
C GLY A 59 -11.16 -2.94 -19.58
N LEU A 60 -12.06 -2.70 -18.63
CA LEU A 60 -13.24 -1.86 -18.94
C LEU A 60 -12.89 -0.37 -19.06
N VAL A 61 -12.30 0.21 -18.02
CA VAL A 61 -11.99 1.63 -18.09
C VAL A 61 -11.09 1.92 -19.30
N SER A 62 -10.24 0.96 -19.67
CA SER A 62 -9.36 1.23 -20.81
C SER A 62 -10.14 1.20 -22.12
N GLN A 63 -10.98 0.18 -22.27
CA GLN A 63 -11.78 0.06 -23.49
C GLN A 63 -12.72 1.27 -23.65
N ALA A 64 -13.19 1.81 -22.53
CA ALA A 64 -14.08 2.98 -22.59
C ALA A 64 -13.34 4.26 -23.04
N VAL A 65 -12.17 4.52 -22.45
CA VAL A 65 -11.43 5.70 -22.81
C VAL A 65 -11.07 5.62 -24.28
N HIS A 66 -10.73 4.41 -24.72
CA HIS A 66 -10.37 4.20 -26.13
C HIS A 66 -11.56 4.51 -27.04
N ASP A 67 -12.65 3.81 -26.80
CA ASP A 67 -13.88 3.99 -27.57
C ASP A 67 -14.26 5.47 -27.66
N GLY A 68 -14.12 6.17 -26.54
CA GLY A 68 -14.42 7.58 -26.49
C GLY A 68 -13.47 8.39 -27.35
N GLY A 69 -12.53 7.72 -28.01
CA GLY A 69 -11.60 8.42 -28.88
C GLY A 69 -10.28 8.92 -28.31
N ARG A 70 -10.15 8.89 -26.98
CA ARG A 70 -8.93 9.36 -26.33
C ARG A 70 -7.81 8.30 -26.34
N HIS A 71 -6.62 8.71 -25.94
CA HIS A 71 -5.51 7.78 -25.97
C HIS A 71 -5.33 7.04 -24.64
N VAL A 72 -4.89 5.80 -24.73
CA VAL A 72 -4.67 4.93 -23.57
C VAL A 72 -3.22 4.45 -23.59
N ILE A 73 -2.56 4.57 -22.44
CA ILE A 73 -1.18 4.12 -22.27
C ILE A 73 -1.20 3.01 -21.22
N GLY A 74 -0.95 1.77 -21.62
CA GLY A 74 -0.92 0.67 -20.65
C GLY A 74 0.54 0.31 -20.40
N ILE A 75 1.02 0.42 -19.17
CA ILE A 75 2.41 0.11 -18.89
C ILE A 75 2.50 -1.23 -18.16
N ILE A 76 3.23 -2.16 -18.75
CA ILE A 76 3.37 -3.52 -18.22
C ILE A 76 4.84 -3.99 -18.10
N PRO A 77 5.08 -5.08 -17.34
CA PRO A 77 6.44 -5.62 -17.18
C PRO A 77 6.87 -6.13 -18.55
N LYS A 78 8.14 -5.97 -18.90
CA LYS A 78 8.59 -6.43 -20.19
C LYS A 78 8.60 -7.95 -20.22
N THR A 79 8.49 -8.59 -19.06
CA THR A 79 8.48 -10.04 -18.99
C THR A 79 7.08 -10.62 -19.04
N LEU A 80 6.07 -9.75 -18.90
CA LEU A 80 4.67 -10.17 -18.91
C LEU A 80 3.88 -9.65 -20.11
N MSE A 81 3.71 -10.51 -21.10
CA MSE A 81 2.97 -10.20 -22.32
C MSE A 81 3.68 -9.08 -23.09
O MSE A 81 4.83 -8.75 -22.78
CB MSE A 81 1.53 -9.79 -21.98
CG MSE A 81 0.52 -9.86 -23.14
SE MSE A 81 0.05 -11.66 -23.71
CE MSE A 81 -1.31 -12.09 -22.43
N VAL A 90 -6.27 -2.37 -26.27
CA VAL A 90 -6.41 -1.01 -26.82
C VAL A 90 -5.29 -0.10 -26.33
N GLY A 91 -5.03 0.96 -27.10
CA GLY A 91 -4.03 1.92 -26.73
C GLY A 91 -2.58 1.53 -26.91
N GLU A 92 -1.70 2.40 -26.45
CA GLU A 92 -0.27 2.17 -26.53
C GLU A 92 0.11 1.16 -25.44
N VAL A 93 0.99 0.21 -25.77
CA VAL A 93 1.41 -0.78 -24.77
C VAL A 93 2.89 -0.56 -24.50
N ARG A 94 3.21 -0.13 -23.27
CA ARG A 94 4.63 0.08 -22.93
C ARG A 94 5.13 -1.00 -21.97
N ALA A 95 6.31 -1.54 -22.26
CA ALA A 95 6.93 -2.57 -21.43
C ALA A 95 8.22 -2.01 -20.84
N VAL A 96 8.30 -1.97 -19.51
CA VAL A 96 9.47 -1.43 -18.82
C VAL A 96 10.15 -2.51 -17.95
N ALA A 97 11.41 -2.29 -17.64
CA ALA A 97 12.25 -3.23 -16.87
C ALA A 97 11.60 -4.01 -15.73
N ASP A 98 11.11 -3.32 -14.69
CA ASP A 98 10.51 -4.04 -13.57
C ASP A 98 9.23 -3.37 -13.08
N MSE A 99 8.67 -3.92 -12.00
CA MSE A 99 7.42 -3.42 -11.42
C MSE A 99 7.57 -2.05 -10.73
O MSE A 99 6.66 -1.23 -10.78
CB MSE A 99 6.87 -4.45 -10.46
CG MSE A 99 6.50 -5.78 -11.16
SE MSE A 99 4.93 -5.60 -12.31
CE MSE A 99 3.57 -5.81 -10.95
N HIS A 100 8.70 -1.80 -10.09
CA HIS A 100 8.89 -0.49 -9.47
C HIS A 100 8.91 0.56 -10.59
N GLN A 101 9.77 0.38 -11.59
CA GLN A 101 9.85 1.31 -12.73
C GLN A 101 8.46 1.48 -13.37
N ARG A 102 7.71 0.38 -13.43
CA ARG A 102 6.37 0.43 -13.97
C ARG A 102 5.53 1.43 -13.17
N LYS A 103 5.59 1.37 -11.84
CA LYS A 103 4.82 2.30 -11.00
C LYS A 103 5.38 3.72 -11.10
N ALA A 104 6.68 3.82 -11.28
CA ALA A 104 7.33 5.12 -11.39
C ALA A 104 6.90 5.86 -12.67
N GLU A 105 7.02 5.19 -13.82
CA GLU A 105 6.63 5.80 -15.08
C GLU A 105 5.16 6.19 -15.04
N MSE A 106 4.33 5.29 -14.50
CA MSE A 106 2.91 5.59 -14.42
C MSE A 106 2.73 6.88 -13.62
O MSE A 106 1.96 7.74 -14.03
CB MSE A 106 2.16 4.43 -13.77
CG MSE A 106 2.18 3.17 -14.64
SE MSE A 106 1.94 1.57 -13.58
CE MSE A 106 0.03 1.68 -13.33
N ALA A 107 3.44 7.04 -12.50
CA ALA A 107 3.29 8.27 -11.71
C ALA A 107 3.91 9.47 -12.46
N LYS A 108 5.05 9.24 -13.10
CA LYS A 108 5.74 10.31 -13.81
C LYS A 108 4.86 11.04 -14.84
N HIS A 109 4.17 10.29 -15.69
CA HIS A 109 3.34 10.92 -16.72
C HIS A 109 1.90 11.19 -16.32
N SER A 110 1.62 11.23 -15.02
CA SER A 110 0.25 11.48 -14.57
C SER A 110 0.10 12.74 -13.75
N ASP A 111 -1.07 13.36 -13.88
CA ASP A 111 -1.40 14.60 -13.16
C ASP A 111 -2.30 14.33 -11.96
N ALA A 112 -2.76 13.08 -11.85
CA ALA A 112 -3.60 12.65 -10.73
C ALA A 112 -3.87 11.15 -10.93
N PHE A 113 -4.45 10.51 -9.94
CA PHE A 113 -4.70 9.07 -10.00
C PHE A 113 -6.09 8.70 -9.56
N ILE A 114 -6.61 7.59 -10.08
CA ILE A 114 -7.94 7.11 -9.65
C ILE A 114 -7.91 5.62 -9.40
N ALA A 115 -8.34 5.20 -8.21
CA ALA A 115 -8.39 3.78 -7.93
C ALA A 115 -9.82 3.36 -7.95
N LEU A 116 -10.15 2.37 -8.78
CA LEU A 116 -11.47 1.76 -8.80
C LEU A 116 -11.29 0.60 -7.79
N PRO A 117 -12.35 -0.16 -7.51
CA PRO A 117 -12.16 -1.27 -6.59
C PRO A 117 -11.00 -2.18 -7.08
N GLY A 118 -10.41 -2.92 -6.15
CA GLY A 118 -9.33 -3.83 -6.50
C GLY A 118 -8.81 -4.49 -5.24
N GLY A 119 -7.84 -5.40 -5.40
CA GLY A 119 -7.26 -6.09 -4.27
C GLY A 119 -5.93 -5.51 -3.79
N TYR A 120 -5.03 -6.39 -3.31
CA TYR A 120 -3.72 -5.96 -2.81
C TYR A 120 -2.91 -5.05 -3.71
N GLY A 121 -2.85 -5.37 -5.01
CA GLY A 121 -2.06 -4.56 -5.94
C GLY A 121 -2.58 -3.13 -6.15
N THR A 122 -3.89 -2.98 -6.13
CA THR A 122 -4.54 -1.68 -6.29
C THR A 122 -4.25 -0.84 -5.06
N LEU A 123 -4.37 -1.47 -3.89
CA LEU A 123 -4.13 -0.80 -2.60
C LEU A 123 -2.65 -0.37 -2.44
N GLU A 124 -1.73 -1.30 -2.65
CA GLU A 124 -0.31 -1.00 -2.52
C GLU A 124 0.10 0.16 -3.46
N GLU A 125 -0.43 0.13 -4.69
CA GLU A 125 -0.15 1.18 -5.66
C GLU A 125 -0.73 2.47 -5.18
N LEU A 126 -1.95 2.40 -4.63
CA LEU A 126 -2.62 3.56 -4.11
C LEU A 126 -1.95 4.09 -2.83
N LEU A 127 -1.51 3.18 -1.96
CA LEU A 127 -0.88 3.58 -0.69
C LEU A 127 0.47 4.26 -0.90
N GLU A 128 1.21 3.78 -1.90
CA GLU A 128 2.49 4.39 -2.16
C GLU A 128 2.36 5.87 -2.57
N VAL A 129 1.34 6.15 -3.37
CA VAL A 129 1.13 7.49 -3.86
C VAL A 129 0.75 8.40 -2.71
N ILE A 130 -0.06 7.90 -1.78
CA ILE A 130 -0.46 8.71 -0.67
C ILE A 130 0.82 9.04 0.07
N THR A 131 1.60 8.01 0.37
CA THR A 131 2.87 8.18 1.04
C THR A 131 3.73 9.22 0.27
N TRP A 132 3.61 9.20 -1.06
CA TRP A 132 4.39 10.16 -1.85
C TRP A 132 3.83 11.59 -1.71
N ALA A 133 2.53 11.72 -1.48
CA ALA A 133 1.93 13.04 -1.30
C ALA A 133 2.23 13.49 0.12
N GLN A 134 2.09 12.55 1.07
CA GLN A 134 2.33 12.84 2.46
C GLN A 134 3.75 13.34 2.69
N LEU A 135 4.72 12.71 2.05
CA LEU A 135 6.10 13.14 2.21
C LEU A 135 6.38 14.42 1.41
N GLY A 136 5.36 14.94 0.74
CA GLY A 136 5.53 16.15 -0.01
C GLY A 136 6.38 15.98 -1.24
N ILE A 137 6.39 14.77 -1.79
CA ILE A 137 7.16 14.51 -2.99
C ILE A 137 6.39 15.04 -4.21
N HIS A 138 5.07 14.82 -4.23
CA HIS A 138 4.25 15.32 -5.34
C HIS A 138 2.99 15.94 -4.78
N ASP A 139 2.26 16.62 -5.64
CA ASP A 139 1.05 17.31 -5.28
C ASP A 139 -0.07 16.94 -6.24
N LYS A 140 -0.02 15.72 -6.75
CA LYS A 140 -1.03 15.28 -7.70
C LYS A 140 -2.25 14.79 -6.93
N PRO A 141 -3.47 15.03 -7.45
CA PRO A 141 -4.65 14.57 -6.72
C PRO A 141 -4.72 13.06 -6.69
N VAL A 142 -5.26 12.53 -5.58
CA VAL A 142 -5.43 11.10 -5.35
C VAL A 142 -6.89 10.91 -4.94
N GLY A 143 -7.67 10.23 -5.76
CA GLY A 143 -9.07 10.04 -5.44
C GLY A 143 -9.51 8.59 -5.66
N LEU A 144 -10.23 8.04 -4.69
CA LEU A 144 -10.70 6.66 -4.86
C LEU A 144 -12.18 6.70 -5.17
N LEU A 145 -12.57 5.96 -6.21
CA LEU A 145 -13.94 5.84 -6.61
C LEU A 145 -14.53 4.77 -5.71
N ASN A 146 -15.29 5.23 -4.73
CA ASN A 146 -15.84 4.36 -3.71
C ASN A 146 -17.21 3.78 -4.10
N VAL A 147 -17.21 2.91 -5.10
CA VAL A 147 -18.43 2.24 -5.61
C VAL A 147 -19.10 1.45 -4.50
N ASP A 148 -20.39 1.72 -4.30
CA ASP A 148 -21.19 1.07 -3.28
C ASP A 148 -20.44 0.87 -1.96
N GLY A 149 -19.70 1.89 -1.53
CA GLY A 149 -18.99 1.79 -0.28
C GLY A 149 -17.90 0.74 -0.17
N TYR A 150 -17.43 0.25 -1.33
CA TYR A 150 -16.38 -0.76 -1.38
C TYR A 150 -15.16 -0.46 -0.49
N TYR A 151 -14.83 0.84 -0.32
CA TYR A 151 -13.65 1.24 0.46
C TYR A 151 -13.95 1.81 1.84
N ASN A 152 -15.19 1.67 2.33
CA ASN A 152 -15.53 2.26 3.65
C ASN A 152 -14.67 1.75 4.80
N SER A 153 -14.39 0.44 4.84
CA SER A 153 -13.56 -0.09 5.94
C SER A 153 -12.10 0.39 5.85
N LEU A 154 -11.68 0.78 4.64
CA LEU A 154 -10.32 1.31 4.48
C LEU A 154 -10.38 2.74 5.03
N LEU A 155 -11.41 3.50 4.63
CA LEU A 155 -11.54 4.88 5.11
C LEU A 155 -11.67 4.92 6.64
N SER A 156 -12.42 3.96 7.22
CA SER A 156 -12.55 3.88 8.68
C SER A 156 -11.25 3.45 9.35
N PHE A 157 -10.43 2.66 8.67
CA PHE A 157 -9.14 2.30 9.28
C PHE A 157 -8.27 3.57 9.33
N ILE A 158 -8.26 4.34 8.24
CA ILE A 158 -7.50 5.58 8.24
C ILE A 158 -8.04 6.50 9.35
N ASP A 159 -9.36 6.66 9.43
CA ASP A 159 -9.92 7.48 10.49
C ASP A 159 -9.32 7.07 11.84
N LYS A 160 -9.24 5.76 12.09
CA LYS A 160 -8.68 5.23 13.32
C LYS A 160 -7.22 5.67 13.52
N ALA A 161 -6.43 5.53 12.45
CA ALA A 161 -5.03 5.88 12.48
C ALA A 161 -4.86 7.37 12.85
N VAL A 162 -5.88 8.15 12.55
CA VAL A 162 -5.88 9.57 12.89
C VAL A 162 -6.11 9.65 14.40
N GLU A 163 -7.13 8.94 14.87
CA GLU A 163 -7.42 8.97 16.32
C GLU A 163 -6.17 8.60 17.17
N GLU A 164 -5.41 7.60 16.74
CA GLU A 164 -4.23 7.19 17.51
C GLU A 164 -2.99 8.05 17.29
N GLY A 165 -3.01 8.82 16.20
CA GLY A 165 -1.92 9.73 15.90
C GLY A 165 -0.84 9.32 14.90
N PHE A 166 -1.12 8.37 14.01
CA PHE A 166 -0.14 7.99 13.00
C PHE A 166 -0.38 8.81 11.69
N ILE A 167 -1.57 9.36 11.53
CA ILE A 167 -1.88 10.18 10.36
C ILE A 167 -2.49 11.51 10.81
N SER A 168 -2.11 12.59 10.12
CA SER A 168 -2.62 13.92 10.51
C SER A 168 -3.93 14.21 9.82
N PRO A 169 -4.74 15.15 10.37
CA PRO A 169 -6.02 15.46 9.73
C PRO A 169 -5.77 15.80 8.26
N THR A 170 -4.79 16.67 8.00
CA THR A 170 -4.42 17.07 6.66
C THR A 170 -3.90 15.87 5.86
N ALA A 171 -3.25 14.90 6.52
CA ALA A 171 -2.78 13.73 5.76
C ALA A 171 -3.98 12.84 5.39
N ARG A 172 -4.98 12.78 6.26
CA ARG A 172 -6.18 11.98 5.95
C ARG A 172 -6.94 12.62 4.78
N GLU A 173 -6.95 13.95 4.75
CA GLU A 173 -7.67 14.67 3.69
C GLU A 173 -7.02 14.53 2.32
N ILE A 174 -5.89 13.82 2.24
CA ILE A 174 -5.28 13.61 0.91
C ILE A 174 -6.30 12.84 0.07
N ILE A 175 -6.97 11.85 0.65
CA ILE A 175 -7.93 11.06 -0.13
C ILE A 175 -9.24 11.78 -0.34
N VAL A 176 -9.59 11.94 -1.60
CA VAL A 176 -10.84 12.56 -1.99
C VAL A 176 -11.67 11.45 -2.69
N SER A 177 -12.88 11.20 -2.20
CA SER A 177 -13.68 10.14 -2.80
C SER A 177 -15.16 10.48 -2.99
N ALA A 178 -15.79 9.75 -3.90
CA ALA A 178 -17.20 9.96 -4.20
C ALA A 178 -17.70 8.63 -4.77
N PRO A 179 -19.02 8.47 -4.96
CA PRO A 179 -19.61 7.23 -5.50
C PRO A 179 -19.64 7.12 -7.03
N THR A 180 -19.28 8.17 -7.76
CA THR A 180 -19.28 8.10 -9.21
C THR A 180 -18.12 8.84 -9.83
N ALA A 181 -17.79 8.47 -11.07
CA ALA A 181 -16.67 9.10 -11.75
C ALA A 181 -16.86 10.62 -11.90
N LYS A 182 -18.05 11.04 -12.35
CA LYS A 182 -18.32 12.47 -12.51
C LYS A 182 -18.05 13.23 -11.21
N GLU A 183 -18.71 12.83 -10.11
CA GLU A 183 -18.48 13.48 -8.84
C GLU A 183 -17.01 13.39 -8.40
N LEU A 184 -16.34 12.28 -8.72
CA LEU A 184 -14.95 12.13 -8.32
C LEU A 184 -14.03 13.11 -9.01
N VAL A 185 -14.10 13.13 -10.33
CA VAL A 185 -13.25 14.02 -11.07
C VAL A 185 -13.60 15.46 -10.70
N LYS A 186 -14.88 15.73 -10.47
CA LYS A 186 -15.22 17.09 -10.08
C LYS A 186 -14.37 17.43 -8.85
N LYS A 187 -14.42 16.58 -7.84
CA LYS A 187 -13.65 16.84 -6.63
C LYS A 187 -12.14 16.78 -6.88
N LEU A 188 -11.68 16.01 -7.86
CA LEU A 188 -10.23 15.93 -8.12
C LEU A 188 -9.58 17.27 -8.48
N GLU A 189 -10.29 18.11 -9.24
CA GLU A 189 -9.76 19.42 -9.62
C GLU A 189 -9.46 20.18 -8.30
N GLU A 190 -9.78 19.48 -7.20
CA GLU A 190 -9.64 19.92 -5.82
C GLU A 190 -9.88 21.40 -5.69
N LYS B 10 14.20 -22.52 18.93
CA LYS B 10 15.08 -22.28 17.75
C LYS B 10 14.26 -21.71 16.60
N SER B 11 14.29 -20.38 16.43
CA SER B 11 13.54 -19.73 15.36
C SER B 11 14.02 -20.17 14.00
N LYS B 12 13.16 -20.12 12.99
CA LYS B 12 13.58 -20.49 11.64
C LYS B 12 13.92 -19.20 10.87
N PHE B 13 13.96 -18.06 11.58
CA PHE B 13 14.29 -16.79 10.91
C PHE B 13 15.58 -16.18 11.43
N ARG B 14 16.43 -15.69 10.52
CA ARG B 14 17.67 -15.00 10.90
C ARG B 14 17.34 -13.52 11.22
N ARG B 15 16.52 -12.93 10.36
CA ARG B 15 16.11 -11.53 10.50
C ARG B 15 14.59 -11.39 10.37
N ILE B 16 14.10 -10.18 10.60
CA ILE B 16 12.67 -9.87 10.45
C ILE B 16 12.58 -8.36 10.26
N CYS B 17 11.72 -7.96 9.32
CA CYS B 17 11.47 -6.58 8.97
C CYS B 17 10.24 -6.17 9.79
N VAL B 18 10.35 -5.13 10.59
CA VAL B 18 9.21 -4.71 11.37
C VAL B 18 8.74 -3.36 10.89
N PHE B 19 7.57 -3.33 10.25
CA PHE B 19 6.96 -2.09 9.75
C PHE B 19 6.21 -1.48 10.95
N CYS B 20 6.40 -0.18 11.15
CA CYS B 20 5.77 0.50 12.28
C CYS B 20 5.81 2.01 12.11
N GLY B 21 4.92 2.67 12.85
CA GLY B 21 4.81 4.11 12.76
C GLY B 21 6.09 4.93 12.99
N SER B 22 6.13 6.07 12.30
CA SER B 22 7.23 7.04 12.42
C SER B 22 6.84 7.86 13.67
N SER B 23 5.63 7.58 14.18
CA SER B 23 5.11 8.21 15.40
C SER B 23 4.97 7.12 16.47
N GLN B 24 4.88 7.52 17.74
CA GLN B 24 4.75 6.52 18.81
C GLN B 24 3.30 6.17 19.15
N GLY B 25 2.37 6.99 18.69
CA GLY B 25 0.97 6.72 18.95
C GLY B 25 0.57 7.37 20.25
N LYS B 26 -0.73 7.35 20.55
CA LYS B 26 -1.22 7.97 21.78
C LYS B 26 -1.58 6.94 22.85
N LYS B 27 -1.32 5.67 22.58
CA LYS B 27 -1.64 4.65 23.55
C LYS B 27 -0.42 3.99 24.13
N SER B 28 -0.57 3.50 25.35
CA SER B 28 0.51 2.82 26.05
C SER B 28 0.71 1.38 25.57
N SER B 29 -0.35 0.74 25.07
CA SER B 29 -0.20 -0.63 24.61
C SER B 29 0.65 -0.71 23.33
N TYR B 30 0.44 0.23 22.41
CA TYR B 30 1.20 0.23 21.15
C TYR B 30 2.69 0.46 21.41
N GLN B 31 3.00 1.46 22.23
CA GLN B 31 4.39 1.74 22.53
C GLN B 31 4.99 0.57 23.29
N ASP B 32 4.24 -0.01 24.22
CA ASP B 32 4.79 -1.15 24.94
C ASP B 32 4.74 -2.38 24.04
N ALA B 33 4.21 -2.25 22.82
CA ALA B 33 4.17 -3.41 21.92
C ALA B 33 5.42 -3.38 21.05
N ALA B 34 5.92 -2.19 20.72
CA ALA B 34 7.12 -2.13 19.88
C ALA B 34 8.31 -2.72 20.66
N VAL B 35 8.41 -2.38 21.94
CA VAL B 35 9.47 -2.90 22.80
C VAL B 35 9.15 -4.36 23.13
N ASP B 36 7.86 -4.68 23.22
CA ASP B 36 7.41 -6.03 23.51
C ASP B 36 7.86 -6.98 22.38
N LEU B 37 7.79 -6.52 21.12
CA LEU B 37 8.26 -7.36 20.01
C LEU B 37 9.79 -7.39 20.06
N GLY B 38 10.39 -6.22 20.18
CA GLY B 38 11.85 -6.13 20.26
C GLY B 38 12.43 -7.19 21.19
N ASN B 39 11.88 -7.31 22.40
CA ASN B 39 12.34 -8.30 23.36
C ASN B 39 12.05 -9.70 22.89
N GLU B 40 10.95 -9.85 22.17
CA GLU B 40 10.58 -11.17 21.65
C GLU B 40 11.61 -11.60 20.62
N LEU B 41 12.07 -10.69 19.76
CA LEU B 41 13.07 -11.06 18.77
C LEU B 41 14.39 -11.39 19.49
N VAL B 42 14.74 -10.57 20.48
CA VAL B 42 15.98 -10.81 21.20
C VAL B 42 16.02 -12.22 21.80
N SER B 43 14.91 -12.64 22.41
CA SER B 43 14.86 -13.96 23.04
C SER B 43 15.06 -15.07 22.03
N ARG B 44 14.74 -14.79 20.77
CA ARG B 44 14.91 -15.79 19.73
C ARG B 44 16.17 -15.61 18.91
N ASN B 45 17.02 -14.64 19.24
CA ASN B 45 18.24 -14.45 18.46
C ASN B 45 17.92 -14.08 17.00
N ILE B 46 16.86 -13.30 16.82
CA ILE B 46 16.48 -12.89 15.49
C ILE B 46 16.96 -11.47 15.35
N ASP B 47 17.59 -11.14 14.23
CA ASP B 47 18.07 -9.78 14.01
C ASP B 47 16.93 -8.94 13.41
N LEU B 48 16.99 -7.63 13.60
CA LEU B 48 15.97 -6.71 13.12
C LEU B 48 16.32 -5.84 11.93
N VAL B 49 15.46 -5.89 10.90
CA VAL B 49 15.63 -4.98 9.75
C VAL B 49 14.47 -3.97 9.87
N TYR B 50 14.71 -2.68 9.67
CA TYR B 50 13.58 -1.72 9.72
C TYR B 50 13.85 -0.52 8.82
N GLY B 51 12.97 0.48 8.87
CA GLY B 51 13.10 1.65 8.00
C GLY B 51 14.03 2.78 8.43
N GLY B 52 14.73 2.63 9.55
CA GLY B 52 15.66 3.65 9.98
C GLY B 52 15.17 4.69 10.98
N GLY B 53 15.99 5.73 11.16
CA GLY B 53 15.63 6.81 12.07
C GLY B 53 15.53 6.38 13.53
N SER B 54 15.08 7.30 14.39
CA SER B 54 14.96 7.04 15.82
C SER B 54 13.59 7.38 16.38
N ILE B 55 12.73 7.97 15.56
CA ILE B 55 11.40 8.38 16.02
C ILE B 55 10.33 7.29 15.92
N GLY B 56 9.26 7.51 16.69
CA GLY B 56 8.12 6.61 16.70
C GLY B 56 8.43 5.21 17.17
N LEU B 57 7.47 4.31 16.95
CA LEU B 57 7.67 2.92 17.33
C LEU B 57 8.92 2.41 16.61
N MSE B 58 9.24 2.98 15.44
CA MSE B 58 10.43 2.57 14.68
C MSE B 58 11.65 2.68 15.60
O MSE B 58 12.48 1.77 15.64
CB MSE B 58 10.65 3.49 13.47
CG MSE B 58 9.51 3.42 12.42
SE MSE B 58 9.52 4.76 10.91
CE MSE B 58 10.71 3.85 9.63
N GLY B 59 11.72 3.78 16.34
CA GLY B 59 12.82 3.99 17.29
C GLY B 59 12.69 3.06 18.49
N LEU B 60 11.47 2.80 18.93
CA LEU B 60 11.25 1.94 20.09
C LEU B 60 11.61 0.47 19.85
N VAL B 61 11.21 -0.10 18.71
CA VAL B 61 11.56 -1.49 18.46
C VAL B 61 13.06 -1.65 18.20
N SER B 62 13.67 -0.78 17.41
CA SER B 62 15.10 -0.98 17.12
C SER B 62 15.95 -0.82 18.41
N GLN B 63 15.53 0.08 19.30
CA GLN B 63 16.27 0.26 20.56
C GLN B 63 16.30 -1.03 21.41
N ALA B 64 15.14 -1.67 21.56
CA ALA B 64 15.09 -2.91 22.35
C ALA B 64 15.96 -4.01 21.72
N VAL B 65 15.88 -4.18 20.41
CA VAL B 65 16.69 -5.23 19.76
C VAL B 65 18.19 -5.01 20.05
N HIS B 66 18.78 -4.02 19.39
CA HIS B 66 20.21 -3.74 19.59
C HIS B 66 20.62 -3.87 21.06
N ASP B 67 19.87 -3.20 21.93
CA ASP B 67 20.17 -3.23 23.36
C ASP B 67 20.30 -4.66 23.83
N GLY B 68 19.45 -5.53 23.30
CA GLY B 68 19.50 -6.92 23.67
C GLY B 68 20.69 -7.65 23.05
N GLY B 69 21.48 -6.95 22.24
CA GLY B 69 22.66 -7.57 21.66
C GLY B 69 22.48 -8.22 20.29
N ARG B 70 21.38 -7.90 19.59
CA ARG B 70 21.21 -8.49 18.27
C ARG B 70 21.62 -7.52 17.16
N HIS B 71 21.75 -8.04 15.94
CA HIS B 71 22.15 -7.21 14.82
C HIS B 71 20.96 -6.46 14.24
N VAL B 72 21.05 -5.14 14.25
CA VAL B 72 20.02 -4.29 13.69
C VAL B 72 20.48 -3.64 12.39
N ILE B 73 19.67 -3.79 11.35
CA ILE B 73 19.94 -3.18 10.06
C ILE B 73 18.77 -2.28 9.70
N GLY B 74 19.04 -0.99 9.63
CA GLY B 74 18.04 -0.03 9.22
C GLY B 74 18.26 0.22 7.75
N ILE B 75 17.17 0.44 7.03
CA ILE B 75 17.26 0.71 5.59
C ILE B 75 16.64 2.09 5.31
N ILE B 76 17.41 2.99 4.71
CA ILE B 76 16.96 4.36 4.44
C ILE B 76 17.26 4.89 3.03
N PRO B 77 16.72 6.07 2.69
CA PRO B 77 16.93 6.70 1.38
C PRO B 77 18.21 7.55 1.35
N LYS B 78 18.25 8.50 0.41
CA LYS B 78 19.37 9.42 0.23
C LYS B 78 20.69 8.69 -0.01
N GLY B 87 16.07 11.43 13.05
CA GLY B 87 16.82 10.89 14.18
C GLY B 87 17.86 9.87 13.75
N GLU B 88 18.63 9.36 14.71
CA GLU B 88 19.69 8.39 14.40
C GLU B 88 19.23 6.93 14.31
N THR B 89 19.85 6.22 13.38
CA THR B 89 19.55 4.82 13.13
C THR B 89 20.57 3.97 13.91
N VAL B 90 20.10 3.11 14.80
CA VAL B 90 21.02 2.27 15.54
C VAL B 90 21.46 1.11 14.66
N GLY B 91 22.56 0.47 15.04
CA GLY B 91 23.08 -0.67 14.28
C GLY B 91 23.70 -0.29 12.95
N GLU B 92 23.58 -1.20 12.00
CA GLU B 92 24.11 -1.01 10.64
C GLU B 92 23.09 -0.17 9.87
N VAL B 93 23.58 0.92 9.25
CA VAL B 93 22.72 1.80 8.48
C VAL B 93 23.04 1.69 6.99
N ARG B 94 21.99 1.57 6.18
CA ARG B 94 22.18 1.49 4.74
C ARG B 94 21.38 2.61 4.08
N ALA B 95 22.07 3.43 3.30
CA ALA B 95 21.42 4.54 2.62
C ALA B 95 21.34 4.16 1.16
N VAL B 96 20.12 4.17 0.63
CA VAL B 96 19.92 3.82 -0.76
C VAL B 96 19.37 5.00 -1.58
N ALA B 97 19.38 4.83 -2.90
CA ALA B 97 18.97 5.89 -3.80
C ALA B 97 17.59 6.48 -3.55
N ASP B 98 16.55 5.67 -3.61
CA ASP B 98 15.22 6.22 -3.41
C ASP B 98 14.34 5.30 -2.58
N MSE B 99 13.04 5.57 -2.61
CA MSE B 99 12.11 4.76 -1.84
C MSE B 99 11.99 3.36 -2.35
O MSE B 99 12.02 2.42 -1.57
CB MSE B 99 10.75 5.43 -1.80
CG MSE B 99 10.86 6.87 -1.43
SE MSE B 99 9.17 7.55 -0.96
CE MSE B 99 9.06 6.80 0.84
N HIS B 100 11.82 3.19 -3.66
CA HIS B 100 11.68 1.85 -4.21
C HIS B 100 12.85 0.94 -3.80
N GLN B 101 14.08 1.40 -4.03
CA GLN B 101 15.28 0.64 -3.64
C GLN B 101 15.17 0.22 -2.16
N ARG B 102 15.03 1.20 -1.28
CA ARG B 102 14.92 0.91 0.16
C ARG B 102 13.90 -0.18 0.43
N LYS B 103 12.75 -0.10 -0.24
CA LYS B 103 11.74 -1.11 -0.02
C LYS B 103 12.18 -2.45 -0.65
N ALA B 104 12.87 -2.40 -1.78
CA ALA B 104 13.34 -3.66 -2.38
C ALA B 104 14.35 -4.33 -1.46
N GLU B 105 15.15 -3.53 -0.77
CA GLU B 105 16.16 -4.09 0.11
C GLU B 105 15.63 -4.63 1.45
N MSE B 106 14.35 -4.38 1.73
CA MSE B 106 13.78 -4.88 2.98
C MSE B 106 13.42 -6.36 2.89
O MSE B 106 13.85 -7.18 3.72
CB MSE B 106 12.53 -4.10 3.38
CG MSE B 106 12.74 -2.92 4.29
SE MSE B 106 11.00 -2.12 4.75
CE MSE B 106 10.97 -0.55 3.60
N ALA B 107 12.63 -6.70 1.87
CA ALA B 107 12.18 -8.07 1.63
C ALA B 107 13.37 -9.03 1.49
N LYS B 108 14.08 -8.88 0.38
CA LYS B 108 15.25 -9.70 0.08
C LYS B 108 16.11 -10.00 1.33
N HIS B 109 16.49 -8.97 2.09
CA HIS B 109 17.37 -9.22 3.24
C HIS B 109 16.71 -9.65 4.54
N SER B 110 15.40 -9.87 4.50
CA SER B 110 14.68 -10.25 5.70
C SER B 110 14.02 -11.62 5.55
N ASP B 111 13.76 -12.27 6.67
CA ASP B 111 13.16 -13.60 6.65
C ASP B 111 11.65 -13.63 6.84
N ALA B 112 11.11 -12.69 7.60
CA ALA B 112 9.67 -12.59 7.86
C ALA B 112 9.34 -11.11 8.03
N PHE B 113 8.06 -10.78 8.13
CA PHE B 113 7.65 -9.37 8.25
C PHE B 113 6.59 -9.16 9.32
N ILE B 114 6.69 -8.08 10.06
CA ILE B 114 5.70 -7.78 11.08
C ILE B 114 5.32 -6.32 11.03
N ALA B 115 4.00 -6.09 11.02
CA ALA B 115 3.50 -4.71 11.01
C ALA B 115 2.93 -4.34 12.37
N LEU B 116 3.62 -3.49 13.11
CA LEU B 116 3.07 -2.95 14.35
C LEU B 116 2.17 -1.83 13.80
N PRO B 117 1.38 -1.20 14.68
CA PRO B 117 0.53 -0.09 14.26
C PRO B 117 1.39 0.96 13.51
N GLY B 118 0.78 1.70 12.59
CA GLY B 118 1.50 2.71 11.83
C GLY B 118 0.54 3.45 10.93
N GLY B 119 1.04 4.41 10.17
CA GLY B 119 0.17 5.18 9.31
C GLY B 119 0.32 4.77 7.86
N TYR B 120 0.45 5.74 6.97
CA TYR B 120 0.56 5.40 5.54
C TYR B 120 1.85 4.69 5.19
N GLY B 121 2.95 5.09 5.83
CA GLY B 121 4.25 4.47 5.56
C GLY B 121 4.21 2.98 5.88
N THR B 122 3.76 2.69 7.07
CA THR B 122 3.66 1.31 7.49
C THR B 122 2.76 0.48 6.56
N LEU B 123 1.57 1.00 6.24
CA LEU B 123 0.64 0.27 5.34
C LEU B 123 1.18 0.09 3.91
N GLU B 124 1.91 1.09 3.42
CA GLU B 124 2.48 1.08 2.06
C GLU B 124 3.51 -0.05 1.95
N GLU B 125 4.20 -0.29 3.06
CA GLU B 125 5.24 -1.30 3.13
C GLU B 125 4.63 -2.69 3.25
N LEU B 126 3.63 -2.79 4.11
CA LEU B 126 2.92 -4.05 4.35
C LEU B 126 2.36 -4.65 3.06
N LEU B 127 1.48 -3.91 2.39
CA LEU B 127 0.86 -4.45 1.20
C LEU B 127 1.91 -4.75 0.13
N GLU B 128 3.04 -4.04 0.21
CA GLU B 128 4.10 -4.33 -0.75
C GLU B 128 4.64 -5.75 -0.49
N VAL B 129 4.93 -6.11 0.76
CA VAL B 129 5.38 -7.48 0.95
C VAL B 129 4.25 -8.50 0.72
N ILE B 130 2.99 -8.08 0.86
CA ILE B 130 1.85 -8.98 0.63
C ILE B 130 1.62 -9.25 -0.87
N THR B 131 1.44 -8.19 -1.65
CA THR B 131 1.22 -8.32 -3.09
C THR B 131 2.35 -9.16 -3.69
N TRP B 132 3.60 -8.81 -3.41
CA TRP B 132 4.71 -9.60 -3.95
C TRP B 132 4.61 -11.09 -3.50
N ALA B 133 4.09 -11.32 -2.30
CA ALA B 133 3.92 -12.71 -1.82
C ALA B 133 2.76 -13.36 -2.60
N GLN B 134 1.84 -12.54 -3.12
CA GLN B 134 0.70 -13.09 -3.86
C GLN B 134 1.10 -13.36 -5.30
N LEU B 135 2.04 -12.56 -5.77
CA LEU B 135 2.54 -12.69 -7.15
C LEU B 135 3.61 -13.77 -7.32
N GLY B 136 4.09 -14.32 -6.21
CA GLY B 136 5.07 -15.40 -6.34
C GLY B 136 6.53 -15.04 -6.08
N ILE B 137 6.80 -13.79 -5.72
CA ILE B 137 8.17 -13.34 -5.46
C ILE B 137 8.81 -13.92 -4.18
N HIS B 138 8.02 -14.22 -3.14
CA HIS B 138 8.59 -14.81 -1.92
C HIS B 138 7.44 -15.48 -1.19
N ASP B 139 7.73 -16.19 -0.12
CA ASP B 139 6.62 -16.75 0.62
C ASP B 139 6.82 -16.54 2.11
N LYS B 140 7.72 -15.63 2.46
CA LYS B 140 8.00 -15.37 3.86
C LYS B 140 6.73 -14.96 4.63
N PRO B 141 6.58 -15.39 5.88
CA PRO B 141 5.37 -15.00 6.62
C PRO B 141 5.20 -13.48 6.73
N VAL B 142 3.96 -13.05 6.95
CA VAL B 142 3.63 -11.63 7.09
C VAL B 142 2.59 -11.43 8.19
N GLY B 143 3.03 -11.02 9.38
CA GLY B 143 2.09 -10.84 10.46
C GLY B 143 1.74 -9.40 10.84
N LEU B 144 0.53 -9.23 11.36
CA LEU B 144 0.05 -7.92 11.82
C LEU B 144 -0.06 -8.02 13.33
N LEU B 145 0.77 -7.28 14.05
CA LEU B 145 0.67 -7.27 15.49
C LEU B 145 -0.52 -6.33 15.72
N ASN B 146 -1.67 -6.95 15.77
CA ASN B 146 -2.93 -6.25 15.89
C ASN B 146 -3.31 -5.82 17.32
N VAL B 147 -2.52 -4.90 17.86
CA VAL B 147 -2.69 -4.39 19.22
C VAL B 147 -4.08 -3.85 19.49
N ASP B 148 -4.76 -4.50 20.43
CA ASP B 148 -6.09 -4.08 20.80
C ASP B 148 -6.95 -3.85 19.54
N GLY B 149 -6.91 -4.78 18.58
CA GLY B 149 -7.70 -4.68 17.36
C GLY B 149 -7.39 -3.50 16.45
N TYR B 150 -6.26 -2.82 16.68
CA TYR B 150 -5.90 -1.65 15.85
C TYR B 150 -6.11 -1.86 14.34
N TYR B 151 -5.79 -3.06 13.84
CA TYR B 151 -5.96 -3.36 12.40
C TYR B 151 -7.26 -4.08 12.02
N ASN B 152 -8.24 -4.14 12.92
CA ASN B 152 -9.47 -4.86 12.53
C ASN B 152 -10.19 -4.20 11.34
N SER B 153 -10.18 -2.86 11.24
CA SER B 153 -10.90 -2.26 10.12
C SER B 153 -10.17 -2.51 8.81
N LEU B 154 -8.86 -2.74 8.86
CA LEU B 154 -8.10 -3.00 7.64
C LEU B 154 -8.52 -4.39 7.17
N LEU B 155 -8.48 -5.34 8.07
CA LEU B 155 -8.84 -6.72 7.75
C LEU B 155 -10.28 -6.76 7.21
N SER B 156 -11.15 -5.90 7.74
CA SER B 156 -12.54 -5.84 7.26
C SER B 156 -12.63 -5.44 5.82
N PHE B 157 -11.63 -4.70 5.35
CA PHE B 157 -11.60 -4.28 3.94
C PHE B 157 -11.18 -5.47 3.07
N ILE B 158 -10.03 -6.08 3.38
CA ILE B 158 -9.57 -7.22 2.61
C ILE B 158 -10.59 -8.33 2.75
N ASP B 159 -11.23 -8.43 3.91
CA ASP B 159 -12.24 -9.46 4.03
C ASP B 159 -13.41 -9.08 3.08
N LYS B 160 -13.44 -7.84 2.63
CA LYS B 160 -14.46 -7.35 1.68
C LYS B 160 -14.03 -7.64 0.23
N ALA B 161 -12.81 -7.24 -0.12
CA ALA B 161 -12.26 -7.50 -1.45
C ALA B 161 -12.47 -8.99 -1.83
N VAL B 162 -12.36 -9.86 -0.81
CA VAL B 162 -12.54 -11.30 -0.99
C VAL B 162 -14.03 -11.55 -1.30
N GLU B 163 -14.88 -10.98 -0.46
CA GLU B 163 -16.32 -11.15 -0.65
C GLU B 163 -16.71 -10.62 -2.05
N GLU B 164 -15.98 -9.64 -2.55
CA GLU B 164 -16.30 -9.07 -3.86
C GLU B 164 -15.47 -9.62 -5.04
N GLY B 165 -14.69 -10.66 -4.77
CA GLY B 165 -13.93 -11.31 -5.83
C GLY B 165 -12.62 -10.67 -6.29
N PHE B 166 -12.06 -9.74 -5.50
CA PHE B 166 -10.80 -9.09 -5.90
C PHE B 166 -9.57 -9.73 -5.25
N ILE B 167 -9.79 -10.48 -4.16
CA ILE B 167 -8.69 -11.19 -3.49
C ILE B 167 -9.21 -12.61 -3.26
N SER B 168 -8.37 -13.63 -3.48
CA SER B 168 -8.83 -15.00 -3.26
C SER B 168 -8.71 -15.44 -1.79
N PRO B 169 -9.58 -16.35 -1.36
CA PRO B 169 -9.52 -16.86 0.01
C PRO B 169 -8.09 -17.35 0.33
N THR B 170 -7.41 -17.92 -0.68
CA THR B 170 -6.05 -18.39 -0.46
C THR B 170 -5.07 -17.20 -0.26
N ALA B 171 -5.15 -16.19 -1.13
CA ALA B 171 -4.26 -15.03 -0.99
C ALA B 171 -4.56 -14.28 0.35
N ARG B 172 -5.83 -14.21 0.76
CA ARG B 172 -6.16 -13.56 2.04
C ARG B 172 -5.31 -14.21 3.16
N GLU B 173 -5.08 -15.51 3.04
CA GLU B 173 -4.28 -16.21 4.06
C GLU B 173 -2.82 -15.73 4.14
N ILE B 174 -2.38 -14.95 3.15
CA ILE B 174 -1.02 -14.44 3.22
C ILE B 174 -0.88 -13.67 4.55
N ILE B 175 -1.95 -12.94 4.93
CA ILE B 175 -1.92 -12.14 6.15
C ILE B 175 -2.09 -12.90 7.46
N VAL B 176 -0.98 -13.05 8.18
CA VAL B 176 -1.00 -13.71 9.49
C VAL B 176 -1.33 -12.63 10.51
N SER B 177 -2.21 -12.96 11.44
CA SER B 177 -2.63 -11.99 12.43
C SER B 177 -2.59 -12.55 13.85
N ALA B 178 -2.29 -11.69 14.83
CA ALA B 178 -2.31 -12.09 16.23
C ALA B 178 -2.25 -10.83 17.08
N PRO B 179 -2.77 -10.90 18.31
CA PRO B 179 -2.77 -9.74 19.19
C PRO B 179 -1.51 -9.44 19.98
N THR B 180 -0.59 -10.39 20.08
CA THR B 180 0.62 -10.10 20.85
C THR B 180 1.86 -10.51 20.07
N ALA B 181 2.95 -9.82 20.32
CA ALA B 181 4.19 -10.09 19.61
C ALA B 181 4.67 -11.52 19.82
N LYS B 182 4.32 -12.14 20.95
CA LYS B 182 4.78 -13.51 21.17
C LYS B 182 3.90 -14.50 20.42
N GLU B 183 2.60 -14.28 20.45
CA GLU B 183 1.69 -15.17 19.73
C GLU B 183 1.86 -15.03 18.24
N LEU B 184 2.40 -13.89 17.79
CA LEU B 184 2.57 -13.72 16.34
C LEU B 184 3.83 -14.40 15.83
N VAL B 185 4.95 -14.23 16.51
CA VAL B 185 6.14 -14.87 16.00
C VAL B 185 5.89 -16.37 15.99
N LYS B 186 5.21 -16.86 17.01
CA LYS B 186 4.91 -18.28 17.04
C LYS B 186 4.17 -18.69 15.74
N LYS B 187 3.09 -17.99 15.39
CA LYS B 187 2.35 -18.34 14.16
C LYS B 187 3.23 -18.28 12.91
N LEU B 188 4.07 -17.24 12.81
CA LEU B 188 4.91 -17.11 11.63
C LEU B 188 5.90 -18.28 11.55
N GLU B 189 6.46 -18.68 12.70
CA GLU B 189 7.39 -19.80 12.75
C GLU B 189 6.65 -21.04 12.19
N GLU B 190 5.34 -21.07 12.42
CA GLU B 190 4.41 -22.11 11.99
C GLU B 190 4.17 -23.25 12.96
N MSE A 8 -16.77 24.86 -20.69
CA MSE A 8 -16.53 26.26 -20.20
C MSE A 8 -15.32 26.39 -19.27
O MSE A 8 -14.72 27.46 -19.17
CB MSE A 8 -17.77 26.78 -19.46
CG MSE A 8 -17.95 28.28 -19.56
SE MSE A 8 -18.13 28.95 -21.39
CE MSE A 8 -20.05 28.89 -21.55
N GLN A 9 -14.96 25.30 -18.60
CA GLN A 9 -13.81 25.30 -17.70
C GLN A 9 -12.79 24.27 -18.14
N LYS A 10 -11.51 24.62 -18.07
CA LYS A 10 -10.46 23.72 -18.50
C LYS A 10 -9.96 22.80 -17.35
N SER A 11 -9.73 21.52 -17.64
CA SER A 11 -9.24 20.54 -16.64
C SER A 11 -7.77 20.81 -16.40
N LYS A 12 -7.31 20.59 -15.16
CA LYS A 12 -5.91 20.80 -14.87
C LYS A 12 -5.06 19.56 -15.21
N PHE A 13 -5.71 18.45 -15.55
CA PHE A 13 -4.97 17.22 -15.86
C PHE A 13 -5.10 16.82 -17.35
N ARG A 14 -4.04 16.23 -17.91
CA ARG A 14 -4.07 15.77 -19.31
C ARG A 14 -4.25 14.26 -19.26
N ARG A 15 -3.66 13.65 -18.24
CA ARG A 15 -3.73 12.23 -18.06
C ARG A 15 -3.95 11.90 -16.59
N ILE A 16 -4.89 10.99 -16.31
CA ILE A 16 -5.11 10.54 -14.92
C ILE A 16 -4.60 9.10 -14.81
N CYS A 17 -3.97 8.76 -13.68
CA CYS A 17 -3.48 7.40 -13.51
C CYS A 17 -4.54 6.63 -12.72
N VAL A 18 -5.16 5.62 -13.32
CA VAL A 18 -6.17 4.87 -12.62
C VAL A 18 -5.64 3.52 -12.17
N PHE A 19 -5.81 3.24 -10.87
CA PHE A 19 -5.42 1.95 -10.29
C PHE A 19 -6.73 1.17 -10.19
N CYS A 20 -6.73 -0.09 -10.61
CA CYS A 20 -7.96 -0.87 -10.54
C CYS A 20 -7.72 -2.36 -10.72
N GLY A 21 -8.69 -3.15 -10.23
CA GLY A 21 -8.56 -4.59 -10.30
C GLY A 21 -8.79 -5.19 -11.68
N SER A 22 -8.15 -6.35 -11.87
CA SER A 22 -8.29 -7.11 -13.11
C SER A 22 -9.54 -7.97 -12.94
N SER A 23 -9.82 -8.36 -11.69
CA SER A 23 -11.03 -9.13 -11.39
C SER A 23 -12.22 -8.28 -11.81
N GLN A 24 -13.28 -8.91 -12.31
CA GLN A 24 -14.47 -8.20 -12.74
C GLN A 24 -15.29 -7.68 -11.56
N GLY A 25 -15.14 -8.31 -10.40
CA GLY A 25 -15.91 -7.89 -9.25
C GLY A 25 -17.25 -8.62 -9.20
N LYS A 26 -17.76 -8.86 -8.01
CA LYS A 26 -19.01 -9.59 -7.88
C LYS A 26 -20.19 -8.99 -8.64
N LYS A 27 -20.58 -7.76 -8.31
CA LYS A 27 -21.73 -7.12 -8.94
C LYS A 27 -21.39 -6.32 -10.17
N SER A 28 -22.23 -6.42 -11.19
CA SER A 28 -21.98 -5.72 -12.44
C SER A 28 -21.70 -4.24 -12.20
N SER A 29 -22.17 -3.73 -11.05
CA SER A 29 -21.96 -2.34 -10.72
C SER A 29 -20.50 -1.91 -10.82
N TYR A 30 -19.60 -2.59 -10.13
CA TYR A 30 -18.18 -2.23 -10.22
C TYR A 30 -17.80 -1.94 -11.67
N GLN A 31 -18.41 -2.68 -12.58
CA GLN A 31 -18.15 -2.51 -14.02
C GLN A 31 -18.73 -1.17 -14.54
N ASP A 32 -19.93 -0.81 -14.09
CA ASP A 32 -20.58 0.44 -14.51
C ASP A 32 -19.76 1.66 -14.07
N ALA A 33 -19.13 1.54 -12.91
CA ALA A 33 -18.32 2.64 -12.37
C ALA A 33 -17.02 2.77 -13.17
N ALA A 34 -16.50 1.65 -13.65
CA ALA A 34 -15.26 1.73 -14.43
C ALA A 34 -15.55 2.32 -15.83
N VAL A 35 -16.72 2.00 -16.38
CA VAL A 35 -17.11 2.54 -17.68
C VAL A 35 -17.43 4.04 -17.52
N ASP A 36 -18.17 4.38 -16.48
CA ASP A 36 -18.51 5.79 -16.26
C ASP A 36 -17.24 6.60 -16.00
N LEU A 37 -16.28 6.05 -15.26
CA LEU A 37 -15.08 6.85 -15.03
C LEU A 37 -14.38 7.14 -16.35
N GLY A 38 -14.27 6.16 -17.23
CA GLY A 38 -13.57 6.42 -18.49
C GLY A 38 -14.31 7.50 -19.29
N ASN A 39 -15.64 7.46 -19.23
CA ASN A 39 -16.40 8.43 -19.97
C ASN A 39 -16.28 9.80 -19.23
N GLU A 40 -16.12 9.78 -17.91
CA GLU A 40 -15.99 11.04 -17.18
C GLU A 40 -14.64 11.65 -17.64
N LEU A 41 -13.62 10.82 -17.84
CA LEU A 41 -12.35 11.35 -18.33
C LEU A 41 -12.55 11.96 -19.74
N VAL A 42 -12.93 11.12 -20.71
CA VAL A 42 -13.18 11.59 -22.07
C VAL A 42 -13.99 12.91 -22.04
N SER A 43 -15.11 12.91 -21.32
CA SER A 43 -15.96 14.09 -21.26
C SER A 43 -15.17 15.34 -20.88
N ARG A 44 -14.05 15.15 -20.18
CA ARG A 44 -13.21 16.25 -19.73
C ARG A 44 -11.91 16.36 -20.52
N ASN A 45 -11.81 15.59 -21.61
CA ASN A 45 -10.63 15.59 -22.47
C ASN A 45 -9.36 15.22 -21.71
N ILE A 46 -9.51 14.29 -20.78
CA ILE A 46 -8.41 13.79 -19.97
C ILE A 46 -8.04 12.41 -20.56
N ASP A 47 -6.75 12.19 -20.78
CA ASP A 47 -6.23 10.93 -21.29
C ASP A 47 -5.96 9.98 -20.08
N LEU A 48 -5.75 8.69 -20.34
CA LEU A 48 -5.52 7.71 -19.28
C LEU A 48 -4.12 7.11 -19.16
N VAL A 49 -3.64 6.95 -17.92
CA VAL A 49 -2.38 6.24 -17.69
C VAL A 49 -2.78 5.00 -16.85
N TYR A 50 -2.21 3.85 -17.16
CA TYR A 50 -2.51 2.63 -16.43
C TYR A 50 -1.52 1.44 -16.54
N GLY A 51 -1.82 0.39 -15.77
CA GLY A 51 -0.97 -0.80 -15.72
C GLY A 51 -1.24 -1.89 -16.76
N GLY A 52 -1.93 -1.55 -17.85
CA GLY A 52 -2.17 -2.50 -18.94
C GLY A 52 -3.12 -3.69 -18.84
N GLY A 53 -3.27 -4.39 -19.98
CA GLY A 53 -4.13 -5.55 -20.06
C GLY A 53 -5.56 -5.22 -20.45
N SER A 54 -6.37 -6.25 -20.70
CA SER A 54 -7.78 -6.01 -21.05
C SER A 54 -8.76 -6.83 -20.20
N ILE A 55 -8.34 -7.23 -19.01
CA ILE A 55 -9.20 -8.03 -18.13
C ILE A 55 -9.72 -7.20 -16.96
N GLY A 56 -11.01 -7.31 -16.65
CA GLY A 56 -11.59 -6.57 -15.55
C GLY A 56 -11.71 -5.07 -15.75
N LEU A 57 -11.44 -4.32 -14.68
CA LEU A 57 -11.52 -2.85 -14.71
C LEU A 57 -10.42 -2.26 -15.59
N MSE A 58 -9.18 -2.72 -15.41
CA MSE A 58 -8.09 -2.25 -16.24
C MSE A 58 -8.56 -2.36 -17.70
O MSE A 58 -8.19 -1.55 -18.52
CB MSE A 58 -6.86 -3.12 -16.05
CG MSE A 58 -6.04 -2.76 -14.83
SE MSE A 58 -4.15 -2.94 -15.20
CE MSE A 58 -4.01 -1.24 -16.02
N GLY A 59 -9.34 -3.40 -18.00
CA GLY A 59 -9.83 -3.58 -19.37
C GLY A 59 -11.11 -2.81 -19.64
N LEU A 60 -12.03 -2.81 -18.67
CA LEU A 60 -13.30 -2.12 -18.86
C LEU A 60 -13.17 -0.60 -18.84
N VAL A 61 -11.99 -0.10 -18.46
CA VAL A 61 -11.75 1.35 -18.45
C VAL A 61 -11.10 1.78 -19.78
N SER A 62 -9.82 1.47 -19.95
CA SER A 62 -9.13 1.87 -21.19
C SER A 62 -10.02 1.67 -22.42
N GLN A 63 -10.67 0.52 -22.54
CA GLN A 63 -11.56 0.29 -23.68
C GLN A 63 -12.59 1.42 -23.80
N ALA A 64 -13.09 1.93 -22.67
CA ALA A 64 -14.05 3.02 -22.71
C ALA A 64 -13.38 4.37 -23.04
N VAL A 65 -12.11 4.52 -22.69
CA VAL A 65 -11.41 5.77 -22.97
C VAL A 65 -10.99 5.78 -24.43
N HIS A 66 -10.45 4.66 -24.91
CA HIS A 66 -10.03 4.55 -26.32
C HIS A 66 -11.21 4.54 -27.30
N ASP A 67 -12.26 3.80 -26.97
CA ASP A 67 -13.44 3.72 -27.84
C ASP A 67 -14.22 5.02 -27.71
N GLY A 68 -13.70 5.92 -26.88
CA GLY A 68 -14.34 7.19 -26.64
C GLY A 68 -13.64 8.34 -27.33
N GLY A 69 -12.35 8.19 -27.61
CA GLY A 69 -11.61 9.26 -28.29
C GLY A 69 -10.34 9.82 -27.69
N ARG A 70 -10.04 9.52 -26.43
CA ARG A 70 -8.85 10.04 -25.74
C ARG A 70 -7.67 9.08 -25.81
N HIS A 71 -6.50 9.58 -25.43
CA HIS A 71 -5.30 8.79 -25.50
C HIS A 71 -5.17 7.97 -24.23
N VAL A 72 -4.63 6.76 -24.37
CA VAL A 72 -4.41 5.81 -23.28
C VAL A 72 -2.98 5.30 -23.36
N ILE A 73 -2.35 5.17 -22.20
CA ILE A 73 -0.98 4.65 -22.09
C ILE A 73 -0.99 3.58 -21.01
N GLY A 74 -0.65 2.35 -21.40
CA GLY A 74 -0.58 1.24 -20.44
C GLY A 74 0.91 0.99 -20.22
N ILE A 75 1.30 0.63 -19.00
CA ILE A 75 2.72 0.41 -18.70
C ILE A 75 2.84 -0.95 -18.03
N ILE A 76 3.47 -1.89 -18.74
CA ILE A 76 3.62 -3.25 -18.26
C ILE A 76 5.08 -3.69 -18.07
N PRO A 77 5.32 -4.71 -17.21
CA PRO A 77 6.68 -5.22 -16.97
C PRO A 77 7.04 -5.92 -18.29
N LYS A 78 8.27 -5.77 -18.76
CA LYS A 78 8.66 -6.39 -20.02
C LYS A 78 8.61 -7.92 -19.98
N THR A 79 8.59 -8.48 -18.77
CA THR A 79 8.54 -9.93 -18.62
C THR A 79 7.21 -10.49 -19.11
N LEU A 80 6.15 -9.68 -18.97
CA LEU A 80 4.82 -10.08 -19.37
C LEU A 80 4.45 -9.55 -20.74
N MSE A 81 5.38 -9.69 -21.69
CA MSE A 81 5.19 -9.26 -23.07
C MSE A 81 5.20 -7.74 -23.21
O MSE A 81 5.93 -7.19 -24.03
CB MSE A 81 3.89 -9.83 -23.63
CG MSE A 81 3.93 -11.33 -23.95
SE MSE A 81 4.05 -12.50 -22.40
CE MSE A 81 2.17 -12.75 -22.04
N VAL A 90 -6.07 -2.16 -26.33
CA VAL A 90 -6.26 -0.81 -26.86
C VAL A 90 -5.16 0.16 -26.40
N GLY A 91 -4.97 1.21 -27.18
CA GLY A 91 -3.98 2.20 -26.83
C GLY A 91 -2.53 1.79 -26.93
N GLU A 92 -1.65 2.67 -26.46
CA GLU A 92 -0.22 2.43 -26.47
C GLU A 92 0.17 1.44 -25.38
N VAL A 93 1.22 0.65 -25.61
CA VAL A 93 1.70 -0.27 -24.59
C VAL A 93 3.19 0.05 -24.33
N ARG A 94 3.56 0.30 -23.07
CA ARG A 94 4.98 0.56 -22.75
C ARG A 94 5.48 -0.56 -21.82
N ALA A 95 6.27 -1.47 -22.36
CA ALA A 95 6.84 -2.57 -21.60
C ALA A 95 8.17 -2.08 -21.07
N VAL A 96 8.26 -1.96 -19.74
CA VAL A 96 9.44 -1.47 -19.06
C VAL A 96 10.21 -2.59 -18.34
N ALA A 97 11.46 -2.31 -17.98
CA ALA A 97 12.33 -3.29 -17.34
C ALA A 97 11.81 -4.06 -16.12
N ASP A 98 11.33 -3.35 -15.10
CA ASP A 98 10.85 -4.00 -13.88
C ASP A 98 9.53 -3.44 -13.37
N MSE A 99 9.13 -3.87 -12.18
CA MSE A 99 7.87 -3.45 -11.54
C MSE A 99 7.92 -2.10 -10.84
O MSE A 99 6.91 -1.39 -10.75
CB MSE A 99 7.43 -4.52 -10.52
CG MSE A 99 6.92 -5.80 -11.15
SE MSE A 99 5.22 -5.51 -12.00
CE MSE A 99 4.07 -5.84 -10.48
N HIS A 100 9.09 -1.73 -10.31
CA HIS A 100 9.20 -0.44 -9.64
C HIS A 100 9.32 0.68 -10.68
N GLN A 101 9.74 0.32 -11.88
CA GLN A 101 9.87 1.28 -12.99
C GLN A 101 8.47 1.50 -13.58
N ARG A 102 7.73 0.41 -13.76
CA ARG A 102 6.38 0.53 -14.27
C ARG A 102 5.61 1.46 -13.33
N LYS A 103 5.81 1.28 -12.03
CA LYS A 103 5.14 2.10 -11.01
C LYS A 103 5.50 3.59 -11.09
N ALA A 104 6.79 3.90 -11.05
CA ALA A 104 7.21 5.31 -11.10
C ALA A 104 6.84 6.00 -12.40
N GLU A 105 6.89 5.28 -13.52
CA GLU A 105 6.54 5.86 -14.80
C GLU A 105 5.07 6.30 -14.79
N MSE A 106 4.19 5.42 -14.31
CA MSE A 106 2.77 5.76 -14.24
C MSE A 106 2.65 7.11 -13.52
O MSE A 106 2.07 8.04 -14.05
CB MSE A 106 1.96 4.66 -13.50
CG MSE A 106 1.36 3.57 -14.42
SE MSE A 106 0.02 2.36 -13.60
CE MSE A 106 1.18 0.93 -12.97
N ALA A 107 3.24 7.21 -12.33
CA ALA A 107 3.18 8.46 -11.56
C ALA A 107 3.76 9.68 -12.30
N LYS A 108 4.99 9.55 -12.82
CA LYS A 108 5.67 10.63 -13.54
C LYS A 108 4.83 11.23 -14.68
N HIS A 109 4.19 10.37 -15.47
CA HIS A 109 3.37 10.82 -16.59
C HIS A 109 1.93 11.18 -16.22
N SER A 110 1.63 11.25 -14.92
CA SER A 110 0.26 11.58 -14.50
C SER A 110 0.13 12.83 -13.63
N ASP A 111 -1.05 13.45 -13.70
CA ASP A 111 -1.36 14.68 -12.96
C ASP A 111 -2.26 14.46 -11.72
N ALA A 112 -2.83 13.26 -11.58
CA ALA A 112 -3.67 12.91 -10.43
C ALA A 112 -3.74 11.38 -10.33
N PHE A 113 -4.34 10.87 -9.26
CA PHE A 113 -4.43 9.44 -9.05
C PHE A 113 -5.81 9.08 -8.54
N ILE A 114 -6.45 8.10 -9.15
CA ILE A 114 -7.78 7.69 -8.68
C ILE A 114 -7.73 6.19 -8.38
N ALA A 115 -8.41 5.72 -7.33
CA ALA A 115 -8.41 4.29 -7.10
C ALA A 115 -9.81 3.74 -7.26
N LEU A 116 -9.95 2.78 -8.17
CA LEU A 116 -11.23 2.11 -8.37
C LEU A 116 -11.08 0.84 -7.49
N PRO A 117 -12.20 0.16 -7.20
CA PRO A 117 -12.06 -1.04 -6.39
C PRO A 117 -11.08 -2.03 -7.07
N GLY A 118 -10.21 -2.64 -6.26
CA GLY A 118 -9.26 -3.62 -6.78
C GLY A 118 -8.71 -4.48 -5.65
N GLY A 119 -7.74 -5.34 -5.97
CA GLY A 119 -7.12 -6.25 -4.99
C GLY A 119 -5.85 -5.72 -4.33
N TYR A 120 -4.94 -6.62 -3.91
CA TYR A 120 -3.72 -6.17 -3.25
C TYR A 120 -2.90 -5.19 -4.07
N GLY A 121 -2.82 -5.44 -5.39
CA GLY A 121 -2.04 -4.56 -6.25
C GLY A 121 -2.60 -3.14 -6.36
N THR A 122 -3.91 -3.01 -6.35
CA THR A 122 -4.58 -1.72 -6.43
C THR A 122 -4.30 -0.89 -5.19
N LEU A 123 -4.44 -1.51 -4.02
CA LEU A 123 -4.21 -0.81 -2.74
C LEU A 123 -2.73 -0.44 -2.52
N GLU A 124 -1.81 -1.31 -2.92
CA GLU A 124 -0.37 -1.04 -2.76
C GLU A 124 0.04 0.16 -3.63
N GLU A 125 -0.52 0.22 -4.85
CA GLU A 125 -0.22 1.31 -5.79
C GLU A 125 -0.77 2.57 -5.18
N LEU A 126 -2.03 2.50 -4.72
CA LEU A 126 -2.68 3.63 -4.10
C LEU A 126 -1.94 4.09 -2.83
N LEU A 127 -1.65 3.16 -1.92
CA LEU A 127 -0.98 3.54 -0.67
C LEU A 127 0.36 4.22 -0.95
N GLU A 128 1.04 3.76 -2.01
CA GLU A 128 2.30 4.41 -2.33
C GLU A 128 2.08 5.88 -2.79
N VAL A 129 1.21 6.10 -3.76
CA VAL A 129 1.03 7.48 -4.21
C VAL A 129 0.53 8.37 -3.08
N ILE A 130 -0.32 7.84 -2.18
CA ILE A 130 -0.80 8.66 -1.06
C ILE A 130 0.37 8.99 -0.15
N THR A 131 1.22 8.00 0.12
CA THR A 131 2.36 8.22 1.01
C THR A 131 3.32 9.27 0.41
N TRP A 132 3.56 9.18 -0.89
CA TRP A 132 4.46 10.14 -1.53
C TRP A 132 3.96 11.59 -1.37
N ALA A 133 2.64 11.77 -1.41
CA ALA A 133 2.06 13.11 -1.23
C ALA A 133 2.36 13.55 0.20
N GLN A 134 2.06 12.67 1.15
CA GLN A 134 2.28 12.97 2.55
C GLN A 134 3.71 13.41 2.77
N LEU A 135 4.66 12.80 2.05
CA LEU A 135 6.07 13.17 2.21
C LEU A 135 6.43 14.41 1.38
N GLY A 136 5.50 14.90 0.59
CA GLY A 136 5.79 16.08 -0.22
C GLY A 136 6.60 15.77 -1.46
N ILE A 137 6.56 14.52 -1.91
CA ILE A 137 7.28 14.13 -3.11
C ILE A 137 6.51 14.58 -4.36
N HIS A 138 5.20 14.71 -4.22
CA HIS A 138 4.37 15.19 -5.33
C HIS A 138 3.14 15.84 -4.74
N ASP A 139 2.41 16.56 -5.57
CA ASP A 139 1.24 17.27 -5.16
C ASP A 139 0.05 16.92 -6.04
N LYS A 140 0.09 15.74 -6.62
CA LYS A 140 -0.97 15.29 -7.51
C LYS A 140 -2.17 14.81 -6.68
N PRO A 141 -3.40 15.19 -7.07
CA PRO A 141 -4.59 14.76 -6.31
C PRO A 141 -4.81 13.24 -6.35
N VAL A 142 -5.20 12.67 -5.21
CA VAL A 142 -5.45 11.23 -5.12
C VAL A 142 -6.91 10.99 -4.68
N GLY A 143 -7.65 10.22 -5.44
CA GLY A 143 -9.05 9.98 -5.07
C GLY A 143 -9.48 8.53 -5.14
N LEU A 144 -10.64 8.25 -4.55
CA LEU A 144 -11.23 6.90 -4.57
C LEU A 144 -12.61 6.96 -5.19
N LEU A 145 -12.86 6.09 -6.16
CA LEU A 145 -14.16 6.02 -6.78
C LEU A 145 -14.82 4.87 -6.04
N ASN A 146 -15.46 5.25 -4.95
CA ASN A 146 -16.09 4.33 -4.01
C ASN A 146 -17.38 3.67 -4.54
N VAL A 147 -17.23 2.42 -4.95
CA VAL A 147 -18.36 1.65 -5.49
C VAL A 147 -18.95 0.68 -4.47
N ASP A 148 -20.21 0.89 -4.16
CA ASP A 148 -20.91 0.03 -3.23
C ASP A 148 -20.24 -0.03 -1.86
N GLY A 149 -19.70 1.10 -1.41
CA GLY A 149 -19.03 1.12 -0.12
C GLY A 149 -17.77 0.26 -0.03
N TYR A 150 -17.25 -0.22 -1.17
CA TYR A 150 -16.05 -1.07 -1.19
C TYR A 150 -14.97 -0.43 -0.31
N TYR A 151 -14.72 0.86 -0.53
CA TYR A 151 -13.70 1.50 0.23
C TYR A 151 -14.19 1.99 1.56
N ASN A 152 -15.47 1.76 1.89
CA ASN A 152 -15.93 2.32 3.17
C ASN A 152 -15.07 1.83 4.35
N SER A 153 -14.57 0.58 4.36
CA SER A 153 -13.75 0.16 5.54
C SER A 153 -12.28 0.62 5.45
N LEU A 154 -11.87 1.18 4.31
CA LEU A 154 -10.51 1.66 4.21
C LEU A 154 -10.45 3.01 4.94
N LEU A 155 -11.56 3.73 4.95
CA LEU A 155 -11.63 5.04 5.63
C LEU A 155 -11.58 4.83 7.17
N SER A 156 -12.52 4.07 7.71
CA SER A 156 -12.46 3.79 9.15
C SER A 156 -11.09 3.19 9.44
N PHE A 157 -10.42 2.65 8.42
CA PHE A 157 -9.09 2.17 8.76
C PHE A 157 -8.13 3.37 8.83
N ILE A 158 -8.19 4.28 7.88
CA ILE A 158 -7.32 5.40 8.03
C ILE A 158 -7.93 6.28 9.11
N ASP A 159 -9.06 5.84 9.67
CA ASP A 159 -9.72 6.63 10.72
C ASP A 159 -9.25 6.24 12.13
N LYS A 160 -8.87 4.98 12.28
CA LYS A 160 -8.38 4.47 13.56
C LYS A 160 -6.95 4.98 13.70
N ALA A 161 -6.31 5.22 12.55
CA ALA A 161 -4.97 5.74 12.57
C ALA A 161 -4.99 7.23 12.98
N VAL A 162 -5.85 8.04 12.37
CA VAL A 162 -5.90 9.47 12.73
C VAL A 162 -6.22 9.62 14.21
N GLU A 163 -7.24 8.89 14.66
CA GLU A 163 -7.63 8.96 16.07
C GLU A 163 -6.42 8.63 16.97
N GLU A 164 -5.69 7.55 16.64
CA GLU A 164 -4.56 7.17 17.49
C GLU A 164 -3.33 8.06 17.28
N GLY A 165 -3.38 8.84 16.21
CA GLY A 165 -2.33 9.77 15.90
C GLY A 165 -1.18 9.30 15.04
N PHE A 166 -1.34 8.16 14.38
CA PHE A 166 -0.24 7.67 13.53
C PHE A 166 -0.27 8.34 12.16
N ILE A 167 -1.36 9.03 11.88
CA ILE A 167 -1.54 9.78 10.65
C ILE A 167 -2.12 11.12 11.14
N SER A 168 -1.69 12.24 10.55
CA SER A 168 -2.20 13.56 10.98
C SER A 168 -3.54 13.85 10.34
N PRO A 169 -4.40 14.63 11.03
CA PRO A 169 -5.71 14.95 10.45
C PRO A 169 -5.52 15.54 9.04
N THR A 170 -4.40 16.22 8.81
CA THR A 170 -4.16 16.80 7.47
C THR A 170 -3.94 15.74 6.40
N ALA A 171 -3.00 14.83 6.64
CA ALA A 171 -2.70 13.77 5.68
C ALA A 171 -3.93 12.88 5.41
N ARG A 172 -4.84 12.77 6.38
CA ARG A 172 -6.03 11.96 6.12
C ARG A 172 -6.82 12.59 4.97
N GLU A 173 -6.80 13.93 4.93
CA GLU A 173 -7.55 14.64 3.88
C GLU A 173 -6.88 14.49 2.51
N ILE A 174 -5.71 13.87 2.46
CA ILE A 174 -5.04 13.67 1.16
C ILE A 174 -5.90 12.75 0.30
N ILE A 175 -6.64 11.85 0.94
CA ILE A 175 -7.49 10.93 0.19
C ILE A 175 -8.85 11.51 -0.08
N VAL A 176 -9.05 11.84 -1.34
CA VAL A 176 -10.31 12.38 -1.81
C VAL A 176 -11.20 11.16 -2.06
N SER A 177 -12.50 11.28 -1.79
CA SER A 177 -13.41 10.14 -1.96
C SER A 177 -14.76 10.54 -2.53
N ALA A 178 -15.37 9.64 -3.31
CA ALA A 178 -16.70 9.91 -3.87
C ALA A 178 -17.30 8.60 -4.38
N PRO A 179 -18.61 8.39 -4.19
CA PRO A 179 -19.28 7.16 -4.63
C PRO A 179 -19.56 7.01 -6.12
N THR A 180 -19.33 8.08 -6.88
CA THR A 180 -19.55 8.10 -8.31
C THR A 180 -18.41 8.78 -9.05
N ALA A 181 -18.24 8.44 -10.32
CA ALA A 181 -17.17 9.02 -11.13
C ALA A 181 -17.27 10.55 -11.29
N LYS A 182 -18.47 11.03 -11.59
CA LYS A 182 -18.66 12.47 -11.78
C LYS A 182 -18.27 13.27 -10.52
N GLU A 183 -18.79 12.87 -9.36
CA GLU A 183 -18.42 13.59 -8.15
C GLU A 183 -16.91 13.55 -7.84
N LEU A 184 -16.33 12.36 -7.85
CA LEU A 184 -14.90 12.26 -7.55
C LEU A 184 -14.03 13.15 -8.46
N VAL A 185 -14.33 13.18 -9.76
CA VAL A 185 -13.50 14.01 -10.63
C VAL A 185 -13.73 15.50 -10.31
N LYS A 186 -14.96 15.84 -9.93
CA LYS A 186 -15.19 17.24 -9.59
C LYS A 186 -14.30 17.56 -8.39
N LYS A 187 -14.35 16.71 -7.36
CA LYS A 187 -13.55 16.96 -6.18
C LYS A 187 -12.05 17.07 -6.51
N LEU A 188 -11.58 16.25 -7.46
CA LEU A 188 -10.17 16.29 -7.83
C LEU A 188 -9.83 17.57 -8.61
N GLU A 189 -10.72 18.04 -9.47
CA GLU A 189 -10.44 19.27 -10.22
C GLU A 189 -10.23 20.35 -9.15
N GLU A 190 -10.89 20.14 -8.02
CA GLU A 190 -10.84 20.98 -6.85
C GLU A 190 -11.46 22.36 -7.06
N LYS B 10 15.99 -22.96 18.96
CA LYS B 10 14.92 -22.65 17.98
C LYS B 10 15.05 -21.25 17.36
N SER B 11 14.97 -21.21 16.02
CA SER B 11 15.08 -19.98 15.24
C SER B 11 14.70 -20.22 13.77
N LYS B 12 13.42 -20.42 13.46
CA LYS B 12 13.08 -20.63 12.05
C LYS B 12 13.43 -19.35 11.27
N PHE B 13 13.49 -18.23 11.99
CA PHE B 13 13.82 -16.96 11.36
C PHE B 13 15.16 -16.45 11.83
N ARG B 14 15.93 -15.90 10.89
CA ARG B 14 17.24 -15.32 11.15
C ARG B 14 17.10 -13.79 11.20
N ARG B 15 16.08 -13.28 10.53
CA ARG B 15 15.86 -11.85 10.49
C ARG B 15 14.41 -11.52 10.29
N ILE B 16 13.80 -10.85 11.26
CA ILE B 16 12.43 -10.43 11.08
C ILE B 16 12.42 -8.93 10.80
N CYS B 17 11.79 -8.52 9.69
CA CYS B 17 11.71 -7.11 9.33
C CYS B 17 10.45 -6.49 9.92
N VAL B 18 10.60 -5.29 10.45
CA VAL B 18 9.47 -4.61 11.02
C VAL B 18 9.14 -3.29 10.38
N PHE B 19 7.85 -3.11 10.06
CA PHE B 19 7.33 -1.87 9.50
C PHE B 19 6.44 -1.32 10.62
N CYS B 20 6.62 -0.05 10.95
CA CYS B 20 5.81 0.52 12.02
C CYS B 20 5.83 2.04 12.05
N GLY B 21 4.97 2.58 12.90
CA GLY B 21 4.83 4.02 13.02
C GLY B 21 6.11 4.81 13.27
N SER B 22 6.26 5.90 12.54
CA SER B 22 7.40 6.80 12.71
C SER B 22 6.99 7.78 13.83
N SER B 23 5.70 7.77 14.15
CA SER B 23 5.15 8.59 15.24
C SER B 23 4.79 7.58 16.32
N GLN B 24 5.00 7.94 17.59
CA GLN B 24 4.70 7.04 18.71
C GLN B 24 3.23 6.75 19.01
N GLY B 25 2.34 7.53 18.43
CA GLY B 25 0.93 7.29 18.66
C GLY B 25 0.61 7.64 20.10
N LYS B 26 -0.66 7.51 20.47
CA LYS B 26 -1.09 7.86 21.84
C LYS B 26 -0.99 6.70 22.83
N LYS B 27 -1.87 5.72 22.67
CA LYS B 27 -1.96 4.58 23.57
C LYS B 27 -0.63 3.94 23.95
N SER B 28 -0.37 3.91 25.26
CA SER B 28 0.87 3.31 25.75
C SER B 28 0.94 1.84 25.35
N SER B 29 -0.22 1.22 25.13
CA SER B 29 -0.22 -0.20 24.74
C SER B 29 0.54 -0.40 23.41
N TYR B 30 0.51 0.60 22.53
CA TYR B 30 1.22 0.47 21.25
C TYR B 30 2.71 0.61 21.46
N GLN B 31 3.12 1.62 22.22
CA GLN B 31 4.54 1.80 22.47
C GLN B 31 4.98 0.61 23.31
N ASP B 32 4.10 0.14 24.19
CA ASP B 32 4.42 -1.02 25.02
C ASP B 32 4.56 -2.23 24.11
N ALA B 33 3.68 -2.36 23.10
CA ALA B 33 3.80 -3.50 22.21
C ALA B 33 5.02 -3.28 21.32
N ALA B 34 5.52 -2.05 21.23
CA ALA B 34 6.68 -1.82 20.38
C ALA B 34 7.93 -2.42 21.05
N VAL B 35 8.27 -1.90 22.22
CA VAL B 35 9.41 -2.44 22.98
C VAL B 35 9.21 -3.93 23.22
N ASP B 36 7.96 -4.34 23.49
CA ASP B 36 7.68 -5.75 23.74
C ASP B 36 8.15 -6.61 22.57
N LEU B 37 7.79 -6.21 21.35
CA LEU B 37 8.21 -6.98 20.19
C LEU B 37 9.73 -7.07 20.23
N GLY B 38 10.38 -5.91 20.28
CA GLY B 38 11.84 -5.87 20.32
C GLY B 38 12.39 -6.88 21.31
N ASN B 39 11.82 -6.90 22.53
CA ASN B 39 12.23 -7.83 23.55
C ASN B 39 11.99 -9.26 23.13
N GLU B 40 10.89 -9.50 22.43
CA GLU B 40 10.60 -10.85 22.00
C GLU B 40 11.67 -11.32 21.02
N LEU B 41 11.95 -10.53 19.98
CA LEU B 41 12.98 -10.91 19.01
C LEU B 41 14.29 -11.22 19.73
N VAL B 42 14.67 -10.35 20.67
CA VAL B 42 15.93 -10.57 21.39
C VAL B 42 15.93 -11.92 22.09
N SER B 43 14.79 -12.30 22.66
CA SER B 43 14.66 -13.56 23.37
C SER B 43 14.67 -14.78 22.45
N ARG B 44 14.42 -14.55 21.16
CA ARG B 44 14.43 -15.66 20.21
C ARG B 44 15.69 -15.65 19.34
N ASN B 45 16.61 -14.73 19.61
CA ASN B 45 17.83 -14.63 18.82
C ASN B 45 17.51 -14.30 17.36
N ILE B 46 16.61 -13.35 17.16
CA ILE B 46 16.25 -12.98 15.83
C ILE B 46 16.81 -11.61 15.53
N ASP B 47 17.37 -11.44 14.32
CA ASP B 47 17.93 -10.14 13.91
C ASP B 47 16.84 -9.28 13.28
N LEU B 48 17.05 -7.97 13.33
CA LEU B 48 16.09 -7.01 12.82
C LEU B 48 16.51 -6.19 11.62
N VAL B 49 15.51 -5.93 10.77
CA VAL B 49 15.67 -5.03 9.62
C VAL B 49 14.53 -4.02 9.80
N TYR B 50 14.81 -2.72 9.77
CA TYR B 50 13.71 -1.74 9.90
C TYR B 50 13.95 -0.54 8.99
N GLY B 51 13.00 0.40 8.96
CA GLY B 51 13.10 1.55 8.08
C GLY B 51 14.01 2.71 8.48
N GLY B 52 14.75 2.54 9.57
CA GLY B 52 15.70 3.57 9.98
C GLY B 52 15.20 4.62 10.96
N GLY B 53 16.16 5.35 11.54
CA GLY B 53 15.83 6.40 12.47
C GLY B 53 15.61 5.99 13.92
N SER B 54 15.38 6.96 14.78
CA SER B 54 15.20 6.69 16.20
C SER B 54 13.91 7.25 16.75
N ILE B 55 12.92 7.49 15.89
CA ILE B 55 11.66 8.02 16.37
C ILE B 55 10.50 7.05 16.22
N GLY B 56 9.47 7.27 17.03
CA GLY B 56 8.26 6.46 16.99
C GLY B 56 8.42 5.03 17.44
N LEU B 57 7.45 4.19 17.07
CA LEU B 57 7.53 2.79 17.42
C LEU B 57 8.78 2.22 16.74
N MSE B 58 9.20 2.84 15.64
CA MSE B 58 10.40 2.39 14.93
C MSE B 58 11.60 2.70 15.81
O MSE B 58 12.49 1.87 15.97
CB MSE B 58 10.58 3.14 13.61
CG MSE B 58 9.47 2.92 12.58
SE MSE B 58 9.63 4.15 11.09
CE MSE B 58 10.59 3.09 9.82
N GLY B 59 11.61 3.91 16.36
CA GLY B 59 12.68 4.33 17.24
C GLY B 59 12.60 3.56 18.55
N LEU B 60 11.44 2.98 18.85
CA LEU B 60 11.32 2.24 20.10
C LEU B 60 11.68 0.76 19.99
N VAL B 61 11.37 0.13 18.85
CA VAL B 61 11.71 -1.27 18.70
C VAL B 61 13.17 -1.51 18.27
N SER B 62 13.70 -0.76 17.30
CA SER B 62 15.08 -1.07 16.88
C SER B 62 16.09 -0.93 18.04
N GLN B 63 15.78 -0.07 19.01
CA GLN B 63 16.65 0.10 20.18
C GLN B 63 16.55 -1.11 21.13
N ALA B 64 15.33 -1.59 21.35
CA ALA B 64 15.15 -2.75 22.23
C ALA B 64 15.97 -3.92 21.67
N VAL B 65 15.95 -4.11 20.34
CA VAL B 65 16.72 -5.21 19.77
C VAL B 65 18.24 -4.92 19.82
N HIS B 66 18.63 -3.68 19.55
CA HIS B 66 20.06 -3.34 19.59
C HIS B 66 20.71 -3.50 20.98
N ASP B 67 20.00 -3.00 21.99
CA ASP B 67 20.50 -3.03 23.36
C ASP B 67 20.25 -4.36 24.02
N GLY B 68 19.55 -5.23 23.28
CA GLY B 68 19.26 -6.54 23.79
C GLY B 68 20.30 -7.58 23.41
N GLY B 69 21.06 -7.37 22.32
CA GLY B 69 22.07 -8.35 21.96
C GLY B 69 22.11 -8.78 20.51
N ARG B 70 21.00 -8.62 19.79
CA ARG B 70 21.00 -9.00 18.36
C ARG B 70 21.40 -7.81 17.49
N HIS B 71 21.57 -8.05 16.19
CA HIS B 71 21.95 -7.01 15.24
C HIS B 71 20.72 -6.34 14.68
N VAL B 72 20.90 -5.08 14.30
CA VAL B 72 19.87 -4.25 13.71
C VAL B 72 20.40 -3.57 12.43
N ILE B 73 19.61 -3.66 11.36
CA ILE B 73 19.95 -3.01 10.11
C ILE B 73 18.78 -2.10 9.71
N GLY B 74 19.08 -0.81 9.57
CA GLY B 74 18.09 0.15 9.13
C GLY B 74 18.42 0.53 7.71
N ILE B 75 17.42 0.49 6.83
CA ILE B 75 17.64 0.81 5.42
C ILE B 75 16.89 2.07 5.07
N ILE B 76 17.63 3.11 4.69
CA ILE B 76 17.07 4.41 4.37
C ILE B 76 17.37 4.86 2.95
N PRO B 77 16.84 6.04 2.56
CA PRO B 77 17.06 6.60 1.22
C PRO B 77 18.34 7.45 1.15
N LYS B 78 18.54 8.10 0.01
CA LYS B 78 19.68 8.99 -0.22
C LYS B 78 21.03 8.28 -0.12
N GLY B 87 15.94 11.52 12.98
CA GLY B 87 16.89 11.05 13.98
C GLY B 87 17.84 10.03 13.38
N GLU B 88 18.91 9.70 14.10
CA GLU B 88 19.88 8.73 13.58
C GLU B 88 19.34 7.30 13.63
N THR B 89 19.91 6.48 12.76
CA THR B 89 19.53 5.09 12.66
C THR B 89 20.41 4.30 13.59
N VAL B 90 19.85 3.29 14.25
CA VAL B 90 20.63 2.46 15.14
C VAL B 90 21.13 1.25 14.34
N GLY B 91 22.22 0.66 14.80
CA GLY B 91 22.79 -0.50 14.11
C GLY B 91 23.44 -0.16 12.78
N GLU B 92 23.48 -1.14 11.89
CA GLU B 92 24.05 -0.97 10.55
C GLU B 92 23.07 -0.14 9.73
N VAL B 93 23.55 0.98 9.21
CA VAL B 93 22.73 1.86 8.38
C VAL B 93 22.99 1.57 6.90
N ARG B 94 21.94 1.68 6.08
CA ARG B 94 22.11 1.47 4.65
C ARG B 94 21.28 2.52 3.94
N ALA B 95 21.96 3.42 3.23
CA ALA B 95 21.26 4.47 2.50
C ALA B 95 21.20 3.97 1.07
N VAL B 96 19.99 3.93 0.53
CA VAL B 96 19.78 3.47 -0.83
C VAL B 96 19.17 4.55 -1.73
N ALA B 97 19.17 4.27 -3.03
CA ALA B 97 18.70 5.21 -4.04
C ALA B 97 17.49 6.02 -3.65
N ASP B 98 16.39 5.35 -3.35
CA ASP B 98 15.20 6.10 -3.01
C ASP B 98 14.17 5.19 -2.36
N MSE B 99 12.94 5.68 -2.27
CA MSE B 99 11.89 4.90 -1.65
C MSE B 99 11.72 3.52 -2.23
O MSE B 99 11.49 2.56 -1.49
CB MSE B 99 10.55 5.64 -1.70
CG MSE B 99 10.41 6.73 -0.63
SE MSE B 99 10.48 6.06 1.22
CE MSE B 99 12.32 6.53 1.69
N HIS B 100 11.80 3.40 -3.56
CA HIS B 100 11.65 2.08 -4.17
C HIS B 100 12.82 1.17 -3.80
N GLN B 101 14.04 1.67 -3.97
CA GLN B 101 15.20 0.86 -3.61
C GLN B 101 15.18 0.52 -2.11
N ARG B 102 14.49 1.31 -1.30
CA ARG B 102 14.42 1.01 0.12
C ARG B 102 13.58 -0.22 0.43
N LYS B 103 12.39 -0.28 -0.14
CA LYS B 103 11.54 -1.44 0.11
C LYS B 103 12.17 -2.70 -0.50
N ALA B 104 12.75 -2.59 -1.69
CA ALA B 104 13.39 -3.75 -2.31
C ALA B 104 14.47 -4.28 -1.38
N GLU B 105 15.35 -3.39 -0.91
CA GLU B 105 16.43 -3.84 -0.04
C GLU B 105 15.96 -4.44 1.27
N MSE B 106 14.96 -3.84 1.89
CA MSE B 106 14.47 -4.36 3.15
C MSE B 106 13.92 -5.75 2.92
O MSE B 106 14.24 -6.67 3.67
CB MSE B 106 13.39 -3.45 3.76
CG MSE B 106 13.93 -2.12 4.29
SE MSE B 106 12.55 -0.99 5.09
CE MSE B 106 12.27 -1.92 6.73
N ALA B 107 13.11 -5.89 1.88
CA ALA B 107 12.52 -7.17 1.56
C ALA B 107 13.59 -8.19 1.18
N LYS B 108 14.69 -7.74 0.60
CA LYS B 108 15.69 -8.72 0.20
C LYS B 108 16.43 -9.37 1.39
N HIS B 109 16.66 -8.59 2.44
CA HIS B 109 17.42 -9.06 3.60
C HIS B 109 16.65 -9.46 4.87
N SER B 110 15.53 -10.16 4.68
CA SER B 110 14.73 -10.58 5.82
C SER B 110 14.00 -11.88 5.52
N ASP B 111 13.63 -12.57 6.59
CA ASP B 111 12.95 -13.85 6.46
C ASP B 111 11.46 -13.82 6.76
N ALA B 112 11.00 -12.77 7.43
CA ALA B 112 9.57 -12.62 7.75
C ALA B 112 9.30 -11.13 7.95
N PHE B 113 8.03 -10.76 8.04
CA PHE B 113 7.67 -9.35 8.17
C PHE B 113 6.61 -9.14 9.23
N ILE B 114 6.72 -8.06 9.98
CA ILE B 114 5.72 -7.74 10.99
C ILE B 114 5.37 -6.26 10.94
N ALA B 115 4.06 -6.00 10.98
CA ALA B 115 3.59 -4.63 11.01
C ALA B 115 3.00 -4.31 12.38
N LEU B 116 3.66 -3.46 13.14
CA LEU B 116 3.08 -2.96 14.40
C LEU B 116 2.19 -1.84 13.87
N PRO B 117 1.29 -1.31 14.71
CA PRO B 117 0.43 -0.22 14.29
C PRO B 117 1.31 0.89 13.67
N GLY B 118 0.81 1.52 12.60
CA GLY B 118 1.53 2.57 11.91
C GLY B 118 0.55 3.32 10.99
N GLY B 119 1.05 4.28 10.22
CA GLY B 119 0.19 5.04 9.36
C GLY B 119 0.41 4.70 7.89
N TYR B 120 0.51 5.71 7.03
CA TYR B 120 0.67 5.43 5.61
C TYR B 120 1.98 4.75 5.28
N GLY B 121 3.05 5.11 5.98
CA GLY B 121 4.36 4.50 5.72
C GLY B 121 4.33 3.02 6.07
N THR B 122 3.63 2.72 7.14
CA THR B 122 3.52 1.34 7.59
C THR B 122 2.61 0.49 6.69
N LEU B 123 1.56 1.09 6.15
CA LEU B 123 0.64 0.33 5.27
C LEU B 123 1.26 0.07 3.88
N GLU B 124 1.99 1.05 3.35
CA GLU B 124 2.64 0.92 2.03
C GLU B 124 3.57 -0.31 2.08
N GLU B 125 4.43 -0.34 3.08
CA GLU B 125 5.40 -1.40 3.26
C GLU B 125 4.75 -2.75 3.53
N LEU B 126 3.77 -2.74 4.42
CA LEU B 126 3.07 -3.97 4.76
C LEU B 126 2.51 -4.58 3.48
N LEU B 127 1.69 -3.80 2.78
CA LEU B 127 1.03 -4.33 1.59
C LEU B 127 1.98 -4.67 0.48
N GLU B 128 3.08 -3.91 0.40
CA GLU B 128 4.06 -4.23 -0.64
C GLU B 128 4.54 -5.68 -0.47
N VAL B 129 4.90 -6.09 0.75
CA VAL B 129 5.31 -7.49 0.89
C VAL B 129 4.14 -8.45 0.62
N ILE B 130 2.93 -8.18 1.14
CA ILE B 130 1.81 -9.06 0.87
C ILE B 130 1.66 -9.21 -0.66
N THR B 131 1.59 -8.08 -1.36
CA THR B 131 1.47 -8.07 -2.82
C THR B 131 2.48 -9.02 -3.44
N TRP B 132 3.77 -8.73 -3.29
CA TRP B 132 4.81 -9.58 -3.86
C TRP B 132 4.59 -11.08 -3.52
N ALA B 133 4.18 -11.38 -2.29
CA ALA B 133 3.93 -12.79 -1.92
C ALA B 133 2.86 -13.40 -2.83
N GLN B 134 1.88 -12.57 -3.25
CA GLN B 134 0.79 -13.03 -4.11
C GLN B 134 1.28 -13.25 -5.54
N LEU B 135 2.25 -12.45 -5.91
CA LEU B 135 2.84 -12.51 -7.26
C LEU B 135 3.70 -13.75 -7.48
N GLY B 136 4.23 -14.29 -6.39
CA GLY B 136 5.06 -15.47 -6.51
C GLY B 136 6.51 -15.16 -6.25
N ILE B 137 6.86 -13.87 -6.26
CA ILE B 137 8.25 -13.41 -6.03
C ILE B 137 8.89 -14.05 -4.79
N HIS B 138 8.46 -13.63 -3.61
CA HIS B 138 8.99 -14.22 -2.39
C HIS B 138 7.82 -14.97 -1.79
N ASP B 139 8.09 -15.84 -0.81
CA ASP B 139 7.04 -16.56 -0.08
C ASP B 139 7.38 -16.52 1.38
N LYS B 140 7.54 -15.31 1.94
CA LYS B 140 7.84 -15.22 3.37
C LYS B 140 6.59 -14.78 4.16
N PRO B 141 6.34 -15.38 5.34
CA PRO B 141 5.16 -15.01 6.15
C PRO B 141 5.05 -13.50 6.37
N VAL B 142 3.86 -13.04 6.73
CA VAL B 142 3.59 -11.61 6.96
C VAL B 142 2.58 -11.44 8.09
N GLY B 143 3.01 -10.90 9.23
CA GLY B 143 2.06 -10.75 10.33
C GLY B 143 1.80 -9.32 10.80
N LEU B 144 0.65 -9.14 11.43
CA LEU B 144 0.25 -7.84 11.99
C LEU B 144 0.31 -7.97 13.51
N LEU B 145 0.75 -6.91 14.15
CA LEU B 145 0.74 -6.91 15.59
C LEU B 145 -0.53 -6.09 15.79
N ASN B 146 -1.61 -6.84 15.84
CA ASN B 146 -2.94 -6.28 15.95
C ASN B 146 -3.28 -5.87 17.39
N VAL B 147 -2.59 -4.86 17.87
CA VAL B 147 -2.75 -4.33 19.23
C VAL B 147 -4.13 -3.82 19.51
N ASP B 148 -4.80 -4.46 20.46
CA ASP B 148 -6.13 -4.07 20.84
C ASP B 148 -7.00 -3.84 19.59
N GLY B 149 -6.93 -4.74 18.61
CA GLY B 149 -7.72 -4.65 17.38
C GLY B 149 -7.40 -3.49 16.46
N TYR B 150 -6.29 -2.79 16.70
CA TYR B 150 -5.94 -1.63 15.85
C TYR B 150 -6.11 -1.88 14.35
N TYR B 151 -5.80 -3.09 13.88
CA TYR B 151 -5.96 -3.44 12.46
C TYR B 151 -7.33 -4.00 12.04
N ASN B 152 -8.27 -4.20 12.98
CA ASN B 152 -9.56 -4.78 12.61
C ASN B 152 -10.21 -4.16 11.36
N SER B 153 -10.12 -2.84 11.20
CA SER B 153 -10.73 -2.22 10.04
C SER B 153 -10.01 -2.47 8.74
N LEU B 154 -8.76 -2.93 8.82
CA LEU B 154 -8.01 -3.20 7.61
C LEU B 154 -8.36 -4.62 7.16
N LEU B 155 -8.50 -5.50 8.14
CA LEU B 155 -8.81 -6.89 7.84
C LEU B 155 -10.22 -6.97 7.23
N SER B 156 -11.13 -6.15 7.75
CA SER B 156 -12.52 -6.12 7.24
C SER B 156 -12.57 -5.55 5.84
N PHE B 157 -11.64 -4.65 5.53
CA PHE B 157 -11.61 -4.13 4.17
C PHE B 157 -11.10 -5.20 3.21
N ILE B 158 -10.19 -6.07 3.67
CA ILE B 158 -9.66 -7.16 2.81
C ILE B 158 -10.72 -8.24 2.72
N ASP B 159 -11.45 -8.49 3.82
CA ASP B 159 -12.48 -9.50 3.76
C ASP B 159 -13.52 -9.07 2.69
N LYS B 160 -13.80 -7.78 2.61
CA LYS B 160 -14.73 -7.24 1.60
C LYS B 160 -14.15 -7.45 0.18
N ALA B 161 -12.86 -7.17 0.03
CA ALA B 161 -12.17 -7.38 -1.24
C ALA B 161 -12.37 -8.83 -1.73
N VAL B 162 -12.20 -9.79 -0.82
CA VAL B 162 -12.38 -11.19 -1.19
C VAL B 162 -13.88 -11.44 -1.45
N GLU B 163 -14.69 -10.85 -0.59
CA GLU B 163 -16.12 -11.01 -0.72
C GLU B 163 -16.60 -10.56 -2.11
N GLU B 164 -15.95 -9.53 -2.66
CA GLU B 164 -16.36 -9.03 -3.97
C GLU B 164 -15.55 -9.63 -5.15
N GLY B 165 -14.73 -10.64 -4.85
CA GLY B 165 -13.97 -11.31 -5.90
C GLY B 165 -12.69 -10.65 -6.37
N PHE B 166 -12.16 -9.68 -5.63
CA PHE B 166 -10.92 -9.02 -6.05
C PHE B 166 -9.66 -9.63 -5.48
N ILE B 167 -9.81 -10.48 -4.45
CA ILE B 167 -8.68 -11.17 -3.82
C ILE B 167 -9.23 -12.58 -3.56
N SER B 168 -8.41 -13.62 -3.75
CA SER B 168 -8.89 -14.98 -3.50
C SER B 168 -8.80 -15.38 -2.01
N PRO B 169 -9.70 -16.25 -1.55
CA PRO B 169 -9.62 -16.67 -0.16
C PRO B 169 -8.20 -17.24 0.06
N THR B 170 -7.58 -17.78 -1.01
CA THR B 170 -6.22 -18.30 -0.87
C THR B 170 -5.25 -17.16 -0.47
N ALA B 171 -5.21 -16.09 -1.28
CA ALA B 171 -4.32 -14.96 -1.00
C ALA B 171 -4.63 -14.23 0.34
N ARG B 172 -5.89 -14.21 0.77
CA ARG B 172 -6.22 -13.57 2.05
C ARG B 172 -5.36 -14.22 3.16
N GLU B 173 -5.11 -15.52 3.03
CA GLU B 173 -4.31 -16.21 4.05
C GLU B 173 -2.85 -15.72 4.13
N ILE B 174 -2.39 -14.96 3.13
CA ILE B 174 -1.03 -14.45 3.20
C ILE B 174 -0.91 -13.68 4.55
N ILE B 175 -1.99 -13.00 4.94
CA ILE B 175 -1.98 -12.23 6.18
C ILE B 175 -2.26 -13.03 7.44
N VAL B 176 -1.35 -12.90 8.42
CA VAL B 176 -1.46 -13.55 9.72
C VAL B 176 -1.54 -12.42 10.76
N SER B 177 -2.21 -12.67 11.87
CA SER B 177 -2.33 -11.61 12.85
C SER B 177 -2.59 -12.08 14.27
N ALA B 178 -2.02 -11.36 15.23
CA ALA B 178 -2.21 -11.73 16.62
C ALA B 178 -2.33 -10.46 17.49
N PRO B 179 -2.68 -10.64 18.75
CA PRO B 179 -2.85 -9.50 19.64
C PRO B 179 -1.61 -8.98 20.34
N THR B 180 -0.59 -9.84 20.38
CA THR B 180 0.65 -9.52 21.05
C THR B 180 1.79 -10.15 20.29
N ALA B 181 3.00 -9.70 20.58
CA ALA B 181 4.18 -10.22 19.89
C ALA B 181 4.36 -11.71 20.11
N LYS B 182 4.30 -12.17 21.36
CA LYS B 182 4.51 -13.60 21.59
C LYS B 182 3.58 -14.45 20.72
N GLU B 183 2.30 -14.12 20.68
CA GLU B 183 1.38 -14.92 19.88
C GLU B 183 1.66 -14.78 18.41
N LEU B 184 2.12 -13.62 17.97
CA LEU B 184 2.35 -13.44 16.54
C LEU B 184 3.59 -14.18 16.07
N VAL B 185 4.68 -14.13 16.84
CA VAL B 185 5.85 -14.84 16.38
C VAL B 185 5.59 -16.33 16.32
N LYS B 186 4.99 -16.89 17.36
CA LYS B 186 4.70 -18.33 17.28
C LYS B 186 3.76 -18.58 16.09
N LYS B 187 2.92 -17.60 15.80
CA LYS B 187 2.02 -17.75 14.67
C LYS B 187 2.79 -17.65 13.38
N LEU B 188 3.76 -16.73 13.31
CA LEU B 188 4.48 -16.57 12.07
C LEU B 188 5.25 -17.81 11.77
N GLU B 189 5.56 -18.55 12.83
CA GLU B 189 6.24 -19.82 12.67
C GLU B 189 5.26 -20.71 11.92
N GLU B 190 4.32 -20.09 11.18
CA GLU B 190 3.31 -20.78 10.39
C GLU B 190 3.34 -22.31 10.53
N MSE A 8 -16.83 25.37 -19.66
CA MSE A 8 -16.43 26.80 -19.52
C MSE A 8 -15.08 26.92 -18.83
O MSE A 8 -14.74 27.98 -18.30
CB MSE A 8 -17.50 27.55 -18.71
CG MSE A 8 -18.84 27.72 -19.44
SE MSE A 8 -18.72 28.81 -21.07
CE MSE A 8 -17.53 30.18 -20.34
N GLN A 9 -14.31 25.82 -18.87
CA GLN A 9 -12.98 25.73 -18.27
C GLN A 9 -12.36 24.35 -18.50
N LYS A 10 -11.11 24.30 -18.96
CA LYS A 10 -10.46 23.01 -19.22
C LYS A 10 -9.95 22.35 -17.92
N SER A 11 -9.86 21.02 -17.93
CA SER A 11 -9.38 20.27 -16.77
C SER A 11 -7.95 20.67 -16.46
N LYS A 12 -7.55 20.59 -15.19
CA LYS A 12 -6.16 20.91 -14.85
C LYS A 12 -5.30 19.66 -15.07
N PHE A 13 -5.92 18.55 -15.51
CA PHE A 13 -5.21 17.29 -15.72
C PHE A 13 -5.05 16.94 -17.21
N ARG A 14 -3.86 16.50 -17.62
CA ARG A 14 -3.66 16.10 -19.02
C ARG A 14 -3.81 14.60 -19.07
N ARG A 15 -3.43 13.94 -17.98
CA ARG A 15 -3.54 12.51 -17.89
C ARG A 15 -3.84 12.12 -16.44
N ILE A 16 -4.71 11.12 -16.26
CA ILE A 16 -4.99 10.63 -14.91
C ILE A 16 -4.60 9.15 -14.85
N CYS A 17 -3.93 8.76 -13.77
CA CYS A 17 -3.52 7.38 -13.63
C CYS A 17 -4.65 6.71 -12.85
N VAL A 18 -5.09 5.53 -13.28
CA VAL A 18 -6.15 4.84 -12.59
C VAL A 18 -5.69 3.43 -12.22
N PHE A 19 -5.73 3.14 -10.91
CA PHE A 19 -5.37 1.82 -10.39
C PHE A 19 -6.70 1.06 -10.28
N CYS A 20 -6.74 -0.22 -10.64
CA CYS A 20 -8.00 -0.94 -10.54
C CYS A 20 -7.85 -2.44 -10.70
N GLY A 21 -8.85 -3.17 -10.16
CA GLY A 21 -8.83 -4.61 -10.20
C GLY A 21 -8.66 -5.26 -11.57
N SER A 22 -7.87 -6.33 -11.60
CA SER A 22 -7.63 -7.11 -12.81
C SER A 22 -8.86 -8.02 -12.99
N SER A 23 -9.69 -8.11 -11.95
CA SER A 23 -10.92 -8.89 -12.02
C SER A 23 -12.04 -7.86 -12.15
N GLN A 24 -13.24 -8.33 -12.45
CA GLN A 24 -14.38 -7.44 -12.59
C GLN A 24 -15.21 -7.34 -11.31
N GLY A 25 -14.96 -8.23 -10.36
CA GLY A 25 -15.74 -8.20 -9.13
C GLY A 25 -17.08 -8.88 -9.32
N LYS A 26 -17.86 -9.01 -8.25
CA LYS A 26 -19.16 -9.67 -8.32
C LYS A 26 -20.34 -8.78 -8.63
N LYS A 27 -20.23 -7.48 -8.37
CA LYS A 27 -21.34 -6.58 -8.62
C LYS A 27 -21.21 -5.89 -9.97
N SER A 28 -22.23 -6.03 -10.83
CA SER A 28 -22.16 -5.40 -12.13
C SER A 28 -21.84 -3.92 -11.98
N SER A 29 -22.12 -3.36 -10.80
CA SER A 29 -21.87 -1.95 -10.55
C SER A 29 -20.40 -1.60 -10.67
N TYR A 30 -19.53 -2.48 -10.21
CA TYR A 30 -18.09 -2.24 -10.30
C TYR A 30 -17.73 -2.00 -11.77
N GLN A 31 -18.24 -2.87 -12.63
CA GLN A 31 -18.01 -2.77 -14.08
C GLN A 31 -18.66 -1.48 -14.58
N ASP A 32 -19.88 -1.20 -14.11
CA ASP A 32 -20.63 0.03 -14.45
C ASP A 32 -19.81 1.29 -14.19
N ALA A 33 -19.51 1.52 -12.91
CA ALA A 33 -18.73 2.69 -12.50
C ALA A 33 -17.40 2.70 -13.25
N ALA A 34 -16.91 1.52 -13.59
CA ALA A 34 -15.64 1.49 -14.35
C ALA A 34 -15.80 2.25 -15.68
N VAL A 35 -16.31 1.57 -16.71
CA VAL A 35 -16.53 2.12 -18.05
C VAL A 35 -17.01 3.54 -17.97
N ASP A 36 -17.71 3.83 -16.88
CA ASP A 36 -18.22 5.14 -16.64
C ASP A 36 -17.09 6.14 -16.45
N LEU A 37 -16.24 5.90 -15.43
CA LEU A 37 -15.14 6.83 -15.17
C LEU A 37 -14.38 7.19 -16.42
N GLY A 38 -14.21 6.23 -17.32
CA GLY A 38 -13.48 6.55 -18.55
C GLY A 38 -14.26 7.63 -19.30
N ASN A 39 -15.58 7.64 -19.14
CA ASN A 39 -16.34 8.65 -19.83
C ASN A 39 -15.99 10.03 -19.23
N GLU A 40 -15.97 10.16 -17.90
CA GLU A 40 -15.61 11.46 -17.31
C GLU A 40 -14.28 11.95 -17.94
N LEU A 41 -13.23 11.13 -17.92
CA LEU A 41 -11.96 11.53 -18.55
C LEU A 41 -12.12 12.00 -20.03
N VAL A 42 -12.91 11.24 -20.78
CA VAL A 42 -13.18 11.57 -22.19
C VAL A 42 -13.99 12.88 -22.26
N SER A 43 -14.88 13.07 -21.30
CA SER A 43 -15.72 14.25 -21.28
C SER A 43 -14.90 15.48 -20.91
N ARG A 44 -13.82 15.27 -20.16
CA ARG A 44 -12.94 16.34 -19.71
C ARG A 44 -11.65 16.42 -20.53
N ASN A 45 -11.61 15.66 -21.63
CA ASN A 45 -10.44 15.63 -22.51
C ASN A 45 -9.16 15.20 -21.79
N ILE A 46 -9.33 14.52 -20.67
CA ILE A 46 -8.19 14.02 -19.93
C ILE A 46 -7.84 12.65 -20.51
N ASP A 47 -6.56 12.42 -20.76
CA ASP A 47 -6.11 11.15 -21.28
C ASP A 47 -6.01 10.14 -20.09
N LEU A 48 -5.39 8.98 -20.29
CA LEU A 48 -5.27 8.00 -19.19
C LEU A 48 -3.98 7.21 -19.14
N VAL A 49 -3.50 6.91 -17.93
CA VAL A 49 -2.33 6.05 -17.75
C VAL A 49 -2.97 4.90 -16.91
N TYR A 50 -2.66 3.65 -17.27
CA TYR A 50 -3.24 2.53 -16.58
C TYR A 50 -2.42 1.26 -16.64
N GLY A 51 -2.75 0.37 -15.71
CA GLY A 51 -2.08 -0.90 -15.51
C GLY A 51 -1.58 -1.70 -16.67
N GLY A 52 -2.33 -1.71 -17.77
CA GLY A 52 -1.88 -2.45 -18.93
C GLY A 52 -2.62 -3.72 -19.34
N GLY A 53 -3.75 -4.09 -18.73
CA GLY A 53 -4.39 -5.30 -19.23
C GLY A 53 -5.68 -5.11 -20.05
N SER A 54 -6.33 -6.20 -20.46
CA SER A 54 -7.61 -6.11 -21.17
C SER A 54 -8.77 -6.76 -20.38
N ILE A 55 -8.46 -7.35 -19.22
CA ILE A 55 -9.47 -8.02 -18.41
C ILE A 55 -9.99 -7.15 -17.25
N GLY A 56 -10.80 -7.75 -16.38
CA GLY A 56 -11.36 -7.05 -15.23
C GLY A 56 -11.76 -5.59 -15.44
N LEU A 57 -11.87 -4.87 -14.34
CA LEU A 57 -12.26 -3.47 -14.43
C LEU A 57 -11.20 -2.72 -15.27
N MSE A 58 -9.94 -3.15 -15.18
CA MSE A 58 -8.81 -2.56 -15.92
C MSE A 58 -9.17 -2.55 -17.41
O MSE A 58 -9.12 -1.53 -18.07
CB MSE A 58 -7.53 -3.39 -15.75
CG MSE A 58 -7.71 -4.92 -15.94
SE MSE A 58 -6.24 -6.08 -16.60
CE MSE A 58 -4.81 -4.89 -16.01
N GLY A 59 -9.50 -3.74 -17.92
CA GLY A 59 -9.86 -3.88 -19.32
C GLY A 59 -11.11 -3.12 -19.70
N LEU A 60 -11.84 -2.61 -18.70
CA LEU A 60 -13.08 -1.87 -19.00
C LEU A 60 -12.89 -0.34 -18.99
N VAL A 61 -12.13 0.21 -18.05
CA VAL A 61 -11.97 1.66 -18.04
C VAL A 61 -11.11 2.11 -19.22
N SER A 62 -10.15 1.30 -19.63
CA SER A 62 -9.29 1.71 -20.75
C SER A 62 -10.03 1.62 -22.09
N GLN A 63 -10.85 0.59 -22.25
CA GLN A 63 -11.60 0.44 -23.50
C GLN A 63 -12.60 1.61 -23.66
N ALA A 64 -13.19 2.06 -22.56
CA ALA A 64 -14.12 3.18 -22.66
C ALA A 64 -13.36 4.46 -23.06
N VAL A 65 -12.19 4.70 -22.49
CA VAL A 65 -11.43 5.89 -22.83
C VAL A 65 -11.01 5.82 -24.29
N HIS A 66 -10.63 4.62 -24.74
CA HIS A 66 -10.21 4.43 -26.13
C HIS A 66 -11.36 4.72 -27.09
N ASP A 67 -12.48 4.07 -26.86
CA ASP A 67 -13.66 4.27 -27.70
C ASP A 67 -14.01 5.76 -27.72
N GLY A 68 -14.04 6.36 -26.54
CA GLY A 68 -14.35 7.76 -26.41
C GLY A 68 -13.47 8.68 -27.25
N GLY A 69 -12.38 8.16 -27.80
CA GLY A 69 -11.50 8.99 -28.63
C GLY A 69 -10.20 9.46 -28.02
N ARG A 70 -9.99 9.18 -26.73
CA ARG A 70 -8.77 9.59 -26.06
C ARG A 70 -7.74 8.46 -26.12
N HIS A 71 -6.49 8.79 -25.90
CA HIS A 71 -5.44 7.78 -26.00
C HIS A 71 -5.27 7.02 -24.68
N VAL A 72 -4.94 5.73 -24.81
CA VAL A 72 -4.74 4.83 -23.66
C VAL A 72 -3.27 4.38 -23.67
N ILE A 73 -2.64 4.43 -22.52
CA ILE A 73 -1.24 4.02 -22.35
C ILE A 73 -1.23 3.00 -21.22
N GLY A 74 -0.99 1.72 -21.54
CA GLY A 74 -0.93 0.70 -20.51
C GLY A 74 0.54 0.40 -20.28
N ILE A 75 1.05 0.60 -19.06
CA ILE A 75 2.47 0.35 -18.79
C ILE A 75 2.64 -0.98 -18.10
N ILE A 76 3.42 -1.86 -18.73
CA ILE A 76 3.65 -3.20 -18.21
C ILE A 76 5.13 -3.52 -17.98
N PRO A 77 5.44 -4.25 -16.89
CA PRO A 77 6.83 -4.58 -16.63
C PRO A 77 7.14 -5.74 -17.57
N LYS A 78 8.26 -5.65 -18.28
CA LYS A 78 8.68 -6.68 -19.23
C LYS A 78 8.92 -8.02 -18.53
N THR A 79 9.04 -8.00 -17.21
CA THR A 79 9.26 -9.24 -16.48
C THR A 79 8.06 -10.15 -16.66
N LEU A 80 6.85 -9.58 -16.63
CA LEU A 80 5.60 -10.35 -16.79
C LEU A 80 4.77 -9.91 -18.01
N MSE A 81 4.89 -10.65 -19.10
CA MSE A 81 4.14 -10.33 -20.32
C MSE A 81 4.65 -9.03 -20.92
O MSE A 81 5.84 -8.85 -21.13
CB MSE A 81 2.64 -10.21 -20.02
CG MSE A 81 1.74 -10.18 -21.26
SE MSE A 81 1.61 -11.88 -22.20
CE MSE A 81 -0.06 -12.53 -21.51
N VAL A 90 -6.21 -2.25 -26.14
CA VAL A 90 -6.36 -0.93 -26.75
C VAL A 90 -5.23 0.02 -26.35
N GLY A 91 -5.01 1.03 -27.18
CA GLY A 91 -3.99 2.02 -26.90
C GLY A 91 -2.56 1.58 -27.01
N GLU A 92 -1.67 2.43 -26.52
CA GLU A 92 -0.24 2.15 -26.54
C GLU A 92 0.09 1.10 -25.47
N VAL A 93 1.01 0.18 -25.77
CA VAL A 93 1.37 -0.84 -24.78
C VAL A 93 2.83 -0.65 -24.44
N ARG A 94 3.11 -0.03 -23.31
CA ARG A 94 4.52 0.17 -22.95
C ARG A 94 5.03 -0.93 -22.03
N ALA A 95 6.18 -1.51 -22.39
CA ALA A 95 6.80 -2.57 -21.61
C ALA A 95 8.13 -2.05 -21.08
N VAL A 96 8.23 -1.98 -19.74
CA VAL A 96 9.43 -1.48 -19.06
C VAL A 96 10.14 -2.58 -18.24
N ALA A 97 11.38 -2.31 -17.85
CA ALA A 97 12.21 -3.27 -17.12
C ALA A 97 11.59 -4.08 -15.97
N ASP A 98 10.77 -3.47 -15.12
CA ASP A 98 10.18 -4.20 -13.98
C ASP A 98 9.07 -3.42 -13.27
N MSE A 99 8.55 -4.02 -12.21
CA MSE A 99 7.48 -3.43 -11.39
C MSE A 99 7.85 -2.09 -10.76
O MSE A 99 6.95 -1.30 -10.42
CB MSE A 99 7.06 -4.38 -10.27
CG MSE A 99 6.47 -5.69 -10.72
SE MSE A 99 5.82 -6.69 -9.18
CE MSE A 99 7.16 -8.08 -9.17
N HIS A 100 9.14 -1.83 -10.55
CA HIS A 100 9.54 -0.55 -9.96
C HIS A 100 9.53 0.54 -11.05
N GLN A 101 10.13 0.23 -12.19
CA GLN A 101 10.17 1.18 -13.31
C GLN A 101 8.72 1.41 -13.81
N ARG A 102 7.93 0.33 -13.86
CA ARG A 102 6.55 0.45 -14.28
C ARG A 102 5.87 1.49 -13.38
N LYS A 103 5.93 1.26 -12.06
CA LYS A 103 5.31 2.19 -11.11
C LYS A 103 5.72 3.63 -11.43
N ALA A 104 6.95 4.01 -11.09
CA ALA A 104 7.41 5.39 -11.33
C ALA A 104 7.01 5.96 -12.71
N GLU A 105 7.01 5.13 -13.77
CA GLU A 105 6.62 5.63 -15.07
C GLU A 105 5.14 6.01 -15.04
N MSE A 106 4.32 5.15 -14.44
CA MSE A 106 2.89 5.48 -14.37
C MSE A 106 2.77 6.84 -13.68
O MSE A 106 2.17 7.74 -14.22
CB MSE A 106 2.11 4.42 -13.58
CG MSE A 106 1.75 3.18 -14.40
SE MSE A 106 1.00 1.77 -13.27
CE MSE A 106 -0.85 2.38 -13.16
N ALA A 107 3.39 6.99 -12.50
CA ALA A 107 3.30 8.26 -11.78
C ALA A 107 3.93 9.39 -12.61
N LYS A 108 4.98 9.06 -13.35
CA LYS A 108 5.65 10.09 -14.14
C LYS A 108 4.78 10.70 -15.26
N HIS A 109 3.99 9.86 -15.92
CA HIS A 109 3.19 10.36 -17.03
C HIS A 109 1.72 10.70 -16.74
N SER A 110 1.37 10.89 -15.47
CA SER A 110 -0.03 11.21 -15.15
C SER A 110 -0.05 12.44 -14.30
N ASP A 111 -1.22 13.06 -14.20
CA ASP A 111 -1.38 14.29 -13.43
C ASP A 111 -2.17 14.13 -12.14
N ALA A 112 -2.97 13.05 -12.05
CA ALA A 112 -3.75 12.75 -10.84
C ALA A 112 -3.86 11.22 -10.80
N PHE A 113 -4.37 10.70 -9.68
CA PHE A 113 -4.51 9.26 -9.49
C PHE A 113 -5.88 8.94 -8.95
N ILE A 114 -6.49 7.88 -9.48
CA ILE A 114 -7.81 7.46 -9.01
C ILE A 114 -7.83 5.93 -8.87
N ALA A 115 -8.44 5.42 -7.79
CA ALA A 115 -8.54 3.97 -7.64
C ALA A 115 -9.96 3.50 -7.69
N LEU A 116 -10.22 2.53 -8.57
CA LEU A 116 -11.52 1.87 -8.64
C LEU A 116 -11.29 0.68 -7.68
N PRO A 117 -12.34 -0.10 -7.41
CA PRO A 117 -12.15 -1.25 -6.55
C PRO A 117 -11.01 -2.14 -7.11
N GLY A 118 -10.35 -2.88 -6.22
CA GLY A 118 -9.28 -3.77 -6.65
C GLY A 118 -8.73 -4.58 -5.49
N GLY A 119 -7.79 -5.48 -5.80
CA GLY A 119 -7.17 -6.34 -4.80
C GLY A 119 -5.86 -5.78 -4.23
N TYR A 120 -4.91 -6.67 -3.91
CA TYR A 120 -3.64 -6.19 -3.35
C TYR A 120 -2.87 -5.27 -4.29
N GLY A 121 -2.92 -5.56 -5.59
CA GLY A 121 -2.20 -4.73 -6.56
C GLY A 121 -2.69 -3.28 -6.55
N THR A 122 -3.98 -3.13 -6.70
CA THR A 122 -4.64 -1.82 -6.67
C THR A 122 -4.33 -1.11 -5.38
N LEU A 123 -4.40 -1.83 -4.26
CA LEU A 123 -4.16 -1.21 -2.95
C LEU A 123 -2.68 -0.81 -2.78
N GLU A 124 -1.76 -1.65 -3.27
CA GLU A 124 -0.33 -1.37 -3.20
C GLU A 124 -0.10 0.05 -3.80
N GLU A 125 -0.61 0.25 -5.00
CA GLU A 125 -0.44 1.51 -5.72
C GLU A 125 -1.10 2.74 -5.11
N LEU A 126 -2.41 2.65 -4.85
CA LEU A 126 -3.17 3.73 -4.25
C LEU A 126 -2.40 4.32 -3.06
N LEU A 127 -1.98 3.46 -2.14
CA LEU A 127 -1.25 4.02 -1.03
C LEU A 127 0.12 4.44 -1.52
N GLU A 128 0.80 3.59 -2.29
CA GLU A 128 2.11 4.01 -2.79
C GLU A 128 2.19 5.45 -3.31
N VAL A 129 1.06 6.06 -3.63
CA VAL A 129 1.13 7.46 -4.09
C VAL A 129 0.65 8.37 -2.96
N ILE A 130 -0.22 7.88 -2.07
CA ILE A 130 -0.70 8.71 -0.96
C ILE A 130 0.51 9.06 -0.10
N THR A 131 1.36 8.06 0.12
CA THR A 131 2.54 8.24 0.94
C THR A 131 3.51 9.26 0.28
N TRP A 132 3.75 9.11 -1.01
CA TRP A 132 4.66 10.04 -1.69
C TRP A 132 4.15 11.48 -1.54
N ALA A 133 2.82 11.64 -1.54
CA ALA A 133 2.23 12.97 -1.36
C ALA A 133 2.48 13.42 0.08
N GLN A 134 2.16 12.54 1.03
CA GLN A 134 2.34 12.86 2.43
C GLN A 134 3.75 13.35 2.71
N LEU A 135 4.74 12.77 2.04
CA LEU A 135 6.11 13.18 2.24
C LEU A 135 6.53 14.36 1.34
N GLY A 136 5.58 14.96 0.64
CA GLY A 136 5.89 16.08 -0.22
C GLY A 136 6.66 15.75 -1.48
N ILE A 137 6.63 14.49 -1.89
CA ILE A 137 7.31 14.10 -3.12
C ILE A 137 6.54 14.58 -4.34
N HIS A 138 5.22 14.74 -4.17
CA HIS A 138 4.38 15.25 -5.24
C HIS A 138 3.15 15.84 -4.58
N ASP A 139 2.39 16.63 -5.31
CA ASP A 139 1.23 17.24 -4.75
C ASP A 139 -0.01 16.88 -5.53
N LYS A 140 0.17 15.98 -6.49
CA LYS A 140 -0.88 15.49 -7.38
C LYS A 140 -2.10 14.96 -6.60
N PRO A 141 -3.32 15.25 -7.07
CA PRO A 141 -4.50 14.76 -6.34
C PRO A 141 -4.63 13.24 -6.44
N VAL A 142 -4.89 12.60 -5.29
CA VAL A 142 -5.06 11.14 -5.20
C VAL A 142 -6.49 10.88 -4.74
N GLY A 143 -7.20 9.99 -5.42
CA GLY A 143 -8.57 9.72 -5.02
C GLY A 143 -9.02 8.28 -5.24
N LEU A 144 -10.17 7.94 -4.66
CA LEU A 144 -10.70 6.60 -4.83
C LEU A 144 -12.18 6.65 -5.14
N LEU A 145 -12.56 5.98 -6.21
CA LEU A 145 -13.95 5.88 -6.62
C LEU A 145 -14.53 4.77 -5.76
N ASN A 146 -15.23 5.21 -4.72
CA ASN A 146 -15.79 4.34 -3.70
C ASN A 146 -17.18 3.82 -4.03
N VAL A 147 -17.29 3.03 -5.09
CA VAL A 147 -18.54 2.44 -5.53
C VAL A 147 -19.13 1.53 -4.47
N ASP A 148 -20.43 1.70 -4.21
CA ASP A 148 -21.15 0.91 -3.22
C ASP A 148 -20.41 0.74 -1.90
N GLY A 149 -19.66 1.77 -1.48
CA GLY A 149 -18.95 1.68 -0.23
C GLY A 149 -17.83 0.67 -0.10
N TYR A 150 -17.32 0.17 -1.24
CA TYR A 150 -16.23 -0.80 -1.26
C TYR A 150 -15.05 -0.47 -0.31
N TYR A 151 -14.68 0.81 -0.24
CA TYR A 151 -13.54 1.25 0.58
C TYR A 151 -13.86 1.80 1.98
N ASN A 152 -15.12 1.73 2.40
CA ASN A 152 -15.50 2.28 3.72
C ASN A 152 -14.64 1.78 4.89
N SER A 153 -14.39 0.47 4.95
CA SER A 153 -13.57 -0.07 6.04
C SER A 153 -12.10 0.39 5.95
N LEU A 154 -11.58 0.50 4.74
CA LEU A 154 -10.20 0.99 4.58
C LEU A 154 -10.23 2.40 5.15
N LEU A 155 -11.23 3.19 4.72
CA LEU A 155 -11.35 4.58 5.18
C LEU A 155 -11.50 4.59 6.72
N SER A 156 -12.44 3.82 7.25
CA SER A 156 -12.58 3.76 8.72
C SER A 156 -11.25 3.36 9.37
N PHE A 157 -10.42 2.58 8.66
CA PHE A 157 -9.12 2.25 9.27
C PHE A 157 -8.27 3.53 9.34
N ILE A 158 -8.27 4.33 8.27
CA ILE A 158 -7.53 5.57 8.28
C ILE A 158 -8.04 6.47 9.41
N ASP A 159 -9.36 6.54 9.58
CA ASP A 159 -9.90 7.35 10.66
C ASP A 159 -9.30 6.88 12.01
N LYS A 160 -9.20 5.57 12.19
CA LYS A 160 -8.64 4.99 13.41
C LYS A 160 -7.19 5.45 13.60
N ALA A 161 -6.43 5.41 12.51
CA ALA A 161 -5.05 5.82 12.55
C ALA A 161 -4.96 7.31 12.91
N VAL A 162 -5.89 8.12 12.39
CA VAL A 162 -5.86 9.55 12.71
C VAL A 162 -6.20 9.71 14.18
N GLU A 163 -7.21 8.95 14.64
CA GLU A 163 -7.60 9.05 16.05
C GLU A 163 -6.46 8.58 16.97
N GLU A 164 -5.76 7.51 16.58
CA GLU A 164 -4.69 6.96 17.41
C GLU A 164 -3.35 7.66 17.25
N GLY A 165 -3.37 8.76 16.47
CA GLY A 165 -2.19 9.58 16.27
C GLY A 165 -1.11 9.13 15.32
N PHE A 166 -1.30 8.01 14.63
CA PHE A 166 -0.24 7.57 13.71
C PHE A 166 -0.30 8.26 12.36
N ILE A 167 -1.44 8.89 12.09
CA ILE A 167 -1.66 9.67 10.88
C ILE A 167 -2.34 10.96 11.37
N SER A 168 -1.83 12.13 10.97
CA SER A 168 -2.45 13.38 11.42
C SER A 168 -3.68 13.66 10.59
N PRO A 169 -4.62 14.46 11.14
CA PRO A 169 -5.84 14.81 10.41
C PRO A 169 -5.50 15.42 9.05
N THR A 170 -4.35 16.08 8.95
CA THR A 170 -3.96 16.66 7.65
C THR A 170 -3.58 15.58 6.65
N ALA A 171 -2.99 14.51 7.16
CA ALA A 171 -2.58 13.39 6.33
C ALA A 171 -3.82 12.66 5.83
N ARG A 172 -4.93 12.74 6.56
CA ARG A 172 -6.16 12.05 6.09
C ARG A 172 -6.74 12.74 4.84
N GLU A 173 -6.50 14.04 4.75
CA GLU A 173 -6.99 14.83 3.60
C GLU A 173 -6.44 14.45 2.23
N ILE A 174 -5.33 13.73 2.17
CA ILE A 174 -4.80 13.36 0.83
C ILE A 174 -5.86 12.53 0.13
N ILE A 175 -6.63 11.77 0.91
CA ILE A 175 -7.65 10.93 0.35
C ILE A 175 -8.91 11.66 -0.09
N VAL A 176 -9.08 11.72 -1.40
CA VAL A 176 -10.23 12.33 -2.01
C VAL A 176 -11.20 11.18 -2.35
N SER A 177 -12.35 11.14 -1.67
CA SER A 177 -13.32 10.06 -1.88
C SER A 177 -14.63 10.51 -2.52
N ALA A 178 -15.31 9.59 -3.23
CA ALA A 178 -16.60 9.90 -3.86
C ALA A 178 -17.24 8.61 -4.38
N PRO A 179 -18.57 8.45 -4.22
CA PRO A 179 -19.24 7.23 -4.68
C PRO A 179 -19.54 7.11 -6.18
N THR A 180 -19.28 8.19 -6.91
CA THR A 180 -19.51 8.25 -8.35
C THR A 180 -18.35 8.91 -9.08
N ALA A 181 -18.12 8.53 -10.32
CA ALA A 181 -17.03 9.11 -11.11
C ALA A 181 -17.10 10.63 -11.34
N LYS A 182 -18.31 11.13 -11.58
CA LYS A 182 -18.50 12.56 -11.81
C LYS A 182 -18.09 13.38 -10.58
N GLU A 183 -18.63 13.03 -9.42
CA GLU A 183 -18.25 13.76 -8.22
C GLU A 183 -16.76 13.69 -7.87
N LEU A 184 -16.20 12.48 -7.86
CA LEU A 184 -14.78 12.32 -7.55
C LEU A 184 -13.91 13.24 -8.41
N VAL A 185 -14.19 13.33 -9.70
CA VAL A 185 -13.34 14.18 -10.52
C VAL A 185 -13.57 15.66 -10.17
N LYS A 186 -14.77 16.00 -9.73
CA LYS A 186 -15.02 17.39 -9.34
C LYS A 186 -14.22 17.69 -8.08
N LYS A 187 -14.16 16.72 -7.18
CA LYS A 187 -13.41 16.95 -5.94
C LYS A 187 -11.90 17.05 -6.21
N LEU A 188 -11.42 16.28 -7.19
CA LEU A 188 -10.00 16.31 -7.54
C LEU A 188 -9.65 17.61 -8.28
N GLU A 189 -10.41 17.95 -9.33
CA GLU A 189 -10.15 19.18 -10.11
C GLU A 189 -10.23 20.36 -9.15
N GLU A 190 -11.11 20.16 -8.17
CA GLU A 190 -11.40 21.09 -7.10
C GLU A 190 -12.36 22.20 -7.53
N LYS B 10 14.80 -22.20 18.75
CA LYS B 10 15.55 -22.06 17.48
C LYS B 10 14.57 -21.74 16.35
N SER B 11 14.49 -20.47 15.96
CA SER B 11 13.56 -20.09 14.89
C SER B 11 14.14 -20.35 13.51
N LYS B 12 13.31 -20.29 12.48
CA LYS B 12 13.79 -20.49 11.13
C LYS B 12 14.21 -19.14 10.54
N PHE B 13 13.93 -18.06 11.27
CA PHE B 13 14.27 -16.75 10.76
C PHE B 13 15.52 -16.18 11.42
N ARG B 14 16.45 -15.68 10.62
CA ARG B 14 17.66 -15.03 11.14
C ARG B 14 17.26 -13.57 11.48
N ARG B 15 16.36 -13.02 10.66
CA ARG B 15 15.88 -11.66 10.87
C ARG B 15 14.51 -11.35 10.31
N ILE B 16 13.75 -10.55 11.03
CA ILE B 16 12.44 -10.13 10.51
C ILE B 16 12.53 -8.66 10.18
N CYS B 17 11.83 -8.28 9.11
CA CYS B 17 11.78 -6.90 8.65
C CYS B 17 10.55 -6.31 9.32
N VAL B 18 10.72 -5.28 10.14
CA VAL B 18 9.58 -4.68 10.79
C VAL B 18 9.25 -3.33 10.21
N PHE B 19 7.97 -3.13 9.91
CA PHE B 19 7.47 -1.87 9.41
C PHE B 19 6.60 -1.33 10.55
N CYS B 20 6.70 -0.04 10.81
CA CYS B 20 5.88 0.53 11.88
C CYS B 20 5.85 2.05 11.85
N GLY B 21 4.92 2.60 12.61
CA GLY B 21 4.73 4.05 12.65
C GLY B 21 5.93 4.85 13.11
N SER B 22 6.25 5.89 12.34
CA SER B 22 7.35 6.79 12.69
C SER B 22 6.88 7.63 13.90
N SER B 23 5.59 7.47 14.24
CA SER B 23 4.97 8.13 15.38
C SER B 23 4.93 7.08 16.49
N GLN B 24 4.82 7.51 17.75
CA GLN B 24 4.75 6.53 18.84
C GLN B 24 3.31 6.14 19.20
N GLY B 25 2.36 6.96 18.76
CA GLY B 25 0.97 6.66 19.04
C GLY B 25 0.53 7.38 20.28
N LYS B 26 -0.78 7.43 20.52
CA LYS B 26 -1.31 8.13 21.70
C LYS B 26 -1.49 7.18 22.87
N LYS B 27 -1.40 5.88 22.62
CA LYS B 27 -1.59 4.94 23.71
C LYS B 27 -0.30 4.25 24.12
N SER B 28 -0.15 4.04 25.41
CA SER B 28 1.04 3.36 25.93
C SER B 28 1.03 1.93 25.43
N SER B 29 -0.16 1.37 25.21
CA SER B 29 -0.24 0.00 24.70
C SER B 29 0.49 -0.12 23.36
N TYR B 30 0.69 1.01 22.66
CA TYR B 30 1.39 0.96 21.38
C TYR B 30 2.88 0.78 21.59
N GLN B 31 3.42 1.37 22.65
CA GLN B 31 4.84 1.19 22.90
C GLN B 31 5.03 -0.16 23.60
N ASP B 32 4.16 -0.49 24.55
CA ASP B 32 4.29 -1.79 25.20
C ASP B 32 4.46 -2.88 24.14
N ALA B 33 3.60 -2.86 23.11
CA ALA B 33 3.73 -3.88 22.08
C ALA B 33 5.02 -3.61 21.33
N ALA B 34 5.37 -2.35 21.15
CA ALA B 34 6.59 -2.04 20.41
C ALA B 34 7.79 -2.49 21.23
N VAL B 35 7.60 -2.60 22.54
CA VAL B 35 8.67 -3.00 23.46
C VAL B 35 8.76 -4.52 23.42
N ASP B 36 7.68 -5.18 23.82
CA ASP B 36 7.65 -6.61 23.83
C ASP B 36 8.09 -7.20 22.48
N LEU B 37 7.84 -6.48 21.39
CA LEU B 37 8.28 -6.98 20.09
C LEU B 37 9.81 -6.89 20.03
N GLY B 38 10.36 -5.86 20.67
CA GLY B 38 11.81 -5.73 20.68
C GLY B 38 12.41 -6.88 21.45
N ASN B 39 11.87 -7.10 22.66
CA ASN B 39 12.33 -8.16 23.54
C ASN B 39 12.03 -9.55 23.01
N GLU B 40 10.90 -9.69 22.33
CA GLU B 40 10.54 -10.99 21.79
C GLU B 40 11.62 -11.46 20.81
N LEU B 41 11.96 -10.64 19.82
CA LEU B 41 12.98 -11.03 18.85
C LEU B 41 14.27 -11.43 19.60
N VAL B 42 14.74 -10.52 20.45
CA VAL B 42 15.97 -10.81 21.21
C VAL B 42 15.84 -12.18 21.87
N SER B 43 14.79 -12.36 22.66
CA SER B 43 14.58 -13.62 23.36
C SER B 43 14.48 -14.84 22.46
N ARG B 44 14.28 -14.62 21.15
CA ARG B 44 14.18 -15.74 20.21
C ARG B 44 15.37 -15.89 19.27
N ASN B 45 16.41 -15.11 19.48
CA ASN B 45 17.61 -15.18 18.64
C ASN B 45 17.37 -14.67 17.21
N ILE B 46 16.49 -13.68 17.08
CA ILE B 46 16.21 -13.12 15.79
C ILE B 46 16.67 -11.69 15.74
N ASP B 47 17.37 -11.34 14.66
CA ASP B 47 17.86 -9.96 14.46
C ASP B 47 16.68 -9.18 13.90
N LEU B 48 16.91 -7.87 13.70
CA LEU B 48 15.91 -6.94 13.19
C LEU B 48 16.29 -6.10 11.97
N VAL B 49 15.42 -6.10 10.95
CA VAL B 49 15.61 -5.21 9.80
C VAL B 49 14.50 -4.15 9.93
N TYR B 50 14.82 -2.85 9.85
CA TYR B 50 13.75 -1.85 9.95
C TYR B 50 14.05 -0.62 9.09
N GLY B 51 13.11 0.32 9.05
CA GLY B 51 13.26 1.51 8.22
C GLY B 51 14.20 2.60 8.73
N GLY B 52 14.88 2.35 9.85
CA GLY B 52 15.83 3.32 10.35
C GLY B 52 15.28 4.44 11.21
N GLY B 53 16.20 5.15 11.87
CA GLY B 53 15.79 6.26 12.71
C GLY B 53 15.49 5.91 14.15
N SER B 54 15.22 6.93 14.95
CA SER B 54 14.94 6.71 16.36
C SER B 54 13.53 7.10 16.78
N ILE B 55 12.80 7.79 15.90
CA ILE B 55 11.45 8.24 16.24
C ILE B 55 10.35 7.17 16.29
N GLY B 56 9.27 7.50 16.98
CA GLY B 56 8.12 6.62 17.10
C GLY B 56 8.40 5.16 17.41
N LEU B 57 7.47 4.30 17.00
CA LEU B 57 7.63 2.87 17.21
C LEU B 57 8.87 2.35 16.45
N MSE B 58 9.29 3.06 15.41
CA MSE B 58 10.47 2.66 14.63
C MSE B 58 11.68 2.71 15.56
O MSE B 58 12.49 1.78 15.57
CB MSE B 58 10.72 3.63 13.47
CG MSE B 58 9.58 3.71 12.46
SE MSE B 58 9.82 5.17 11.13
CE MSE B 58 10.75 4.20 9.68
N GLY B 59 11.79 3.79 16.33
CA GLY B 59 12.89 3.93 17.27
C GLY B 59 12.79 2.99 18.46
N LEU B 60 11.56 2.80 18.97
CA LEU B 60 11.35 1.91 20.11
C LEU B 60 11.72 0.46 19.83
N VAL B 61 11.15 -0.13 18.76
CA VAL B 61 11.50 -1.51 18.49
C VAL B 61 13.01 -1.65 18.19
N SER B 62 13.59 -0.71 17.45
CA SER B 62 15.02 -0.87 17.15
C SER B 62 15.87 -0.63 18.41
N GLN B 63 15.70 0.53 19.05
CA GLN B 63 16.50 0.78 20.26
C GLN B 63 16.28 -0.30 21.34
N ALA B 64 15.14 -0.97 21.30
CA ALA B 64 14.90 -2.02 22.27
C ALA B 64 15.76 -3.25 21.94
N VAL B 65 15.62 -3.81 20.74
CA VAL B 65 16.39 -5.02 20.44
C VAL B 65 17.90 -4.78 20.56
N HIS B 66 18.40 -3.73 19.90
CA HIS B 66 19.83 -3.45 19.98
C HIS B 66 20.32 -3.64 21.43
N ASP B 67 19.59 -3.02 22.35
CA ASP B 67 19.89 -3.06 23.77
C ASP B 67 20.01 -4.49 24.25
N GLY B 68 19.19 -5.35 23.65
CA GLY B 68 19.22 -6.76 24.00
C GLY B 68 20.45 -7.42 23.40
N GLY B 69 21.17 -6.71 22.54
CA GLY B 69 22.38 -7.26 21.97
C GLY B 69 22.30 -7.79 20.57
N ARG B 70 21.10 -7.94 20.02
CA ARG B 70 21.03 -8.46 18.65
C ARG B 70 21.36 -7.35 17.65
N HIS B 71 21.70 -7.75 16.44
CA HIS B 71 22.04 -6.83 15.36
C HIS B 71 20.77 -6.19 14.82
N VAL B 72 20.96 -5.00 14.26
CA VAL B 72 19.93 -4.19 13.66
C VAL B 72 20.45 -3.50 12.39
N ILE B 73 19.69 -3.63 11.30
CA ILE B 73 20.01 -2.98 10.04
C ILE B 73 18.91 -1.96 9.77
N GLY B 74 19.28 -0.69 9.62
CA GLY B 74 18.31 0.34 9.31
C GLY B 74 18.50 0.73 7.86
N ILE B 75 17.41 0.72 7.09
CA ILE B 75 17.47 1.06 5.66
C ILE B 75 16.77 2.41 5.49
N ILE B 76 17.44 3.35 4.83
CA ILE B 76 16.93 4.70 4.63
C ILE B 76 17.11 5.23 3.21
N PRO B 77 16.10 5.95 2.70
CA PRO B 77 16.11 6.53 1.34
C PRO B 77 16.90 7.85 1.27
N LYS B 78 17.12 8.35 0.04
CA LYS B 78 17.88 9.59 -0.25
C LYS B 78 19.38 9.43 -0.02
N GLY B 87 18.52 11.79 16.73
CA GLY B 87 18.07 10.42 16.55
C GLY B 87 19.08 9.56 15.82
N GLU B 88 20.17 9.25 16.49
CA GLU B 88 21.24 8.44 15.92
C GLU B 88 20.73 7.02 15.78
N THR B 89 21.03 6.38 14.66
CA THR B 89 20.57 5.03 14.43
C THR B 89 21.52 3.95 14.99
N VAL B 90 20.95 2.97 15.67
CA VAL B 90 21.77 1.90 16.24
C VAL B 90 22.20 0.95 15.13
N GLY B 91 22.95 -0.09 15.51
CA GLY B 91 23.43 -1.05 14.53
C GLY B 91 23.99 -0.37 13.30
N GLU B 92 23.73 -1.00 12.16
CA GLU B 92 24.19 -0.55 10.85
C GLU B 92 23.13 0.31 10.18
N VAL B 93 23.57 1.17 9.27
CA VAL B 93 22.69 2.04 8.52
C VAL B 93 23.01 1.96 7.03
N ARG B 94 22.06 1.47 6.23
CA ARG B 94 22.25 1.38 4.79
C ARG B 94 21.46 2.51 4.16
N ALA B 95 22.14 3.34 3.39
CA ALA B 95 21.51 4.47 2.73
C ALA B 95 21.40 4.16 1.26
N VAL B 96 20.17 4.27 0.72
CA VAL B 96 19.96 4.00 -0.68
C VAL B 96 19.43 5.23 -1.44
N ALA B 97 19.31 5.11 -2.76
CA ALA B 97 18.91 6.24 -3.58
C ALA B 97 17.44 6.66 -3.49
N ASP B 98 16.52 5.71 -3.58
CA ASP B 98 15.10 6.07 -3.56
C ASP B 98 14.29 5.21 -2.60
N MSE B 99 12.96 5.39 -2.59
CA MSE B 99 12.15 4.62 -1.69
C MSE B 99 11.77 3.24 -2.22
O MSE B 99 11.32 2.38 -1.44
CB MSE B 99 10.91 5.43 -1.30
CG MSE B 99 11.28 6.76 -0.66
SE MSE B 99 9.76 7.77 -0.06
CE MSE B 99 9.25 6.75 1.48
N HIS B 100 11.93 3.02 -3.52
CA HIS B 100 11.62 1.69 -4.08
C HIS B 100 12.67 0.65 -3.66
N GLN B 101 13.96 0.98 -3.82
CA GLN B 101 15.05 0.09 -3.38
C GLN B 101 14.89 -0.29 -1.89
N ARG B 102 14.60 0.70 -1.05
CA ARG B 102 14.44 0.45 0.39
C ARG B 102 13.54 -0.76 0.63
N LYS B 103 12.29 -0.68 0.20
CA LYS B 103 11.37 -1.80 0.39
C LYS B 103 11.93 -3.13 -0.16
N ALA B 104 12.46 -3.11 -1.39
CA ALA B 104 13.02 -4.32 -2.02
C ALA B 104 14.10 -4.89 -1.14
N GLU B 105 14.98 -4.02 -0.66
CA GLU B 105 16.07 -4.48 0.15
C GLU B 105 15.50 -5.03 1.46
N MSE B 106 14.68 -4.24 2.15
CA MSE B 106 14.07 -4.69 3.40
C MSE B 106 13.37 -6.03 3.17
O MSE B 106 13.17 -6.82 4.10
CB MSE B 106 13.05 -3.66 3.91
CG MSE B 106 13.68 -2.35 4.42
SE MSE B 106 12.36 -1.12 5.23
CE MSE B 106 12.14 -1.89 6.98
N ALA B 107 12.99 -6.30 1.92
CA ALA B 107 12.33 -7.55 1.61
C ALA B 107 13.39 -8.67 1.38
N LYS B 108 14.24 -8.47 0.39
CA LYS B 108 15.27 -9.45 0.07
C LYS B 108 16.14 -9.80 1.28
N HIS B 109 16.43 -8.84 2.17
CA HIS B 109 17.31 -9.13 3.30
C HIS B 109 16.65 -9.47 4.63
N SER B 110 15.42 -9.97 4.56
CA SER B 110 14.70 -10.33 5.77
C SER B 110 14.00 -11.69 5.63
N ASP B 111 13.75 -12.33 6.75
CA ASP B 111 13.13 -13.65 6.74
C ASP B 111 11.61 -13.65 6.88
N ALA B 112 11.06 -12.73 7.66
CA ALA B 112 9.61 -12.61 7.86
C ALA B 112 9.31 -11.12 8.01
N PHE B 113 8.02 -10.76 8.07
CA PHE B 113 7.63 -9.36 8.16
C PHE B 113 6.54 -9.15 9.19
N ILE B 114 6.71 -8.13 10.04
CA ILE B 114 5.71 -7.81 11.04
C ILE B 114 5.34 -6.34 10.97
N ALA B 115 4.03 -6.10 10.97
CA ALA B 115 3.54 -4.73 10.96
C ALA B 115 2.98 -4.35 12.33
N LEU B 116 3.68 -3.49 13.05
CA LEU B 116 3.14 -2.95 14.29
C LEU B 116 2.25 -1.82 13.75
N PRO B 117 1.49 -1.15 14.64
CA PRO B 117 0.65 -0.04 14.22
C PRO B 117 1.50 0.98 13.41
N GLY B 118 0.85 1.75 12.54
CA GLY B 118 1.57 2.73 11.74
C GLY B 118 0.59 3.48 10.83
N GLY B 119 1.11 4.43 10.07
CA GLY B 119 0.24 5.20 9.20
C GLY B 119 0.31 4.74 7.77
N TYR B 120 0.30 5.68 6.83
CA TYR B 120 0.31 5.31 5.41
C TYR B 120 1.52 4.51 4.93
N GLY B 121 2.73 4.99 5.24
CA GLY B 121 3.93 4.28 4.81
C GLY B 121 3.95 2.84 5.31
N THR B 122 3.54 2.64 6.56
CA THR B 122 3.53 1.29 7.12
C THR B 122 2.66 0.40 6.21
N LEU B 123 1.49 0.91 5.85
CA LEU B 123 0.57 0.16 4.96
C LEU B 123 1.15 0.00 3.54
N GLU B 124 1.68 1.09 3.01
CA GLU B 124 2.25 1.11 1.66
C GLU B 124 3.27 -0.03 1.48
N GLU B 125 4.15 -0.18 2.47
CA GLU B 125 5.18 -1.19 2.43
C GLU B 125 4.55 -2.55 2.64
N LEU B 126 3.66 -2.65 3.63
CA LEU B 126 3.00 -3.92 3.92
C LEU B 126 2.22 -4.44 2.72
N LEU B 127 1.52 -3.57 2.00
CA LEU B 127 0.74 -4.02 0.85
C LEU B 127 1.57 -4.51 -0.35
N GLU B 128 2.62 -3.77 -0.70
CA GLU B 128 3.45 -4.16 -1.85
C GLU B 128 4.09 -5.50 -1.58
N VAL B 129 4.61 -5.63 -0.38
CA VAL B 129 5.23 -6.87 0.01
C VAL B 129 4.26 -8.02 0.04
N ILE B 130 2.94 -7.70 0.13
CA ILE B 130 1.88 -8.72 0.14
C ILE B 130 1.62 -9.11 -1.30
N THR B 131 1.71 -8.11 -2.16
CA THR B 131 1.51 -8.32 -3.57
C THR B 131 2.72 -9.11 -4.07
N TRP B 132 3.88 -8.96 -3.42
CA TRP B 132 5.05 -9.74 -3.85
C TRP B 132 4.86 -11.22 -3.44
N ALA B 133 4.16 -11.48 -2.35
CA ALA B 133 3.92 -12.87 -1.94
C ALA B 133 2.86 -13.45 -2.88
N GLN B 134 1.78 -12.68 -3.10
CA GLN B 134 0.68 -13.09 -3.97
C GLN B 134 1.22 -13.42 -5.36
N LEU B 135 2.17 -12.59 -5.80
CA LEU B 135 2.80 -12.77 -7.10
C LEU B 135 3.87 -13.88 -7.09
N GLY B 136 4.02 -14.54 -5.96
CA GLY B 136 4.98 -15.65 -5.90
C GLY B 136 6.44 -15.26 -5.91
N ILE B 137 6.71 -13.98 -5.67
CA ILE B 137 8.09 -13.48 -5.63
C ILE B 137 8.79 -13.91 -4.33
N HIS B 138 8.02 -14.22 -3.29
CA HIS B 138 8.61 -14.69 -2.04
C HIS B 138 7.52 -15.37 -1.25
N ASP B 139 7.88 -16.16 -0.24
CA ASP B 139 6.84 -16.75 0.56
C ASP B 139 7.18 -16.54 2.02
N LYS B 140 7.68 -15.34 2.33
CA LYS B 140 8.05 -15.03 3.69
C LYS B 140 6.80 -14.72 4.55
N PRO B 141 6.71 -15.33 5.74
CA PRO B 141 5.52 -15.03 6.56
C PRO B 141 5.32 -13.52 6.74
N VAL B 142 4.06 -13.10 6.68
CA VAL B 142 3.70 -11.70 6.86
C VAL B 142 2.67 -11.60 7.97
N GLY B 143 2.97 -10.86 9.03
CA GLY B 143 2.02 -10.75 10.13
C GLY B 143 1.72 -9.35 10.65
N LEU B 144 0.53 -9.20 11.21
CA LEU B 144 0.11 -7.93 11.80
C LEU B 144 0.09 -8.11 13.30
N LEU B 145 0.61 -7.12 14.02
CA LEU B 145 0.57 -7.15 15.46
C LEU B 145 -0.62 -6.24 15.76
N ASN B 146 -1.76 -6.89 15.85
CA ASN B 146 -3.04 -6.23 16.07
C ASN B 146 -3.10 -5.66 17.50
N VAL B 147 -2.90 -4.34 17.63
CA VAL B 147 -2.92 -3.73 18.95
C VAL B 147 -4.29 -3.23 19.33
N ASP B 148 -4.81 -3.78 20.43
CA ASP B 148 -6.12 -3.43 20.96
C ASP B 148 -7.11 -3.06 19.85
N GLY B 149 -7.10 -3.87 18.78
CA GLY B 149 -7.98 -3.70 17.64
C GLY B 149 -7.56 -2.68 16.59
N TYR B 150 -6.31 -2.22 16.65
CA TYR B 150 -5.82 -1.22 15.69
C TYR B 150 -6.11 -1.58 14.23
N TYR B 151 -5.67 -2.76 13.79
CA TYR B 151 -5.90 -3.17 12.40
C TYR B 151 -7.23 -3.84 12.13
N ASN B 152 -8.13 -3.89 13.11
CA ASN B 152 -9.40 -4.56 12.87
C ASN B 152 -10.14 -4.11 11.61
N SER B 153 -10.31 -2.80 11.44
CA SER B 153 -11.04 -2.29 10.28
C SER B 153 -10.30 -2.51 8.97
N LEU B 154 -8.98 -2.64 9.03
CA LEU B 154 -8.19 -2.86 7.81
C LEU B 154 -8.43 -4.30 7.40
N LEU B 155 -8.48 -5.16 8.39
CA LEU B 155 -8.72 -6.58 8.11
C LEU B 155 -10.11 -6.80 7.52
N SER B 156 -11.07 -5.97 7.93
CA SER B 156 -12.43 -6.09 7.37
C SER B 156 -12.45 -5.73 5.90
N PHE B 157 -11.70 -4.68 5.54
CA PHE B 157 -11.64 -4.29 4.13
C PHE B 157 -11.14 -5.48 3.28
N ILE B 158 -10.02 -6.12 3.68
CA ILE B 158 -9.50 -7.25 2.93
C ILE B 158 -10.59 -8.31 2.87
N ASP B 159 -11.39 -8.45 3.93
CA ASP B 159 -12.46 -9.43 3.86
C ASP B 159 -13.50 -8.97 2.81
N LYS B 160 -13.78 -7.67 2.77
CA LYS B 160 -14.71 -7.12 1.76
C LYS B 160 -14.15 -7.40 0.35
N ALA B 161 -12.86 -7.13 0.18
CA ALA B 161 -12.21 -7.39 -1.10
C ALA B 161 -12.39 -8.87 -1.50
N VAL B 162 -12.29 -9.78 -0.51
CA VAL B 162 -12.48 -11.21 -0.79
C VAL B 162 -13.94 -11.47 -1.18
N GLU B 163 -14.84 -10.98 -0.33
CA GLU B 163 -16.26 -11.17 -0.57
C GLU B 163 -16.65 -10.68 -1.97
N GLU B 164 -16.07 -9.55 -2.41
CA GLU B 164 -16.43 -8.97 -3.72
C GLU B 164 -15.64 -9.51 -4.93
N GLY B 165 -14.82 -10.54 -4.69
CA GLY B 165 -14.10 -11.15 -5.80
C GLY B 165 -12.79 -10.54 -6.26
N PHE B 166 -12.15 -9.70 -5.45
CA PHE B 166 -10.88 -9.10 -5.84
C PHE B 166 -9.66 -9.77 -5.20
N ILE B 167 -9.86 -10.44 -4.07
CA ILE B 167 -8.78 -11.16 -3.39
C ILE B 167 -9.26 -12.61 -3.19
N SER B 168 -8.47 -13.60 -3.62
CA SER B 168 -8.89 -14.99 -3.44
C SER B 168 -8.78 -15.42 -1.96
N PRO B 169 -9.66 -16.32 -1.52
CA PRO B 169 -9.60 -16.79 -0.13
C PRO B 169 -8.16 -17.28 0.13
N THR B 170 -7.50 -17.83 -0.88
CA THR B 170 -6.12 -18.28 -0.68
C THR B 170 -5.16 -17.09 -0.41
N ALA B 171 -5.26 -16.02 -1.22
CA ALA B 171 -4.39 -14.85 -1.01
C ALA B 171 -4.72 -14.02 0.27
N ARG B 172 -5.87 -14.30 0.88
CA ARG B 172 -6.26 -13.64 2.14
C ARG B 172 -5.36 -14.24 3.25
N GLU B 173 -5.07 -15.53 3.13
CA GLU B 173 -4.21 -16.17 4.13
C GLU B 173 -2.72 -15.79 4.00
N ILE B 174 -2.40 -14.86 3.11
CA ILE B 174 -1.02 -14.43 2.97
C ILE B 174 -0.66 -13.64 4.24
N ILE B 175 -1.70 -13.23 4.98
CA ILE B 175 -1.49 -12.46 6.19
C ILE B 175 -1.86 -13.21 7.46
N VAL B 176 -1.00 -13.08 8.47
CA VAL B 176 -1.21 -13.66 9.81
C VAL B 176 -1.52 -12.50 10.77
N SER B 177 -2.25 -12.77 11.84
CA SER B 177 -2.61 -11.70 12.76
C SER B 177 -2.75 -12.13 14.22
N ALA B 178 -2.13 -11.40 15.14
CA ALA B 178 -2.26 -11.74 16.55
C ALA B 178 -2.27 -10.44 17.39
N PRO B 179 -2.84 -10.51 18.58
CA PRO B 179 -2.92 -9.35 19.45
C PRO B 179 -1.68 -8.97 20.27
N THR B 180 -0.71 -9.88 20.32
CA THR B 180 0.51 -9.65 21.07
C THR B 180 1.68 -10.21 20.29
N ALA B 181 2.88 -9.74 20.61
CA ALA B 181 4.06 -10.21 19.90
C ALA B 181 4.33 -11.70 20.12
N LYS B 182 4.26 -12.16 21.36
CA LYS B 182 4.53 -13.57 21.59
C LYS B 182 3.66 -14.46 20.70
N GLU B 183 2.36 -14.21 20.70
CA GLU B 183 1.47 -15.04 19.88
C GLU B 183 1.77 -14.84 18.41
N LEU B 184 2.01 -13.60 18.01
CA LEU B 184 2.26 -13.34 16.59
C LEU B 184 3.46 -14.11 16.07
N VAL B 185 4.59 -14.04 16.77
CA VAL B 185 5.76 -14.77 16.30
C VAL B 185 5.48 -16.26 16.37
N LYS B 186 4.79 -16.68 17.41
CA LYS B 186 4.44 -18.09 17.52
C LYS B 186 3.77 -18.54 16.19
N LYS B 187 2.83 -17.74 15.69
CA LYS B 187 2.16 -18.09 14.45
C LYS B 187 3.05 -18.01 13.22
N LEU B 188 3.92 -17.00 13.18
CA LEU B 188 4.76 -16.81 12.01
C LEU B 188 5.73 -17.97 11.81
N GLU B 189 6.32 -18.49 12.90
CA GLU B 189 7.25 -19.61 12.82
C GLU B 189 6.54 -20.70 11.99
N GLU B 190 5.23 -20.51 11.84
CA GLU B 190 4.31 -21.34 11.07
C GLU B 190 4.50 -22.81 11.19
N MSE A 8 -17.34 25.95 -18.64
CA MSE A 8 -16.34 25.92 -19.74
C MSE A 8 -14.94 25.98 -19.14
O MSE A 8 -14.03 26.55 -19.73
CB MSE A 8 -16.55 27.11 -20.70
CG MSE A 8 -17.90 27.13 -21.45
SE MSE A 8 -18.32 28.85 -22.28
CE MSE A 8 -18.01 29.94 -20.71
N GLN A 9 -14.77 25.39 -17.96
CA GLN A 9 -13.48 25.37 -17.29
C GLN A 9 -12.59 24.28 -17.89
N LYS A 10 -11.32 24.59 -18.09
CA LYS A 10 -10.39 23.61 -18.67
C LYS A 10 -9.85 22.71 -17.54
N SER A 11 -9.74 21.39 -17.79
CA SER A 11 -9.22 20.45 -16.78
C SER A 11 -7.78 20.77 -16.44
N LYS A 12 -7.39 20.57 -15.19
CA LYS A 12 -6.01 20.83 -14.80
C LYS A 12 -5.10 19.61 -15.12
N PHE A 13 -5.70 18.48 -15.45
CA PHE A 13 -4.90 17.27 -15.74
C PHE A 13 -4.98 16.87 -17.23
N ARG A 14 -3.90 16.33 -17.77
CA ARG A 14 -3.90 15.87 -19.17
C ARG A 14 -4.13 14.36 -19.17
N ARG A 15 -3.46 13.70 -18.21
CA ARG A 15 -3.57 12.27 -18.08
C ARG A 15 -3.90 11.90 -16.63
N ILE A 16 -4.79 10.91 -16.48
CA ILE A 16 -5.15 10.39 -15.15
C ILE A 16 -4.69 8.93 -15.06
N CYS A 17 -4.01 8.58 -13.97
CA CYS A 17 -3.53 7.23 -13.76
C CYS A 17 -4.64 6.46 -13.03
N VAL A 18 -5.11 5.36 -13.60
CA VAL A 18 -6.16 4.58 -12.99
C VAL A 18 -5.68 3.20 -12.56
N PHE A 19 -5.69 2.98 -11.24
CA PHE A 19 -5.29 1.71 -10.63
C PHE A 19 -6.60 0.97 -10.39
N CYS A 20 -6.67 -0.33 -10.72
CA CYS A 20 -7.93 -1.03 -10.48
C CYS A 20 -7.86 -2.52 -10.68
N GLY A 21 -8.88 -3.20 -10.14
CA GLY A 21 -8.97 -4.64 -10.22
C GLY A 21 -8.70 -5.25 -11.58
N SER A 22 -7.86 -6.30 -11.57
CA SER A 22 -7.53 -7.04 -12.79
C SER A 22 -8.68 -8.02 -13.06
N SER A 23 -9.58 -8.17 -12.07
CA SER A 23 -10.76 -9.04 -12.19
C SER A 23 -11.98 -8.12 -12.10
N GLN A 24 -13.15 -8.59 -12.51
CA GLN A 24 -14.36 -7.76 -12.45
C GLN A 24 -15.00 -7.72 -11.06
N GLY A 25 -14.87 -8.79 -10.30
CA GLY A 25 -15.49 -8.78 -8.98
C GLY A 25 -16.90 -9.33 -9.12
N LYS A 26 -17.78 -9.10 -8.15
CA LYS A 26 -19.12 -9.68 -8.21
C LYS A 26 -20.31 -8.77 -8.48
N LYS A 27 -20.18 -7.48 -8.19
CA LYS A 27 -21.30 -6.59 -8.37
C LYS A 27 -21.36 -5.90 -9.71
N SER A 28 -22.55 -5.86 -10.28
CA SER A 28 -22.69 -5.21 -11.56
C SER A 28 -22.25 -3.76 -11.45
N SER A 29 -22.53 -3.11 -10.32
CA SER A 29 -22.13 -1.70 -10.16
C SER A 29 -20.62 -1.50 -10.39
N TYR A 30 -19.81 -2.50 -10.08
CA TYR A 30 -18.36 -2.36 -10.27
C TYR A 30 -18.00 -2.18 -11.73
N GLN A 31 -18.47 -3.10 -12.56
CA GLN A 31 -18.17 -3.00 -14.00
C GLN A 31 -18.75 -1.69 -14.53
N ASP A 32 -19.99 -1.40 -14.11
CA ASP A 32 -20.65 -0.13 -14.49
C ASP A 32 -19.74 1.07 -14.24
N ALA A 33 -19.27 1.18 -12.98
CA ALA A 33 -18.41 2.30 -12.60
C ALA A 33 -17.19 2.34 -13.49
N ALA A 34 -16.64 1.17 -13.79
CA ALA A 34 -15.44 1.13 -14.64
C ALA A 34 -15.67 1.85 -16.00
N VAL A 35 -16.85 1.67 -16.57
CA VAL A 35 -17.20 2.32 -17.83
C VAL A 35 -17.51 3.80 -17.54
N ASP A 36 -18.25 4.04 -16.47
CA ASP A 36 -18.60 5.41 -16.10
C ASP A 36 -17.32 6.22 -15.91
N LEU A 37 -16.26 5.56 -15.46
CA LEU A 37 -15.02 6.29 -15.29
C LEU A 37 -14.41 6.57 -16.65
N GLY A 38 -14.34 5.55 -17.50
CA GLY A 38 -13.76 5.76 -18.82
C GLY A 38 -14.48 6.89 -19.56
N ASN A 39 -15.82 6.81 -19.60
CA ASN A 39 -16.62 7.83 -20.27
C ASN A 39 -16.47 9.18 -19.61
N GLU A 40 -16.35 9.19 -18.29
CA GLU A 40 -16.22 10.43 -17.52
C GLU A 40 -14.85 11.06 -17.83
N LEU A 41 -13.89 10.25 -18.27
CA LEU A 41 -12.60 10.83 -18.64
C LEU A 41 -12.71 11.41 -20.06
N VAL A 42 -13.23 10.61 -20.97
CA VAL A 42 -13.42 11.05 -22.36
C VAL A 42 -14.24 12.34 -22.41
N SER A 43 -15.32 12.37 -21.63
CA SER A 43 -16.18 13.53 -21.63
C SER A 43 -15.56 14.71 -20.89
N ARG A 44 -14.24 14.68 -20.71
CA ARG A 44 -13.54 15.77 -20.03
C ARG A 44 -12.17 16.13 -20.64
N ASN A 45 -11.80 15.45 -21.72
CA ASN A 45 -10.52 15.69 -22.41
C ASN A 45 -9.26 15.14 -21.71
N ILE A 46 -9.40 13.96 -21.09
CA ILE A 46 -8.29 13.32 -20.36
C ILE A 46 -7.96 11.92 -20.94
N ASP A 47 -6.68 11.64 -21.21
CA ASP A 47 -6.29 10.33 -21.70
C ASP A 47 -6.07 9.44 -20.46
N LEU A 48 -5.86 8.15 -20.71
CA LEU A 48 -5.71 7.15 -19.68
C LEU A 48 -4.33 6.53 -19.54
N VAL A 49 -3.86 6.48 -18.31
CA VAL A 49 -2.61 5.80 -18.05
C VAL A 49 -3.08 4.68 -17.08
N TYR A 50 -2.65 3.46 -17.33
CA TYR A 50 -3.03 2.38 -16.47
C TYR A 50 -2.02 1.25 -16.53
N GLY A 51 -2.27 0.24 -15.70
CA GLY A 51 -1.38 -0.89 -15.57
C GLY A 51 -1.38 -1.90 -16.69
N GLY A 52 -2.11 -1.66 -17.77
CA GLY A 52 -2.09 -2.58 -18.91
C GLY A 52 -3.08 -3.72 -18.99
N GLY A 53 -3.87 -3.96 -17.96
CA GLY A 53 -4.82 -5.06 -18.04
C GLY A 53 -5.70 -5.08 -19.29
N SER A 54 -6.38 -6.20 -19.48
CA SER A 54 -7.28 -6.32 -20.61
C SER A 54 -8.60 -6.94 -20.12
N ILE A 55 -8.59 -7.43 -18.87
CA ILE A 55 -9.77 -8.07 -18.28
C ILE A 55 -10.21 -7.37 -16.99
N GLY A 56 -11.42 -7.66 -16.52
CA GLY A 56 -11.90 -7.07 -15.27
C GLY A 56 -12.14 -5.57 -15.37
N LEU A 57 -11.88 -4.86 -14.29
CA LEU A 57 -12.10 -3.42 -14.31
C LEU A 57 -10.97 -2.71 -15.08
N MSE A 58 -9.79 -3.32 -15.18
CA MSE A 58 -8.69 -2.69 -15.91
C MSE A 58 -9.07 -2.64 -17.40
O MSE A 58 -8.77 -1.67 -18.07
CB MSE A 58 -7.41 -3.50 -15.78
CG MSE A 58 -6.69 -3.30 -14.47
SE MSE A 58 -5.17 -4.48 -14.39
CE MSE A 58 -3.67 -3.27 -14.62
N GLY A 59 -9.70 -3.71 -17.88
CA GLY A 59 -10.12 -3.76 -19.28
C GLY A 59 -11.26 -2.82 -19.61
N LEU A 60 -12.24 -2.72 -18.71
CA LEU A 60 -13.38 -1.83 -18.95
C LEU A 60 -12.93 -0.38 -19.10
N VAL A 61 -12.30 0.16 -18.06
CA VAL A 61 -11.84 1.54 -18.13
C VAL A 61 -11.04 1.75 -19.40
N SER A 62 -10.15 0.82 -19.72
CA SER A 62 -9.33 1.01 -20.91
C SER A 62 -10.17 0.94 -22.17
N GLN A 63 -11.10 0.00 -22.22
CA GLN A 63 -11.96 -0.13 -23.39
C GLN A 63 -12.84 1.10 -23.56
N ALA A 64 -13.36 1.64 -22.45
CA ALA A 64 -14.21 2.82 -22.52
C ALA A 64 -13.47 4.06 -23.05
N VAL A 65 -12.29 4.31 -22.52
CA VAL A 65 -11.53 5.46 -22.95
C VAL A 65 -11.22 5.28 -24.43
N HIS A 66 -10.77 4.08 -24.77
CA HIS A 66 -10.44 3.78 -26.15
C HIS A 66 -11.62 3.93 -27.12
N ASP A 67 -12.80 3.57 -26.65
CA ASP A 67 -14.02 3.67 -27.47
C ASP A 67 -14.44 5.12 -27.62
N GLY A 68 -14.21 5.90 -26.56
CA GLY A 68 -14.55 7.30 -26.55
C GLY A 68 -13.57 8.12 -27.38
N GLY A 69 -12.64 7.44 -28.04
CA GLY A 69 -11.68 8.13 -28.90
C GLY A 69 -10.38 8.70 -28.35
N ARG A 70 -10.22 8.69 -27.03
CA ARG A 70 -9.01 9.22 -26.39
C ARG A 70 -7.86 8.19 -26.39
N HIS A 71 -6.69 8.63 -25.96
CA HIS A 71 -5.55 7.73 -25.98
C HIS A 71 -5.37 6.96 -24.67
N VAL A 72 -4.97 5.70 -24.78
CA VAL A 72 -4.75 4.81 -23.63
C VAL A 72 -3.28 4.39 -23.64
N ILE A 73 -2.62 4.51 -22.49
CA ILE A 73 -1.23 4.11 -22.33
C ILE A 73 -1.20 3.08 -21.21
N GLY A 74 -0.97 1.81 -21.55
CA GLY A 74 -0.89 0.77 -20.53
C GLY A 74 0.60 0.53 -20.30
N ILE A 75 1.05 0.45 -19.06
CA ILE A 75 2.47 0.24 -18.80
C ILE A 75 2.61 -1.06 -18.04
N ILE A 76 3.39 -1.97 -18.60
CA ILE A 76 3.59 -3.30 -18.00
C ILE A 76 5.06 -3.66 -17.85
N PRO A 77 5.38 -4.60 -16.93
CA PRO A 77 6.77 -5.04 -16.74
C PRO A 77 7.06 -5.79 -18.03
N LYS A 78 8.28 -5.70 -18.56
CA LYS A 78 8.62 -6.35 -19.82
C LYS A 78 8.47 -7.87 -19.82
N THR A 79 8.36 -8.48 -18.64
CA THR A 79 8.21 -9.93 -18.55
C THR A 79 6.93 -10.37 -19.26
N LEU A 80 5.80 -10.32 -18.56
CA LEU A 80 4.52 -10.74 -19.13
C LEU A 80 4.13 -9.87 -20.32
N MSE A 81 4.66 -10.24 -21.49
CA MSE A 81 4.40 -9.52 -22.73
C MSE A 81 4.89 -8.09 -22.61
O MSE A 81 5.75 -7.80 -21.77
CB MSE A 81 2.89 -9.55 -23.05
CG MSE A 81 2.35 -10.91 -23.52
SE MSE A 81 2.24 -12.35 -22.21
CE MSE A 81 0.39 -12.16 -21.68
N VAL A 90 -5.60 -2.76 -27.81
CA VAL A 90 -6.11 -1.39 -27.68
C VAL A 90 -5.24 -0.54 -26.76
N GLY A 91 -4.85 0.63 -27.27
CA GLY A 91 -4.03 1.53 -26.49
C GLY A 91 -2.54 1.31 -26.69
N GLU A 92 -1.74 2.32 -26.38
CA GLU A 92 -0.29 2.21 -26.49
C GLU A 92 0.21 1.36 -25.32
N VAL A 93 1.12 0.42 -25.59
CA VAL A 93 1.67 -0.40 -24.51
C VAL A 93 3.16 -0.04 -24.30
N ARG A 94 3.58 0.14 -23.05
CA ARG A 94 5.01 0.43 -22.73
C ARG A 94 5.55 -0.62 -21.76
N ALA A 95 6.47 -1.47 -22.21
CA ALA A 95 7.07 -2.49 -21.35
C ALA A 95 8.33 -1.88 -20.75
N VAL A 96 8.40 -1.84 -19.42
CA VAL A 96 9.55 -1.25 -18.77
C VAL A 96 10.27 -2.28 -17.88
N ALA A 97 11.13 -1.80 -17.00
CA ALA A 97 11.96 -2.63 -16.13
C ALA A 97 11.27 -3.63 -15.23
N ASP A 98 10.78 -3.15 -14.09
CA ASP A 98 10.15 -4.01 -13.12
C ASP A 98 8.94 -3.30 -12.54
N MSE A 99 8.32 -3.94 -11.55
CA MSE A 99 7.15 -3.38 -10.89
C MSE A 99 7.40 -1.95 -10.39
O MSE A 99 6.55 -1.10 -10.53
CB MSE A 99 6.74 -4.25 -9.71
CG MSE A 99 6.32 -5.65 -10.13
SE MSE A 99 4.65 -5.66 -11.07
CE MSE A 99 3.44 -5.46 -9.56
N HIS A 100 8.57 -1.70 -9.82
CA HIS A 100 8.86 -0.37 -9.33
C HIS A 100 8.95 0.63 -10.50
N GLN A 101 9.56 0.25 -11.62
CA GLN A 101 9.66 1.17 -12.77
C GLN A 101 8.25 1.38 -13.35
N ARG A 102 7.38 0.42 -13.10
CA ARG A 102 5.99 0.49 -13.56
C ARG A 102 5.26 1.62 -12.84
N LYS A 103 5.43 1.71 -11.51
CA LYS A 103 4.76 2.78 -10.77
C LYS A 103 5.44 4.11 -11.09
N ALA A 104 6.76 4.08 -11.19
CA ALA A 104 7.55 5.27 -11.48
C ALA A 104 7.12 6.02 -12.75
N GLU A 105 6.98 5.28 -13.85
CA GLU A 105 6.56 5.86 -15.11
C GLU A 105 5.09 6.25 -15.04
N MSE A 106 4.27 5.38 -14.43
CA MSE A 106 2.84 5.69 -14.31
C MSE A 106 2.68 7.00 -13.53
O MSE A 106 1.93 7.86 -13.95
CB MSE A 106 2.08 4.54 -13.62
CG MSE A 106 1.82 3.32 -14.53
SE MSE A 106 0.97 1.82 -13.57
CE MSE A 106 -0.85 2.47 -13.48
N ALA A 107 3.38 7.16 -12.42
CA ALA A 107 3.25 8.38 -11.62
C ALA A 107 3.85 9.63 -12.32
N LYS A 108 5.05 9.47 -12.90
CA LYS A 108 5.75 10.58 -13.58
C LYS A 108 4.95 11.13 -14.78
N HIS A 109 4.19 10.27 -15.45
CA HIS A 109 3.42 10.72 -16.61
C HIS A 109 1.97 11.12 -16.31
N SER A 110 1.58 11.12 -15.05
CA SER A 110 0.19 11.48 -14.72
C SER A 110 0.07 12.72 -13.84
N ASP A 111 -1.11 13.33 -13.88
CA ASP A 111 -1.41 14.56 -13.13
C ASP A 111 -2.29 14.35 -11.90
N ALA A 112 -2.86 13.14 -11.76
CA ALA A 112 -3.70 12.79 -10.62
C ALA A 112 -3.84 11.26 -10.65
N PHE A 113 -4.39 10.69 -9.59
CA PHE A 113 -4.55 9.24 -9.46
C PHE A 113 -5.92 8.91 -8.96
N ILE A 114 -6.52 7.86 -9.50
CA ILE A 114 -7.86 7.42 -9.07
C ILE A 114 -7.86 5.89 -8.90
N ALA A 115 -8.48 5.39 -7.83
CA ALA A 115 -8.57 3.94 -7.65
C ALA A 115 -9.99 3.47 -7.72
N LEU A 116 -10.24 2.51 -8.60
CA LEU A 116 -11.54 1.85 -8.68
C LEU A 116 -11.32 0.68 -7.70
N PRO A 117 -12.35 -0.14 -7.48
CA PRO A 117 -12.18 -1.28 -6.58
C PRO A 117 -10.99 -2.17 -7.05
N GLY A 118 -10.47 -2.97 -6.13
CA GLY A 118 -9.39 -3.87 -6.47
C GLY A 118 -8.83 -4.49 -5.19
N GLY A 119 -7.96 -5.49 -5.34
CA GLY A 119 -7.38 -6.12 -4.18
C GLY A 119 -6.01 -5.55 -3.78
N TYR A 120 -5.14 -6.43 -3.26
CA TYR A 120 -3.80 -6.02 -2.82
C TYR A 120 -3.04 -5.14 -3.80
N GLY A 121 -3.05 -5.50 -5.07
CA GLY A 121 -2.32 -4.74 -6.08
C GLY A 121 -2.61 -3.23 -6.04
N THR A 122 -3.73 -2.84 -6.65
CA THR A 122 -4.20 -1.46 -6.68
C THR A 122 -4.05 -0.81 -5.33
N LEU A 123 -4.25 -1.60 -4.28
CA LEU A 123 -4.13 -1.09 -2.92
C LEU A 123 -2.68 -0.65 -2.64
N GLU A 124 -1.72 -1.47 -3.06
CA GLU A 124 -0.31 -1.16 -2.87
C GLU A 124 0.05 0.08 -3.72
N GLU A 125 -0.55 0.16 -4.91
CA GLU A 125 -0.30 1.29 -5.81
C GLU A 125 -0.84 2.55 -5.18
N LEU A 126 -2.06 2.44 -4.63
CA LEU A 126 -2.70 3.56 -3.99
C LEU A 126 -1.90 4.08 -2.77
N LEU A 127 -1.71 3.22 -1.77
CA LEU A 127 -0.99 3.64 -0.56
C LEU A 127 0.38 4.26 -0.87
N GLU A 128 1.01 3.81 -1.94
CA GLU A 128 2.28 4.40 -2.29
C GLU A 128 2.11 5.88 -2.75
N VAL A 129 1.23 6.13 -3.71
CA VAL A 129 1.08 7.50 -4.17
C VAL A 129 0.52 8.41 -3.07
N ILE A 130 -0.16 7.83 -2.06
CA ILE A 130 -0.70 8.66 -0.97
C ILE A 130 0.44 9.03 -0.03
N THR A 131 1.29 8.05 0.29
CA THR A 131 2.38 8.34 1.20
C THR A 131 3.37 9.34 0.56
N TRP A 132 3.63 9.19 -0.75
CA TRP A 132 4.54 10.13 -1.40
C TRP A 132 4.02 11.56 -1.27
N ALA A 133 2.71 11.74 -1.43
CA ALA A 133 2.11 13.07 -1.29
C ALA A 133 2.33 13.53 0.15
N GLN A 134 2.10 12.61 1.08
CA GLN A 134 2.26 12.92 2.49
C GLN A 134 3.67 13.40 2.78
N LEU A 135 4.65 12.82 2.09
CA LEU A 135 6.04 13.20 2.29
C LEU A 135 6.52 14.26 1.28
N GLY A 136 5.58 14.93 0.63
CA GLY A 136 5.93 15.96 -0.33
C GLY A 136 6.77 15.49 -1.48
N ILE A 137 6.93 14.17 -1.63
CA ILE A 137 7.74 13.70 -2.73
C ILE A 137 7.04 13.98 -4.04
N HIS A 138 5.71 14.11 -3.97
CA HIS A 138 4.95 14.43 -5.15
C HIS A 138 3.81 15.36 -4.75
N ASP A 139 3.24 16.04 -5.73
CA ASP A 139 2.16 16.97 -5.47
C ASP A 139 1.05 16.77 -6.46
N LYS A 140 0.26 15.73 -6.28
CA LYS A 140 -0.83 15.46 -7.22
C LYS A 140 -2.06 14.95 -6.45
N PRO A 141 -3.28 15.32 -6.89
CA PRO A 141 -4.47 14.83 -6.15
C PRO A 141 -4.62 13.30 -6.22
N VAL A 142 -5.32 12.73 -5.23
CA VAL A 142 -5.56 11.28 -5.16
C VAL A 142 -7.04 11.01 -4.84
N GLY A 143 -7.70 10.16 -5.62
CA GLY A 143 -9.12 9.93 -5.35
C GLY A 143 -9.55 8.48 -5.39
N LEU A 144 -10.62 8.18 -4.66
CA LEU A 144 -11.20 6.84 -4.62
C LEU A 144 -12.58 6.80 -5.24
N LEU A 145 -12.79 5.86 -6.14
CA LEU A 145 -14.09 5.67 -6.74
C LEU A 145 -14.69 4.65 -5.81
N ASN A 146 -15.32 5.16 -4.77
CA ASN A 146 -15.87 4.35 -3.71
C ASN A 146 -17.27 3.79 -4.03
N VAL A 147 -17.33 2.90 -5.02
CA VAL A 147 -18.56 2.26 -5.46
C VAL A 147 -19.16 1.41 -4.35
N ASP A 148 -20.43 1.66 -4.04
CA ASP A 148 -21.15 0.94 -3.00
C ASP A 148 -20.36 0.65 -1.71
N GLY A 149 -19.70 1.68 -1.18
CA GLY A 149 -18.96 1.51 0.06
C GLY A 149 -17.75 0.60 0.14
N TYR A 150 -17.31 0.05 -1.00
CA TYR A 150 -16.16 -0.84 -1.07
C TYR A 150 -14.97 -0.36 -0.19
N TYR A 151 -14.72 0.95 -0.18
CA TYR A 151 -13.58 1.46 0.57
C TYR A 151 -13.84 1.93 2.01
N ASN A 152 -15.10 1.86 2.45
CA ASN A 152 -15.45 2.32 3.81
C ASN A 152 -14.57 1.73 4.92
N SER A 153 -14.35 0.41 4.90
CA SER A 153 -13.52 -0.19 5.95
C SER A 153 -12.06 0.30 5.84
N LEU A 154 -11.68 0.78 4.66
CA LEU A 154 -10.33 1.33 4.49
C LEU A 154 -10.40 2.77 5.00
N LEU A 155 -11.44 3.51 4.60
CA LEU A 155 -11.58 4.90 5.07
C LEU A 155 -11.72 4.96 6.60
N SER A 156 -12.44 4.00 7.17
CA SER A 156 -12.60 3.93 8.64
C SER A 156 -11.31 3.49 9.34
N PHE A 157 -10.49 2.66 8.67
CA PHE A 157 -9.21 2.28 9.31
C PHE A 157 -8.34 3.55 9.46
N ILE A 158 -8.32 4.39 8.41
CA ILE A 158 -7.55 5.61 8.48
C ILE A 158 -8.02 6.48 9.65
N ASP A 159 -9.31 6.47 9.96
CA ASP A 159 -9.80 7.25 11.09
C ASP A 159 -9.16 6.70 12.38
N LYS A 160 -9.04 5.38 12.46
CA LYS A 160 -8.43 4.73 13.63
C LYS A 160 -6.98 5.21 13.73
N ALA A 161 -6.31 5.30 12.59
CA ALA A 161 -4.95 5.79 12.57
C ALA A 161 -4.91 7.26 13.01
N VAL A 162 -5.86 8.07 12.52
CA VAL A 162 -5.90 9.49 12.90
C VAL A 162 -6.15 9.57 14.41
N GLU A 163 -7.20 8.90 14.86
CA GLU A 163 -7.53 8.91 16.30
C GLU A 163 -6.31 8.49 17.16
N GLU A 164 -5.57 7.46 16.74
CA GLU A 164 -4.43 7.03 17.57
C GLU A 164 -3.20 7.90 17.34
N GLY A 165 -3.26 8.71 16.28
CA GLY A 165 -2.19 9.64 15.98
C GLY A 165 -1.09 9.23 15.01
N PHE A 166 -1.26 8.14 14.26
CA PHE A 166 -0.22 7.75 13.32
C PHE A 166 -0.35 8.49 11.99
N ILE A 167 -1.51 9.10 11.76
CA ILE A 167 -1.76 9.90 10.56
C ILE A 167 -2.36 11.23 11.04
N SER A 168 -1.96 12.34 10.42
CA SER A 168 -2.50 13.65 10.83
C SER A 168 -3.81 13.92 10.12
N PRO A 169 -4.68 14.76 10.71
CA PRO A 169 -5.96 15.07 10.06
C PRO A 169 -5.73 15.61 8.64
N THR A 170 -4.67 16.40 8.44
CA THR A 170 -4.36 16.94 7.12
C THR A 170 -3.95 15.85 6.13
N ALA A 171 -3.17 14.86 6.56
CA ALA A 171 -2.77 13.79 5.64
C ALA A 171 -3.98 12.90 5.29
N ARG A 172 -4.96 12.82 6.19
CA ARG A 172 -6.15 12.00 5.89
C ARG A 172 -6.87 12.64 4.69
N GLU A 173 -6.79 13.96 4.62
CA GLU A 173 -7.43 14.71 3.53
C GLU A 173 -6.82 14.48 2.15
N ILE A 174 -5.67 13.83 2.07
CA ILE A 174 -5.07 13.55 0.75
C ILE A 174 -6.06 12.67 0.02
N ILE A 175 -6.72 11.78 0.77
CA ILE A 175 -7.69 10.88 0.17
C ILE A 175 -9.03 11.53 -0.10
N VAL A 176 -9.28 11.81 -1.36
CA VAL A 176 -10.53 12.37 -1.79
C VAL A 176 -11.36 11.16 -2.25
N SER A 177 -12.68 11.20 -2.08
CA SER A 177 -13.49 10.04 -2.46
C SER A 177 -14.95 10.41 -2.76
N ALA A 178 -15.56 9.69 -3.69
CA ALA A 178 -16.97 9.94 -4.06
C ALA A 178 -17.50 8.60 -4.59
N PRO A 179 -18.84 8.45 -4.64
CA PRO A 179 -19.47 7.22 -5.11
C PRO A 179 -19.57 7.01 -6.64
N THR A 180 -19.39 8.08 -7.41
CA THR A 180 -19.46 8.00 -8.87
C THR A 180 -18.29 8.71 -9.50
N ALA A 181 -18.08 8.46 -10.79
CA ALA A 181 -16.98 9.09 -11.52
C ALA A 181 -17.10 10.62 -11.61
N LYS A 182 -18.25 11.11 -12.06
CA LYS A 182 -18.48 12.55 -12.17
C LYS A 182 -18.19 13.25 -10.82
N GLU A 183 -18.81 12.78 -9.74
CA GLU A 183 -18.54 13.40 -8.44
C GLU A 183 -17.05 13.37 -8.05
N LEU A 184 -16.37 12.26 -8.30
CA LEU A 184 -14.95 12.19 -7.94
C LEU A 184 -14.10 13.12 -8.81
N VAL A 185 -14.38 13.13 -10.10
CA VAL A 185 -13.61 13.99 -11.00
C VAL A 185 -13.76 15.45 -10.58
N LYS A 186 -14.94 15.83 -10.08
CA LYS A 186 -15.10 17.22 -9.65
C LYS A 186 -14.23 17.48 -8.43
N LYS A 187 -14.32 16.62 -7.42
CA LYS A 187 -13.52 16.82 -6.22
C LYS A 187 -12.02 16.89 -6.47
N LEU A 188 -11.51 16.12 -7.43
CA LEU A 188 -10.08 16.14 -7.71
C LEU A 188 -9.63 17.51 -8.23
N GLU A 189 -10.51 18.21 -8.95
CA GLU A 189 -10.20 19.55 -9.45
C GLU A 189 -9.81 20.39 -8.20
N GLU A 190 -10.11 19.81 -7.05
CA GLU A 190 -9.85 20.30 -5.70
C GLU A 190 -10.73 21.48 -5.30
N LYS B 10 16.52 -21.06 17.80
CA LYS B 10 16.17 -22.20 16.91
C LYS B 10 15.11 -21.76 15.90
N SER B 11 14.90 -20.46 15.81
CA SER B 11 13.93 -19.89 14.89
C SER B 11 14.29 -20.18 13.44
N LYS B 12 13.30 -20.28 12.57
CA LYS B 12 13.64 -20.51 11.17
C LYS B 12 13.99 -19.17 10.52
N PHE B 13 13.94 -18.08 11.29
CA PHE B 13 14.26 -16.76 10.73
C PHE B 13 15.59 -16.19 11.24
N ARG B 14 16.41 -15.63 10.34
CA ARG B 14 17.66 -14.99 10.76
C ARG B 14 17.37 -13.50 10.99
N ARG B 15 16.45 -12.96 10.20
CA ARG B 15 16.06 -11.56 10.30
C ARG B 15 14.57 -11.37 10.05
N ILE B 16 13.94 -10.53 10.88
CA ILE B 16 12.54 -10.19 10.66
C ILE B 16 12.50 -8.69 10.42
N CYS B 17 11.77 -8.28 9.38
CA CYS B 17 11.64 -6.87 9.04
C CYS B 17 10.40 -6.36 9.76
N VAL B 18 10.52 -5.26 10.49
CA VAL B 18 9.39 -4.73 11.20
C VAL B 18 8.95 -3.38 10.70
N PHE B 19 7.72 -3.31 10.17
CA PHE B 19 7.12 -2.06 9.70
C PHE B 19 6.26 -1.55 10.88
N CYS B 20 6.45 -0.29 11.26
CA CYS B 20 5.67 0.25 12.37
C CYS B 20 5.84 1.77 12.49
N GLY B 21 4.89 2.38 13.21
CA GLY B 21 4.88 3.82 13.40
C GLY B 21 6.20 4.57 13.57
N SER B 22 6.37 5.66 12.80
CA SER B 22 7.56 6.52 12.89
C SER B 22 7.07 7.63 13.84
N SER B 23 5.76 7.61 14.07
CA SER B 23 5.11 8.54 14.99
C SER B 23 4.76 7.70 16.22
N GLN B 24 4.74 8.32 17.41
CA GLN B 24 4.44 7.59 18.64
C GLN B 24 2.97 7.25 18.87
N GLY B 25 2.04 8.06 18.35
CA GLY B 25 0.63 7.76 18.53
C GLY B 25 -0.04 8.33 19.79
N LYS B 26 -0.60 7.47 20.63
CA LYS B 26 -1.21 7.95 21.88
C LYS B 26 -1.23 6.88 22.98
N LYS B 27 -1.74 5.71 22.64
CA LYS B 27 -1.86 4.64 23.62
C LYS B 27 -0.54 3.98 23.98
N SER B 28 -0.23 4.02 25.27
CA SER B 28 1.00 3.41 25.75
C SER B 28 0.99 1.95 25.32
N SER B 29 -0.20 1.37 25.18
CA SER B 29 -0.31 -0.03 24.75
C SER B 29 0.44 -0.26 23.43
N TYR B 30 0.50 0.75 22.57
CA TYR B 30 1.22 0.59 21.31
C TYR B 30 2.72 0.74 21.55
N GLN B 31 3.07 1.36 22.67
CA GLN B 31 4.49 1.51 22.97
C GLN B 31 5.01 0.22 23.61
N ASP B 32 4.22 -0.40 24.48
CA ASP B 32 4.67 -1.65 25.09
C ASP B 32 4.76 -2.76 24.03
N ALA B 33 3.84 -2.78 23.07
CA ALA B 33 3.90 -3.80 22.04
C ALA B 33 5.18 -3.62 21.22
N ALA B 34 5.62 -2.39 21.00
CA ALA B 34 6.83 -2.20 20.20
C ALA B 34 8.04 -2.76 20.96
N VAL B 35 8.27 -2.28 22.17
CA VAL B 35 9.38 -2.78 22.99
C VAL B 35 9.28 -4.30 23.15
N ASP B 36 8.07 -4.80 23.37
CA ASP B 36 7.84 -6.22 23.52
C ASP B 36 8.32 -7.02 22.29
N LEU B 37 7.92 -6.62 21.08
CA LEU B 37 8.37 -7.34 19.89
C LEU B 37 9.91 -7.30 19.82
N GLY B 38 10.48 -6.19 20.28
CA GLY B 38 11.91 -6.06 20.30
C GLY B 38 12.47 -7.13 21.23
N ASN B 39 11.84 -7.29 22.38
CA ASN B 39 12.27 -8.27 23.36
C ASN B 39 11.89 -9.70 23.00
N GLU B 40 11.06 -9.84 21.97
CA GLU B 40 10.64 -11.16 21.51
C GLU B 40 11.67 -11.64 20.49
N LEU B 41 12.10 -10.75 19.61
CA LEU B 41 13.10 -11.14 18.62
C LEU B 41 14.37 -11.56 19.38
N VAL B 42 14.76 -10.74 20.34
CA VAL B 42 15.95 -11.04 21.13
C VAL B 42 15.83 -12.42 21.78
N SER B 43 14.78 -12.59 22.58
CA SER B 43 14.57 -13.84 23.28
C SER B 43 14.71 -15.02 22.33
N ARG B 44 14.38 -14.83 21.05
CA ARG B 44 14.51 -15.93 20.09
C ARG B 44 15.73 -15.83 19.19
N ASN B 45 16.66 -14.95 19.51
CA ASN B 45 17.87 -14.81 18.69
C ASN B 45 17.53 -14.38 17.27
N ILE B 46 16.51 -13.56 17.14
CA ILE B 46 16.13 -13.09 15.84
C ILE B 46 16.69 -11.70 15.61
N ASP B 47 17.29 -11.48 14.44
CA ASP B 47 17.85 -10.16 14.09
C ASP B 47 16.75 -9.31 13.47
N LEU B 48 16.96 -8.00 13.48
CA LEU B 48 16.01 -7.03 12.95
C LEU B 48 16.45 -6.28 11.73
N VAL B 49 15.47 -5.97 10.88
CA VAL B 49 15.64 -5.10 9.71
C VAL B 49 14.51 -4.07 9.80
N TYR B 50 14.80 -2.77 9.72
CA TYR B 50 13.72 -1.78 9.77
C TYR B 50 14.04 -0.56 8.90
N GLY B 51 13.12 0.40 8.85
CA GLY B 51 13.30 1.56 8.01
C GLY B 51 14.18 2.71 8.51
N GLY B 52 14.85 2.52 9.64
CA GLY B 52 15.75 3.54 10.14
C GLY B 52 15.16 4.64 11.01
N GLY B 53 16.00 5.61 11.38
CA GLY B 53 15.55 6.72 12.20
C GLY B 53 15.41 6.35 13.67
N SER B 54 14.94 7.29 14.48
CA SER B 54 14.77 7.09 15.92
C SER B 54 13.40 7.43 16.46
N ILE B 55 12.53 7.99 15.62
CA ILE B 55 11.19 8.42 16.06
C ILE B 55 10.09 7.34 16.09
N GLY B 56 8.96 7.69 16.72
CA GLY B 56 7.79 6.81 16.80
C GLY B 56 8.06 5.41 17.33
N LEU B 57 7.40 4.41 16.75
CA LEU B 57 7.64 3.04 17.19
C LEU B 57 8.96 2.51 16.59
N MSE B 58 9.30 2.95 15.38
CA MSE B 58 10.54 2.49 14.72
C MSE B 58 11.70 2.52 15.70
O MSE B 58 12.51 1.59 15.74
CB MSE B 58 10.90 3.37 13.52
CG MSE B 58 9.91 3.33 12.36
SE MSE B 58 10.46 4.52 10.89
CE MSE B 58 10.88 3.30 9.46
N GLY B 59 11.80 3.61 16.46
CA GLY B 59 12.86 3.78 17.44
C GLY B 59 12.74 2.81 18.62
N LEU B 60 11.51 2.57 19.08
CA LEU B 60 11.27 1.65 20.19
C LEU B 60 11.63 0.19 19.85
N VAL B 61 11.22 -0.32 18.69
CA VAL B 61 11.59 -1.70 18.39
C VAL B 61 13.10 -1.84 18.12
N SER B 62 13.70 -0.87 17.43
CA SER B 62 15.13 -1.01 17.13
C SER B 62 15.98 -0.85 18.41
N GLN B 63 15.51 -0.03 19.36
CA GLN B 63 16.24 0.15 20.62
C GLN B 63 16.26 -1.15 21.44
N ALA B 64 15.14 -1.85 21.52
CA ALA B 64 15.08 -3.10 22.27
C ALA B 64 15.94 -4.19 21.61
N VAL B 65 15.90 -4.27 20.27
CA VAL B 65 16.71 -5.29 19.58
C VAL B 65 18.21 -4.99 19.74
N HIS B 66 18.58 -3.72 19.66
CA HIS B 66 19.99 -3.38 19.81
C HIS B 66 20.46 -3.66 21.24
N ASP B 67 19.61 -3.29 22.20
CA ASP B 67 19.90 -3.45 23.61
C ASP B 67 19.64 -4.84 24.14
N GLY B 68 19.52 -5.78 23.21
CA GLY B 68 19.31 -7.17 23.57
C GLY B 68 20.41 -8.10 23.06
N GLY B 69 21.31 -7.59 22.24
CA GLY B 69 22.39 -8.46 21.76
C GLY B 69 22.31 -8.89 20.31
N ARG B 70 21.14 -8.77 19.69
CA ARG B 70 21.04 -9.16 18.26
C ARG B 70 21.50 -8.02 17.35
N HIS B 71 21.54 -8.28 16.04
CA HIS B 71 21.95 -7.24 15.09
C HIS B 71 20.74 -6.46 14.62
N VAL B 72 21.01 -5.26 14.11
CA VAL B 72 20.03 -4.35 13.59
C VAL B 72 20.51 -3.74 12.27
N ILE B 73 19.62 -3.80 11.26
CA ILE B 73 19.86 -3.25 9.94
C ILE B 73 18.77 -2.20 9.70
N GLY B 74 19.18 -0.95 9.47
CA GLY B 74 18.25 0.12 9.16
C GLY B 74 18.55 0.56 7.72
N ILE B 75 17.52 0.66 6.90
CA ILE B 75 17.66 1.05 5.48
C ILE B 75 16.85 2.32 5.27
N ILE B 76 17.54 3.39 4.87
CA ILE B 76 16.93 4.70 4.69
C ILE B 76 17.17 5.31 3.31
N PRO B 77 16.14 5.94 2.72
CA PRO B 77 16.18 6.59 1.41
C PRO B 77 16.84 7.99 1.45
N LYS B 78 16.98 8.62 0.27
CA LYS B 78 17.62 9.94 0.14
C LYS B 78 19.06 9.98 0.62
N GLY B 87 15.75 11.60 13.02
CA GLY B 87 16.72 11.14 13.99
C GLY B 87 17.75 10.26 13.31
N GLU B 88 18.70 9.71 14.08
CA GLU B 88 19.72 8.86 13.49
C GLU B 88 19.31 7.40 13.53
N THR B 89 19.80 6.66 12.55
CA THR B 89 19.49 5.25 12.46
C THR B 89 20.36 4.50 13.44
N VAL B 90 19.84 3.40 13.98
CA VAL B 90 20.58 2.57 14.90
C VAL B 90 21.09 1.36 14.12
N GLY B 91 22.14 0.73 14.63
CA GLY B 91 22.71 -0.43 13.96
C GLY B 91 23.39 -0.09 12.65
N GLU B 92 23.25 -0.98 11.68
CA GLU B 92 23.83 -0.78 10.34
C GLU B 92 22.90 0.18 9.58
N VAL B 93 23.47 1.26 9.07
CA VAL B 93 22.72 2.24 8.31
C VAL B 93 23.02 2.06 6.82
N ARG B 94 22.00 1.62 6.08
CA ARG B 94 22.16 1.44 4.64
C ARG B 94 21.35 2.53 3.98
N ALA B 95 22.05 3.44 3.29
CA ALA B 95 21.41 4.55 2.62
C ALA B 95 21.32 4.20 1.16
N VAL B 96 20.11 4.24 0.62
CA VAL B 96 19.89 3.92 -0.77
C VAL B 96 19.30 5.09 -1.57
N ALA B 97 19.27 4.94 -2.88
CA ALA B 97 18.81 6.01 -3.76
C ALA B 97 17.45 6.60 -3.44
N ASP B 98 16.42 5.77 -3.34
CA ASP B 98 15.09 6.30 -3.09
C ASP B 98 14.19 5.30 -2.34
N MSE B 99 12.92 5.66 -2.13
CA MSE B 99 12.02 4.75 -1.41
C MSE B 99 11.80 3.42 -2.10
O MSE B 99 11.52 2.41 -1.42
CB MSE B 99 10.66 5.39 -1.15
CG MSE B 99 10.57 6.26 0.11
SE MSE B 99 8.77 6.94 0.46
CE MSE B 99 8.00 5.40 1.25
N HIS B 100 11.88 3.39 -3.43
CA HIS B 100 11.67 2.13 -4.13
C HIS B 100 12.78 1.12 -3.78
N GLN B 101 14.02 1.48 -4.06
CA GLN B 101 15.13 0.58 -3.74
C GLN B 101 15.12 0.26 -2.24
N ARG B 102 14.76 1.24 -1.40
CA ARG B 102 14.70 0.99 0.05
C ARG B 102 13.77 -0.17 0.37
N LYS B 103 12.60 -0.19 -0.24
CA LYS B 103 11.67 -1.27 0.02
C LYS B 103 12.20 -2.60 -0.55
N ALA B 104 12.78 -2.58 -1.73
CA ALA B 104 13.34 -3.81 -2.30
C ALA B 104 14.42 -4.35 -1.38
N GLU B 105 15.30 -3.48 -0.91
CA GLU B 105 16.39 -3.95 -0.05
C GLU B 105 15.90 -4.53 1.28
N MSE B 106 14.95 -3.87 1.92
CA MSE B 106 14.46 -4.36 3.18
C MSE B 106 13.89 -5.76 3.00
O MSE B 106 14.20 -6.66 3.77
CB MSE B 106 13.39 -3.41 3.76
CG MSE B 106 13.97 -2.07 4.24
SE MSE B 106 12.61 -0.79 4.87
CE MSE B 106 12.08 -1.64 6.49
N ALA B 107 13.09 -5.93 1.94
CA ALA B 107 12.47 -7.22 1.68
C ALA B 107 13.50 -8.30 1.29
N LYS B 108 14.46 -7.96 0.44
CA LYS B 108 15.42 -8.98 0.02
C LYS B 108 16.24 -9.51 1.19
N HIS B 109 16.57 -8.64 2.15
CA HIS B 109 17.42 -9.06 3.26
C HIS B 109 16.73 -9.53 4.53
N SER B 110 15.45 -9.85 4.42
CA SER B 110 14.68 -10.28 5.58
C SER B 110 14.02 -11.64 5.32
N ASP B 111 13.68 -12.33 6.40
CA ASP B 111 13.06 -13.65 6.29
C ASP B 111 11.56 -13.68 6.54
N ALA B 112 11.05 -12.73 7.32
CA ALA B 112 9.63 -12.62 7.63
C ALA B 112 9.36 -11.12 7.87
N PHE B 113 8.08 -10.75 7.97
CA PHE B 113 7.71 -9.34 8.14
C PHE B 113 6.67 -9.18 9.22
N ILE B 114 6.73 -8.08 9.97
CA ILE B 114 5.74 -7.80 11.00
C ILE B 114 5.38 -6.34 10.98
N ALA B 115 4.08 -6.06 11.04
CA ALA B 115 3.62 -4.69 11.10
C ALA B 115 2.83 -4.45 12.38
N LEU B 116 3.36 -3.61 13.25
CA LEU B 116 2.60 -3.19 14.45
C LEU B 116 1.84 -1.98 13.89
N PRO B 117 1.11 -1.26 14.76
CA PRO B 117 0.37 -0.07 14.35
C PRO B 117 1.31 0.92 13.64
N GLY B 118 0.75 1.72 12.72
CA GLY B 118 1.51 2.69 11.96
C GLY B 118 0.58 3.41 11.00
N GLY B 119 1.10 4.39 10.27
CA GLY B 119 0.25 5.13 9.35
C GLY B 119 0.49 4.73 7.91
N TYR B 120 0.56 5.72 7.03
CA TYR B 120 0.75 5.42 5.60
C TYR B 120 2.09 4.82 5.26
N GLY B 121 3.11 5.09 6.07
CA GLY B 121 4.42 4.53 5.79
C GLY B 121 4.39 3.03 6.08
N THR B 122 3.72 2.69 7.15
CA THR B 122 3.63 1.29 7.53
C THR B 122 2.80 0.49 6.53
N LEU B 123 1.57 0.92 6.29
CA LEU B 123 0.68 0.22 5.35
C LEU B 123 1.32 -0.02 3.97
N GLU B 124 1.97 1.02 3.45
CA GLU B 124 2.64 0.99 2.14
C GLU B 124 3.58 -0.23 2.07
N GLU B 125 4.44 -0.36 3.07
CA GLU B 125 5.42 -1.45 3.13
C GLU B 125 4.72 -2.80 3.23
N LEU B 126 3.60 -2.82 3.93
CA LEU B 126 2.85 -4.06 4.10
C LEU B 126 2.22 -4.53 2.76
N LEU B 127 1.39 -3.68 2.17
CA LEU B 127 0.70 -4.06 0.94
C LEU B 127 1.66 -4.48 -0.19
N GLU B 128 2.86 -3.91 -0.22
CA GLU B 128 3.78 -4.33 -1.27
C GLU B 128 4.37 -5.71 -0.93
N VAL B 129 4.80 -5.93 0.31
CA VAL B 129 5.32 -7.25 0.62
C VAL B 129 4.26 -8.33 0.44
N ILE B 130 2.98 -7.97 0.62
CA ILE B 130 1.87 -8.93 0.45
C ILE B 130 1.68 -9.26 -1.03
N THR B 131 1.67 -8.22 -1.84
CA THR B 131 1.49 -8.40 -3.28
C THR B 131 2.67 -9.20 -3.82
N TRP B 132 3.88 -8.95 -3.35
CA TRP B 132 5.03 -9.72 -3.81
C TRP B 132 4.87 -11.19 -3.40
N ALA B 133 4.15 -11.45 -2.32
CA ALA B 133 3.91 -12.85 -1.90
C ALA B 133 2.84 -13.43 -2.82
N GLN B 134 1.79 -12.65 -3.09
CA GLN B 134 0.69 -13.06 -3.96
C GLN B 134 1.21 -13.41 -5.35
N LEU B 135 2.11 -12.57 -5.82
CA LEU B 135 2.70 -12.74 -7.15
C LEU B 135 3.80 -13.84 -7.17
N GLY B 136 4.00 -14.50 -6.04
CA GLY B 136 4.97 -15.58 -6.02
C GLY B 136 6.42 -15.18 -5.99
N ILE B 137 6.69 -13.89 -5.75
CA ILE B 137 8.06 -13.39 -5.69
C ILE B 137 8.76 -13.84 -4.40
N HIS B 138 7.99 -14.17 -3.35
CA HIS B 138 8.60 -14.65 -2.11
C HIS B 138 7.50 -15.33 -1.31
N ASP B 139 7.88 -16.14 -0.34
CA ASP B 139 6.84 -16.74 0.47
C ASP B 139 7.18 -16.51 1.90
N LYS B 140 7.83 -15.37 2.16
CA LYS B 140 8.21 -15.03 3.51
C LYS B 140 6.97 -14.79 4.39
N PRO B 141 6.95 -15.36 5.60
CA PRO B 141 5.77 -15.12 6.43
C PRO B 141 5.48 -13.63 6.62
N VAL B 142 4.29 -13.21 6.21
CA VAL B 142 3.89 -11.81 6.39
C VAL B 142 3.03 -11.75 7.62
N GLY B 143 3.41 -10.90 8.58
CA GLY B 143 2.67 -10.80 9.82
C GLY B 143 2.09 -9.45 10.25
N LEU B 144 0.92 -9.52 10.86
CA LEU B 144 0.20 -8.35 11.34
C LEU B 144 -0.02 -8.43 12.86
N LEU B 145 0.65 -7.56 13.64
CA LEU B 145 0.49 -7.56 15.10
C LEU B 145 -0.61 -6.54 15.42
N ASN B 146 -1.81 -7.05 15.62
CA ASN B 146 -2.98 -6.21 15.84
C ASN B 146 -3.23 -5.88 17.32
N VAL B 147 -2.58 -4.81 17.79
CA VAL B 147 -2.66 -4.36 19.16
C VAL B 147 -3.99 -3.70 19.47
N ASP B 148 -4.72 -4.30 20.40
CA ASP B 148 -6.01 -3.78 20.82
C ASP B 148 -6.94 -3.48 19.62
N GLY B 149 -6.96 -4.39 18.64
CA GLY B 149 -7.81 -4.26 17.45
C GLY B 149 -7.47 -3.12 16.51
N TYR B 150 -6.28 -2.55 16.66
CA TYR B 150 -5.87 -1.44 15.79
C TYR B 150 -6.10 -1.72 14.29
N TYR B 151 -5.83 -2.94 13.84
CA TYR B 151 -6.02 -3.29 12.41
C TYR B 151 -7.31 -4.02 12.03
N ASN B 152 -8.31 -4.06 12.90
CA ASN B 152 -9.54 -4.79 12.50
C ASN B 152 -10.22 -4.16 11.28
N SER B 153 -10.11 -2.84 11.13
CA SER B 153 -10.76 -2.20 9.98
C SER B 153 -10.04 -2.47 8.68
N LEU B 154 -8.78 -2.87 8.75
CA LEU B 154 -8.04 -3.18 7.53
C LEU B 154 -8.32 -4.63 7.21
N LEU B 155 -8.43 -5.45 8.25
CA LEU B 155 -8.69 -6.86 8.04
C LEU B 155 -10.08 -7.08 7.43
N SER B 156 -11.05 -6.28 7.88
CA SER B 156 -12.42 -6.37 7.34
C SER B 156 -12.49 -5.66 6.02
N PHE B 157 -11.51 -4.80 5.75
CA PHE B 157 -11.50 -4.16 4.44
C PHE B 157 -11.03 -5.17 3.39
N ILE B 158 -10.16 -6.12 3.79
CA ILE B 158 -9.67 -7.13 2.85
C ILE B 158 -10.75 -8.20 2.72
N ASP B 159 -11.45 -8.49 3.82
CA ASP B 159 -12.52 -9.48 3.74
C ASP B 159 -13.54 -8.98 2.70
N LYS B 160 -13.87 -7.70 2.75
CA LYS B 160 -14.80 -7.10 1.76
C LYS B 160 -14.20 -7.38 0.37
N ALA B 161 -12.90 -7.13 0.24
CA ALA B 161 -12.20 -7.40 -1.01
C ALA B 161 -12.38 -8.88 -1.40
N VAL B 162 -12.33 -9.77 -0.41
CA VAL B 162 -12.51 -11.20 -0.68
C VAL B 162 -13.96 -11.47 -1.12
N GLU B 163 -14.91 -10.95 -0.34
CA GLU B 163 -16.32 -11.16 -0.67
C GLU B 163 -16.59 -10.76 -2.12
N GLU B 164 -16.06 -9.62 -2.55
CA GLU B 164 -16.31 -9.13 -3.91
C GLU B 164 -15.39 -9.76 -4.98
N GLY B 165 -14.70 -10.82 -4.59
CA GLY B 165 -13.85 -11.55 -5.52
C GLY B 165 -12.66 -10.79 -6.04
N PHE B 166 -12.33 -9.63 -5.48
CA PHE B 166 -11.19 -8.90 -5.96
C PHE B 166 -9.89 -9.58 -5.60
N ILE B 167 -9.91 -10.28 -4.46
CA ILE B 167 -8.74 -11.02 -3.95
C ILE B 167 -9.27 -12.45 -3.83
N SER B 168 -8.49 -13.45 -4.19
CA SER B 168 -8.97 -14.82 -4.08
C SER B 168 -8.92 -15.22 -2.60
N PRO B 169 -9.88 -16.03 -2.13
CA PRO B 169 -9.80 -16.41 -0.73
C PRO B 169 -8.42 -16.90 -0.39
N THR B 170 -7.73 -17.50 -1.37
CA THR B 170 -6.37 -18.02 -1.18
C THR B 170 -5.37 -16.86 -1.02
N ALA B 171 -5.67 -15.69 -1.54
CA ALA B 171 -4.71 -14.62 -1.38
C ALA B 171 -4.88 -13.89 0.00
N ARG B 172 -6.00 -14.12 0.67
CA ARG B 172 -6.18 -13.53 1.99
C ARG B 172 -5.22 -14.31 2.94
N GLU B 173 -4.97 -15.58 2.60
CA GLU B 173 -4.09 -16.45 3.39
C GLU B 173 -2.72 -15.90 3.71
N ILE B 174 -2.33 -14.87 2.99
CA ILE B 174 -1.04 -14.27 3.23
C ILE B 174 -1.10 -13.67 4.64
N ILE B 175 -2.14 -12.89 4.92
CA ILE B 175 -2.23 -12.27 6.24
C ILE B 175 -2.42 -13.27 7.37
N VAL B 176 -1.60 -13.09 8.41
CA VAL B 176 -1.58 -13.91 9.64
C VAL B 176 -1.40 -12.93 10.77
N SER B 177 -2.41 -12.74 11.59
CA SER B 177 -2.28 -11.76 12.67
C SER B 177 -2.46 -12.32 14.06
N ALA B 178 -2.11 -11.51 15.06
CA ALA B 178 -2.27 -11.91 16.45
C ALA B 178 -2.33 -10.64 17.33
N PRO B 179 -2.70 -10.80 18.60
CA PRO B 179 -2.80 -9.63 19.47
C PRO B 179 -1.55 -9.20 20.23
N THR B 180 -0.57 -10.08 20.28
CA THR B 180 0.65 -9.78 21.01
C THR B 180 1.82 -10.34 20.26
N ALA B 181 3.01 -9.83 20.57
CA ALA B 181 4.22 -10.26 19.90
C ALA B 181 4.47 -11.76 20.02
N LYS B 182 4.42 -12.30 21.23
CA LYS B 182 4.70 -13.73 21.39
C LYS B 182 3.80 -14.59 20.50
N GLU B 183 2.50 -14.35 20.56
CA GLU B 183 1.57 -15.13 19.75
C GLU B 183 1.88 -14.98 18.27
N LEU B 184 2.18 -13.76 17.83
CA LEU B 184 2.44 -13.56 16.40
C LEU B 184 3.72 -14.25 15.97
N VAL B 185 4.81 -14.06 16.69
CA VAL B 185 6.02 -14.72 16.25
C VAL B 185 5.78 -16.22 16.29
N LYS B 186 5.13 -16.69 17.36
CA LYS B 186 4.85 -18.11 17.42
C LYS B 186 4.11 -18.51 16.13
N LYS B 187 3.02 -17.79 15.81
CA LYS B 187 2.26 -18.10 14.61
C LYS B 187 3.03 -17.92 13.33
N LEU B 188 4.00 -17.01 13.30
CA LEU B 188 4.72 -16.81 12.05
C LEU B 188 5.56 -18.02 11.74
N GLU B 189 6.17 -18.64 12.76
CA GLU B 189 6.93 -19.86 12.52
C GLU B 189 5.91 -20.88 11.97
N GLU B 190 4.67 -20.43 11.83
CA GLU B 190 3.56 -21.23 11.28
C GLU B 190 3.30 -22.46 12.12
#